data_2MOQ
#
_entry.id   2MOQ
#
_entity_poly.entity_id   1
_entity_poly.type   'polypeptide(L)'
_entity_poly.pdbx_seq_one_letter_code
;MAHHHHHHVDDDDKMLNQELREAIKNPAIKDKDHSAPNSRPIDFEMKKKDGTQQFYHYASSVKPARVIFTDSKPEIELGL
QSGQFWRKFEVYEGDKKLPIKLVSYDTVKDYAYIRFSVSNGTKAVKIVSSTHFNNKEEKYDYTLMEFAQPIYNSADKFKT
EED
;
_entity_poly.pdbx_strand_id   A
#
# COMPACT_ATOMS: atom_id res chain seq x y z
N LEU A 16 5.91 -10.55 -4.12
CA LEU A 16 4.74 -11.43 -4.25
C LEU A 16 4.84 -12.35 -5.47
N ASN A 17 4.28 -13.55 -5.41
CA ASN A 17 4.37 -14.60 -6.45
C ASN A 17 3.22 -14.63 -7.47
N GLN A 18 2.14 -13.87 -7.25
CA GLN A 18 0.89 -13.96 -8.00
C GLN A 18 0.42 -12.59 -8.51
N GLU A 19 -0.59 -12.57 -9.37
CA GLU A 19 -1.39 -11.40 -9.71
C GLU A 19 -2.39 -11.10 -8.59
N LEU A 20 -2.55 -9.83 -8.23
CA LEU A 20 -3.41 -9.36 -7.13
C LEU A 20 -4.82 -9.94 -7.24
N ARG A 21 -5.39 -10.02 -8.45
CA ARG A 21 -6.72 -10.61 -8.67
C ARG A 21 -6.81 -12.09 -8.27
N GLU A 22 -5.73 -12.87 -8.39
CA GLU A 22 -5.75 -14.29 -8.01
C GLU A 22 -5.60 -14.46 -6.49
N ALA A 23 -4.89 -13.54 -5.85
CA ALA A 23 -4.67 -13.54 -4.42
C ALA A 23 -5.97 -13.46 -3.60
N ILE A 24 -7.06 -12.93 -4.17
CA ILE A 24 -8.34 -12.76 -3.45
C ILE A 24 -9.07 -14.08 -3.17
N LYS A 25 -8.71 -15.14 -3.91
CA LYS A 25 -9.22 -16.51 -3.69
C LYS A 25 -8.18 -17.51 -3.17
N ASN A 26 -6.87 -17.23 -3.27
CA ASN A 26 -5.82 -18.11 -2.71
C ASN A 26 -6.09 -18.40 -1.21
N PRO A 27 -6.23 -19.68 -0.80
CA PRO A 27 -6.91 -20.02 0.45
C PRO A 27 -6.12 -19.62 1.70
N ALA A 28 -4.77 -19.69 1.66
CA ALA A 28 -3.92 -19.44 2.82
C ALA A 28 -4.13 -18.06 3.47
N ILE A 29 -4.37 -17.02 2.69
CA ILE A 29 -4.59 -15.63 3.14
C ILE A 29 -6.06 -15.19 3.16
N LYS A 30 -6.95 -15.90 2.46
CA LYS A 30 -8.38 -15.64 2.49
C LYS A 30 -8.98 -16.03 3.85
N ASP A 31 -9.84 -15.16 4.41
CA ASP A 31 -10.54 -15.30 5.71
C ASP A 31 -9.61 -15.12 6.94
N LYS A 32 -8.43 -14.50 6.79
CA LYS A 32 -7.49 -14.14 7.87
C LYS A 32 -7.35 -12.62 8.06
N ASP A 33 -6.76 -12.18 9.18
CA ASP A 33 -6.38 -10.80 9.47
C ASP A 33 -4.92 -10.69 9.99
N HIS A 34 -4.50 -9.47 10.29
CA HIS A 34 -3.38 -9.14 11.18
C HIS A 34 -3.60 -7.72 11.75
N SER A 35 -3.80 -7.57 13.06
CA SER A 35 -3.82 -6.24 13.71
C SER A 35 -3.24 -6.27 15.13
N ALA A 36 -2.35 -5.34 15.48
CA ALA A 36 -1.51 -5.43 16.69
C ALA A 36 -1.02 -4.06 17.24
N PRO A 37 -0.80 -3.95 18.57
CA PRO A 37 -0.18 -2.78 19.22
C PRO A 37 1.22 -2.40 18.71
N ASN A 38 1.88 -3.30 17.97
CA ASN A 38 3.15 -3.09 17.27
C ASN A 38 3.06 -2.11 16.08
N SER A 39 1.97 -1.33 15.98
CA SER A 39 1.68 -0.41 14.88
C SER A 39 1.02 0.91 15.33
N ARG A 40 1.06 1.92 14.44
CA ARG A 40 0.29 3.17 14.49
C ARG A 40 -0.29 3.50 13.10
N PRO A 41 -1.45 4.20 13.01
CA PRO A 41 -2.12 4.50 11.74
C PRO A 41 -1.43 5.60 10.94
N ILE A 42 -1.74 5.70 9.64
CA ILE A 42 -1.35 6.81 8.75
C ILE A 42 -2.36 6.99 7.59
N ASP A 43 -2.17 7.99 6.72
CA ASP A 43 -3.08 8.43 5.65
C ASP A 43 -2.31 9.32 4.63
N PHE A 44 -2.95 9.79 3.54
CA PHE A 44 -2.25 10.47 2.43
C PHE A 44 -3.15 11.37 1.53
N GLU A 45 -2.52 12.02 0.54
CA GLU A 45 -3.12 12.67 -0.64
C GLU A 45 -2.60 11.97 -1.92
N MET A 46 -3.40 11.91 -2.99
CA MET A 46 -2.99 11.32 -4.29
C MET A 46 -3.49 12.09 -5.52
N LYS A 47 -2.67 12.08 -6.59
CA LYS A 47 -2.95 12.74 -7.87
C LYS A 47 -2.00 12.30 -9.03
N LYS A 48 -2.24 12.75 -10.26
CA LYS A 48 -1.18 12.88 -11.29
C LYS A 48 -1.11 14.24 -12.00
N LYS A 49 -0.09 14.45 -12.85
CA LYS A 49 0.12 15.73 -13.56
C LYS A 49 -1.00 16.09 -14.57
N ASP A 50 -1.70 15.10 -15.13
CA ASP A 50 -2.83 15.32 -16.04
C ASP A 50 -4.11 15.82 -15.32
N GLY A 51 -4.10 15.92 -13.98
CA GLY A 51 -5.22 16.47 -13.20
C GLY A 51 -6.16 15.43 -12.61
N THR A 52 -5.77 14.15 -12.54
CA THR A 52 -6.48 13.12 -11.75
C THR A 52 -6.22 13.40 -10.26
N GLN A 53 -7.24 13.33 -9.43
CA GLN A 53 -7.15 13.42 -7.96
C GLN A 53 -8.07 12.33 -7.36
N GLN A 54 -7.45 11.32 -6.74
CA GLN A 54 -8.06 10.01 -6.44
C GLN A 54 -9.15 10.06 -5.37
N PHE A 55 -10.40 9.79 -5.79
CA PHE A 55 -11.63 9.91 -5.00
C PHE A 55 -12.87 9.26 -5.66
N TYR A 56 -12.80 8.93 -6.96
CA TYR A 56 -13.95 8.50 -7.80
C TYR A 56 -14.17 6.97 -7.87
N HIS A 57 -13.14 6.16 -7.63
CA HIS A 57 -13.21 4.70 -7.56
C HIS A 57 -12.58 4.21 -6.24
N TYR A 58 -13.26 3.34 -5.49
CA TYR A 58 -12.90 3.04 -4.10
C TYR A 58 -11.57 2.28 -3.93
N ALA A 59 -11.06 1.60 -4.95
CA ALA A 59 -9.73 0.98 -4.93
C ALA A 59 -8.60 2.02 -5.09
N SER A 60 -8.75 3.01 -5.97
CA SER A 60 -7.73 4.05 -6.22
C SER A 60 -7.86 5.28 -5.31
N SER A 61 -9.06 5.56 -4.80
CA SER A 61 -9.39 6.65 -3.85
C SER A 61 -8.45 6.71 -2.62
N VAL A 62 -8.24 7.90 -2.04
CA VAL A 62 -7.37 8.08 -0.86
C VAL A 62 -7.85 7.24 0.35
N LYS A 63 -6.89 6.68 1.09
CA LYS A 63 -7.08 5.62 2.10
C LYS A 63 -6.31 5.82 3.42
N PRO A 64 -6.78 5.21 4.52
CA PRO A 64 -5.98 4.96 5.71
C PRO A 64 -4.99 3.80 5.49
N ALA A 65 -3.97 3.75 6.35
CA ALA A 65 -2.92 2.74 6.39
C ALA A 65 -2.41 2.54 7.84
N ARG A 66 -1.36 1.72 8.01
CA ARG A 66 -0.67 1.52 9.31
C ARG A 66 0.80 1.19 9.17
N VAL A 67 1.61 1.89 9.97
CA VAL A 67 3.06 1.78 10.04
C VAL A 67 3.42 0.82 11.16
N ILE A 68 4.09 -0.25 10.77
CA ILE A 68 4.59 -1.35 11.62
C ILE A 68 6.03 -1.08 12.12
N PHE A 69 6.25 -1.33 13.42
CA PHE A 69 7.48 -0.95 14.13
C PHE A 69 8.67 -1.83 13.73
N THR A 70 9.70 -1.18 13.18
CA THR A 70 10.92 -1.80 12.64
C THR A 70 12.13 -0.91 12.93
N ASP A 71 13.25 -1.19 12.27
CA ASP A 71 14.42 -0.29 12.19
C ASP A 71 14.16 0.94 11.29
N SER A 72 15.19 1.74 11.02
CA SER A 72 15.09 3.01 10.27
C SER A 72 14.48 2.87 8.85
N LYS A 73 14.39 1.65 8.30
CA LYS A 73 13.42 1.31 7.25
C LYS A 73 12.21 0.55 7.88
N PRO A 74 11.04 1.20 8.04
CA PRO A 74 9.84 0.58 8.62
C PRO A 74 9.09 -0.28 7.59
N GLU A 75 8.03 -0.95 8.03
CA GLU A 75 7.11 -1.66 7.14
C GLU A 75 5.71 -1.03 7.24
N ILE A 76 4.96 -1.01 6.15
CA ILE A 76 3.62 -0.40 6.10
C ILE A 76 2.60 -1.40 5.57
N GLU A 77 1.39 -1.41 6.15
CA GLU A 77 0.28 -2.28 5.80
C GLU A 77 -0.90 -1.46 5.24
N LEU A 78 -1.43 -1.90 4.10
CA LEU A 78 -2.47 -1.24 3.29
C LEU A 78 -3.62 -2.22 2.94
N GLY A 79 -4.87 -1.85 3.23
CA GLY A 79 -6.09 -2.59 2.83
C GLY A 79 -7.05 -1.75 1.97
N LEU A 80 -7.74 -2.40 1.03
CA LEU A 80 -8.66 -1.77 0.07
C LEU A 80 -9.80 -2.71 -0.37
N GLN A 81 -10.85 -2.15 -0.97
CA GLN A 81 -11.98 -2.90 -1.56
C GLN A 81 -12.07 -2.67 -3.07
N SER A 82 -13.00 -3.33 -3.76
CA SER A 82 -12.95 -3.67 -5.20
C SER A 82 -11.76 -4.59 -5.53
N GLY A 83 -11.53 -5.63 -4.72
CA GLY A 83 -10.48 -6.63 -4.93
C GLY A 83 -10.65 -7.46 -6.21
N GLN A 84 -11.88 -7.62 -6.70
CA GLN A 84 -12.17 -8.27 -7.99
C GLN A 84 -11.76 -7.43 -9.23
N PHE A 85 -11.36 -6.16 -9.06
CA PHE A 85 -11.17 -5.20 -10.16
C PHE A 85 -9.68 -4.91 -10.45
N TRP A 86 -8.87 -4.79 -9.38
CA TRP A 86 -7.43 -4.56 -9.48
C TRP A 86 -6.66 -5.83 -9.92
N ARG A 87 -5.60 -5.60 -10.71
CA ARG A 87 -4.86 -6.65 -11.44
C ARG A 87 -3.37 -6.72 -11.04
N LYS A 88 -2.77 -5.58 -10.66
CA LYS A 88 -1.36 -5.42 -10.23
C LYS A 88 -1.10 -4.03 -9.63
N PHE A 89 -0.04 -3.92 -8.82
CA PHE A 89 0.37 -2.72 -8.08
C PHE A 89 1.91 -2.68 -7.97
N GLU A 90 2.51 -1.49 -7.96
CA GLU A 90 3.94 -1.27 -7.69
C GLU A 90 4.15 0.10 -7.02
N VAL A 91 5.14 0.16 -6.12
CA VAL A 91 5.47 1.35 -5.30
C VAL A 91 6.96 1.69 -5.42
N TYR A 92 7.28 2.95 -5.76
CA TYR A 92 8.65 3.47 -5.95
C TYR A 92 8.88 4.81 -5.24
N GLU A 93 10.11 5.07 -4.76
CA GLU A 93 10.58 6.38 -4.32
C GLU A 93 11.89 6.66 -5.06
N GLY A 94 11.83 7.48 -6.12
CA GLY A 94 12.93 7.62 -7.07
C GLY A 94 13.13 6.32 -7.84
N ASP A 95 14.34 5.76 -7.77
CA ASP A 95 14.66 4.41 -8.27
C ASP A 95 14.34 3.30 -7.26
N LYS A 96 14.25 3.62 -5.96
CA LYS A 96 14.08 2.64 -4.88
C LYS A 96 12.67 2.03 -4.90
N LYS A 97 12.51 0.74 -5.20
CA LYS A 97 11.21 0.06 -5.10
C LYS A 97 10.94 -0.46 -3.69
N LEU A 98 9.72 -0.24 -3.20
CA LEU A 98 9.23 -0.75 -1.92
C LEU A 98 8.50 -2.09 -2.22
N PRO A 99 9.02 -3.25 -1.79
CA PRO A 99 8.55 -4.55 -2.27
C PRO A 99 7.27 -4.99 -1.57
N ILE A 100 6.23 -5.32 -2.37
CA ILE A 100 4.91 -5.74 -1.87
C ILE A 100 4.81 -7.24 -1.60
N LYS A 101 4.17 -7.61 -0.49
CA LYS A 101 3.66 -8.96 -0.22
C LYS A 101 2.16 -8.97 0.16
N LEU A 102 1.51 -10.12 -0.03
CA LEU A 102 0.16 -10.42 0.45
C LEU A 102 0.16 -10.46 1.99
N VAL A 103 -0.93 -10.07 2.66
CA VAL A 103 -1.07 -10.30 4.11
C VAL A 103 -2.34 -11.09 4.45
N SER A 104 -3.50 -10.67 3.96
CA SER A 104 -4.80 -11.19 4.37
C SER A 104 -5.89 -10.63 3.46
N TYR A 105 -6.93 -11.41 3.19
CA TYR A 105 -7.96 -11.11 2.18
C TYR A 105 -9.36 -11.50 2.65
N ASP A 106 -10.40 -10.88 2.08
CA ASP A 106 -11.79 -11.31 2.30
C ASP A 106 -12.66 -11.12 1.06
N THR A 107 -12.86 -12.22 0.34
CA THR A 107 -13.77 -12.36 -0.80
C THR A 107 -15.25 -12.16 -0.42
N VAL A 108 -15.63 -12.26 0.86
CA VAL A 108 -16.99 -11.91 1.32
C VAL A 108 -17.20 -10.39 1.39
N LYS A 109 -16.13 -9.62 1.67
CA LYS A 109 -16.14 -8.15 1.66
C LYS A 109 -15.63 -7.51 0.35
N ASP A 110 -15.17 -8.29 -0.63
CA ASP A 110 -14.52 -7.82 -1.89
C ASP A 110 -13.25 -7.00 -1.55
N TYR A 111 -12.50 -7.50 -0.55
CA TYR A 111 -11.42 -6.83 0.18
C TYR A 111 -10.06 -7.52 -0.01
N ALA A 112 -9.01 -6.71 -0.20
CA ALA A 112 -7.62 -7.12 -0.44
C ALA A 112 -6.64 -6.32 0.42
N TYR A 113 -5.60 -6.97 0.96
CA TYR A 113 -4.73 -6.34 1.95
C TYR A 113 -3.27 -6.88 1.92
N ILE A 114 -2.34 -5.93 1.82
CA ILE A 114 -0.91 -6.08 1.48
C ILE A 114 0.00 -5.33 2.48
N ARG A 115 1.31 -5.57 2.37
CA ARG A 115 2.37 -4.95 3.18
C ARG A 115 3.58 -4.63 2.31
N PHE A 116 4.32 -3.55 2.59
CA PHE A 116 5.60 -3.29 1.93
C PHE A 116 6.66 -2.64 2.85
N SER A 117 7.92 -2.88 2.55
CA SER A 117 9.06 -2.35 3.32
C SER A 117 9.49 -0.98 2.80
N VAL A 118 9.49 0.05 3.66
CA VAL A 118 9.56 1.47 3.28
C VAL A 118 11.00 1.98 3.28
N SER A 119 11.25 3.00 2.45
CA SER A 119 12.50 3.78 2.48
C SER A 119 12.62 4.66 3.74
N ASN A 120 13.76 5.31 3.94
CA ASN A 120 14.03 6.07 5.18
C ASN A 120 13.24 7.39 5.25
N GLY A 121 12.14 7.43 6.01
CA GLY A 121 11.42 8.67 6.35
C GLY A 121 10.60 9.25 5.20
N THR A 122 10.03 8.40 4.34
CA THR A 122 9.35 8.75 3.09
C THR A 122 8.29 9.84 3.25
N LYS A 123 8.27 10.78 2.30
CA LYS A 123 7.33 11.92 2.26
C LYS A 123 6.46 11.98 0.99
N ALA A 124 6.97 11.48 -0.15
CA ALA A 124 6.28 11.48 -1.44
C ALA A 124 6.71 10.28 -2.28
N VAL A 125 5.77 9.69 -3.02
CA VAL A 125 5.90 8.34 -3.58
C VAL A 125 5.33 8.27 -5.00
N LYS A 126 6.04 7.57 -5.89
CA LYS A 126 5.64 7.31 -7.27
C LYS A 126 4.90 5.95 -7.35
N ILE A 127 3.62 5.99 -7.73
CA ILE A 127 2.66 4.87 -7.59
C ILE A 127 2.23 4.34 -8.96
N VAL A 128 2.06 3.02 -9.07
CA VAL A 128 1.48 2.32 -10.23
C VAL A 128 0.36 1.38 -9.77
N SER A 129 -0.81 1.43 -10.41
CA SER A 129 -1.95 0.54 -10.16
C SER A 129 -2.71 0.20 -11.44
N SER A 130 -3.16 -1.05 -11.62
CA SER A 130 -3.84 -1.49 -12.86
C SER A 130 -5.20 -2.15 -12.61
N THR A 131 -6.15 -1.89 -13.51
CA THR A 131 -7.57 -2.28 -13.39
C THR A 131 -8.09 -2.90 -14.69
N HIS A 132 -8.92 -3.92 -14.57
CA HIS A 132 -9.75 -4.43 -15.67
C HIS A 132 -10.94 -5.22 -15.09
N PHE A 133 -12.14 -4.66 -15.26
CA PHE A 133 -13.41 -5.27 -14.88
C PHE A 133 -14.49 -4.94 -15.94
N ASN A 134 -15.43 -5.86 -16.16
CA ASN A 134 -16.43 -5.81 -17.24
C ASN A 134 -15.73 -5.72 -18.62
N ASN A 135 -16.31 -5.02 -19.60
CA ASN A 135 -15.71 -4.75 -20.91
C ASN A 135 -14.58 -3.71 -20.84
N LYS A 136 -14.60 -2.87 -19.78
CA LYS A 136 -13.74 -1.70 -19.60
C LYS A 136 -12.31 -2.05 -19.16
N GLU A 137 -11.32 -1.23 -19.56
CA GLU A 137 -9.96 -1.28 -19.04
C GLU A 137 -9.51 0.10 -18.53
N GLU A 138 -8.88 0.12 -17.36
CA GLU A 138 -8.43 1.35 -16.69
C GLU A 138 -6.99 1.15 -16.19
N LYS A 139 -6.04 1.54 -17.04
CA LYS A 139 -4.60 1.35 -16.84
C LYS A 139 -3.86 2.69 -16.62
N TYR A 140 -2.64 2.60 -16.11
CA TYR A 140 -1.81 3.72 -15.63
C TYR A 140 -0.80 4.21 -16.67
N ASP A 141 -0.42 5.49 -16.55
CA ASP A 141 0.83 6.06 -17.07
C ASP A 141 1.77 6.51 -15.93
N TYR A 142 1.29 7.40 -15.06
CA TYR A 142 1.99 7.90 -13.86
C TYR A 142 1.00 8.29 -12.74
N THR A 143 1.45 8.20 -11.47
CA THR A 143 0.68 8.60 -10.27
C THR A 143 1.60 8.96 -9.11
N LEU A 144 1.15 9.91 -8.28
CA LEU A 144 1.87 10.50 -7.14
C LEU A 144 1.02 10.34 -5.87
N MET A 145 1.65 9.94 -4.77
CA MET A 145 1.15 10.05 -3.39
C MET A 145 2.04 10.97 -2.56
N GLU A 146 1.42 11.74 -1.66
CA GLU A 146 2.11 12.59 -0.68
C GLU A 146 1.55 12.38 0.75
N PHE A 147 2.44 12.49 1.73
CA PHE A 147 2.24 12.11 3.13
C PHE A 147 1.29 12.98 3.98
N ALA A 148 0.73 12.36 5.03
CA ALA A 148 0.18 13.06 6.19
C ALA A 148 1.28 13.50 7.19
N GLN A 149 2.21 12.60 7.50
CA GLN A 149 3.43 12.77 8.32
C GLN A 149 4.49 11.79 7.80
N PRO A 150 5.80 11.95 8.12
CA PRO A 150 6.88 11.05 7.67
C PRO A 150 6.60 9.58 7.98
N ILE A 151 6.77 8.72 6.97
CA ILE A 151 6.70 7.27 7.16
C ILE A 151 8.05 6.79 7.70
N TYR A 152 8.15 6.66 9.02
CA TYR A 152 9.38 6.38 9.76
C TYR A 152 9.12 5.46 10.96
N ASN A 153 10.13 5.15 11.78
CA ASN A 153 10.07 4.07 12.77
C ASN A 153 10.20 4.56 14.23
N SER A 154 10.62 5.80 14.43
CA SER A 154 10.99 6.42 15.70
C SER A 154 12.35 5.87 16.17
N ALA A 155 13.38 6.22 15.41
CA ALA A 155 14.78 5.84 15.61
C ALA A 155 15.34 6.19 17.00
N ASP A 156 14.80 7.24 17.63
CA ASP A 156 15.16 7.70 18.98
C ASP A 156 15.01 6.62 20.07
N LYS A 157 14.23 5.56 19.82
CA LYS A 157 14.02 4.40 20.71
C LYS A 157 14.75 3.11 20.29
N PHE A 158 15.18 2.97 19.02
CA PHE A 158 15.84 1.79 18.44
C PHE A 158 16.14 2.01 16.94
N LYS A 159 17.36 1.64 16.51
CA LYS A 159 17.81 1.56 15.13
C LYS A 159 18.38 0.16 14.81
N THR A 160 19.43 -0.25 15.56
CA THR A 160 20.09 -1.56 15.55
C THR A 160 20.66 -1.82 16.94
N GLU A 161 20.44 -3.01 17.49
CA GLU A 161 20.93 -3.42 18.80
C GLU A 161 21.71 -4.74 18.65
N GLU A 162 23.04 -4.63 18.57
CA GLU A 162 23.99 -5.70 18.26
C GLU A 162 25.26 -5.62 19.13
N ASP A 163 26.20 -6.56 18.95
CA ASP A 163 27.47 -6.64 19.70
C ASP A 163 28.63 -7.31 18.93
N LEU A 16 7.70 -8.10 -11.89
CA LEU A 16 6.34 -8.68 -11.82
C LEU A 16 6.02 -9.06 -10.37
N ASN A 17 4.99 -8.45 -9.77
CA ASN A 17 4.62 -8.75 -8.37
C ASN A 17 3.67 -9.97 -8.27
N GLN A 18 2.53 -9.95 -8.99
CA GLN A 18 1.45 -10.96 -9.08
C GLN A 18 0.13 -10.28 -9.47
N GLU A 19 -0.79 -11.04 -10.07
CA GLU A 19 -2.13 -10.57 -10.44
C GLU A 19 -3.00 -10.42 -9.18
N LEU A 20 -3.07 -9.19 -8.64
CA LEU A 20 -3.65 -8.88 -7.34
C LEU A 20 -5.10 -9.39 -7.21
N ARG A 21 -5.92 -9.22 -8.26
CA ARG A 21 -7.28 -9.75 -8.35
C ARG A 21 -7.32 -11.27 -8.10
N GLU A 22 -6.41 -12.02 -8.70
CA GLU A 22 -6.36 -13.48 -8.57
C GLU A 22 -5.68 -13.89 -7.26
N ALA A 23 -4.80 -13.04 -6.72
CA ALA A 23 -4.10 -13.28 -5.46
C ALA A 23 -5.00 -13.17 -4.22
N ILE A 24 -6.14 -12.45 -4.29
CA ILE A 24 -7.10 -12.38 -3.16
C ILE A 24 -8.05 -13.60 -3.10
N LYS A 25 -8.04 -14.46 -4.12
CA LYS A 25 -8.84 -15.69 -4.14
C LYS A 25 -8.29 -16.77 -3.17
N ASN A 26 -7.02 -16.69 -2.82
CA ASN A 26 -6.34 -17.63 -1.92
C ASN A 26 -6.99 -17.65 -0.51
N PRO A 27 -7.43 -18.81 0.03
CA PRO A 27 -7.99 -18.91 1.38
C PRO A 27 -7.05 -18.41 2.49
N ALA A 28 -5.73 -18.50 2.30
CA ALA A 28 -4.69 -18.22 3.29
C ALA A 28 -4.65 -16.77 3.82
N ILE A 29 -5.25 -15.79 3.12
CA ILE A 29 -5.31 -14.39 3.58
C ILE A 29 -6.69 -13.96 4.11
N LYS A 30 -7.70 -14.83 4.04
CA LYS A 30 -9.10 -14.42 4.26
C LYS A 30 -9.50 -14.40 5.75
N ASP A 31 -10.03 -13.25 6.20
CA ASP A 31 -10.49 -12.93 7.56
C ASP A 31 -9.35 -13.02 8.60
N LYS A 32 -8.35 -12.16 8.42
CA LYS A 32 -7.12 -12.07 9.23
C LYS A 32 -6.71 -10.59 9.41
N ASP A 33 -6.18 -10.19 10.57
CA ASP A 33 -5.76 -8.81 10.85
C ASP A 33 -4.56 -8.73 11.82
N HIS A 34 -3.79 -7.62 11.77
CA HIS A 34 -2.49 -7.51 12.45
C HIS A 34 -2.18 -6.09 12.98
N SER A 35 -2.95 -5.60 13.95
CA SER A 35 -2.60 -4.43 14.79
C SER A 35 -2.09 -4.88 16.18
N ALA A 36 -1.04 -4.23 16.68
CA ALA A 36 -0.38 -4.49 17.96
C ALA A 36 0.40 -3.26 18.45
N PRO A 37 0.93 -3.24 19.70
CA PRO A 37 1.87 -2.22 20.19
C PRO A 37 3.12 -2.00 19.33
N ASN A 38 3.40 -2.87 18.36
CA ASN A 38 4.44 -2.69 17.34
C ASN A 38 4.09 -1.66 16.24
N SER A 39 2.94 -0.97 16.29
CA SER A 39 2.44 -0.16 15.16
C SER A 39 1.41 0.93 15.53
N ARG A 40 1.18 1.87 14.59
CA ARG A 40 0.21 2.99 14.68
C ARG A 40 -0.51 3.26 13.33
N PRO A 41 -1.75 3.79 13.33
CA PRO A 41 -2.56 3.98 12.13
C PRO A 41 -2.44 5.40 11.53
N ILE A 42 -2.63 5.50 10.21
CA ILE A 42 -2.74 6.76 9.42
C ILE A 42 -3.72 6.60 8.24
N ASP A 43 -3.96 7.67 7.49
CA ASP A 43 -4.65 7.70 6.19
C ASP A 43 -3.69 8.29 5.12
N PHE A 44 -4.12 8.40 3.84
CA PHE A 44 -3.28 8.91 2.75
C PHE A 44 -4.05 9.56 1.59
N GLU A 45 -3.30 10.12 0.62
CA GLU A 45 -3.80 10.81 -0.57
C GLU A 45 -3.09 10.28 -1.83
N MET A 46 -3.74 10.35 -3.00
CA MET A 46 -3.14 9.93 -4.29
C MET A 46 -3.63 10.77 -5.47
N LYS A 47 -2.72 11.02 -6.43
CA LYS A 47 -2.99 11.77 -7.65
C LYS A 47 -1.88 11.67 -8.73
N LYS A 48 -2.19 12.00 -9.98
CA LYS A 48 -1.18 12.25 -11.03
C LYS A 48 -1.27 13.64 -11.67
N LYS A 49 -0.19 14.07 -12.35
CA LYS A 49 0.01 15.46 -12.76
C LYS A 49 -1.00 16.01 -13.77
N ASP A 50 -1.67 15.13 -14.53
CA ASP A 50 -2.79 15.48 -15.44
C ASP A 50 -4.03 16.01 -14.70
N GLY A 51 -4.06 15.92 -13.37
CA GLY A 51 -5.19 16.33 -12.51
C GLY A 51 -6.00 15.14 -12.00
N THR A 52 -5.64 13.90 -12.37
CA THR A 52 -6.26 12.67 -11.86
C THR A 52 -6.03 12.62 -10.36
N GLN A 53 -7.03 12.86 -9.54
CA GLN A 53 -7.01 12.45 -8.14
C GLN A 53 -7.58 11.02 -8.08
N GLN A 54 -7.37 10.28 -6.98
CA GLN A 54 -8.39 9.28 -6.66
C GLN A 54 -9.70 10.01 -6.32
N PHE A 55 -10.72 9.82 -7.16
CA PHE A 55 -12.02 10.47 -7.04
C PHE A 55 -13.01 9.57 -6.31
N TYR A 56 -13.83 10.13 -5.42
CA TYR A 56 -14.57 9.35 -4.43
C TYR A 56 -15.65 8.46 -5.06
N HIS A 57 -15.39 7.15 -5.11
CA HIS A 57 -16.26 6.09 -5.64
C HIS A 57 -15.70 4.70 -5.19
N TYR A 58 -16.33 3.60 -5.61
CA TYR A 58 -16.12 2.25 -5.03
C TYR A 58 -14.67 1.77 -4.87
N ALA A 59 -13.79 1.97 -5.86
CA ALA A 59 -12.37 1.60 -5.77
C ALA A 59 -11.48 2.69 -5.11
N SER A 60 -11.99 3.91 -4.95
CA SER A 60 -11.21 5.13 -5.18
C SER A 60 -11.48 6.28 -4.19
N SER A 61 -12.25 6.08 -3.12
CA SER A 61 -12.30 7.06 -2.01
C SER A 61 -11.13 6.89 -1.02
N VAL A 62 -11.12 7.68 0.06
CA VAL A 62 -10.00 7.78 1.04
C VAL A 62 -9.75 6.44 1.75
N LYS A 63 -8.46 6.11 1.96
CA LYS A 63 -7.99 4.77 2.38
C LYS A 63 -7.10 4.79 3.65
N PRO A 64 -7.11 3.70 4.45
CA PRO A 64 -6.32 3.56 5.66
C PRO A 64 -4.94 2.93 5.41
N ALA A 65 -4.00 3.21 6.30
CA ALA A 65 -2.70 2.55 6.40
C ALA A 65 -2.21 2.42 7.86
N ARG A 66 -1.13 1.66 8.07
CA ARG A 66 -0.52 1.39 9.38
C ARG A 66 0.99 1.39 9.27
N VAL A 67 1.63 2.20 10.10
CA VAL A 67 3.09 2.28 10.24
C VAL A 67 3.51 1.19 11.21
N ILE A 68 4.21 0.18 10.70
CA ILE A 68 4.75 -0.94 11.49
C ILE A 68 6.23 -0.68 11.79
N PHE A 69 6.57 -0.69 13.09
CA PHE A 69 7.89 -0.34 13.57
C PHE A 69 8.81 -1.56 13.52
N THR A 70 9.44 -1.74 12.36
CA THR A 70 10.51 -2.71 12.08
C THR A 70 11.87 -2.00 12.14
N ASP A 71 12.91 -2.75 12.48
CA ASP A 71 14.04 -2.22 13.23
C ASP A 71 15.03 -1.34 12.44
N SER A 72 15.79 -1.89 11.51
CA SER A 72 16.60 -1.06 10.60
C SER A 72 15.70 -0.29 9.61
N LYS A 73 14.68 -0.97 9.09
CA LYS A 73 13.76 -0.44 8.08
C LYS A 73 12.32 -0.38 8.61
N PRO A 74 11.58 0.73 8.52
CA PRO A 74 10.16 0.75 8.86
C PRO A 74 9.36 -0.09 7.84
N GLU A 75 8.20 -0.58 8.26
CA GLU A 75 7.24 -1.29 7.40
C GLU A 75 5.92 -0.53 7.34
N ILE A 76 5.18 -0.74 6.25
CA ILE A 76 3.83 -0.19 6.08
C ILE A 76 2.88 -1.29 5.62
N GLU A 77 1.67 -1.30 6.16
CA GLU A 77 0.53 -2.06 5.63
C GLU A 77 -0.57 -1.08 5.22
N LEU A 78 -1.16 -1.23 4.04
CA LEU A 78 -2.20 -0.35 3.50
C LEU A 78 -3.33 -1.12 2.81
N GLY A 79 -4.54 -0.56 2.87
CA GLY A 79 -5.77 -1.16 2.35
C GLY A 79 -6.22 -0.58 1.01
N LEU A 80 -6.41 -1.45 0.02
CA LEU A 80 -7.10 -1.19 -1.23
C LEU A 80 -8.61 -1.41 -1.04
N GLN A 81 -9.39 -0.43 -1.50
CA GLN A 81 -10.85 -0.41 -1.43
C GLN A 81 -11.41 -1.13 -2.65
N SER A 82 -12.40 -2.02 -2.49
CA SER A 82 -12.95 -2.88 -3.54
C SER A 82 -11.86 -3.68 -4.29
N GLY A 83 -11.08 -4.48 -3.57
CA GLY A 83 -9.86 -5.12 -4.05
C GLY A 83 -10.03 -6.07 -5.25
N GLN A 84 -11.25 -6.51 -5.57
CA GLN A 84 -11.53 -7.30 -6.78
C GLN A 84 -11.69 -6.45 -8.07
N PHE A 85 -11.62 -5.12 -7.97
CA PHE A 85 -11.46 -4.20 -9.11
C PHE A 85 -9.97 -4.01 -9.45
N TRP A 86 -9.10 -4.02 -8.44
CA TRP A 86 -7.65 -3.85 -8.57
C TRP A 86 -6.96 -5.13 -9.09
N ARG A 87 -5.93 -4.99 -9.95
CA ARG A 87 -5.25 -6.14 -10.58
C ARG A 87 -3.73 -6.01 -10.71
N LYS A 88 -3.17 -4.79 -10.78
CA LYS A 88 -1.72 -4.55 -10.77
C LYS A 88 -1.35 -3.37 -9.87
N PHE A 89 -0.29 -3.48 -9.07
CA PHE A 89 0.20 -2.45 -8.15
C PHE A 89 1.73 -2.53 -8.02
N GLU A 90 2.42 -1.39 -8.13
CA GLU A 90 3.89 -1.29 -8.26
C GLU A 90 4.38 0.01 -7.59
N VAL A 91 5.40 -0.09 -6.73
CA VAL A 91 5.95 0.99 -5.88
C VAL A 91 7.44 1.28 -6.18
N TYR A 92 7.79 2.57 -6.27
CA TYR A 92 9.10 3.11 -6.65
C TYR A 92 9.36 4.48 -5.98
N GLU A 93 10.62 4.80 -5.64
CA GLU A 93 10.97 6.04 -4.95
C GLU A 93 12.39 6.53 -5.31
N GLY A 94 12.59 7.04 -6.54
CA GLY A 94 13.87 7.62 -6.95
C GLY A 94 14.92 6.57 -7.28
N ASP A 95 15.82 6.29 -6.35
CA ASP A 95 16.92 5.32 -6.51
C ASP A 95 16.52 3.85 -6.30
N LYS A 96 15.35 3.60 -5.70
CA LYS A 96 14.96 2.29 -5.17
C LYS A 96 13.50 1.89 -5.50
N LYS A 97 13.25 0.58 -5.54
CA LYS A 97 11.94 -0.07 -5.68
C LYS A 97 11.58 -0.85 -4.40
N LEU A 98 10.30 -0.88 -4.05
CA LEU A 98 9.81 -1.46 -2.79
C LEU A 98 8.89 -2.66 -3.10
N PRO A 99 9.37 -3.92 -3.05
CA PRO A 99 8.59 -5.08 -3.46
C PRO A 99 7.51 -5.45 -2.42
N ILE A 100 6.28 -5.61 -2.90
CA ILE A 100 5.08 -5.83 -2.07
C ILE A 100 4.76 -7.30 -1.76
N LYS A 101 3.93 -7.51 -0.73
CA LYS A 101 3.18 -8.74 -0.43
C LYS A 101 1.73 -8.43 -0.02
N LEU A 102 0.78 -9.33 -0.29
CA LEU A 102 -0.60 -9.33 0.21
C LEU A 102 -0.66 -10.02 1.58
N VAL A 103 -1.38 -9.45 2.55
CA VAL A 103 -1.45 -10.00 3.94
C VAL A 103 -2.87 -10.38 4.38
N SER A 104 -3.90 -9.67 3.89
CA SER A 104 -5.30 -9.93 4.28
C SER A 104 -6.31 -9.62 3.18
N TYR A 105 -7.45 -10.33 3.16
CA TYR A 105 -8.67 -9.94 2.44
C TYR A 105 -9.92 -10.13 3.30
N ASP A 106 -10.82 -9.14 3.32
CA ASP A 106 -12.10 -9.14 4.04
C ASP A 106 -13.24 -9.17 3.02
N THR A 107 -13.71 -10.38 2.68
CA THR A 107 -14.70 -10.68 1.63
C THR A 107 -16.04 -9.97 1.81
N VAL A 108 -16.45 -9.68 3.05
CA VAL A 108 -17.68 -8.90 3.35
C VAL A 108 -17.49 -7.43 3.00
N LYS A 109 -16.36 -6.81 3.37
CA LYS A 109 -16.05 -5.40 3.09
C LYS A 109 -15.49 -5.16 1.66
N ASP A 110 -15.01 -6.22 1.00
CA ASP A 110 -14.29 -6.23 -0.28
C ASP A 110 -12.96 -5.46 -0.19
N TYR A 111 -12.30 -5.48 0.98
CA TYR A 111 -11.06 -4.74 1.26
C TYR A 111 -9.84 -5.68 1.25
N ALA A 112 -8.78 -5.30 0.54
CA ALA A 112 -7.55 -6.08 0.39
C ALA A 112 -6.35 -5.32 0.95
N TYR A 113 -5.52 -5.95 1.79
CA TYR A 113 -4.42 -5.30 2.50
C TYR A 113 -3.05 -5.82 2.04
N ILE A 114 -2.21 -4.89 1.56
CA ILE A 114 -0.82 -5.15 1.12
C ILE A 114 0.17 -4.53 2.09
N ARG A 115 1.44 -4.96 2.01
CA ARG A 115 2.53 -4.59 2.92
C ARG A 115 3.86 -4.46 2.19
N PHE A 116 4.74 -3.57 2.65
CA PHE A 116 6.15 -3.52 2.22
C PHE A 116 7.08 -2.85 3.26
N SER A 117 8.38 -3.06 3.14
CA SER A 117 9.39 -2.30 3.91
C SER A 117 9.73 -0.99 3.18
N VAL A 118 9.70 0.14 3.88
CA VAL A 118 9.87 1.48 3.25
C VAL A 118 11.31 1.96 3.29
N SER A 119 11.66 2.82 2.34
CA SER A 119 12.92 3.55 2.30
C SER A 119 12.87 4.83 3.16
N ASN A 120 14.04 5.35 3.52
CA ASN A 120 14.15 6.35 4.61
C ASN A 120 13.94 7.81 4.17
N GLY A 121 13.10 8.55 4.91
CA GLY A 121 12.68 9.93 4.59
C GLY A 121 11.34 10.01 3.85
N THR A 122 10.65 8.87 3.66
CA THR A 122 9.42 8.74 2.88
C THR A 122 8.27 9.49 3.52
N LYS A 123 7.82 10.53 2.80
CA LYS A 123 6.55 11.25 2.95
C LYS A 123 5.62 10.96 1.76
N ALA A 124 6.19 10.78 0.56
CA ALA A 124 5.50 10.47 -0.68
C ALA A 124 6.20 9.38 -1.51
N VAL A 125 5.46 8.67 -2.38
CA VAL A 125 5.98 7.57 -3.24
C VAL A 125 5.36 7.59 -4.63
N LYS A 126 6.08 7.05 -5.62
CA LYS A 126 5.69 7.01 -7.04
C LYS A 126 5.13 5.62 -7.38
N ILE A 127 3.83 5.56 -7.70
CA ILE A 127 3.01 4.37 -7.90
C ILE A 127 2.65 4.19 -9.38
N VAL A 128 2.56 2.94 -9.80
CA VAL A 128 1.95 2.49 -11.07
C VAL A 128 0.89 1.45 -10.71
N SER A 129 -0.29 1.50 -11.34
CA SER A 129 -1.40 0.59 -11.02
C SER A 129 -2.36 0.36 -12.20
N SER A 130 -3.01 -0.81 -12.21
CA SER A 130 -4.09 -1.13 -13.15
C SER A 130 -5.27 -1.77 -12.43
N THR A 131 -6.46 -1.36 -12.87
CA THR A 131 -7.80 -1.77 -12.42
C THR A 131 -8.59 -2.29 -13.61
N HIS A 132 -9.55 -3.15 -13.34
CA HIS A 132 -10.44 -3.72 -14.35
C HIS A 132 -11.81 -3.94 -13.71
N PHE A 133 -12.86 -3.42 -14.33
CA PHE A 133 -14.24 -3.64 -13.92
C PHE A 133 -15.14 -3.78 -15.14
N ASN A 134 -16.06 -4.75 -15.09
CA ASN A 134 -16.94 -5.09 -16.20
C ASN A 134 -16.08 -5.47 -17.43
N ASN A 135 -16.36 -4.95 -18.62
CA ASN A 135 -15.63 -5.31 -19.84
C ASN A 135 -14.25 -4.60 -19.98
N LYS A 136 -13.90 -3.65 -19.10
CA LYS A 136 -12.94 -2.58 -19.40
C LYS A 136 -11.74 -2.44 -18.42
N GLU A 137 -10.60 -2.01 -18.95
CA GLU A 137 -9.34 -1.75 -18.25
C GLU A 137 -9.07 -0.24 -18.05
N GLU A 138 -8.74 0.16 -16.81
CA GLU A 138 -8.37 1.52 -16.42
C GLU A 138 -7.04 1.50 -15.65
N LYS A 139 -6.10 2.39 -15.98
CA LYS A 139 -4.72 2.32 -15.50
C LYS A 139 -4.00 3.68 -15.37
N TYR A 140 -2.91 3.69 -14.59
CA TYR A 140 -2.04 4.86 -14.36
C TYR A 140 -0.60 4.55 -14.81
N ASP A 141 0.06 5.52 -15.45
CA ASP A 141 1.47 5.41 -15.90
C ASP A 141 2.45 6.18 -14.99
N TYR A 142 1.94 7.17 -14.27
CA TYR A 142 2.55 7.86 -13.13
C TYR A 142 1.44 8.14 -12.10
N THR A 143 1.73 8.01 -10.80
CA THR A 143 0.78 8.33 -9.71
C THR A 143 1.55 8.62 -8.43
N LEU A 144 1.50 9.85 -7.94
CA LEU A 144 2.06 10.26 -6.65
C LEU A 144 1.09 9.92 -5.51
N MET A 145 1.52 9.08 -4.56
CA MET A 145 0.90 8.94 -3.24
C MET A 145 1.64 9.79 -2.20
N GLU A 146 0.92 10.40 -1.27
CA GLU A 146 1.48 11.12 -0.12
C GLU A 146 0.70 10.76 1.16
N PHE A 147 1.41 10.39 2.22
CA PHE A 147 0.85 9.88 3.47
C PHE A 147 0.51 11.02 4.46
N ALA A 148 -0.50 10.81 5.32
CA ALA A 148 -0.96 11.86 6.25
C ALA A 148 0.13 12.29 7.25
N GLN A 149 0.93 11.34 7.73
CA GLN A 149 2.21 11.59 8.39
C GLN A 149 3.30 10.74 7.69
N PRO A 150 4.59 11.12 7.70
CA PRO A 150 5.68 10.36 7.08
C PRO A 150 5.95 9.05 7.82
N ILE A 151 6.55 8.10 7.10
CA ILE A 151 6.72 6.71 7.56
C ILE A 151 8.13 6.54 8.14
N TYR A 152 8.27 6.35 9.47
CA TYR A 152 9.58 6.16 10.11
C TYR A 152 9.55 5.49 11.49
N ASN A 153 10.70 4.94 11.90
CA ASN A 153 10.92 4.04 13.04
C ASN A 153 11.95 4.58 14.07
N SER A 154 12.44 5.80 13.87
CA SER A 154 13.41 6.49 14.74
C SER A 154 14.77 5.75 14.86
N ALA A 155 15.26 5.18 13.75
CA ALA A 155 16.51 4.42 13.67
C ALA A 155 17.80 5.26 13.63
N ASP A 156 17.68 6.59 13.41
CA ASP A 156 18.80 7.53 13.20
C ASP A 156 19.97 7.37 14.20
N LYS A 157 19.67 7.05 15.46
CA LYS A 157 20.67 6.92 16.54
C LYS A 157 21.69 5.79 16.31
N PHE A 158 21.29 4.68 15.65
CA PHE A 158 22.12 3.50 15.39
C PHE A 158 21.43 2.49 14.45
N LYS A 159 22.20 1.93 13.51
CA LYS A 159 21.80 0.84 12.60
C LYS A 159 22.92 -0.19 12.36
N THR A 160 24.13 0.28 12.01
CA THR A 160 25.36 -0.52 11.78
C THR A 160 26.58 0.31 12.16
N GLU A 161 27.48 -0.21 12.99
CA GLU A 161 28.63 0.53 13.52
C GLU A 161 29.91 -0.33 13.48
N GLU A 162 30.95 0.22 12.85
CA GLU A 162 32.25 -0.43 12.60
C GLU A 162 33.42 0.56 12.75
N ASP A 163 34.64 0.04 12.88
CA ASP A 163 35.88 0.78 13.20
C ASP A 163 37.15 0.11 12.65
N LEU A 16 4.80 -7.87 -8.06
CA LEU A 16 4.13 -8.85 -7.17
C LEU A 16 4.51 -10.27 -7.58
N ASN A 17 4.45 -11.21 -6.64
CA ASN A 17 4.74 -12.62 -6.86
C ASN A 17 3.56 -13.41 -7.48
N GLN A 18 2.35 -12.85 -7.51
CA GLN A 18 1.17 -13.44 -8.16
C GLN A 18 0.17 -12.34 -8.58
N GLU A 19 -0.86 -12.70 -9.35
CA GLU A 19 -1.91 -11.75 -9.74
C GLU A 19 -2.92 -11.56 -8.60
N LEU A 20 -3.08 -10.32 -8.10
CA LEU A 20 -3.95 -10.02 -6.95
C LEU A 20 -5.42 -10.41 -7.24
N ARG A 21 -5.90 -10.19 -8.46
CA ARG A 21 -7.24 -10.64 -8.90
C ARG A 21 -7.38 -12.18 -8.89
N GLU A 22 -6.31 -12.93 -9.14
CA GLU A 22 -6.33 -14.40 -9.09
C GLU A 22 -6.27 -14.87 -7.63
N ALA A 23 -5.55 -14.12 -6.79
CA ALA A 23 -5.43 -14.38 -5.37
C ALA A 23 -6.72 -14.17 -4.57
N ILE A 24 -7.68 -13.32 -5.00
CA ILE A 24 -8.94 -13.13 -4.21
C ILE A 24 -9.85 -14.37 -4.21
N LYS A 25 -9.57 -15.36 -5.06
CA LYS A 25 -10.23 -16.66 -5.07
C LYS A 25 -9.51 -17.71 -4.19
N ASN A 26 -8.25 -17.50 -3.83
CA ASN A 26 -7.42 -18.48 -3.12
C ASN A 26 -7.70 -18.49 -1.58
N PRO A 27 -8.10 -19.62 -0.97
CA PRO A 27 -8.40 -19.71 0.46
C PRO A 27 -7.24 -19.41 1.43
N ALA A 28 -5.97 -19.48 0.99
CA ALA A 28 -4.81 -19.40 1.89
C ALA A 28 -4.55 -18.00 2.46
N ILE A 29 -4.95 -16.95 1.75
CA ILE A 29 -4.92 -15.53 2.19
C ILE A 29 -6.31 -14.90 2.27
N LYS A 30 -7.37 -15.55 1.77
CA LYS A 30 -8.73 -15.10 2.03
C LYS A 30 -9.05 -15.18 3.54
N ASP A 31 -9.64 -14.12 4.11
CA ASP A 31 -10.12 -14.03 5.50
C ASP A 31 -9.02 -14.10 6.58
N LYS A 32 -7.76 -13.77 6.23
CA LYS A 32 -6.71 -13.45 7.21
C LYS A 32 -6.95 -12.06 7.85
N ASP A 33 -6.35 -11.82 9.02
CA ASP A 33 -6.16 -10.48 9.61
C ASP A 33 -4.68 -10.25 9.96
N HIS A 34 -4.38 -9.06 10.46
CA HIS A 34 -3.17 -8.73 11.20
C HIS A 34 -3.43 -7.50 12.10
N SER A 35 -3.41 -7.68 13.41
CA SER A 35 -3.34 -6.57 14.37
C SER A 35 -2.47 -6.93 15.59
N ALA A 36 -1.58 -6.01 16.01
CA ALA A 36 -0.54 -6.26 17.02
C ALA A 36 -0.04 -4.95 17.70
N PRO A 37 0.36 -5.01 19.00
CA PRO A 37 0.88 -3.87 19.75
C PRO A 37 2.02 -3.08 19.08
N ASN A 38 2.87 -3.76 18.31
CA ASN A 38 4.00 -3.24 17.52
C ASN A 38 3.62 -2.23 16.39
N SER A 39 2.38 -1.73 16.38
CA SER A 39 1.84 -0.94 15.27
C SER A 39 0.76 0.09 15.67
N ARG A 40 0.55 1.10 14.81
CA ARG A 40 -0.38 2.23 15.00
C ARG A 40 -0.91 2.74 13.63
N PRO A 41 -2.15 3.26 13.51
CA PRO A 41 -2.73 3.69 12.22
C PRO A 41 -2.02 4.88 11.54
N ILE A 42 -2.24 5.03 10.22
CA ILE A 42 -1.80 6.15 9.35
C ILE A 42 -2.75 6.34 8.13
N ASP A 43 -2.52 7.35 7.28
CA ASP A 43 -3.34 7.73 6.10
C ASP A 43 -2.43 8.31 4.96
N PHE A 44 -3.01 8.73 3.81
CA PHE A 44 -2.31 9.28 2.63
C PHE A 44 -3.23 10.16 1.74
N GLU A 45 -2.71 10.70 0.61
CA GLU A 45 -3.48 11.34 -0.47
C GLU A 45 -2.87 10.96 -1.84
N MET A 46 -3.64 10.90 -2.95
CA MET A 46 -3.13 10.50 -4.27
C MET A 46 -3.58 11.36 -5.47
N LYS A 47 -2.68 11.57 -6.44
CA LYS A 47 -2.94 12.34 -7.67
C LYS A 47 -2.04 12.06 -8.90
N LYS A 48 -2.46 12.39 -10.12
CA LYS A 48 -1.59 12.39 -11.34
C LYS A 48 -1.52 13.73 -12.10
N LYS A 49 -0.68 13.81 -13.14
CA LYS A 49 -0.23 15.09 -13.75
C LYS A 49 -1.30 15.83 -14.57
N ASP A 50 -2.34 15.13 -15.03
CA ASP A 50 -3.49 15.75 -15.72
C ASP A 50 -4.43 16.53 -14.79
N GLY A 51 -4.28 16.36 -13.46
CA GLY A 51 -5.15 16.94 -12.43
C GLY A 51 -5.88 15.92 -11.55
N THR A 52 -5.92 14.63 -11.92
CA THR A 52 -6.64 13.57 -11.18
C THR A 52 -6.27 13.65 -9.71
N GLN A 53 -7.22 13.96 -8.84
CA GLN A 53 -7.15 13.64 -7.41
C GLN A 53 -8.13 12.49 -7.17
N GLN A 54 -7.65 11.35 -6.66
CA GLN A 54 -8.47 10.14 -6.54
C GLN A 54 -9.37 10.25 -5.31
N PHE A 55 -10.69 10.21 -5.54
CA PHE A 55 -11.74 10.47 -4.55
C PHE A 55 -13.14 10.04 -5.02
N TYR A 56 -13.46 10.10 -6.31
CA TYR A 56 -14.81 9.82 -6.82
C TYR A 56 -15.19 8.33 -6.77
N HIS A 57 -14.22 7.43 -6.92
CA HIS A 57 -14.41 5.98 -6.88
C HIS A 57 -13.94 5.42 -5.51
N TYR A 58 -14.86 4.83 -4.75
CA TYR A 58 -14.62 4.48 -3.34
C TYR A 58 -13.44 3.51 -3.13
N ALA A 59 -13.20 2.63 -4.12
CA ALA A 59 -12.06 1.72 -4.18
C ALA A 59 -10.70 2.42 -4.05
N SER A 60 -10.53 3.56 -4.73
CA SER A 60 -9.26 4.30 -4.88
C SER A 60 -9.24 5.67 -4.15
N SER A 61 -10.37 6.13 -3.63
CA SER A 61 -10.44 7.22 -2.64
C SER A 61 -9.65 6.90 -1.34
N VAL A 62 -9.55 7.87 -0.43
CA VAL A 62 -8.66 7.86 0.75
C VAL A 62 -8.95 6.68 1.70
N LYS A 63 -7.91 6.07 2.28
CA LYS A 63 -8.00 4.89 3.16
C LYS A 63 -7.15 5.01 4.45
N PRO A 64 -7.55 4.30 5.53
CA PRO A 64 -6.67 4.06 6.66
C PRO A 64 -5.64 2.96 6.33
N ALA A 65 -4.46 3.10 6.93
CA ALA A 65 -3.31 2.22 6.83
C ALA A 65 -2.65 2.06 8.23
N ARG A 66 -1.48 1.43 8.30
CA ARG A 66 -0.79 1.05 9.55
C ARG A 66 0.72 1.20 9.45
N VAL A 67 1.29 1.92 10.41
CA VAL A 67 2.73 1.98 10.69
C VAL A 67 3.11 0.79 11.56
N ILE A 68 4.01 -0.03 11.04
CA ILE A 68 4.74 -1.07 11.81
C ILE A 68 6.18 -0.63 12.13
N PHE A 69 6.64 -0.98 13.33
CA PHE A 69 7.99 -0.71 13.83
C PHE A 69 8.97 -1.85 13.51
N THR A 70 10.06 -1.51 12.81
CA THR A 70 11.08 -2.43 12.26
C THR A 70 12.48 -1.79 12.28
N ASP A 71 13.42 -2.43 11.60
CA ASP A 71 14.77 -1.97 11.31
C ASP A 71 14.81 -0.75 10.37
N SER A 72 16.00 -0.45 9.81
CA SER A 72 16.25 0.61 8.83
C SER A 72 15.39 0.54 7.55
N LYS A 73 14.69 -0.57 7.30
CA LYS A 73 13.52 -0.57 6.43
C LYS A 73 12.23 -0.52 7.30
N PRO A 74 11.57 0.65 7.41
CA PRO A 74 10.22 0.78 7.93
C PRO A 74 9.24 -0.15 7.22
N GLU A 75 8.28 -0.72 7.95
CA GLU A 75 7.25 -1.58 7.39
C GLU A 75 5.88 -0.93 7.60
N ILE A 76 5.03 -0.93 6.58
CA ILE A 76 3.66 -0.40 6.68
C ILE A 76 2.68 -1.33 5.96
N GLU A 77 1.40 -1.26 6.31
CA GLU A 77 0.34 -2.07 5.71
C GLU A 77 -0.85 -1.19 5.31
N LEU A 78 -1.37 -1.41 4.10
CA LEU A 78 -2.48 -0.65 3.49
C LEU A 78 -3.67 -1.59 3.20
N GLY A 79 -4.89 -1.06 3.34
CA GLY A 79 -6.13 -1.72 2.93
C GLY A 79 -6.82 -0.96 1.80
N LEU A 80 -6.98 -1.61 0.64
CA LEU A 80 -7.77 -1.11 -0.50
C LEU A 80 -9.19 -1.70 -0.45
N GLN A 81 -10.15 -1.01 -1.05
CA GLN A 81 -11.57 -1.37 -1.03
C GLN A 81 -12.01 -1.83 -2.43
N SER A 82 -13.07 -2.65 -2.50
CA SER A 82 -13.56 -3.31 -3.72
C SER A 82 -12.46 -4.16 -4.40
N GLY A 83 -11.87 -5.10 -3.63
CA GLY A 83 -10.73 -5.93 -4.03
C GLY A 83 -10.86 -6.71 -5.35
N GLN A 84 -12.07 -6.87 -5.88
CA GLN A 84 -12.33 -7.50 -7.18
C GLN A 84 -12.02 -6.62 -8.40
N PHE A 85 -11.91 -5.29 -8.24
CA PHE A 85 -11.54 -4.36 -9.31
C PHE A 85 -10.03 -4.15 -9.43
N TRP A 86 -9.26 -4.50 -8.40
CA TRP A 86 -7.80 -4.41 -8.35
C TRP A 86 -7.10 -5.62 -9.00
N ARG A 87 -5.88 -5.43 -9.54
CA ARG A 87 -5.11 -6.48 -10.24
C ARG A 87 -3.60 -6.47 -9.97
N LYS A 88 -2.94 -5.31 -9.87
CA LYS A 88 -1.49 -5.19 -9.57
C LYS A 88 -1.15 -3.87 -8.83
N PHE A 89 -0.06 -3.87 -8.05
CA PHE A 89 0.56 -2.69 -7.44
C PHE A 89 2.09 -2.74 -7.61
N GLU A 90 2.73 -1.61 -7.90
CA GLU A 90 4.19 -1.49 -7.96
C GLU A 90 4.64 -0.05 -7.65
N VAL A 91 5.71 0.09 -6.87
CA VAL A 91 6.15 1.39 -6.31
C VAL A 91 7.67 1.55 -6.32
N TYR A 92 8.12 2.77 -6.65
CA TYR A 92 9.52 3.15 -6.81
C TYR A 92 9.74 4.65 -6.47
N GLU A 93 10.85 4.97 -5.79
CA GLU A 93 11.28 6.35 -5.55
C GLU A 93 12.80 6.42 -5.41
N GLY A 94 13.46 7.27 -6.20
CA GLY A 94 14.89 7.59 -6.04
C GLY A 94 15.82 6.46 -6.51
N ASP A 95 16.57 5.87 -5.59
CA ASP A 95 17.37 4.66 -5.79
C ASP A 95 16.56 3.36 -5.57
N LYS A 96 15.40 3.44 -4.92
CA LYS A 96 14.76 2.32 -4.23
C LYS A 96 13.43 1.91 -4.89
N LYS A 97 13.32 0.64 -5.32
CA LYS A 97 12.00 0.01 -5.59
C LYS A 97 11.44 -0.56 -4.27
N LEU A 98 10.24 -0.14 -3.86
CA LEU A 98 9.62 -0.57 -2.60
C LEU A 98 8.91 -1.93 -2.82
N PRO A 99 9.31 -3.04 -2.15
CA PRO A 99 8.73 -4.35 -2.39
C PRO A 99 7.38 -4.51 -1.68
N ILE A 100 6.35 -4.89 -2.44
CA ILE A 100 5.01 -5.23 -1.91
C ILE A 100 4.82 -6.75 -1.72
N LYS A 101 4.08 -7.12 -0.67
CA LYS A 101 3.52 -8.47 -0.44
C LYS A 101 2.01 -8.41 -0.11
N LEU A 102 1.30 -9.53 -0.30
CA LEU A 102 -0.12 -9.67 0.08
C LEU A 102 -0.27 -10.07 1.56
N VAL A 103 -1.29 -9.53 2.24
CA VAL A 103 -1.61 -9.83 3.65
C VAL A 103 -2.95 -10.56 3.76
N SER A 104 -4.01 -10.13 3.06
CA SER A 104 -5.34 -10.74 3.14
C SER A 104 -6.25 -10.26 2.00
N TYR A 105 -7.32 -11.01 1.73
CA TYR A 105 -8.55 -10.48 1.15
C TYR A 105 -9.76 -10.88 2.01
N ASP A 106 -10.51 -9.90 2.51
CA ASP A 106 -11.70 -10.14 3.33
C ASP A 106 -12.96 -9.86 2.50
N THR A 107 -13.63 -10.95 2.11
CA THR A 107 -14.84 -10.92 1.28
C THR A 107 -16.11 -10.56 2.06
N VAL A 108 -16.03 -10.36 3.37
CA VAL A 108 -17.10 -9.74 4.17
C VAL A 108 -16.90 -8.23 4.17
N LYS A 109 -15.69 -7.74 4.47
CA LYS A 109 -15.39 -6.30 4.47
C LYS A 109 -15.37 -5.65 3.07
N ASP A 110 -15.20 -6.45 2.01
CA ASP A 110 -14.91 -6.03 0.63
C ASP A 110 -13.57 -5.27 0.53
N TYR A 111 -12.56 -5.69 1.31
CA TYR A 111 -11.22 -5.09 1.39
C TYR A 111 -10.10 -6.08 1.06
N ALA A 112 -9.03 -5.60 0.41
CA ALA A 112 -7.79 -6.32 0.12
C ALA A 112 -6.60 -5.62 0.79
N TYR A 113 -5.75 -6.38 1.47
CA TYR A 113 -4.68 -5.85 2.34
C TYR A 113 -3.28 -6.25 1.85
N ILE A 114 -2.36 -5.28 1.83
CA ILE A 114 -0.98 -5.41 1.34
C ILE A 114 0.03 -4.80 2.32
N ARG A 115 1.26 -5.30 2.28
CA ARG A 115 2.41 -4.91 3.12
C ARG A 115 3.48 -4.28 2.23
N PHE A 116 4.17 -3.30 2.79
CA PHE A 116 5.15 -2.44 2.13
C PHE A 116 6.41 -2.34 3.00
N SER A 117 7.58 -2.51 2.39
CA SER A 117 8.86 -2.09 3.01
C SER A 117 9.27 -0.75 2.41
N VAL A 118 9.34 0.31 3.22
CA VAL A 118 9.41 1.71 2.74
C VAL A 118 10.83 2.26 2.91
N SER A 119 11.24 3.15 2.01
CA SER A 119 12.48 3.91 2.13
C SER A 119 12.46 4.79 3.38
N ASN A 120 13.48 4.71 4.23
CA ASN A 120 13.63 5.59 5.39
C ASN A 120 13.56 7.08 4.97
N GLY A 121 12.65 7.84 5.60
CA GLY A 121 12.49 9.29 5.37
C GLY A 121 11.45 9.66 4.31
N THR A 122 10.57 8.72 3.93
CA THR A 122 9.60 8.90 2.83
C THR A 122 8.54 9.95 3.17
N LYS A 123 8.31 10.86 2.21
CA LYS A 123 7.28 11.90 2.26
C LYS A 123 6.33 11.91 1.05
N ALA A 124 6.70 11.26 -0.06
CA ALA A 124 5.90 11.10 -1.28
C ALA A 124 6.52 10.04 -2.23
N VAL A 125 5.70 9.27 -2.95
CA VAL A 125 6.16 8.13 -3.78
C VAL A 125 5.37 7.96 -5.08
N LYS A 126 6.00 7.38 -6.10
CA LYS A 126 5.43 7.19 -7.43
C LYS A 126 4.78 5.80 -7.59
N ILE A 127 3.45 5.77 -7.65
CA ILE A 127 2.62 4.57 -7.74
C ILE A 127 2.32 4.26 -9.21
N VAL A 128 2.23 2.97 -9.51
CA VAL A 128 1.75 2.37 -10.76
C VAL A 128 1.01 1.09 -10.34
N SER A 129 0.04 0.64 -11.15
CA SER A 129 -0.91 -0.40 -10.77
C SER A 129 -1.55 -1.08 -11.97
N SER A 130 -2.44 -2.05 -11.74
CA SER A 130 -3.40 -2.50 -12.75
C SER A 130 -4.76 -2.74 -12.09
N THR A 131 -5.82 -2.56 -12.88
CA THR A 131 -7.23 -2.66 -12.50
C THR A 131 -8.01 -3.42 -13.58
N HIS A 132 -9.23 -3.82 -13.26
CA HIS A 132 -10.21 -4.22 -14.27
C HIS A 132 -11.67 -4.01 -13.80
N PHE A 133 -12.35 -3.06 -14.48
CA PHE A 133 -13.67 -2.53 -14.17
C PHE A 133 -14.41 -2.21 -15.48
N ASN A 134 -15.74 -2.23 -15.48
CA ASN A 134 -16.57 -2.08 -16.69
C ASN A 134 -16.20 -3.14 -17.77
N ASN A 135 -16.36 -2.86 -19.07
CA ASN A 135 -15.92 -3.75 -20.15
C ASN A 135 -14.38 -3.92 -20.18
N LYS A 136 -13.67 -2.84 -19.84
CA LYS A 136 -12.22 -2.76 -19.57
C LYS A 136 -11.87 -1.36 -19.04
N GLU A 137 -11.09 -1.28 -17.97
CA GLU A 137 -10.63 -0.04 -17.35
C GLU A 137 -9.28 -0.33 -16.68
N GLU A 138 -8.19 0.07 -17.32
CA GLU A 138 -6.81 -0.26 -16.94
C GLU A 138 -5.86 0.90 -17.32
N LYS A 139 -5.10 1.41 -16.34
CA LYS A 139 -4.33 2.67 -16.46
C LYS A 139 -2.85 2.52 -16.07
N TYR A 140 -1.94 2.83 -16.99
CA TYR A 140 -0.49 2.74 -16.80
C TYR A 140 0.18 4.11 -17.06
N ASP A 141 -0.04 5.09 -16.15
CA ASP A 141 0.34 6.49 -16.36
C ASP A 141 1.51 6.94 -15.46
N TYR A 142 1.24 6.98 -14.16
CA TYR A 142 1.91 7.69 -13.04
C TYR A 142 0.79 8.06 -12.06
N THR A 143 0.99 7.93 -10.75
CA THR A 143 0.13 8.54 -9.72
C THR A 143 0.99 8.73 -8.48
N LEU A 144 1.18 9.98 -8.05
CA LEU A 144 1.93 10.32 -6.85
C LEU A 144 1.04 10.11 -5.62
N MET A 145 1.51 9.33 -4.64
CA MET A 145 0.97 9.37 -3.28
C MET A 145 1.80 10.34 -2.44
N GLU A 146 1.12 11.22 -1.71
CA GLU A 146 1.68 12.12 -0.70
C GLU A 146 1.31 11.64 0.71
N PHE A 147 2.21 11.88 1.66
CA PHE A 147 2.07 11.49 3.06
C PHE A 147 0.91 12.17 3.82
N ALA A 148 0.42 11.50 4.86
CA ALA A 148 -0.21 12.18 6.00
C ALA A 148 0.87 12.56 7.04
N GLN A 149 1.63 11.57 7.52
CA GLN A 149 2.83 11.71 8.36
C GLN A 149 4.00 10.96 7.68
N PRO A 150 5.27 11.32 7.94
CA PRO A 150 6.43 10.71 7.28
C PRO A 150 6.68 9.27 7.77
N ILE A 151 7.26 8.46 6.89
CA ILE A 151 7.58 7.04 7.16
C ILE A 151 9.10 6.89 7.28
N TYR A 152 9.60 6.50 8.46
CA TYR A 152 11.03 6.55 8.77
C TYR A 152 11.42 5.73 10.02
N ASN A 153 12.68 5.30 10.04
CA ASN A 153 13.36 4.63 11.15
C ASN A 153 14.35 5.57 11.86
N SER A 154 14.83 6.61 11.17
CA SER A 154 15.94 7.49 11.57
C SER A 154 17.29 6.74 11.37
N ALA A 155 17.43 6.10 10.21
CA ALA A 155 18.61 5.33 9.79
C ALA A 155 19.79 6.22 9.32
N ASP A 156 19.49 7.49 9.06
CA ASP A 156 20.32 8.53 8.43
C ASP A 156 21.64 8.78 9.17
N LYS A 157 21.69 8.47 10.47
CA LYS A 157 22.85 8.63 11.35
C LYS A 157 24.08 7.80 10.92
N PHE A 158 23.85 6.66 10.25
CA PHE A 158 24.88 5.78 9.73
C PHE A 158 24.41 5.12 8.42
N LYS A 159 24.63 5.82 7.30
CA LYS A 159 24.63 5.26 5.94
C LYS A 159 25.91 4.42 5.71
N THR A 160 26.97 4.85 6.39
CA THR A 160 28.33 4.30 6.54
C THR A 160 28.84 4.74 7.92
N GLU A 161 29.87 4.07 8.44
CA GLU A 161 30.50 4.36 9.74
C GLU A 161 31.99 4.63 9.51
N GLU A 162 32.36 5.91 9.45
CA GLU A 162 33.69 6.42 9.10
C GLU A 162 34.09 7.67 9.92
N ASP A 163 35.33 7.71 10.40
CA ASP A 163 35.99 8.78 11.21
C ASP A 163 37.51 8.80 10.96
N LEU A 16 6.28 -8.47 -12.07
CA LEU A 16 5.05 -8.76 -11.30
C LEU A 16 5.09 -10.21 -10.82
N ASN A 17 4.68 -10.50 -9.58
CA ASN A 17 4.58 -11.86 -9.07
C ASN A 17 3.32 -12.59 -9.57
N GLN A 18 2.15 -11.95 -9.45
CA GLN A 18 0.85 -12.50 -9.80
C GLN A 18 -0.19 -11.38 -9.89
N GLU A 19 -1.27 -11.56 -10.67
CA GLU A 19 -2.36 -10.57 -10.75
C GLU A 19 -3.21 -10.55 -9.47
N LEU A 20 -3.27 -9.37 -8.84
CA LEU A 20 -3.97 -9.03 -7.61
C LEU A 20 -5.44 -9.49 -7.65
N ARG A 21 -6.13 -9.24 -8.76
CA ARG A 21 -7.51 -9.68 -9.03
C ARG A 21 -7.72 -11.18 -8.76
N GLU A 22 -6.82 -12.03 -9.25
CA GLU A 22 -7.00 -13.50 -9.23
C GLU A 22 -6.43 -14.09 -7.94
N ALA A 23 -5.60 -13.31 -7.22
CA ALA A 23 -5.03 -13.70 -5.94
C ALA A 23 -6.06 -13.85 -4.81
N ILE A 24 -7.29 -13.30 -4.99
CA ILE A 24 -8.26 -13.19 -3.88
C ILE A 24 -8.95 -14.51 -3.52
N LYS A 25 -8.92 -15.52 -4.39
CA LYS A 25 -9.66 -16.78 -4.19
C LYS A 25 -8.95 -17.80 -3.26
N ASN A 26 -7.66 -17.59 -2.98
CA ASN A 26 -6.87 -18.43 -2.07
C ASN A 26 -7.39 -18.33 -0.60
N PRO A 27 -7.42 -19.41 0.20
CA PRO A 27 -8.18 -19.42 1.46
C PRO A 27 -7.46 -18.82 2.69
N ALA A 28 -6.13 -18.93 2.84
CA ALA A 28 -5.46 -18.72 4.13
C ALA A 28 -5.22 -17.25 4.52
N ILE A 29 -5.18 -16.33 3.56
CA ILE A 29 -5.03 -14.87 3.78
C ILE A 29 -6.36 -14.17 4.11
N LYS A 30 -7.47 -14.90 4.10
CA LYS A 30 -8.82 -14.38 4.26
C LYS A 30 -9.12 -13.88 5.69
N ASP A 31 -9.84 -12.76 5.79
CA ASP A 31 -10.49 -12.20 6.97
C ASP A 31 -9.51 -11.75 8.09
N LYS A 32 -8.24 -11.47 7.77
CA LYS A 32 -7.20 -11.02 8.71
C LYS A 32 -6.88 -9.52 8.63
N ASP A 33 -6.40 -8.95 9.74
CA ASP A 33 -5.84 -7.59 9.87
C ASP A 33 -4.79 -7.54 10.99
N HIS A 34 -4.04 -6.44 11.08
CA HIS A 34 -3.15 -6.12 12.20
C HIS A 34 -3.52 -4.77 12.82
N SER A 35 -4.19 -4.78 13.98
CA SER A 35 -4.49 -3.60 14.80
C SER A 35 -4.07 -3.86 16.26
N ALA A 36 -2.84 -3.46 16.59
CA ALA A 36 -2.11 -3.80 17.81
C ALA A 36 -1.19 -2.63 18.26
N PRO A 37 -0.65 -2.62 19.50
CA PRO A 37 0.27 -1.59 19.97
C PRO A 37 1.66 -1.63 19.30
N ASN A 38 2.00 -2.71 18.57
CA ASN A 38 3.19 -2.81 17.71
C ASN A 38 3.13 -1.86 16.48
N SER A 39 2.09 -1.04 16.33
CA SER A 39 1.89 -0.21 15.16
C SER A 39 0.96 0.99 15.40
N ARG A 40 1.11 2.05 14.59
CA ARG A 40 0.38 3.33 14.69
C ARG A 40 -0.37 3.65 13.38
N PRO A 41 -1.63 4.18 13.43
CA PRO A 41 -2.37 4.62 12.26
C PRO A 41 -1.76 5.86 11.56
N ILE A 42 -1.98 5.97 10.25
CA ILE A 42 -1.69 7.14 9.39
C ILE A 42 -2.70 7.22 8.23
N ASP A 43 -2.65 8.27 7.41
CA ASP A 43 -3.42 8.50 6.17
C ASP A 43 -2.54 9.20 5.09
N PHE A 44 -3.06 9.43 3.88
CA PHE A 44 -2.36 10.05 2.74
C PHE A 44 -3.34 10.79 1.79
N GLU A 45 -2.82 11.34 0.70
CA GLU A 45 -3.56 11.74 -0.51
C GLU A 45 -2.98 10.99 -1.73
N MET A 46 -3.83 10.63 -2.70
CA MET A 46 -3.40 10.02 -3.98
C MET A 46 -3.79 10.85 -5.21
N LYS A 47 -2.84 11.07 -6.12
CA LYS A 47 -3.03 11.83 -7.37
C LYS A 47 -1.96 11.70 -8.46
N LYS A 48 -2.37 11.72 -9.74
CA LYS A 48 -1.51 11.66 -10.93
C LYS A 48 -1.40 13.05 -11.62
N LYS A 49 -0.34 13.27 -12.40
CA LYS A 49 0.09 14.58 -12.93
C LYS A 49 -0.85 15.30 -13.93
N ASP A 50 -1.94 14.67 -14.37
CA ASP A 50 -3.08 15.35 -15.01
C ASP A 50 -4.00 16.08 -14.01
N GLY A 51 -3.65 16.10 -12.71
CA GLY A 51 -4.44 16.72 -11.63
C GLY A 51 -5.45 15.75 -11.02
N THR A 52 -5.28 14.44 -11.22
CA THR A 52 -6.26 13.39 -10.90
C THR A 52 -6.35 13.22 -9.39
N GLN A 53 -7.33 13.80 -8.69
CA GLN A 53 -7.47 13.59 -7.24
C GLN A 53 -8.44 12.45 -6.99
N GLN A 54 -7.95 11.38 -6.36
CA GLN A 54 -8.73 10.16 -6.18
C GLN A 54 -9.57 10.25 -4.89
N PHE A 55 -10.88 10.40 -5.07
CA PHE A 55 -11.87 10.65 -4.02
C PHE A 55 -13.30 10.26 -4.47
N TYR A 56 -13.69 10.61 -5.70
CA TYR A 56 -14.91 10.09 -6.36
C TYR A 56 -14.71 8.68 -6.94
N HIS A 57 -13.48 8.32 -7.28
CA HIS A 57 -13.07 6.99 -7.74
C HIS A 57 -12.88 6.05 -6.53
N TYR A 58 -13.98 5.60 -5.91
CA TYR A 58 -14.00 5.00 -4.58
C TYR A 58 -13.07 3.79 -4.36
N ALA A 59 -12.80 2.97 -5.39
CA ALA A 59 -11.79 1.90 -5.34
C ALA A 59 -10.38 2.43 -5.03
N SER A 60 -10.03 3.59 -5.55
CA SER A 60 -8.71 4.24 -5.40
C SER A 60 -8.77 5.49 -4.51
N SER A 61 -9.88 5.72 -3.79
CA SER A 61 -9.99 6.83 -2.82
C SER A 61 -9.16 6.60 -1.55
N VAL A 62 -8.99 7.66 -0.76
CA VAL A 62 -8.09 7.76 0.41
C VAL A 62 -8.44 6.77 1.52
N LYS A 63 -7.41 6.22 2.16
CA LYS A 63 -7.48 5.14 3.16
C LYS A 63 -6.62 5.46 4.41
N PRO A 64 -6.94 4.88 5.59
CA PRO A 64 -6.00 4.74 6.69
C PRO A 64 -5.04 3.56 6.45
N ALA A 65 -3.89 3.58 7.13
CA ALA A 65 -2.89 2.50 7.10
C ALA A 65 -2.13 2.37 8.44
N ARG A 66 -1.44 1.24 8.65
CA ARG A 66 -0.59 1.00 9.84
C ARG A 66 0.89 1.17 9.50
N VAL A 67 1.58 1.98 10.30
CA VAL A 67 3.04 2.01 10.42
C VAL A 67 3.49 0.99 11.47
N ILE A 68 4.27 -0.01 11.04
CA ILE A 68 4.78 -1.13 11.84
C ILE A 68 6.18 -0.85 12.42
N PHE A 69 6.30 -0.96 13.75
CA PHE A 69 7.53 -0.72 14.48
C PHE A 69 8.52 -1.88 14.26
N THR A 70 9.64 -1.54 13.60
CA THR A 70 10.63 -2.44 12.99
C THR A 70 12.03 -1.98 13.45
N ASP A 71 13.09 -2.36 12.75
CA ASP A 71 14.34 -1.58 12.71
C ASP A 71 14.11 -0.14 12.18
N SER A 72 15.19 0.65 12.02
CA SER A 72 15.12 2.03 11.52
C SER A 72 14.51 2.20 10.11
N LYS A 73 14.36 1.13 9.32
CA LYS A 73 13.49 1.12 8.14
C LYS A 73 12.16 0.42 8.50
N PRO A 74 11.03 1.16 8.65
CA PRO A 74 9.75 0.57 9.05
C PRO A 74 9.03 -0.13 7.89
N GLU A 75 8.07 -0.99 8.24
CA GLU A 75 7.08 -1.52 7.29
C GLU A 75 5.77 -0.75 7.47
N ILE A 76 4.97 -0.63 6.41
CA ILE A 76 3.58 -0.18 6.51
C ILE A 76 2.64 -1.16 5.79
N GLU A 77 1.37 -1.19 6.18
CA GLU A 77 0.36 -2.02 5.51
C GLU A 77 -0.99 -1.31 5.35
N LEU A 78 -1.57 -1.48 4.17
CA LEU A 78 -2.67 -0.70 3.59
C LEU A 78 -3.69 -1.63 2.93
N GLY A 79 -4.99 -1.38 3.17
CA GLY A 79 -6.11 -2.06 2.50
C GLY A 79 -6.66 -1.23 1.33
N LEU A 80 -6.64 -1.80 0.13
CA LEU A 80 -7.29 -1.25 -1.07
C LEU A 80 -8.74 -1.73 -1.16
N GLN A 81 -9.62 -0.91 -1.74
CA GLN A 81 -11.05 -1.19 -1.89
C GLN A 81 -11.37 -1.68 -3.31
N SER A 82 -12.37 -2.56 -3.45
CA SER A 82 -12.84 -3.14 -4.72
C SER A 82 -11.78 -3.88 -5.54
N GLY A 83 -11.06 -4.81 -4.88
CA GLY A 83 -9.95 -5.61 -5.41
C GLY A 83 -10.22 -6.43 -6.68
N GLN A 84 -11.48 -6.62 -7.10
CA GLN A 84 -11.78 -7.29 -8.37
C GLN A 84 -11.46 -6.39 -9.58
N PHE A 85 -11.42 -5.06 -9.41
CA PHE A 85 -11.06 -4.11 -10.48
C PHE A 85 -9.53 -3.98 -10.63
N TRP A 86 -8.80 -4.16 -9.53
CA TRP A 86 -7.34 -4.09 -9.46
C TRP A 86 -6.66 -5.35 -10.03
N ARG A 87 -6.33 -5.37 -11.32
CA ARG A 87 -5.52 -6.44 -11.92
C ARG A 87 -4.04 -6.45 -11.49
N LYS A 88 -3.35 -5.30 -11.44
CA LYS A 88 -1.88 -5.24 -11.24
C LYS A 88 -1.46 -4.08 -10.31
N PHE A 89 -0.42 -4.26 -9.48
CA PHE A 89 0.07 -3.25 -8.50
C PHE A 89 1.59 -3.29 -8.28
N GLU A 90 2.25 -2.12 -8.16
CA GLU A 90 3.70 -1.93 -7.93
C GLU A 90 4.03 -0.55 -7.32
N VAL A 91 5.22 -0.44 -6.69
CA VAL A 91 5.68 0.74 -5.91
C VAL A 91 7.18 1.03 -6.10
N TYR A 92 7.52 2.32 -6.26
CA TYR A 92 8.89 2.82 -6.44
C TYR A 92 9.04 4.26 -5.90
N GLU A 93 10.24 4.70 -5.52
CA GLU A 93 10.51 6.10 -5.13
C GLU A 93 11.95 6.50 -5.45
N GLY A 94 12.15 7.31 -6.49
CA GLY A 94 13.43 7.99 -6.79
C GLY A 94 14.54 7.03 -7.23
N ASP A 95 15.37 6.66 -6.26
CA ASP A 95 16.48 5.71 -6.41
C ASP A 95 16.06 4.24 -6.15
N LYS A 96 14.92 4.02 -5.48
CA LYS A 96 14.62 2.82 -4.69
C LYS A 96 13.30 2.12 -5.09
N LYS A 97 13.32 0.79 -5.28
CA LYS A 97 12.08 -0.03 -5.38
C LYS A 97 11.56 -0.45 -4.00
N LEU A 98 10.25 -0.31 -3.74
CA LEU A 98 9.64 -0.67 -2.46
C LEU A 98 8.91 -2.02 -2.65
N PRO A 99 9.37 -3.13 -2.04
CA PRO A 99 8.90 -4.47 -2.40
C PRO A 99 7.57 -4.76 -1.71
N ILE A 100 6.54 -5.11 -2.50
CA ILE A 100 5.19 -5.39 -2.00
C ILE A 100 4.89 -6.89 -1.86
N LYS A 101 4.23 -7.26 -0.76
CA LYS A 101 3.61 -8.58 -0.56
C LYS A 101 2.10 -8.45 -0.24
N LEU A 102 1.33 -9.49 -0.57
CA LEU A 102 -0.13 -9.56 -0.39
C LEU A 102 -0.39 -10.21 0.97
N VAL A 103 -0.85 -9.43 1.96
CA VAL A 103 -0.74 -9.79 3.38
C VAL A 103 -2.03 -10.32 4.02
N SER A 104 -3.20 -9.87 3.54
CA SER A 104 -4.51 -10.32 4.01
C SER A 104 -5.60 -9.81 3.04
N TYR A 105 -6.84 -10.25 3.25
CA TYR A 105 -7.97 -9.97 2.38
C TYR A 105 -9.29 -9.92 3.18
N ASP A 106 -10.36 -9.35 2.61
CA ASP A 106 -11.74 -9.68 3.00
C ASP A 106 -12.60 -9.83 1.75
N THR A 107 -12.95 -11.08 1.42
CA THR A 107 -13.79 -11.45 0.27
C THR A 107 -15.24 -10.98 0.41
N VAL A 108 -15.68 -10.51 1.59
CA VAL A 108 -17.01 -9.92 1.77
C VAL A 108 -17.02 -8.42 1.37
N LYS A 109 -15.97 -7.68 1.74
CA LYS A 109 -15.81 -6.25 1.35
C LYS A 109 -15.18 -6.05 -0.04
N ASP A 110 -14.59 -7.11 -0.60
CA ASP A 110 -13.64 -7.07 -1.72
C ASP A 110 -12.42 -6.18 -1.39
N TYR A 111 -11.95 -6.21 -0.14
CA TYR A 111 -10.75 -5.50 0.32
C TYR A 111 -9.48 -6.34 0.13
N ALA A 112 -8.39 -5.71 -0.34
CA ALA A 112 -7.11 -6.35 -0.61
C ALA A 112 -5.98 -5.64 0.16
N TYR A 113 -5.31 -6.33 1.09
CA TYR A 113 -4.27 -5.73 1.93
C TYR A 113 -2.85 -6.03 1.42
N ILE A 114 -2.06 -4.97 1.24
CA ILE A 114 -0.65 -5.00 0.84
C ILE A 114 0.26 -4.49 1.97
N ARG A 115 1.49 -4.99 2.01
CA ARG A 115 2.52 -4.62 3.00
C ARG A 115 3.88 -4.44 2.32
N PHE A 116 4.67 -3.48 2.78
CA PHE A 116 5.99 -3.13 2.24
C PHE A 116 6.83 -2.29 3.19
N SER A 117 8.16 -2.28 3.00
CA SER A 117 9.08 -1.37 3.69
C SER A 117 9.31 -0.09 2.86
N VAL A 118 9.44 1.07 3.52
CA VAL A 118 9.52 2.39 2.85
C VAL A 118 10.97 2.81 2.52
N SER A 119 11.12 3.79 1.62
CA SER A 119 12.32 4.63 1.58
C SER A 119 12.29 5.61 2.77
N ASN A 120 13.28 5.54 3.67
CA ASN A 120 13.17 6.17 4.99
C ASN A 120 13.07 7.71 4.93
N GLY A 121 12.09 8.27 5.66
CA GLY A 121 11.82 9.71 5.71
C GLY A 121 10.98 10.23 4.53
N THR A 122 10.26 9.34 3.83
CA THR A 122 9.45 9.67 2.64
C THR A 122 8.34 10.67 2.94
N LYS A 123 8.20 11.66 2.05
CA LYS A 123 7.08 12.61 1.98
C LYS A 123 6.06 12.22 0.89
N ALA A 124 6.47 11.40 -0.07
CA ALA A 124 5.67 10.92 -1.21
C ALA A 124 6.32 9.72 -1.90
N VAL A 125 5.51 8.85 -2.50
CA VAL A 125 5.94 7.64 -3.23
C VAL A 125 5.18 7.51 -4.57
N LYS A 126 5.75 6.81 -5.55
CA LYS A 126 5.14 6.55 -6.86
C LYS A 126 4.44 5.19 -6.88
N ILE A 127 3.13 5.18 -7.12
CA ILE A 127 2.30 4.00 -7.29
C ILE A 127 2.11 3.74 -8.79
N VAL A 128 2.15 2.47 -9.18
CA VAL A 128 2.04 1.98 -10.56
C VAL A 128 1.01 0.85 -10.55
N SER A 129 -0.05 0.90 -11.38
CA SER A 129 -1.19 -0.04 -11.27
C SER A 129 -2.09 -0.08 -12.50
N SER A 130 -2.74 -1.23 -12.73
CA SER A 130 -3.73 -1.44 -13.80
C SER A 130 -5.13 -1.69 -13.20
N THR A 131 -6.14 -0.96 -13.68
CA THR A 131 -7.53 -1.00 -13.20
C THR A 131 -8.49 -1.29 -14.36
N HIS A 132 -9.35 -2.28 -14.17
CA HIS A 132 -10.24 -2.80 -15.21
C HIS A 132 -11.68 -2.89 -14.68
N PHE A 133 -12.51 -1.92 -15.08
CA PHE A 133 -13.86 -1.70 -14.56
C PHE A 133 -14.86 -1.63 -15.72
N ASN A 134 -15.89 -2.48 -15.72
CA ASN A 134 -16.84 -2.61 -16.84
C ASN A 134 -16.07 -2.80 -18.17
N ASN A 135 -16.44 -2.10 -19.25
CA ASN A 135 -15.81 -2.17 -20.58
C ASN A 135 -14.40 -1.52 -20.67
N LYS A 136 -13.91 -0.87 -19.61
CA LYS A 136 -12.70 -0.04 -19.63
C LYS A 136 -11.42 -0.81 -19.24
N GLU A 137 -10.27 -0.40 -19.81
CA GLU A 137 -8.93 -0.86 -19.43
C GLU A 137 -8.05 0.37 -19.18
N GLU A 138 -7.59 0.59 -17.94
CA GLU A 138 -6.76 1.73 -17.53
C GLU A 138 -5.46 1.26 -16.86
N LYS A 139 -4.36 2.00 -17.08
CA LYS A 139 -3.03 1.66 -16.57
C LYS A 139 -2.15 2.89 -16.31
N TYR A 140 -1.74 3.08 -15.05
CA TYR A 140 -0.88 4.20 -14.63
C TYR A 140 0.62 3.87 -14.78
N ASP A 141 1.44 4.87 -15.09
CA ASP A 141 2.91 4.78 -14.95
C ASP A 141 3.49 5.66 -13.84
N TYR A 142 2.70 6.60 -13.30
CA TYR A 142 3.10 7.52 -12.21
C TYR A 142 1.91 8.22 -11.52
N THR A 143 1.19 7.51 -10.63
CA THR A 143 0.24 8.12 -9.69
C THR A 143 0.97 8.27 -8.36
N LEU A 144 1.05 9.48 -7.81
CA LEU A 144 1.78 9.75 -6.57
C LEU A 144 0.85 9.60 -5.37
N MET A 145 1.30 8.90 -4.33
CA MET A 145 0.74 9.01 -2.98
C MET A 145 1.63 9.96 -2.16
N GLU A 146 1.03 10.97 -1.55
CA GLU A 146 1.67 12.03 -0.78
C GLU A 146 1.14 12.03 0.65
N PHE A 147 2.03 12.28 1.63
CA PHE A 147 1.84 11.93 3.03
C PHE A 147 0.77 12.72 3.80
N ALA A 148 0.48 12.27 5.02
CA ALA A 148 -0.07 13.11 6.10
C ALA A 148 1.00 13.52 7.16
N GLN A 149 2.04 12.70 7.36
CA GLN A 149 3.17 12.86 8.28
C GLN A 149 4.36 12.04 7.73
N PRO A 150 5.63 12.35 8.06
CA PRO A 150 6.81 11.65 7.53
C PRO A 150 6.92 10.22 8.07
N ILE A 151 7.24 9.27 7.20
CA ILE A 151 7.30 7.83 7.54
C ILE A 151 8.74 7.42 7.88
N TYR A 152 9.00 7.26 9.17
CA TYR A 152 10.30 6.87 9.77
C TYR A 152 10.11 6.34 11.21
N ASN A 153 11.12 5.69 11.78
CA ASN A 153 11.05 5.03 13.10
C ASN A 153 12.13 5.48 14.11
N SER A 154 13.39 5.64 13.68
CA SER A 154 14.54 6.01 14.53
C SER A 154 14.76 5.04 15.72
N ALA A 155 15.20 3.82 15.42
CA ALA A 155 15.77 2.90 16.43
C ALA A 155 17.25 3.24 16.76
N ASP A 156 17.96 3.87 15.82
CA ASP A 156 19.40 4.17 15.89
C ASP A 156 19.78 5.21 16.95
N LYS A 157 18.82 5.96 17.50
CA LYS A 157 19.04 6.86 18.64
C LYS A 157 19.13 6.13 20.00
N PHE A 158 18.97 4.81 20.04
CA PHE A 158 19.05 3.98 21.24
C PHE A 158 20.29 3.06 21.19
N LYS A 159 21.10 3.10 22.25
CA LYS A 159 22.26 2.21 22.47
C LYS A 159 22.61 2.04 23.96
N THR A 160 22.41 3.10 24.77
CA THR A 160 22.27 3.03 26.24
C THR A 160 21.31 4.14 26.65
N GLU A 161 20.16 3.76 27.19
CA GLU A 161 19.19 4.63 27.85
C GLU A 161 18.83 4.02 29.22
N GLU A 162 18.58 4.87 30.22
CA GLU A 162 18.56 4.48 31.64
C GLU A 162 17.38 5.10 32.42
N ASP A 163 16.86 4.37 33.40
CA ASP A 163 15.70 4.75 34.24
C ASP A 163 15.76 4.21 35.67
N LEU A 16 5.67 -9.71 -14.99
CA LEU A 16 4.47 -9.51 -14.17
C LEU A 16 4.80 -9.49 -12.69
N ASN A 17 4.34 -8.46 -11.96
CA ASN A 17 4.46 -8.38 -10.50
C ASN A 17 3.52 -9.38 -9.81
N GLN A 18 2.23 -9.30 -10.17
CA GLN A 18 1.06 -9.96 -9.57
C GLN A 18 -0.20 -9.40 -10.25
N GLU A 19 -1.32 -10.12 -10.18
CA GLU A 19 -2.66 -9.57 -10.36
C GLU A 19 -3.50 -9.83 -9.11
N LEU A 20 -3.61 -8.81 -8.24
CA LEU A 20 -4.41 -8.82 -7.02
C LEU A 20 -5.85 -9.29 -7.27
N ARG A 21 -6.40 -8.97 -8.45
CA ARG A 21 -7.69 -9.48 -8.94
C ARG A 21 -7.81 -11.01 -8.83
N GLU A 22 -6.81 -11.76 -9.28
CA GLU A 22 -6.82 -13.22 -9.22
C GLU A 22 -6.56 -13.67 -7.79
N ALA A 23 -5.64 -12.97 -7.11
CA ALA A 23 -5.22 -13.28 -5.75
C ALA A 23 -6.37 -13.22 -4.73
N ILE A 24 -7.38 -12.35 -4.90
CA ILE A 24 -8.48 -12.21 -3.92
C ILE A 24 -9.51 -13.33 -3.98
N LYS A 25 -9.43 -14.22 -4.98
CA LYS A 25 -10.26 -15.42 -5.09
C LYS A 25 -9.84 -16.52 -4.11
N ASN A 26 -8.57 -16.55 -3.69
CA ASN A 26 -7.99 -17.65 -2.91
C ASN A 26 -8.53 -17.68 -1.46
N PRO A 27 -9.19 -18.77 -1.02
CA PRO A 27 -9.80 -18.85 0.30
C PRO A 27 -8.82 -19.15 1.44
N ALA A 28 -7.59 -19.60 1.15
CA ALA A 28 -6.60 -19.95 2.19
C ALA A 28 -6.09 -18.73 2.99
N ILE A 29 -6.29 -17.52 2.46
CA ILE A 29 -5.92 -16.23 3.07
C ILE A 29 -7.12 -15.32 3.37
N LYS A 30 -8.36 -15.84 3.30
CA LYS A 30 -9.56 -15.14 3.78
C LYS A 30 -9.66 -15.11 5.32
N ASP A 31 -10.48 -14.21 5.88
CA ASP A 31 -11.08 -14.28 7.23
C ASP A 31 -10.09 -14.02 8.40
N LYS A 32 -9.25 -12.98 8.31
CA LYS A 32 -8.30 -12.59 9.37
C LYS A 32 -8.38 -11.10 9.79
N ASP A 33 -8.06 -10.80 11.05
CA ASP A 33 -7.89 -9.44 11.59
C ASP A 33 -6.50 -8.86 11.24
N HIS A 34 -6.36 -7.52 11.31
CA HIS A 34 -5.17 -6.79 10.86
C HIS A 34 -4.94 -5.50 11.69
N SER A 35 -4.61 -5.63 12.98
CA SER A 35 -4.29 -4.51 13.89
C SER A 35 -3.24 -4.90 14.95
N ALA A 36 -1.95 -4.67 14.66
CA ALA A 36 -0.81 -4.97 15.55
C ALA A 36 -0.41 -3.78 16.44
N PRO A 37 -0.16 -4.02 17.76
CA PRO A 37 0.36 -3.01 18.70
C PRO A 37 1.69 -2.35 18.30
N ASN A 38 2.63 -3.07 17.67
CA ASN A 38 3.93 -2.54 17.19
C ASN A 38 3.80 -1.56 15.99
N SER A 39 2.58 -1.13 15.68
CA SER A 39 2.25 -0.34 14.49
C SER A 39 1.17 0.71 14.81
N ARG A 40 1.22 1.90 14.18
CA ARG A 40 0.24 2.99 14.37
C ARG A 40 -0.52 3.40 13.09
N PRO A 41 -1.76 3.89 13.19
CA PRO A 41 -2.60 4.23 12.05
C PRO A 41 -2.13 5.50 11.31
N ILE A 42 -2.45 5.57 10.01
CA ILE A 42 -2.13 6.66 9.06
C ILE A 42 -3.17 6.71 7.91
N ASP A 43 -3.05 7.66 6.98
CA ASP A 43 -3.75 7.74 5.67
C ASP A 43 -2.91 8.57 4.65
N PHE A 44 -3.42 8.80 3.44
CA PHE A 44 -2.69 9.53 2.37
C PHE A 44 -3.60 10.39 1.46
N GLU A 45 -2.99 11.09 0.50
CA GLU A 45 -3.60 11.82 -0.62
C GLU A 45 -2.92 11.31 -1.93
N MET A 46 -3.53 11.41 -3.12
CA MET A 46 -2.95 10.82 -4.35
C MET A 46 -3.46 11.42 -5.67
N LYS A 47 -2.54 11.61 -6.62
CA LYS A 47 -2.76 12.34 -7.87
C LYS A 47 -1.64 12.18 -8.91
N LYS A 48 -1.90 12.39 -10.21
CA LYS A 48 -0.84 12.45 -11.26
C LYS A 48 -0.81 13.73 -12.11
N LYS A 49 0.24 13.87 -12.93
CA LYS A 49 0.55 15.06 -13.74
C LYS A 49 -0.58 15.45 -14.73
N ASP A 50 -1.34 14.47 -15.25
CA ASP A 50 -2.50 14.67 -16.15
C ASP A 50 -3.80 15.11 -15.42
N GLY A 51 -3.74 15.37 -14.10
CA GLY A 51 -4.87 15.86 -13.31
C GLY A 51 -5.74 14.76 -12.70
N THR A 52 -5.39 13.48 -12.89
CA THR A 52 -6.10 12.32 -12.34
C THR A 52 -5.83 12.24 -10.83
N GLN A 53 -6.80 12.60 -10.00
CA GLN A 53 -6.80 12.33 -8.57
C GLN A 53 -7.67 11.11 -8.28
N GLN A 54 -7.17 10.20 -7.44
CA GLN A 54 -7.82 8.93 -7.15
C GLN A 54 -8.70 9.13 -5.90
N PHE A 55 -9.99 9.40 -6.12
CA PHE A 55 -10.86 10.03 -5.12
C PHE A 55 -12.36 9.76 -5.33
N TYR A 56 -12.80 9.38 -6.54
CA TYR A 56 -14.23 9.32 -6.91
C TYR A 56 -14.80 7.89 -7.00
N HIS A 57 -13.97 6.90 -7.35
CA HIS A 57 -14.32 5.48 -7.33
C HIS A 57 -13.82 4.83 -6.02
N TYR A 58 -14.71 4.30 -5.18
CA TYR A 58 -14.40 3.91 -3.80
C TYR A 58 -13.30 2.83 -3.70
N ALA A 59 -13.27 1.89 -4.65
CA ALA A 59 -12.19 0.89 -4.78
C ALA A 59 -10.82 1.50 -5.10
N SER A 60 -10.78 2.59 -5.89
CA SER A 60 -9.54 3.23 -6.34
C SER A 60 -9.10 4.40 -5.42
N SER A 61 -10.02 4.96 -4.63
CA SER A 61 -9.80 6.13 -3.77
C SER A 61 -8.83 5.89 -2.60
N VAL A 62 -8.21 6.96 -2.09
CA VAL A 62 -7.20 6.94 -1.02
C VAL A 62 -7.71 6.40 0.32
N LYS A 63 -6.85 5.66 1.03
CA LYS A 63 -7.23 4.76 2.15
C LYS A 63 -6.50 5.07 3.49
N PRO A 64 -7.08 4.65 4.63
CA PRO A 64 -6.35 4.49 5.88
C PRO A 64 -5.38 3.29 5.80
N ALA A 65 -4.31 3.35 6.58
CA ALA A 65 -3.21 2.38 6.58
C ALA A 65 -2.50 2.31 7.96
N ARG A 66 -1.37 1.60 8.05
CA ARG A 66 -0.63 1.42 9.32
C ARG A 66 0.89 1.41 9.14
N VAL A 67 1.57 2.19 9.97
CA VAL A 67 3.03 2.30 10.04
C VAL A 67 3.59 1.32 11.07
N ILE A 68 4.29 0.29 10.59
CA ILE A 68 5.01 -0.73 11.38
C ILE A 68 6.43 -0.28 11.78
N PHE A 69 6.67 -0.29 13.10
CA PHE A 69 7.93 0.16 13.70
C PHE A 69 9.02 -0.90 13.54
N THR A 70 9.78 -0.76 12.44
CA THR A 70 10.75 -1.73 11.92
C THR A 70 12.18 -1.17 12.10
N ASP A 71 13.15 -1.79 11.44
CA ASP A 71 14.58 -1.48 11.45
C ASP A 71 14.92 -0.20 10.63
N SER A 72 16.15 -0.08 10.12
CA SER A 72 16.60 1.06 9.28
C SER A 72 15.76 1.32 8.01
N LYS A 73 14.91 0.36 7.62
CA LYS A 73 13.77 0.58 6.73
C LYS A 73 12.46 0.40 7.53
N PRO A 74 11.60 1.43 7.70
CA PRO A 74 10.24 1.22 8.21
C PRO A 74 9.42 0.37 7.21
N GLU A 75 8.36 -0.27 7.69
CA GLU A 75 7.46 -1.10 6.88
C GLU A 75 6.04 -0.62 7.13
N ILE A 76 5.18 -0.61 6.12
CA ILE A 76 3.79 -0.16 6.28
C ILE A 76 2.82 -1.15 5.63
N GLU A 77 1.59 -1.22 6.14
CA GLU A 77 0.53 -2.10 5.63
C GLU A 77 -0.74 -1.31 5.29
N LEU A 78 -1.23 -1.53 4.06
CA LEU A 78 -2.40 -0.86 3.48
C LEU A 78 -3.53 -1.89 3.27
N GLY A 79 -4.78 -1.42 3.33
CA GLY A 79 -5.96 -2.16 2.88
C GLY A 79 -6.50 -1.58 1.58
N LEU A 80 -6.54 -2.39 0.53
CA LEU A 80 -7.30 -2.13 -0.70
C LEU A 80 -8.75 -2.59 -0.49
N GLN A 81 -9.67 -2.19 -1.37
CA GLN A 81 -11.07 -2.60 -1.29
C GLN A 81 -11.62 -2.82 -2.71
N SER A 82 -12.49 -3.83 -2.86
CA SER A 82 -13.00 -4.33 -4.14
C SER A 82 -11.87 -4.71 -5.11
N GLY A 83 -11.00 -5.65 -4.70
CA GLY A 83 -9.87 -6.13 -5.51
C GLY A 83 -10.28 -6.78 -6.82
N GLN A 84 -11.54 -7.22 -6.93
CA GLN A 84 -12.19 -7.64 -8.18
C GLN A 84 -12.35 -6.53 -9.23
N PHE A 85 -12.07 -5.26 -8.90
CA PHE A 85 -12.00 -4.13 -9.83
C PHE A 85 -10.54 -3.68 -10.11
N TRP A 86 -9.59 -4.10 -9.28
CA TRP A 86 -8.14 -3.91 -9.47
C TRP A 86 -7.54 -4.93 -10.46
N ARG A 87 -6.23 -4.82 -10.73
CA ARG A 87 -5.35 -5.89 -11.22
C ARG A 87 -3.88 -5.61 -10.80
N LYS A 88 -2.94 -5.48 -11.73
CA LYS A 88 -1.50 -5.29 -11.51
C LYS A 88 -1.13 -3.95 -10.84
N PHE A 89 0.00 -3.92 -10.12
CA PHE A 89 0.64 -2.71 -9.54
C PHE A 89 2.05 -2.97 -8.99
N GLU A 90 2.80 -1.88 -8.79
CA GLU A 90 4.11 -1.82 -8.12
C GLU A 90 4.35 -0.41 -7.54
N VAL A 91 5.27 -0.30 -6.58
CA VAL A 91 5.49 0.88 -5.74
C VAL A 91 7.00 1.15 -5.59
N TYR A 92 7.43 2.41 -5.77
CA TYR A 92 8.82 2.83 -5.52
C TYR A 92 8.99 4.32 -5.14
N GLU A 93 10.13 4.66 -4.55
CA GLU A 93 10.48 6.01 -4.09
C GLU A 93 11.93 6.29 -4.49
N GLY A 94 12.12 7.08 -5.55
CA GLY A 94 13.45 7.39 -6.09
C GLY A 94 14.07 6.20 -6.81
N ASP A 95 15.14 5.64 -6.24
CA ASP A 95 15.72 4.34 -6.60
C ASP A 95 15.23 3.19 -5.70
N LYS A 96 14.68 3.50 -4.51
CA LYS A 96 14.24 2.50 -3.53
C LYS A 96 12.89 1.89 -3.96
N LYS A 97 12.90 0.64 -4.41
CA LYS A 97 11.68 -0.14 -4.70
C LYS A 97 11.04 -0.67 -3.39
N LEU A 98 9.73 -0.48 -3.23
CA LEU A 98 8.96 -0.89 -2.03
C LEU A 98 8.31 -2.26 -2.31
N PRO A 99 8.82 -3.37 -1.73
CA PRO A 99 8.41 -4.71 -2.16
C PRO A 99 7.04 -5.08 -1.56
N ILE A 100 6.08 -5.41 -2.42
CA ILE A 100 4.70 -5.72 -2.02
C ILE A 100 4.48 -7.21 -1.71
N LYS A 101 3.97 -7.50 -0.51
CA LYS A 101 3.36 -8.79 -0.17
C LYS A 101 1.83 -8.66 -0.18
N LEU A 102 1.11 -9.69 -0.64
CA LEU A 102 -0.35 -9.76 -0.66
C LEU A 102 -0.79 -10.72 0.46
N VAL A 103 -1.40 -10.18 1.52
CA VAL A 103 -1.27 -10.80 2.86
C VAL A 103 -2.53 -11.57 3.30
N SER A 104 -3.72 -10.98 3.30
CA SER A 104 -4.97 -11.64 3.70
C SER A 104 -6.17 -10.72 3.44
N TYR A 105 -7.36 -11.31 3.34
CA TYR A 105 -8.51 -10.65 2.71
C TYR A 105 -9.85 -10.92 3.40
N ASP A 106 -10.81 -10.02 3.18
CA ASP A 106 -12.18 -10.09 3.67
C ASP A 106 -13.11 -10.02 2.45
N THR A 107 -13.78 -11.12 2.17
CA THR A 107 -14.77 -11.21 1.07
C THR A 107 -16.07 -10.44 1.35
N VAL A 108 -16.39 -10.13 2.61
CA VAL A 108 -17.66 -9.50 3.03
C VAL A 108 -17.56 -7.98 2.95
N LYS A 109 -16.48 -7.40 3.50
CA LYS A 109 -16.18 -5.97 3.39
C LYS A 109 -15.49 -5.61 2.06
N ASP A 110 -15.16 -6.63 1.25
CA ASP A 110 -14.37 -6.57 0.01
C ASP A 110 -12.94 -6.05 0.22
N TYR A 111 -12.41 -6.11 1.45
CA TYR A 111 -11.07 -5.61 1.78
C TYR A 111 -9.96 -6.62 1.42
N ALA A 112 -8.77 -6.12 1.07
CA ALA A 112 -7.59 -6.94 0.75
C ALA A 112 -6.30 -6.24 1.22
N TYR A 113 -5.57 -6.88 2.14
CA TYR A 113 -4.43 -6.27 2.82
C TYR A 113 -3.07 -6.60 2.17
N ILE A 114 -2.20 -5.58 2.09
CA ILE A 114 -0.83 -5.64 1.54
C ILE A 114 0.18 -4.98 2.48
N ARG A 115 1.47 -5.30 2.34
CA ARG A 115 2.55 -4.80 3.21
C ARG A 115 3.86 -4.57 2.43
N PHE A 116 4.64 -3.53 2.77
CA PHE A 116 5.87 -3.15 2.06
C PHE A 116 6.83 -2.24 2.84
N SER A 117 8.14 -2.40 2.62
CA SER A 117 9.22 -1.66 3.31
C SER A 117 9.67 -0.39 2.56
N VAL A 118 9.73 0.75 3.26
CA VAL A 118 9.81 2.13 2.74
C VAL A 118 11.15 2.78 3.10
N SER A 119 11.62 3.72 2.28
CA SER A 119 12.79 4.57 2.53
C SER A 119 12.56 5.51 3.73
N ASN A 120 13.49 5.53 4.68
CA ASN A 120 13.25 6.18 5.97
C ASN A 120 13.11 7.71 5.87
N GLY A 121 12.01 8.25 6.44
CA GLY A 121 11.66 9.67 6.45
C GLY A 121 10.86 10.12 5.22
N THR A 122 10.14 9.20 4.55
CA THR A 122 9.42 9.44 3.30
C THR A 122 8.20 10.35 3.46
N LYS A 123 7.96 11.18 2.44
CA LYS A 123 6.98 12.26 2.37
C LYS A 123 5.95 12.08 1.23
N ALA A 124 6.37 11.39 0.16
CA ALA A 124 5.60 11.12 -1.06
C ALA A 124 6.22 9.98 -1.87
N VAL A 125 5.40 9.18 -2.57
CA VAL A 125 5.78 7.89 -3.18
C VAL A 125 5.18 7.75 -4.58
N LYS A 126 5.91 7.10 -5.50
CA LYS A 126 5.49 6.89 -6.89
C LYS A 126 4.81 5.52 -7.03
N ILE A 127 3.48 5.54 -7.21
CA ILE A 127 2.64 4.35 -7.41
C ILE A 127 2.44 4.14 -8.92
N VAL A 128 2.57 2.90 -9.37
CA VAL A 128 2.24 2.48 -10.74
C VAL A 128 1.21 1.36 -10.63
N SER A 129 0.06 1.48 -11.31
CA SER A 129 -1.09 0.61 -11.07
C SER A 129 -1.96 0.40 -12.31
N SER A 130 -2.92 -0.53 -12.21
CA SER A 130 -3.82 -1.00 -13.26
C SER A 130 -5.12 -1.55 -12.65
N THR A 131 -6.26 -1.19 -13.27
CA THR A 131 -7.63 -1.43 -12.81
C THR A 131 -8.54 -1.68 -14.00
N HIS A 132 -9.70 -2.31 -13.77
CA HIS A 132 -10.72 -2.59 -14.78
C HIS A 132 -12.08 -2.80 -14.10
N PHE A 133 -13.05 -1.95 -14.45
CA PHE A 133 -14.40 -1.91 -13.90
C PHE A 133 -15.31 -1.11 -14.84
N ASN A 134 -16.60 -1.45 -14.89
CA ASN A 134 -17.47 -1.12 -16.03
C ASN A 134 -16.81 -1.61 -17.34
N ASN A 135 -16.82 -0.83 -18.42
CA ASN A 135 -16.22 -1.23 -19.70
C ASN A 135 -14.72 -0.92 -19.81
N LYS A 136 -14.24 0.17 -19.19
CA LYS A 136 -12.89 0.69 -19.40
C LYS A 136 -11.83 0.08 -18.45
N GLU A 137 -10.66 -0.21 -19.02
CA GLU A 137 -9.41 -0.48 -18.32
C GLU A 137 -8.68 0.84 -18.01
N GLU A 138 -8.23 1.03 -16.78
CA GLU A 138 -7.57 2.24 -16.28
C GLU A 138 -6.20 1.91 -15.69
N LYS A 139 -5.13 2.49 -16.25
CA LYS A 139 -3.73 2.11 -16.02
C LYS A 139 -2.78 3.32 -16.09
N TYR A 140 -1.74 3.32 -15.25
CA TYR A 140 -0.86 4.48 -15.02
C TYR A 140 0.62 4.22 -15.37
N ASP A 141 1.37 5.28 -15.69
CA ASP A 141 2.83 5.30 -15.85
C ASP A 141 3.53 5.98 -14.64
N TYR A 142 2.82 6.86 -13.94
CA TYR A 142 3.23 7.61 -12.75
C TYR A 142 1.99 8.11 -11.99
N THR A 143 1.94 7.85 -10.68
CA THR A 143 0.89 8.35 -9.78
C THR A 143 1.53 8.70 -8.44
N LEU A 144 1.57 9.98 -8.09
CA LEU A 144 2.17 10.46 -6.84
C LEU A 144 1.18 10.32 -5.67
N MET A 145 1.47 9.43 -4.73
CA MET A 145 0.90 9.48 -3.37
C MET A 145 1.68 10.47 -2.52
N GLU A 146 0.96 11.21 -1.69
CA GLU A 146 1.47 12.19 -0.73
C GLU A 146 0.96 11.85 0.67
N PHE A 147 1.79 12.07 1.70
CA PHE A 147 1.55 11.62 3.06
C PHE A 147 0.45 12.37 3.84
N ALA A 148 -0.07 11.74 4.90
CA ALA A 148 -0.72 12.43 6.01
C ALA A 148 0.25 12.83 7.14
N GLN A 149 1.30 12.02 7.37
CA GLN A 149 2.26 12.05 8.47
C GLN A 149 3.59 11.40 7.96
N PRO A 150 4.77 11.70 8.53
CA PRO A 150 6.05 11.17 8.04
C PRO A 150 6.16 9.65 8.20
N ILE A 151 6.69 8.97 7.17
CA ILE A 151 7.01 7.53 7.23
C ILE A 151 8.44 7.37 7.77
N TYR A 152 8.57 7.50 9.10
CA TYR A 152 9.84 7.51 9.83
C TYR A 152 9.84 6.48 10.98
N ASN A 153 10.95 5.76 11.13
CA ASN A 153 11.08 4.60 12.01
C ASN A 153 11.35 4.95 13.49
N SER A 154 12.13 6.01 13.74
CA SER A 154 12.57 6.42 15.08
C SER A 154 13.23 5.24 15.85
N ALA A 155 14.16 4.57 15.17
CA ALA A 155 14.69 3.23 15.43
C ALA A 155 15.74 3.12 16.56
N ASP A 156 16.31 4.23 17.02
CA ASP A 156 17.48 4.23 17.90
C ASP A 156 17.18 3.82 19.37
N LYS A 157 15.90 3.77 19.77
CA LYS A 157 15.47 3.64 21.17
C LYS A 157 15.24 2.17 21.60
N PHE A 158 14.88 1.30 20.64
CA PHE A 158 14.61 -0.13 20.83
C PHE A 158 15.17 -0.90 19.62
N LYS A 159 16.42 -1.37 19.76
CA LYS A 159 17.22 -2.00 18.69
C LYS A 159 17.73 -3.41 19.04
N THR A 160 18.13 -3.66 20.29
CA THR A 160 18.74 -4.90 20.85
C THR A 160 18.75 -4.82 22.37
N GLU A 161 18.15 -5.77 23.07
CA GLU A 161 18.09 -5.75 24.55
C GLU A 161 18.41 -7.12 25.18
N GLU A 162 19.39 -7.15 26.09
CA GLU A 162 19.74 -8.28 26.97
C GLU A 162 20.22 -7.74 28.34
N ASP A 163 19.53 -8.09 29.44
CA ASP A 163 19.80 -7.64 30.82
C ASP A 163 20.07 -8.80 31.80
N LEU A 16 5.71 -6.90 -12.71
CA LEU A 16 4.48 -7.42 -12.08
C LEU A 16 4.76 -7.87 -10.65
N ASN A 17 4.45 -7.06 -9.64
CA ASN A 17 4.66 -7.43 -8.23
C ASN A 17 3.66 -8.48 -7.72
N GLN A 18 2.37 -8.23 -7.90
CA GLN A 18 1.27 -9.05 -7.38
C GLN A 18 0.02 -8.88 -8.25
N GLU A 19 -0.74 -9.95 -8.50
CA GLU A 19 -1.99 -9.91 -9.27
C GLU A 19 -3.21 -9.86 -8.33
N LEU A 20 -3.55 -8.63 -7.96
CA LEU A 20 -4.59 -8.23 -7.01
C LEU A 20 -5.95 -8.88 -7.36
N ARG A 21 -6.35 -8.83 -8.64
CA ARG A 21 -7.64 -9.35 -9.11
C ARG A 21 -7.83 -10.84 -8.79
N GLU A 22 -6.78 -11.66 -8.95
CA GLU A 22 -6.86 -13.11 -8.73
C GLU A 22 -6.63 -13.47 -7.26
N ALA A 23 -6.00 -12.57 -6.50
CA ALA A 23 -5.76 -12.76 -5.07
C ALA A 23 -7.06 -12.74 -4.24
N ILE A 24 -8.16 -12.14 -4.72
CA ILE A 24 -9.41 -12.09 -3.92
C ILE A 24 -10.09 -13.44 -3.72
N LYS A 25 -9.61 -14.49 -4.38
CA LYS A 25 -10.08 -15.87 -4.25
C LYS A 25 -9.14 -16.75 -3.41
N ASN A 26 -7.86 -16.38 -3.26
CA ASN A 26 -6.77 -17.26 -2.84
C ASN A 26 -6.84 -17.64 -1.33
N PRO A 27 -7.06 -18.92 -0.97
CA PRO A 27 -7.17 -19.39 0.42
C PRO A 27 -5.99 -19.06 1.35
N ALA A 28 -4.78 -18.83 0.81
CA ALA A 28 -3.58 -18.52 1.60
C ALA A 28 -3.66 -17.16 2.33
N ILE A 29 -4.56 -16.27 1.92
CA ILE A 29 -4.83 -14.97 2.56
C ILE A 29 -6.32 -14.66 2.76
N LYS A 30 -7.22 -15.29 2.00
CA LYS A 30 -8.68 -15.13 2.11
C LYS A 30 -9.23 -15.70 3.44
N ASP A 31 -10.24 -15.02 4.00
CA ASP A 31 -10.95 -15.25 5.28
C ASP A 31 -10.13 -14.75 6.50
N LYS A 32 -9.53 -13.57 6.40
CA LYS A 32 -8.69 -12.95 7.45
C LYS A 32 -8.86 -11.42 7.58
N ASP A 33 -8.51 -10.89 8.76
CA ASP A 33 -8.24 -9.46 9.03
C ASP A 33 -6.73 -9.24 9.31
N HIS A 34 -6.33 -8.02 9.68
CA HIS A 34 -5.05 -7.79 10.35
C HIS A 34 -5.04 -6.52 11.23
N SER A 35 -4.84 -6.70 12.53
CA SER A 35 -4.33 -5.70 13.49
C SER A 35 -2.92 -6.08 14.00
N ALA A 36 -2.16 -5.12 14.57
CA ALA A 36 -0.82 -5.37 15.13
C ALA A 36 -0.42 -4.31 16.20
N PRO A 37 -0.27 -4.69 17.49
CA PRO A 37 0.15 -3.77 18.57
C PRO A 37 1.49 -3.05 18.32
N ASN A 38 2.43 -3.71 17.62
CA ASN A 38 3.72 -3.14 17.18
C ASN A 38 3.61 -2.01 16.11
N SER A 39 2.42 -1.44 15.89
CA SER A 39 2.15 -0.44 14.85
C SER A 39 1.42 0.83 15.34
N ARG A 40 1.48 1.89 14.53
CA ARG A 40 0.80 3.19 14.70
C ARG A 40 -0.03 3.53 13.44
N PRO A 41 -1.16 4.28 13.55
CA PRO A 41 -2.07 4.55 12.43
C PRO A 41 -1.60 5.70 11.53
N ILE A 42 -1.93 5.64 10.22
CA ILE A 42 -1.61 6.69 9.24
C ILE A 42 -2.62 6.75 8.07
N ASP A 43 -2.62 7.83 7.28
CA ASP A 43 -3.44 8.07 6.09
C ASP A 43 -2.61 8.71 4.96
N PHE A 44 -3.21 8.93 3.78
CA PHE A 44 -2.58 9.50 2.58
C PHE A 44 -3.62 9.93 1.51
N GLU A 45 -3.16 10.59 0.45
CA GLU A 45 -3.98 11.09 -0.67
C GLU A 45 -3.26 10.87 -2.03
N MET A 46 -4.00 10.78 -3.14
CA MET A 46 -3.47 10.48 -4.48
C MET A 46 -3.88 11.50 -5.56
N LYS A 47 -3.08 11.63 -6.63
CA LYS A 47 -3.40 12.33 -7.89
C LYS A 47 -2.41 11.99 -9.03
N LYS A 48 -2.66 12.44 -10.27
CA LYS A 48 -1.72 12.34 -11.40
C LYS A 48 -1.36 13.71 -12.02
N LYS A 49 -0.18 13.79 -12.64
CA LYS A 49 0.31 14.97 -13.37
C LYS A 49 -0.60 15.38 -14.56
N ASP A 50 -1.29 14.42 -15.19
CA ASP A 50 -2.26 14.67 -16.28
C ASP A 50 -3.66 15.15 -15.80
N GLY A 51 -3.90 15.22 -14.48
CA GLY A 51 -5.12 15.76 -13.87
C GLY A 51 -6.08 14.73 -13.25
N THR A 52 -5.71 13.45 -13.19
CA THR A 52 -6.49 12.41 -12.50
C THR A 52 -6.53 12.71 -11.00
N GLN A 53 -7.73 12.86 -10.44
CA GLN A 53 -7.92 13.00 -8.99
C GLN A 53 -8.39 11.69 -8.37
N GLN A 54 -8.08 11.51 -7.09
CA GLN A 54 -8.69 10.47 -6.25
C GLN A 54 -10.20 10.75 -6.10
N PHE A 55 -11.03 9.70 -6.16
CA PHE A 55 -12.49 9.86 -6.25
C PHE A 55 -13.26 8.76 -5.49
N TYR A 56 -14.52 9.07 -5.16
CA TYR A 56 -15.31 8.43 -4.09
C TYR A 56 -15.75 6.97 -4.34
N HIS A 57 -15.57 6.43 -5.55
CA HIS A 57 -15.74 5.00 -5.82
C HIS A 57 -14.73 4.16 -5.01
N TYR A 58 -15.18 3.04 -4.45
CA TYR A 58 -14.47 2.34 -3.36
C TYR A 58 -13.08 1.79 -3.74
N ALA A 59 -12.82 1.51 -5.03
CA ALA A 59 -11.49 1.15 -5.52
C ALA A 59 -10.49 2.32 -5.38
N SER A 60 -10.93 3.56 -5.57
CA SER A 60 -10.09 4.76 -5.55
C SER A 60 -10.17 5.56 -4.24
N SER A 61 -11.30 5.55 -3.53
CA SER A 61 -11.53 6.40 -2.34
C SER A 61 -10.57 6.11 -1.18
N VAL A 62 -10.44 7.02 -0.19
CA VAL A 62 -9.29 7.01 0.75
C VAL A 62 -9.19 5.72 1.59
N LYS A 63 -7.94 5.33 1.86
CA LYS A 63 -7.57 4.04 2.46
C LYS A 63 -7.17 4.16 3.95
N PRO A 64 -7.35 3.10 4.77
CA PRO A 64 -6.73 2.97 6.07
C PRO A 64 -5.28 2.46 5.92
N ALA A 65 -4.42 2.74 6.90
CA ALA A 65 -3.04 2.24 6.94
C ALA A 65 -2.43 2.20 8.35
N ARG A 66 -1.40 1.34 8.49
CA ARG A 66 -0.59 1.12 9.69
C ARG A 66 0.90 1.19 9.39
N VAL A 67 1.66 1.90 10.23
CA VAL A 67 3.12 1.88 10.28
C VAL A 67 3.58 0.87 11.34
N ILE A 68 4.08 -0.31 10.94
CA ILE A 68 4.77 -1.24 11.84
C ILE A 68 6.21 -0.75 12.07
N PHE A 69 6.42 -0.12 13.23
CA PHE A 69 7.73 0.37 13.62
C PHE A 69 8.61 -0.81 14.06
N THR A 70 9.65 -1.02 13.25
CA THR A 70 10.51 -2.22 13.18
C THR A 70 11.97 -1.77 13.23
N ASP A 71 12.90 -2.64 12.86
CA ASP A 71 14.33 -2.35 12.65
C ASP A 71 14.61 -1.21 11.64
N SER A 72 15.90 -0.97 11.36
CA SER A 72 16.41 0.04 10.41
C SER A 72 15.82 -0.03 8.98
N LYS A 73 15.08 -1.08 8.63
CA LYS A 73 14.08 -1.02 7.55
C LYS A 73 12.65 -1.07 8.17
N PRO A 74 11.91 0.07 8.20
CA PRO A 74 10.52 0.09 8.63
C PRO A 74 9.61 -0.64 7.63
N GLU A 75 8.41 -1.02 8.06
CA GLU A 75 7.48 -1.80 7.26
C GLU A 75 6.04 -1.32 7.53
N ILE A 76 5.25 -1.12 6.48
CA ILE A 76 3.87 -0.59 6.62
C ILE A 76 2.87 -1.46 5.88
N GLU A 77 1.60 -1.42 6.29
CA GLU A 77 0.52 -2.19 5.67
C GLU A 77 -0.74 -1.34 5.47
N LEU A 78 -1.31 -1.44 4.26
CA LEU A 78 -2.45 -0.66 3.77
C LEU A 78 -3.65 -1.60 3.53
N GLY A 79 -4.86 -1.08 3.77
CA GLY A 79 -6.12 -1.72 3.40
C GLY A 79 -6.69 -1.13 2.12
N LEU A 80 -7.38 -1.96 1.33
CA LEU A 80 -7.96 -1.61 0.03
C LEU A 80 -9.34 -2.27 -0.11
N GLN A 81 -10.33 -1.50 -0.56
CA GLN A 81 -11.65 -1.98 -0.94
C GLN A 81 -11.75 -2.13 -2.46
N SER A 82 -12.60 -3.03 -2.97
CA SER A 82 -12.82 -3.29 -4.41
C SER A 82 -11.55 -3.67 -5.20
N GLY A 83 -10.75 -4.60 -4.65
CA GLY A 83 -9.57 -5.18 -5.30
C GLY A 83 -9.86 -5.90 -6.63
N GLN A 84 -11.12 -6.25 -6.93
CA GLN A 84 -11.55 -6.80 -8.22
C GLN A 84 -11.40 -5.81 -9.40
N PHE A 85 -11.34 -4.49 -9.16
CA PHE A 85 -11.10 -3.48 -10.19
C PHE A 85 -9.60 -3.30 -10.48
N TRP A 86 -8.77 -3.48 -9.44
CA TRP A 86 -7.31 -3.45 -9.53
C TRP A 86 -6.76 -4.75 -10.16
N ARG A 87 -5.98 -4.65 -11.25
CA ARG A 87 -5.32 -5.82 -11.84
C ARG A 87 -4.00 -6.14 -11.13
N LYS A 88 -3.10 -5.15 -11.04
CA LYS A 88 -1.72 -5.24 -10.53
C LYS A 88 -1.11 -3.84 -10.36
N PHE A 89 -0.05 -3.69 -9.56
CA PHE A 89 0.62 -2.40 -9.30
C PHE A 89 2.02 -2.56 -8.69
N GLU A 90 2.84 -1.50 -8.79
CA GLU A 90 4.23 -1.43 -8.35
C GLU A 90 4.55 -0.04 -7.75
N VAL A 91 5.41 -0.02 -6.72
CA VAL A 91 5.69 1.13 -5.85
C VAL A 91 7.20 1.41 -5.73
N TYR A 92 7.60 2.66 -5.96
CA TYR A 92 8.99 3.14 -5.90
C TYR A 92 9.10 4.63 -5.54
N GLU A 93 10.21 5.04 -4.94
CA GLU A 93 10.38 6.32 -4.27
C GLU A 93 11.84 6.79 -4.33
N GLY A 94 12.11 7.96 -4.91
CA GLY A 94 13.47 8.48 -5.10
C GLY A 94 14.23 7.63 -6.10
N ASP A 95 15.24 6.90 -5.64
CA ASP A 95 15.96 5.84 -6.36
C ASP A 95 15.48 4.41 -6.01
N LYS A 96 14.77 4.23 -4.90
CA LYS A 96 14.57 2.94 -4.21
C LYS A 96 13.15 2.37 -4.34
N LYS A 97 13.00 1.04 -4.21
CA LYS A 97 11.75 0.32 -4.49
C LYS A 97 11.09 -0.30 -3.24
N LEU A 98 9.76 -0.37 -3.23
CA LEU A 98 8.94 -0.91 -2.14
C LEU A 98 8.31 -2.24 -2.62
N PRO A 99 8.91 -3.41 -2.33
CA PRO A 99 8.41 -4.69 -2.83
C PRO A 99 7.17 -5.14 -2.04
N ILE A 100 6.09 -5.44 -2.77
CA ILE A 100 4.75 -5.65 -2.20
C ILE A 100 4.48 -7.12 -1.84
N LYS A 101 4.06 -7.36 -0.61
CA LYS A 101 3.58 -8.64 -0.08
C LYS A 101 2.08 -8.58 0.27
N LEU A 102 1.37 -9.72 0.27
CA LEU A 102 -0.02 -9.85 0.73
C LEU A 102 -0.07 -10.31 2.19
N VAL A 103 -1.06 -9.87 2.98
CA VAL A 103 -1.25 -10.36 4.37
C VAL A 103 -2.64 -10.97 4.66
N SER A 104 -3.74 -10.39 4.20
CA SER A 104 -5.10 -10.79 4.60
C SER A 104 -6.14 -10.26 3.60
N TYR A 105 -7.20 -11.03 3.36
CA TYR A 105 -8.27 -10.72 2.39
C TYR A 105 -9.63 -11.23 2.93
N ASP A 106 -10.72 -10.56 2.57
CA ASP A 106 -12.07 -11.12 2.69
C ASP A 106 -12.92 -10.77 1.47
N THR A 107 -13.20 -11.81 0.68
CA THR A 107 -13.98 -11.77 -0.56
C THR A 107 -15.45 -11.39 -0.34
N VAL A 108 -15.98 -11.56 0.87
CA VAL A 108 -17.38 -11.19 1.21
C VAL A 108 -17.46 -9.72 1.65
N LYS A 109 -16.43 -9.22 2.35
CA LYS A 109 -16.34 -7.82 2.78
C LYS A 109 -15.87 -6.86 1.66
N ASP A 110 -15.37 -7.40 0.54
CA ASP A 110 -14.84 -6.70 -0.66
C ASP A 110 -13.46 -6.07 -0.40
N TYR A 111 -12.66 -6.70 0.47
CA TYR A 111 -11.48 -6.08 1.09
C TYR A 111 -10.18 -6.91 0.97
N ALA A 112 -9.05 -6.19 0.92
CA ALA A 112 -7.70 -6.71 0.71
C ALA A 112 -6.67 -5.91 1.54
N TYR A 113 -5.63 -6.59 2.04
CA TYR A 113 -4.52 -5.97 2.79
C TYR A 113 -3.15 -6.34 2.21
N ILE A 114 -2.34 -5.31 1.94
CA ILE A 114 -0.99 -5.38 1.37
C ILE A 114 0.03 -4.77 2.34
N ARG A 115 1.29 -5.22 2.29
CA ARG A 115 2.36 -4.87 3.24
C ARG A 115 3.71 -4.76 2.51
N PHE A 116 4.58 -3.85 2.91
CA PHE A 116 5.86 -3.59 2.25
C PHE A 116 6.88 -2.87 3.14
N SER A 117 8.17 -3.15 2.91
CA SER A 117 9.29 -2.50 3.58
C SER A 117 9.64 -1.16 2.90
N VAL A 118 9.78 -0.07 3.66
CA VAL A 118 9.81 1.32 3.13
C VAL A 118 11.18 1.99 3.23
N SER A 119 11.31 3.14 2.56
CA SER A 119 12.41 4.10 2.70
C SER A 119 12.29 4.94 3.99
N ASN A 120 13.44 5.25 4.60
CA ASN A 120 13.50 5.91 5.91
C ASN A 120 13.05 7.37 5.85
N GLY A 121 11.93 7.72 6.50
CA GLY A 121 11.40 9.09 6.57
C GLY A 121 10.59 9.51 5.34
N THR A 122 10.00 8.55 4.60
CA THR A 122 9.33 8.82 3.32
C THR A 122 8.04 9.64 3.49
N LYS A 123 7.77 10.51 2.51
CA LYS A 123 6.63 11.45 2.53
C LYS A 123 5.74 11.44 1.26
N ALA A 124 6.30 11.13 0.10
CA ALA A 124 5.57 11.14 -1.19
C ALA A 124 6.16 10.10 -2.16
N VAL A 125 5.30 9.38 -2.87
CA VAL A 125 5.65 8.08 -3.50
C VAL A 125 5.12 7.99 -4.93
N LYS A 126 5.92 7.44 -5.85
CA LYS A 126 5.59 7.32 -7.28
C LYS A 126 5.05 5.92 -7.63
N ILE A 127 3.78 5.88 -7.99
CA ILE A 127 2.94 4.68 -8.10
C ILE A 127 2.70 4.34 -9.58
N VAL A 128 2.85 3.08 -9.94
CA VAL A 128 2.60 2.52 -11.29
C VAL A 128 1.53 1.43 -11.13
N SER A 129 0.52 1.39 -12.01
CA SER A 129 -0.67 0.54 -11.79
C SER A 129 -1.37 0.08 -13.09
N SER A 130 -2.21 -0.94 -12.98
CA SER A 130 -3.09 -1.46 -14.03
C SER A 130 -4.48 -1.75 -13.44
N THR A 131 -5.52 -1.29 -14.15
CA THR A 131 -6.93 -1.34 -13.72
C THR A 131 -7.81 -1.80 -14.87
N HIS A 132 -8.88 -2.52 -14.58
CA HIS A 132 -9.85 -2.98 -15.57
C HIS A 132 -11.27 -2.69 -15.05
N PHE A 133 -12.11 -2.03 -15.85
CA PHE A 133 -13.49 -1.69 -15.48
C PHE A 133 -14.38 -1.56 -16.71
N ASN A 134 -15.57 -2.16 -16.62
CA ASN A 134 -16.23 -2.81 -17.75
C ASN A 134 -15.22 -3.71 -18.51
N ASN A 135 -15.20 -3.68 -19.84
CA ASN A 135 -14.33 -4.51 -20.68
C ASN A 135 -12.97 -3.84 -21.01
N LYS A 136 -12.74 -2.58 -20.62
CA LYS A 136 -11.58 -1.78 -21.02
C LYS A 136 -10.39 -1.91 -20.04
N GLU A 137 -9.18 -2.10 -20.58
CA GLU A 137 -7.93 -1.97 -19.83
C GLU A 137 -7.50 -0.50 -19.71
N GLU A 138 -7.06 -0.05 -18.53
CA GLU A 138 -6.61 1.30 -18.22
C GLU A 138 -5.37 1.23 -17.31
N LYS A 139 -4.29 1.90 -17.70
CA LYS A 139 -2.93 1.61 -17.24
C LYS A 139 -2.07 2.88 -17.05
N TYR A 140 -1.09 2.82 -16.14
CA TYR A 140 -0.24 3.94 -15.73
C TYR A 140 1.26 3.68 -15.98
N ASP A 141 2.02 4.71 -16.33
CA ASP A 141 3.50 4.80 -16.26
C ASP A 141 3.99 5.80 -15.19
N TYR A 142 3.06 6.55 -14.57
CA TYR A 142 3.28 7.49 -13.47
C TYR A 142 1.97 7.89 -12.77
N THR A 143 2.00 7.94 -11.44
CA THR A 143 0.95 8.43 -10.53
C THR A 143 1.61 8.86 -9.22
N LEU A 144 1.08 9.87 -8.53
CA LEU A 144 1.58 10.35 -7.24
C LEU A 144 0.65 9.94 -6.08
N MET A 145 1.24 9.58 -4.93
CA MET A 145 0.57 9.65 -3.63
C MET A 145 1.40 10.38 -2.55
N GLU A 146 0.72 11.13 -1.68
CA GLU A 146 1.26 12.03 -0.66
C GLU A 146 0.75 11.66 0.73
N PHE A 147 1.62 11.78 1.74
CA PHE A 147 1.38 11.46 3.15
C PHE A 147 0.30 12.28 3.89
N ALA A 148 -0.10 11.77 5.06
CA ALA A 148 -0.65 12.58 6.16
C ALA A 148 0.46 13.09 7.11
N GLN A 149 1.41 12.23 7.49
CA GLN A 149 2.60 12.52 8.33
C GLN A 149 3.75 11.60 7.85
N PRO A 150 5.04 11.90 8.16
CA PRO A 150 6.18 11.08 7.74
C PRO A 150 6.12 9.64 8.23
N ILE A 151 6.70 8.72 7.46
CA ILE A 151 6.79 7.29 7.80
C ILE A 151 8.19 6.96 8.36
N TYR A 152 8.27 6.56 9.64
CA TYR A 152 9.55 6.34 10.36
C TYR A 152 9.40 5.43 11.60
N ASN A 153 10.52 4.89 12.08
CA ASN A 153 10.58 3.96 13.22
C ASN A 153 11.27 4.55 14.47
N SER A 154 12.13 5.55 14.28
CA SER A 154 13.00 6.16 15.30
C SER A 154 14.18 5.22 15.63
N ALA A 155 15.11 5.11 14.67
CA ALA A 155 16.31 4.28 14.73
C ALA A 155 17.31 4.67 15.86
N ASP A 156 17.16 5.87 16.42
CA ASP A 156 17.74 6.30 17.69
C ASP A 156 17.37 5.37 18.88
N LYS A 157 16.28 4.60 18.73
CA LYS A 157 15.88 3.49 19.59
C LYS A 157 15.90 2.13 18.87
N PHE A 158 15.44 2.07 17.61
CA PHE A 158 15.27 0.82 16.85
C PHE A 158 16.41 0.58 15.84
N LYS A 159 17.45 -0.13 16.27
CA LYS A 159 18.56 -0.51 15.38
C LYS A 159 18.32 -1.89 14.73
N THR A 160 17.87 -2.87 15.53
CA THR A 160 17.43 -4.21 15.12
C THR A 160 16.23 -4.64 15.96
N GLU A 161 15.31 -5.41 15.39
CA GLU A 161 14.11 -5.90 16.06
C GLU A 161 13.81 -7.34 15.59
N GLU A 162 14.12 -8.31 16.45
CA GLU A 162 14.04 -9.74 16.16
C GLU A 162 12.81 -10.40 16.81
N ASP A 163 12.35 -11.52 16.24
CA ASP A 163 11.23 -12.34 16.74
C ASP A 163 11.58 -13.16 17.99
N LEU A 16 5.80 -7.30 -7.88
CA LEU A 16 6.71 -8.30 -8.52
C LEU A 16 6.28 -9.77 -8.39
N ASN A 17 5.42 -10.17 -7.44
CA ASN A 17 5.08 -11.60 -7.26
C ASN A 17 4.04 -12.08 -8.30
N GLN A 18 2.87 -11.45 -8.39
CA GLN A 18 1.75 -11.80 -9.30
C GLN A 18 0.58 -10.78 -9.18
N GLU A 19 -0.39 -10.83 -10.10
CA GLU A 19 -1.44 -9.80 -10.24
C GLU A 19 -2.39 -9.72 -9.03
N LEU A 20 -2.76 -8.48 -8.64
CA LEU A 20 -3.62 -8.14 -7.50
C LEU A 20 -4.90 -8.99 -7.47
N ARG A 21 -5.65 -9.03 -8.58
CA ARG A 21 -6.81 -9.90 -8.81
C ARG A 21 -6.59 -11.39 -8.47
N GLU A 22 -5.43 -11.94 -8.81
CA GLU A 22 -5.11 -13.36 -8.59
C GLU A 22 -4.65 -13.56 -7.14
N ALA A 23 -3.99 -12.56 -6.56
CA ALA A 23 -3.60 -12.56 -5.15
C ALA A 23 -4.80 -12.53 -4.19
N ILE A 24 -5.95 -11.95 -4.58
CA ILE A 24 -7.16 -11.94 -3.71
C ILE A 24 -7.97 -13.24 -3.78
N LYS A 25 -7.62 -14.17 -4.67
CA LYS A 25 -8.28 -15.48 -4.78
C LYS A 25 -7.93 -16.46 -3.65
N ASN A 26 -6.86 -16.20 -2.90
CA ASN A 26 -6.41 -17.03 -1.77
C ASN A 26 -7.45 -17.08 -0.62
N PRO A 27 -7.72 -18.25 -0.01
CA PRO A 27 -8.72 -18.40 1.07
C PRO A 27 -8.18 -18.01 2.46
N ALA A 28 -6.89 -18.19 2.71
CA ALA A 28 -6.32 -18.27 4.06
C ALA A 28 -6.13 -16.91 4.73
N ILE A 29 -5.95 -15.83 3.97
CA ILE A 29 -5.66 -14.49 4.52
C ILE A 29 -6.91 -13.75 5.03
N LYS A 30 -8.09 -14.32 4.89
CA LYS A 30 -9.36 -13.69 5.27
C LYS A 30 -9.58 -13.62 6.80
N ASP A 31 -10.34 -12.62 7.27
CA ASP A 31 -10.93 -12.50 8.62
C ASP A 31 -9.96 -12.12 9.76
N LYS A 32 -8.82 -11.49 9.44
CA LYS A 32 -7.77 -11.11 10.40
C LYS A 32 -7.25 -9.67 10.16
N ASP A 33 -6.84 -8.97 11.22
CA ASP A 33 -6.40 -7.57 11.19
C ASP A 33 -5.19 -7.33 12.13
N HIS A 34 -4.14 -6.66 11.66
CA HIS A 34 -2.94 -6.41 12.47
C HIS A 34 -3.05 -5.11 13.28
N SER A 35 -4.01 -5.06 14.20
CA SER A 35 -4.18 -3.99 15.19
C SER A 35 -3.54 -4.38 16.54
N ALA A 36 -2.67 -3.53 17.07
CA ALA A 36 -1.92 -3.78 18.30
C ALA A 36 -1.39 -2.47 18.93
N PRO A 37 -0.97 -2.47 20.21
CA PRO A 37 -0.06 -1.45 20.75
C PRO A 37 1.29 -1.41 20.01
N ASN A 38 1.64 -2.50 19.32
CA ASN A 38 2.79 -2.62 18.40
C ASN A 38 2.61 -1.81 17.09
N SER A 39 1.56 -1.00 16.93
CA SER A 39 1.28 -0.23 15.71
C SER A 39 0.39 1.00 15.95
N ARG A 40 0.30 1.90 14.96
CA ARG A 40 -0.71 2.98 14.88
C ARG A 40 -1.15 3.19 13.42
N PRO A 41 -2.40 3.64 13.17
CA PRO A 41 -2.91 3.94 11.84
C PRO A 41 -2.48 5.33 11.34
N ILE A 42 -2.52 5.52 10.02
CA ILE A 42 -2.45 6.83 9.34
C ILE A 42 -3.26 6.81 8.03
N ASP A 43 -3.46 7.99 7.43
CA ASP A 43 -3.96 8.18 6.06
C ASP A 43 -2.85 8.50 5.04
N PHE A 44 -3.24 8.58 3.77
CA PHE A 44 -2.45 9.05 2.65
C PHE A 44 -3.32 9.61 1.52
N GLU A 45 -2.70 10.30 0.57
CA GLU A 45 -3.26 10.83 -0.67
C GLU A 45 -2.76 9.97 -1.85
N MET A 46 -3.56 9.85 -2.91
CA MET A 46 -3.32 8.96 -4.06
C MET A 46 -4.02 9.51 -5.32
N LYS A 47 -3.25 9.93 -6.32
CA LYS A 47 -3.75 10.77 -7.42
C LYS A 47 -2.78 10.93 -8.59
N LYS A 48 -3.22 11.47 -9.75
CA LYS A 48 -2.32 12.06 -10.76
C LYS A 48 -2.65 13.54 -11.05
N LYS A 49 -1.69 14.28 -11.62
CA LYS A 49 -1.73 15.76 -11.70
C LYS A 49 -2.92 16.37 -12.47
N ASP A 50 -3.54 15.61 -13.38
CA ASP A 50 -4.74 15.98 -14.12
C ASP A 50 -6.06 15.84 -13.31
N GLY A 51 -6.00 15.34 -12.07
CA GLY A 51 -7.15 15.32 -11.14
C GLY A 51 -7.82 13.96 -10.93
N THR A 52 -7.22 12.85 -11.41
CA THR A 52 -7.67 11.47 -11.09
C THR A 52 -7.27 11.16 -9.66
N GLN A 53 -8.18 10.66 -8.83
CA GLN A 53 -7.97 10.47 -7.40
C GLN A 53 -8.58 9.12 -6.96
N GLN A 54 -7.76 8.24 -6.37
CA GLN A 54 -8.18 6.89 -5.96
C GLN A 54 -8.65 6.85 -4.49
N PHE A 55 -9.97 7.00 -4.29
CA PHE A 55 -10.67 6.80 -3.02
C PHE A 55 -12.15 6.45 -3.26
N TYR A 56 -12.89 7.27 -4.02
CA TYR A 56 -14.36 7.20 -4.12
C TYR A 56 -14.92 6.54 -5.40
N HIS A 57 -14.08 6.05 -6.32
CA HIS A 57 -14.51 5.27 -7.49
C HIS A 57 -14.52 3.75 -7.19
N TYR A 58 -15.60 3.07 -7.56
CA TYR A 58 -15.90 1.68 -7.17
C TYR A 58 -14.76 0.68 -7.47
N ALA A 59 -14.11 0.81 -8.63
CA ALA A 59 -13.02 -0.07 -9.06
C ALA A 59 -11.69 0.18 -8.35
N SER A 60 -11.53 1.29 -7.62
CA SER A 60 -10.24 1.73 -7.05
C SER A 60 -10.41 2.31 -5.64
N SER A 61 -11.34 1.75 -4.86
CA SER A 61 -12.01 2.38 -3.72
C SER A 61 -11.16 2.50 -2.42
N VAL A 62 -11.77 2.90 -1.31
CA VAL A 62 -11.17 3.59 -0.13
C VAL A 62 -10.02 2.86 0.58
N LYS A 63 -9.11 3.66 1.16
CA LYS A 63 -7.83 3.18 1.75
C LYS A 63 -7.71 3.46 3.28
N PRO A 64 -7.45 2.45 4.12
CA PRO A 64 -6.80 2.58 5.43
C PRO A 64 -5.29 2.26 5.31
N ALA A 65 -4.48 2.62 6.33
CA ALA A 65 -3.08 2.18 6.46
C ALA A 65 -2.60 2.18 7.93
N ARG A 66 -1.40 1.63 8.19
CA ARG A 66 -0.81 1.49 9.53
C ARG A 66 0.69 1.22 9.53
N VAL A 67 1.37 1.87 10.46
CA VAL A 67 2.81 1.72 10.72
C VAL A 67 2.96 0.73 11.87
N ILE A 68 3.57 -0.41 11.55
CA ILE A 68 3.88 -1.52 12.48
C ILE A 68 5.34 -1.46 12.95
N PHE A 69 5.51 -1.36 14.27
CA PHE A 69 6.77 -1.04 14.91
C PHE A 69 7.67 -2.27 14.99
N THR A 70 8.89 -2.08 14.48
CA THR A 70 9.88 -3.10 14.06
C THR A 70 11.28 -2.53 14.39
N ASP A 71 12.33 -3.03 13.75
CA ASP A 71 13.67 -2.42 13.71
C ASP A 71 13.67 -0.96 13.15
N SER A 72 14.83 -0.42 12.75
CA SER A 72 14.94 0.96 12.26
C SER A 72 14.17 1.20 10.95
N LYS A 73 13.77 0.13 10.25
CA LYS A 73 12.75 0.18 9.21
C LYS A 73 11.45 -0.48 9.75
N PRO A 74 10.39 0.29 10.10
CA PRO A 74 9.08 -0.25 10.39
C PRO A 74 8.47 -0.95 9.17
N GLU A 75 7.49 -1.82 9.44
CA GLU A 75 6.66 -2.45 8.41
C GLU A 75 5.39 -1.61 8.26
N ILE A 76 5.02 -1.22 7.05
CA ILE A 76 3.80 -0.49 6.76
C ILE A 76 2.82 -1.39 6.00
N GLU A 77 1.56 -1.38 6.44
CA GLU A 77 0.47 -2.20 5.89
C GLU A 77 -0.66 -1.27 5.42
N LEU A 78 -1.17 -1.48 4.20
CA LEU A 78 -2.13 -0.58 3.54
C LEU A 78 -3.23 -1.37 2.82
N GLY A 79 -4.48 -0.92 2.94
CA GLY A 79 -5.66 -1.60 2.37
C GLY A 79 -6.15 -0.98 1.07
N LEU A 80 -6.45 -1.81 0.07
CA LEU A 80 -7.10 -1.45 -1.19
C LEU A 80 -8.49 -2.10 -1.23
N GLN A 81 -9.56 -1.35 -1.50
CA GLN A 81 -10.91 -1.90 -1.62
C GLN A 81 -11.21 -2.31 -3.07
N SER A 82 -12.12 -3.28 -3.22
CA SER A 82 -12.58 -3.86 -4.49
C SER A 82 -11.45 -4.51 -5.31
N GLY A 83 -10.60 -5.31 -4.64
CA GLY A 83 -9.38 -5.92 -5.20
C GLY A 83 -9.56 -6.74 -6.49
N GLN A 84 -10.76 -7.24 -6.78
CA GLN A 84 -11.07 -8.00 -8.00
C GLN A 84 -11.15 -7.15 -9.31
N PHE A 85 -11.02 -5.82 -9.25
CA PHE A 85 -10.84 -4.99 -10.44
C PHE A 85 -9.36 -4.67 -10.73
N TRP A 86 -8.54 -4.48 -9.69
CA TRP A 86 -7.12 -4.13 -9.77
C TRP A 86 -6.28 -5.24 -10.45
N ARG A 87 -5.33 -4.88 -11.33
CA ARG A 87 -4.44 -5.84 -11.99
C ARG A 87 -2.95 -5.48 -11.79
N LYS A 88 -2.31 -4.76 -12.71
CA LYS A 88 -0.91 -4.33 -12.57
C LYS A 88 -0.74 -3.28 -11.45
N PHE A 89 0.35 -3.35 -10.68
CA PHE A 89 0.64 -2.44 -9.56
C PHE A 89 2.13 -2.44 -9.18
N GLU A 90 2.74 -1.27 -8.95
CA GLU A 90 4.17 -1.14 -8.59
C GLU A 90 4.46 0.21 -7.91
N VAL A 91 5.43 0.23 -6.97
CA VAL A 91 5.81 1.40 -6.13
C VAL A 91 7.31 1.71 -6.26
N TYR A 92 7.64 2.95 -6.65
CA TYR A 92 9.00 3.37 -7.01
C TYR A 92 9.33 4.81 -6.57
N GLU A 93 10.55 5.02 -6.04
CA GLU A 93 11.06 6.34 -5.67
C GLU A 93 12.60 6.42 -5.85
N GLY A 94 13.08 6.47 -7.09
CA GLY A 94 14.48 6.77 -7.42
C GLY A 94 15.42 5.62 -7.05
N ASP A 95 16.28 5.83 -6.05
CA ASP A 95 17.15 4.77 -5.52
C ASP A 95 16.38 3.78 -4.64
N LYS A 96 15.17 4.12 -4.17
CA LYS A 96 14.31 3.27 -3.34
C LYS A 96 13.14 2.67 -4.16
N LYS A 97 12.95 1.35 -4.10
CA LYS A 97 11.75 0.67 -4.62
C LYS A 97 11.12 -0.25 -3.55
N LEU A 98 9.79 -0.22 -3.42
CA LEU A 98 9.08 -0.98 -2.37
C LEU A 98 8.32 -2.17 -2.99
N PRO A 99 8.88 -3.40 -3.02
CA PRO A 99 8.17 -4.57 -3.52
C PRO A 99 7.06 -4.98 -2.55
N ILE A 100 5.82 -5.12 -3.03
CA ILE A 100 4.63 -5.25 -2.17
C ILE A 100 3.83 -6.52 -2.47
N LYS A 101 3.42 -7.21 -1.40
CA LYS A 101 2.72 -8.51 -1.44
C LYS A 101 1.51 -8.50 -0.49
N LEU A 102 0.51 -9.37 -0.70
CA LEU A 102 -0.76 -9.36 0.05
C LEU A 102 -0.64 -10.15 1.36
N VAL A 103 -1.17 -9.60 2.45
CA VAL A 103 -0.99 -10.13 3.82
C VAL A 103 -2.31 -10.48 4.53
N SER A 104 -3.40 -9.75 4.29
CA SER A 104 -4.72 -9.95 4.94
C SER A 104 -5.86 -9.45 4.06
N TYR A 105 -7.05 -10.06 4.18
CA TYR A 105 -8.28 -9.63 3.47
C TYR A 105 -9.48 -9.52 4.45
N ASP A 106 -10.26 -8.44 4.39
CA ASP A 106 -11.62 -8.38 4.94
C ASP A 106 -12.61 -8.60 3.78
N THR A 107 -13.24 -9.77 3.72
CA THR A 107 -14.26 -10.09 2.69
C THR A 107 -15.67 -9.60 3.05
N VAL A 108 -15.87 -9.04 4.24
CA VAL A 108 -17.14 -8.39 4.61
C VAL A 108 -17.17 -6.98 4.02
N LYS A 109 -16.11 -6.19 4.20
CA LYS A 109 -15.99 -4.83 3.66
C LYS A 109 -15.21 -4.73 2.33
N ASP A 110 -14.67 -5.86 1.86
CA ASP A 110 -14.05 -6.10 0.54
C ASP A 110 -12.75 -5.32 0.29
N TYR A 111 -11.93 -5.16 1.33
CA TYR A 111 -10.58 -4.58 1.22
C TYR A 111 -9.45 -5.56 1.57
N ALA A 112 -8.42 -5.57 0.71
CA ALA A 112 -7.26 -6.44 0.74
C ALA A 112 -5.99 -5.63 1.07
N TYR A 113 -5.19 -6.10 2.03
CA TYR A 113 -4.00 -5.42 2.53
C TYR A 113 -2.71 -5.90 1.86
N ILE A 114 -1.90 -4.93 1.42
CA ILE A 114 -0.50 -5.09 1.03
C ILE A 114 0.40 -4.68 2.21
N ARG A 115 1.67 -5.08 2.24
CA ARG A 115 2.64 -4.67 3.26
C ARG A 115 4.06 -4.57 2.67
N PHE A 116 4.89 -3.64 3.17
CA PHE A 116 6.36 -3.72 3.03
C PHE A 116 7.12 -2.93 4.11
N SER A 117 8.45 -3.00 4.17
CA SER A 117 9.26 -2.29 5.19
C SER A 117 9.96 -1.04 4.63
N VAL A 118 10.02 0.05 5.40
CA VAL A 118 10.57 1.35 4.94
C VAL A 118 11.20 2.11 6.12
N SER A 119 12.34 2.77 5.87
CA SER A 119 12.74 4.03 6.51
C SER A 119 13.88 4.70 5.72
N ASN A 120 13.53 5.62 4.82
CA ASN A 120 14.44 6.62 4.24
C ASN A 120 13.91 8.05 4.50
N GLY A 121 12.95 8.21 5.43
CA GLY A 121 12.21 9.47 5.65
C GLY A 121 11.19 9.73 4.53
N THR A 122 10.59 8.66 3.99
CA THR A 122 9.82 8.69 2.73
C THR A 122 8.47 9.39 2.92
N LYS A 123 8.25 10.48 2.19
CA LYS A 123 7.02 11.30 2.26
C LYS A 123 6.12 11.11 1.03
N ALA A 124 6.69 10.96 -0.17
CA ALA A 124 5.95 10.86 -1.43
C ALA A 124 6.57 9.80 -2.36
N VAL A 125 5.75 8.99 -3.05
CA VAL A 125 6.24 7.95 -3.98
C VAL A 125 5.50 7.99 -5.31
N LYS A 126 6.12 7.45 -6.37
CA LYS A 126 5.47 7.25 -7.67
C LYS A 126 4.89 5.83 -7.75
N ILE A 127 3.69 5.73 -8.29
CA ILE A 127 2.84 4.55 -8.31
C ILE A 127 2.45 4.19 -9.75
N VAL A 128 2.57 2.92 -10.07
CA VAL A 128 1.92 2.25 -11.22
C VAL A 128 0.67 1.55 -10.69
N SER A 129 -0.45 1.64 -11.39
CA SER A 129 -1.71 0.98 -11.05
C SER A 129 -2.70 0.95 -12.24
N SER A 130 -3.56 -0.07 -12.28
CA SER A 130 -4.53 -0.29 -13.35
C SER A 130 -5.68 -1.20 -12.91
N THR A 131 -6.87 -0.97 -13.48
CA THR A 131 -8.11 -1.68 -13.16
C THR A 131 -8.85 -2.12 -14.42
N HIS A 132 -9.42 -3.33 -14.42
CA HIS A 132 -10.28 -3.83 -15.50
C HIS A 132 -11.70 -4.05 -14.96
N PHE A 133 -12.65 -3.24 -15.44
CA PHE A 133 -14.06 -3.25 -15.04
C PHE A 133 -14.93 -3.07 -16.30
N ASN A 134 -16.06 -3.77 -16.37
CA ASN A 134 -16.85 -3.90 -17.59
C ASN A 134 -15.96 -4.43 -18.76
N ASN A 135 -16.12 -3.93 -19.98
CA ASN A 135 -15.32 -4.31 -21.15
C ASN A 135 -13.92 -3.63 -21.21
N LYS A 136 -13.74 -2.46 -20.58
CA LYS A 136 -12.51 -1.65 -20.66
C LYS A 136 -11.42 -2.02 -19.62
N GLU A 137 -10.16 -1.65 -19.90
CA GLU A 137 -9.10 -1.56 -18.89
C GLU A 137 -8.59 -0.12 -18.81
N GLU A 138 -8.43 0.38 -17.58
CA GLU A 138 -7.98 1.73 -17.25
C GLU A 138 -6.62 1.66 -16.55
N LYS A 139 -5.69 2.55 -16.88
CA LYS A 139 -4.30 2.52 -16.41
C LYS A 139 -3.71 3.94 -16.25
N TYR A 140 -3.20 4.24 -15.06
CA TYR A 140 -2.95 5.61 -14.64
C TYR A 140 -1.57 6.14 -15.11
N ASP A 141 -1.55 7.29 -15.78
CA ASP A 141 -0.39 7.75 -16.58
C ASP A 141 0.84 8.20 -15.77
N TYR A 142 0.61 8.81 -14.60
CA TYR A 142 1.63 9.36 -13.69
C TYR A 142 1.06 9.55 -12.28
N THR A 143 0.83 8.44 -11.58
CA THR A 143 0.22 8.42 -10.25
C THR A 143 1.26 8.64 -9.17
N LEU A 144 0.95 9.56 -8.25
CA LEU A 144 1.65 9.92 -7.03
C LEU A 144 0.89 9.40 -5.80
N MET A 145 1.64 9.02 -4.76
CA MET A 145 1.12 8.86 -3.38
C MET A 145 1.90 9.75 -2.42
N GLU A 146 1.22 10.33 -1.43
CA GLU A 146 1.83 11.13 -0.36
C GLU A 146 1.22 10.78 1.01
N PHE A 147 2.06 10.43 1.98
CA PHE A 147 1.63 9.97 3.30
C PHE A 147 1.34 11.13 4.25
N ALA A 148 0.44 10.93 5.23
CA ALA A 148 0.07 11.96 6.20
C ALA A 148 1.26 12.46 7.03
N GLN A 149 2.15 11.55 7.39
CA GLN A 149 3.46 11.80 8.00
C GLN A 149 4.46 10.81 7.36
N PRO A 150 5.76 11.14 7.26
CA PRO A 150 6.74 10.32 6.54
C PRO A 150 6.94 8.96 7.22
N ILE A 151 7.27 7.94 6.43
CA ILE A 151 7.39 6.56 6.92
C ILE A 151 8.84 6.31 7.38
N TYR A 152 9.04 6.30 8.69
CA TYR A 152 10.36 6.23 9.35
C TYR A 152 10.27 5.84 10.85
N ASN A 153 11.41 5.73 11.53
CA ASN A 153 11.52 5.40 12.95
C ASN A 153 11.86 6.62 13.83
N SER A 154 12.32 7.71 13.20
CA SER A 154 12.80 8.95 13.83
C SER A 154 14.20 8.73 14.45
N ALA A 155 15.13 8.18 13.66
CA ALA A 155 16.50 7.82 14.03
C ALA A 155 17.50 9.00 14.09
N ASP A 156 17.18 10.16 13.51
CA ASP A 156 18.15 11.24 13.26
C ASP A 156 18.62 12.01 14.52
N LYS A 157 17.98 11.84 15.69
CA LYS A 157 18.40 12.51 16.94
C LYS A 157 19.48 11.70 17.69
N PHE A 158 19.37 10.37 17.65
CA PHE A 158 20.32 9.35 18.14
C PHE A 158 19.78 7.94 17.87
N LYS A 159 20.65 7.10 17.28
CA LYS A 159 20.44 5.68 17.01
C LYS A 159 21.58 4.85 17.62
N THR A 160 22.81 5.14 17.18
CA THR A 160 24.10 4.64 17.67
C THR A 160 25.21 5.47 17.02
N GLU A 161 26.13 6.01 17.82
CA GLU A 161 27.10 7.01 17.39
C GLU A 161 28.53 6.50 17.64
N GLU A 162 29.30 6.39 16.55
CA GLU A 162 30.50 5.56 16.42
C GLU A 162 31.65 6.40 15.83
N ASP A 163 32.84 5.81 15.66
CA ASP A 163 33.99 6.50 15.04
C ASP A 163 33.94 6.56 13.51
N LEU A 16 5.39 -8.27 -8.25
CA LEU A 16 4.34 -9.26 -7.91
C LEU A 16 4.52 -10.49 -8.78
N ASN A 17 4.71 -11.67 -8.18
CA ASN A 17 4.94 -12.93 -8.93
C ASN A 17 3.67 -13.50 -9.62
N GLN A 18 2.46 -13.10 -9.21
CA GLN A 18 1.20 -13.44 -9.87
C GLN A 18 0.12 -12.38 -9.61
N GLU A 19 -0.94 -12.38 -10.42
CA GLU A 19 -1.99 -11.36 -10.40
C GLU A 19 -2.78 -11.37 -9.09
N LEU A 20 -2.81 -10.23 -8.37
CA LEU A 20 -3.43 -10.13 -7.04
C LEU A 20 -4.93 -10.50 -7.07
N ARG A 21 -5.59 -10.27 -8.21
CA ARG A 21 -6.97 -10.68 -8.49
C ARG A 21 -7.19 -12.19 -8.29
N GLU A 22 -6.26 -13.03 -8.76
CA GLU A 22 -6.34 -14.49 -8.63
C GLU A 22 -5.93 -14.90 -7.20
N ALA A 23 -5.03 -14.12 -6.58
CA ALA A 23 -4.53 -14.38 -5.24
C ALA A 23 -5.51 -14.04 -4.10
N ILE A 24 -6.54 -13.20 -4.32
CA ILE A 24 -7.50 -12.83 -3.26
C ILE A 24 -8.59 -13.88 -2.99
N LYS A 25 -8.67 -14.94 -3.81
CA LYS A 25 -9.61 -16.05 -3.61
C LYS A 25 -9.22 -16.98 -2.44
N ASN A 26 -7.95 -16.93 -2.02
CA ASN A 26 -7.36 -17.79 -0.99
C ASN A 26 -8.13 -17.71 0.36
N PRO A 27 -8.28 -18.82 1.12
CA PRO A 27 -9.01 -18.79 2.39
C PRO A 27 -8.26 -18.08 3.53
N ALA A 28 -6.93 -17.98 3.48
CA ALA A 28 -6.13 -17.58 4.64
C ALA A 28 -6.20 -16.08 4.98
N ILE A 29 -6.43 -15.19 4.00
CA ILE A 29 -6.38 -13.73 4.21
C ILE A 29 -7.67 -13.14 4.79
N LYS A 30 -8.81 -13.82 4.63
CA LYS A 30 -10.14 -13.34 5.02
C LYS A 30 -10.39 -13.41 6.54
N ASP A 31 -11.21 -12.49 7.06
CA ASP A 31 -11.81 -12.53 8.42
C ASP A 31 -10.80 -12.27 9.57
N LYS A 32 -9.67 -11.60 9.27
CA LYS A 32 -8.64 -11.22 10.24
C LYS A 32 -8.80 -9.77 10.78
N ASP A 33 -8.20 -9.51 11.94
CA ASP A 33 -7.92 -8.20 12.52
C ASP A 33 -6.43 -8.10 12.90
N HIS A 34 -5.94 -6.88 13.19
CA HIS A 34 -4.56 -6.59 13.53
C HIS A 34 -4.43 -5.84 14.88
N SER A 35 -4.22 -6.57 15.97
CA SER A 35 -3.83 -6.03 17.29
C SER A 35 -2.36 -6.38 17.58
N ALA A 36 -1.49 -5.38 17.69
CA ALA A 36 -0.04 -5.56 17.89
C ALA A 36 0.64 -4.32 18.52
N PRO A 37 1.55 -4.48 19.52
CA PRO A 37 2.41 -3.40 20.01
C PRO A 37 3.35 -2.80 18.96
N ASN A 38 3.51 -3.47 17.82
CA ASN A 38 4.41 -3.07 16.72
C ASN A 38 3.76 -2.10 15.71
N SER A 39 2.49 -1.73 15.91
CA SER A 39 1.63 -1.19 14.84
C SER A 39 0.81 0.04 15.29
N ARG A 40 0.72 1.06 14.42
CA ARG A 40 -0.13 2.26 14.60
C ARG A 40 -0.74 2.73 13.25
N PRO A 41 -1.96 3.31 13.23
CA PRO A 41 -2.66 3.69 11.99
C PRO A 41 -2.12 4.98 11.35
N ILE A 42 -2.40 5.19 10.05
CA ILE A 42 -2.05 6.42 9.29
C ILE A 42 -3.02 6.70 8.11
N ASP A 43 -2.81 7.82 7.40
CA ASP A 43 -3.62 8.36 6.28
C ASP A 43 -2.73 8.91 5.15
N PHE A 44 -3.29 9.10 3.94
CA PHE A 44 -2.63 9.63 2.74
C PHE A 44 -3.59 10.35 1.77
N GLU A 45 -3.05 11.23 0.92
CA GLU A 45 -3.71 11.77 -0.28
C GLU A 45 -3.06 11.17 -1.56
N MET A 46 -3.82 11.03 -2.66
CA MET A 46 -3.38 10.24 -3.83
C MET A 46 -3.83 10.81 -5.18
N LYS A 47 -2.88 11.20 -6.06
CA LYS A 47 -3.20 11.71 -7.40
C LYS A 47 -2.04 11.67 -8.44
N LYS A 48 -2.36 11.27 -9.67
CA LYS A 48 -1.52 11.37 -10.86
C LYS A 48 -1.33 12.83 -11.30
N LYS A 49 -0.18 13.17 -11.91
CA LYS A 49 0.10 14.57 -12.24
C LYS A 49 -0.75 15.18 -13.37
N ASP A 50 -1.35 14.36 -14.26
CA ASP A 50 -2.36 14.82 -15.21
C ASP A 50 -3.78 14.97 -14.61
N GLY A 51 -3.98 14.65 -13.33
CA GLY A 51 -5.16 15.02 -12.54
C GLY A 51 -5.99 13.87 -11.96
N THR A 52 -5.75 12.60 -12.34
CA THR A 52 -6.47 11.43 -11.79
C THR A 52 -6.26 11.33 -10.29
N GLN A 53 -7.29 11.64 -9.51
CA GLN A 53 -7.29 11.49 -8.06
C GLN A 53 -7.93 10.15 -7.69
N GLN A 54 -7.40 9.47 -6.68
CA GLN A 54 -8.11 8.34 -6.05
C GLN A 54 -8.77 8.86 -4.77
N PHE A 55 -10.11 8.89 -4.75
CA PHE A 55 -10.97 9.47 -3.70
C PHE A 55 -12.46 9.16 -3.94
N TYR A 56 -12.90 9.21 -5.20
CA TYR A 56 -14.29 9.12 -5.64
C TYR A 56 -14.52 8.08 -6.77
N HIS A 57 -13.50 7.77 -7.57
CA HIS A 57 -13.55 6.67 -8.55
C HIS A 57 -13.69 5.30 -7.85
N TYR A 58 -14.84 4.63 -8.02
CA TYR A 58 -15.24 3.44 -7.24
C TYR A 58 -14.24 2.27 -7.28
N ALA A 59 -13.61 2.02 -8.44
CA ALA A 59 -12.65 0.93 -8.65
C ALA A 59 -11.32 1.11 -7.89
N SER A 60 -11.04 2.29 -7.35
CA SER A 60 -9.78 2.62 -6.68
C SER A 60 -10.00 3.48 -5.42
N SER A 61 -11.06 3.18 -4.65
CA SER A 61 -11.54 4.04 -3.55
C SER A 61 -10.64 4.05 -2.29
N VAL A 62 -11.13 4.64 -1.19
CA VAL A 62 -10.33 5.17 -0.06
C VAL A 62 -9.75 4.12 0.88
N LYS A 63 -8.56 4.41 1.45
CA LYS A 63 -7.66 3.46 2.11
C LYS A 63 -7.55 3.70 3.63
N PRO A 64 -7.66 2.66 4.48
CA PRO A 64 -6.96 2.65 5.77
C PRO A 64 -5.48 2.32 5.55
N ALA A 65 -4.62 2.76 6.48
CA ALA A 65 -3.19 2.45 6.47
C ALA A 65 -2.63 2.24 7.89
N ARG A 66 -1.43 1.65 7.97
CA ARG A 66 -0.79 1.19 9.21
C ARG A 66 0.73 1.16 9.09
N VAL A 67 1.40 1.84 10.02
CA VAL A 67 2.85 1.86 10.21
C VAL A 67 3.23 0.73 11.15
N ILE A 68 4.02 -0.21 10.63
CA ILE A 68 4.72 -1.27 11.36
C ILE A 68 6.18 -0.87 11.66
N PHE A 69 6.59 -1.00 12.92
CA PHE A 69 7.95 -0.64 13.36
C PHE A 69 8.93 -1.82 13.21
N THR A 70 9.63 -1.88 12.07
CA THR A 70 10.73 -2.85 11.83
C THR A 70 12.12 -2.23 12.04
N ASP A 71 13.19 -2.90 11.61
CA ASP A 71 14.54 -2.69 12.14
C ASP A 71 15.29 -1.49 11.51
N SER A 72 16.05 -1.71 10.43
CA SER A 72 16.71 -0.64 9.67
C SER A 72 15.69 0.28 8.98
N LYS A 73 14.60 -0.33 8.50
CA LYS A 73 13.52 0.30 7.73
C LYS A 73 12.18 0.33 8.49
N PRO A 74 11.26 1.26 8.17
CA PRO A 74 9.84 1.10 8.46
C PRO A 74 9.23 0.02 7.57
N GLU A 75 8.03 -0.44 7.92
CA GLU A 75 7.25 -1.35 7.10
C GLU A 75 5.79 -0.90 7.13
N ILE A 76 5.11 -0.86 5.99
CA ILE A 76 3.74 -0.34 5.89
C ILE A 76 2.77 -1.49 5.61
N GLU A 77 1.56 -1.41 6.16
CA GLU A 77 0.40 -2.15 5.67
C GLU A 77 -0.66 -1.15 5.17
N LEU A 78 -1.30 -1.48 4.05
CA LEU A 78 -2.26 -0.64 3.33
C LEU A 78 -3.47 -1.44 2.87
N GLY A 79 -4.69 -0.94 3.14
CA GLY A 79 -5.95 -1.55 2.69
C GLY A 79 -6.46 -0.88 1.42
N LEU A 80 -6.52 -1.61 0.30
CA LEU A 80 -7.05 -1.13 -0.98
C LEU A 80 -8.56 -1.47 -1.02
N GLN A 81 -9.43 -0.47 -1.23
CA GLN A 81 -10.88 -0.65 -1.25
C GLN A 81 -11.38 -0.99 -2.66
N SER A 82 -12.51 -1.69 -2.74
CA SER A 82 -12.99 -2.38 -3.96
C SER A 82 -11.97 -3.40 -4.49
N GLY A 83 -11.41 -4.21 -3.57
CA GLY A 83 -10.16 -4.98 -3.75
C GLY A 83 -10.11 -5.98 -4.91
N GLN A 84 -11.23 -6.37 -5.50
CA GLN A 84 -11.29 -7.29 -6.65
C GLN A 84 -11.38 -6.56 -8.02
N PHE A 85 -11.51 -5.23 -8.03
CA PHE A 85 -11.38 -4.42 -9.24
C PHE A 85 -9.90 -4.21 -9.62
N TRP A 86 -8.99 -4.29 -8.64
CA TRP A 86 -7.53 -4.22 -8.79
C TRP A 86 -6.95 -5.52 -9.36
N ARG A 87 -5.79 -5.44 -10.06
CA ARG A 87 -5.05 -6.63 -10.51
C ARG A 87 -3.52 -6.59 -10.36
N LYS A 88 -2.88 -5.43 -10.46
CA LYS A 88 -1.40 -5.32 -10.37
C LYS A 88 -0.94 -3.90 -9.98
N PHE A 89 0.26 -3.76 -9.41
CA PHE A 89 0.94 -2.48 -9.14
C PHE A 89 2.42 -2.67 -8.72
N GLU A 90 3.22 -1.61 -8.89
CA GLU A 90 4.58 -1.48 -8.34
C GLU A 90 4.76 -0.12 -7.65
N VAL A 91 5.64 -0.09 -6.63
CA VAL A 91 5.93 1.08 -5.78
C VAL A 91 7.41 1.48 -5.82
N TYR A 92 7.67 2.79 -5.96
CA TYR A 92 9.02 3.41 -6.03
C TYR A 92 9.14 4.69 -5.16
N GLU A 93 10.34 5.00 -4.70
CA GLU A 93 10.68 6.23 -3.95
C GLU A 93 12.12 6.63 -4.29
N GLY A 94 12.30 7.79 -4.93
CA GLY A 94 13.63 8.32 -5.25
C GLY A 94 14.44 7.40 -6.17
N ASP A 95 15.55 6.88 -5.68
CA ASP A 95 16.44 5.92 -6.38
C ASP A 95 16.19 4.43 -6.01
N LYS A 96 15.13 4.10 -5.26
CA LYS A 96 14.82 2.73 -4.79
C LYS A 96 13.37 2.25 -5.07
N LYS A 97 13.17 0.92 -5.13
CA LYS A 97 11.85 0.27 -5.31
C LYS A 97 11.47 -0.62 -4.11
N LEU A 98 10.18 -0.65 -3.75
CA LEU A 98 9.68 -1.21 -2.48
C LEU A 98 8.82 -2.48 -2.72
N PRO A 99 9.23 -3.67 -2.25
CA PRO A 99 8.61 -4.95 -2.64
C PRO A 99 7.31 -5.24 -1.88
N ILE A 100 6.23 -5.53 -2.62
CA ILE A 100 4.88 -5.81 -2.07
C ILE A 100 4.68 -7.29 -1.65
N LYS A 101 3.87 -7.51 -0.60
CA LYS A 101 3.24 -8.78 -0.20
C LYS A 101 1.71 -8.61 -0.02
N LEU A 102 0.87 -9.55 -0.45
CA LEU A 102 -0.56 -9.63 -0.08
C LEU A 102 -0.70 -10.27 1.32
N VAL A 103 -1.33 -9.60 2.28
CA VAL A 103 -1.24 -9.98 3.70
C VAL A 103 -2.59 -10.30 4.40
N SER A 104 -3.68 -9.60 4.08
CA SER A 104 -5.00 -9.76 4.75
C SER A 104 -6.17 -9.32 3.84
N TYR A 105 -7.43 -9.48 4.27
CA TYR A 105 -8.67 -9.12 3.55
C TYR A 105 -9.86 -8.98 4.51
N ASP A 106 -10.82 -8.08 4.21
CA ASP A 106 -12.09 -7.97 4.94
C ASP A 106 -13.25 -7.76 3.96
N THR A 107 -14.03 -8.82 3.73
CA THR A 107 -15.18 -8.80 2.81
C THR A 107 -16.33 -7.89 3.24
N VAL A 108 -16.39 -7.43 4.48
CA VAL A 108 -17.46 -6.54 4.97
C VAL A 108 -17.10 -5.08 4.70
N LYS A 109 -15.83 -4.72 4.99
CA LYS A 109 -15.29 -3.38 4.71
C LYS A 109 -14.94 -3.17 3.22
N ASP A 110 -14.82 -4.26 2.47
CA ASP A 110 -14.62 -4.38 1.02
C ASP A 110 -13.19 -4.00 0.60
N TYR A 111 -12.19 -4.40 1.41
CA TYR A 111 -10.76 -4.15 1.15
C TYR A 111 -9.85 -5.39 1.10
N ALA A 112 -8.75 -5.25 0.36
CA ALA A 112 -7.60 -6.16 0.33
C ALA A 112 -6.38 -5.49 0.98
N TYR A 113 -5.71 -6.16 1.91
CA TYR A 113 -4.56 -5.61 2.65
C TYR A 113 -3.22 -6.10 2.06
N ILE A 114 -2.33 -5.16 1.74
CA ILE A 114 -0.94 -5.42 1.32
C ILE A 114 0.05 -4.88 2.36
N ARG A 115 1.31 -5.35 2.31
CA ARG A 115 2.45 -4.88 3.12
C ARG A 115 3.64 -4.50 2.21
N PHE A 116 4.48 -3.52 2.58
CA PHE A 116 5.86 -3.43 2.05
C PHE A 116 6.88 -2.77 2.99
N SER A 117 8.14 -3.24 2.95
CA SER A 117 9.28 -2.57 3.59
C SER A 117 9.53 -1.18 2.96
N VAL A 118 9.48 -0.09 3.75
CA VAL A 118 9.46 1.30 3.22
C VAL A 118 10.89 1.85 3.05
N SER A 119 11.05 2.82 2.16
CA SER A 119 12.24 3.67 2.10
C SER A 119 12.33 4.60 3.33
N ASN A 120 13.49 4.63 3.98
CA ASN A 120 13.77 5.61 5.03
C ASN A 120 13.73 7.04 4.46
N GLY A 121 13.02 7.97 5.12
CA GLY A 121 12.88 9.35 4.64
C GLY A 121 11.73 9.55 3.64
N THR A 122 10.80 8.57 3.52
CA THR A 122 9.64 8.69 2.62
C THR A 122 8.72 9.83 3.05
N LYS A 123 8.34 10.66 2.06
CA LYS A 123 7.27 11.65 2.20
C LYS A 123 6.22 11.61 1.06
N ALA A 124 6.67 11.43 -0.18
CA ALA A 124 5.82 11.25 -1.36
C ALA A 124 6.23 10.03 -2.18
N VAL A 125 5.29 9.23 -2.67
CA VAL A 125 5.53 7.88 -3.21
C VAL A 125 5.02 7.79 -4.65
N LYS A 126 5.84 7.24 -5.54
CA LYS A 126 5.53 7.05 -6.96
C LYS A 126 5.00 5.63 -7.22
N ILE A 127 3.77 5.50 -7.69
CA ILE A 127 3.08 4.21 -7.88
C ILE A 127 2.48 4.13 -9.29
N VAL A 128 2.54 2.96 -9.89
CA VAL A 128 1.80 2.61 -11.13
C VAL A 128 0.94 1.37 -10.87
N SER A 129 -0.30 1.35 -11.36
CA SER A 129 -1.28 0.31 -10.99
C SER A 129 -2.34 0.01 -12.07
N SER A 130 -2.72 -1.26 -12.19
CA SER A 130 -3.69 -1.78 -13.17
C SER A 130 -4.93 -2.39 -12.49
N THR A 131 -6.10 -2.13 -13.10
CA THR A 131 -7.43 -2.63 -12.72
C THR A 131 -8.03 -3.45 -13.86
N HIS A 132 -9.09 -4.20 -13.58
CA HIS A 132 -9.87 -4.93 -14.58
C HIS A 132 -11.33 -5.08 -14.13
N PHE A 133 -12.25 -4.46 -14.88
CA PHE A 133 -13.70 -4.48 -14.65
C PHE A 133 -14.46 -3.94 -15.88
N ASN A 134 -15.73 -4.31 -16.01
CA ASN A 134 -16.64 -3.82 -17.07
C ASN A 134 -16.08 -4.12 -18.48
N ASN A 135 -16.41 -3.31 -19.48
CA ASN A 135 -15.80 -3.25 -20.81
C ASN A 135 -14.54 -2.35 -20.84
N LYS A 136 -14.19 -1.71 -19.72
CA LYS A 136 -13.30 -0.55 -19.65
C LYS A 136 -11.81 -0.94 -19.59
N GLU A 137 -10.99 -0.40 -20.51
CA GLU A 137 -9.54 -0.33 -20.37
C GLU A 137 -9.18 0.84 -19.43
N GLU A 138 -8.31 0.61 -18.43
CA GLU A 138 -7.94 1.60 -17.42
C GLU A 138 -6.47 1.40 -17.02
N LYS A 139 -5.63 2.42 -17.19
CA LYS A 139 -4.16 2.30 -17.17
C LYS A 139 -3.40 3.46 -16.47
N TYR A 140 -2.10 3.26 -16.28
CA TYR A 140 -1.18 4.06 -15.46
C TYR A 140 -0.22 4.94 -16.30
N ASP A 141 0.14 6.13 -15.81
CA ASP A 141 1.30 6.92 -16.25
C ASP A 141 2.34 7.15 -15.14
N TYR A 142 1.89 7.69 -13.99
CA TYR A 142 2.68 8.35 -12.94
C TYR A 142 1.75 8.80 -11.79
N THR A 143 1.49 7.95 -10.79
CA THR A 143 0.61 8.30 -9.65
C THR A 143 1.47 8.71 -8.47
N LEU A 144 1.27 9.93 -7.96
CA LEU A 144 2.00 10.48 -6.81
C LEU A 144 1.11 10.56 -5.56
N MET A 145 1.44 9.72 -4.57
CA MET A 145 0.80 9.68 -3.26
C MET A 145 1.59 10.53 -2.26
N GLU A 146 0.92 11.33 -1.43
CA GLU A 146 1.52 12.21 -0.42
C GLU A 146 0.96 11.86 0.97
N PHE A 147 1.86 11.75 1.95
CA PHE A 147 1.56 11.30 3.31
C PHE A 147 0.68 12.25 4.13
N ALA A 148 0.05 11.72 5.18
CA ALA A 148 -0.42 12.55 6.30
C ALA A 148 0.76 13.03 7.18
N GLN A 149 1.69 12.13 7.53
CA GLN A 149 2.87 12.35 8.40
C GLN A 149 3.97 11.33 8.03
N PRO A 150 5.25 11.55 8.42
CA PRO A 150 6.35 10.62 8.14
C PRO A 150 6.11 9.18 8.60
N ILE A 151 6.47 8.24 7.74
CA ILE A 151 6.40 6.80 7.97
C ILE A 151 7.78 6.37 8.50
N TYR A 152 7.92 6.18 9.82
CA TYR A 152 9.21 6.34 10.51
C TYR A 152 9.43 5.31 11.64
N ASN A 153 10.68 4.81 11.78
CA ASN A 153 11.04 3.65 12.60
C ASN A 153 12.11 3.91 13.67
N SER A 154 12.76 5.08 13.68
CA SER A 154 13.57 5.60 14.81
C SER A 154 14.91 4.85 14.97
N ALA A 155 15.62 4.67 13.85
CA ALA A 155 16.78 3.77 13.71
C ALA A 155 18.06 4.22 14.44
N ASP A 156 18.18 5.49 14.86
CA ASP A 156 19.30 5.95 15.70
C ASP A 156 19.05 5.73 17.20
N LYS A 157 17.82 5.46 17.63
CA LYS A 157 17.47 5.31 19.06
C LYS A 157 17.74 3.89 19.58
N PHE A 158 17.44 2.88 18.76
CA PHE A 158 17.63 1.45 19.05
C PHE A 158 17.52 0.63 17.75
N LYS A 159 18.39 -0.37 17.60
CA LYS A 159 18.48 -1.25 16.44
C LYS A 159 19.27 -2.54 16.77
N THR A 160 20.46 -2.42 17.38
CA THR A 160 21.26 -3.50 17.97
C THR A 160 22.07 -2.96 19.15
N GLU A 161 22.14 -3.72 20.24
CA GLU A 161 22.82 -3.33 21.47
C GLU A 161 23.60 -4.51 22.06
N GLU A 162 24.93 -4.41 22.10
CA GLU A 162 25.83 -5.40 22.72
C GLU A 162 26.00 -5.11 24.23
N ASP A 163 25.92 -6.17 25.04
CA ASP A 163 25.46 -6.14 26.45
C ASP A 163 26.49 -5.72 27.50
N LEU A 16 2.27 -7.38 -9.53
CA LEU A 16 3.65 -7.71 -9.93
C LEU A 16 4.04 -9.13 -9.50
N ASN A 17 4.30 -9.38 -8.22
CA ASN A 17 4.75 -10.71 -7.74
C ASN A 17 3.62 -11.74 -7.79
N GLN A 18 2.39 -11.30 -7.50
CA GLN A 18 1.16 -12.09 -7.56
C GLN A 18 0.04 -11.14 -7.99
N GLU A 19 -0.71 -11.48 -9.04
CA GLU A 19 -1.68 -10.56 -9.66
C GLU A 19 -3.02 -10.57 -8.93
N LEU A 20 -3.46 -9.37 -8.54
CA LEU A 20 -4.39 -9.08 -7.46
C LEU A 20 -5.76 -9.75 -7.65
N ARG A 21 -6.37 -9.61 -8.82
CA ARG A 21 -7.73 -10.09 -9.09
C ARG A 21 -7.85 -11.62 -9.02
N GLU A 22 -6.84 -12.37 -9.48
CA GLU A 22 -6.82 -13.82 -9.36
C GLU A 22 -6.34 -14.23 -7.96
N ALA A 23 -5.58 -13.36 -7.27
CA ALA A 23 -5.12 -13.62 -5.91
C ALA A 23 -6.23 -13.53 -4.85
N ILE A 24 -7.36 -12.83 -5.08
CA ILE A 24 -8.44 -12.75 -4.07
C ILE A 24 -9.20 -14.07 -3.84
N LYS A 25 -8.91 -15.10 -4.63
CA LYS A 25 -9.36 -16.48 -4.38
C LYS A 25 -8.48 -17.22 -3.34
N ASN A 26 -7.30 -16.69 -2.98
CA ASN A 26 -6.36 -17.36 -2.06
C ASN A 26 -6.93 -17.44 -0.61
N PRO A 27 -6.84 -18.61 0.06
CA PRO A 27 -7.37 -18.78 1.42
C PRO A 27 -6.41 -18.31 2.53
N ALA A 28 -5.09 -18.34 2.31
CA ALA A 28 -4.09 -18.29 3.39
C ALA A 28 -4.05 -16.97 4.17
N ILE A 29 -4.36 -15.85 3.52
CA ILE A 29 -4.31 -14.49 4.10
C ILE A 29 -5.58 -14.09 4.86
N LYS A 30 -6.68 -14.86 4.78
CA LYS A 30 -8.00 -14.49 5.32
C LYS A 30 -8.05 -14.36 6.87
N ASP A 31 -9.06 -13.62 7.36
CA ASP A 31 -9.38 -13.32 8.78
C ASP A 31 -8.48 -12.23 9.39
N LYS A 32 -8.69 -10.98 8.95
CA LYS A 32 -7.97 -9.76 9.36
C LYS A 32 -8.15 -9.40 10.86
N ASP A 33 -7.06 -8.92 11.50
CA ASP A 33 -7.00 -8.47 12.90
C ASP A 33 -6.73 -6.95 13.04
N HIS A 34 -6.44 -6.46 14.26
CA HIS A 34 -5.99 -5.11 14.57
C HIS A 34 -4.77 -5.17 15.52
N SER A 35 -3.55 -5.00 15.02
CA SER A 35 -2.33 -5.23 15.80
C SER A 35 -1.97 -4.18 16.88
N ALA A 36 -1.04 -4.59 17.76
CA ALA A 36 -0.66 -3.93 19.01
C ALA A 36 0.16 -2.61 18.82
N PRO A 37 0.56 -1.92 19.92
CA PRO A 37 1.42 -0.73 19.93
C PRO A 37 2.77 -0.84 19.21
N ASN A 38 3.13 -2.00 18.66
CA ASN A 38 4.12 -2.13 17.58
C ASN A 38 3.73 -1.36 16.28
N SER A 39 2.63 -0.61 16.29
CA SER A 39 2.05 0.05 15.13
C SER A 39 0.98 1.10 15.48
N ARG A 40 0.81 2.09 14.57
CA ARG A 40 -0.18 3.19 14.65
C ARG A 40 -0.93 3.39 13.30
N PRO A 41 -2.13 3.98 13.26
CA PRO A 41 -2.89 4.22 12.03
C PRO A 41 -2.34 5.39 11.21
N ILE A 42 -2.63 5.42 9.90
CA ILE A 42 -2.25 6.50 8.95
C ILE A 42 -3.23 6.62 7.76
N ASP A 43 -3.04 7.63 6.90
CA ASP A 43 -3.85 8.08 5.76
C ASP A 43 -2.94 8.77 4.69
N PHE A 44 -3.50 9.26 3.56
CA PHE A 44 -2.77 9.85 2.41
C PHE A 44 -3.69 10.59 1.40
N GLU A 45 -3.12 11.14 0.31
CA GLU A 45 -3.80 11.53 -0.95
C GLU A 45 -2.97 11.17 -2.20
N MET A 46 -3.57 11.18 -3.41
CA MET A 46 -2.98 10.61 -4.65
C MET A 46 -3.29 11.35 -5.97
N LYS A 47 -2.23 11.58 -6.76
CA LYS A 47 -2.31 12.24 -8.08
C LYS A 47 -1.11 11.99 -9.02
N LYS A 48 -1.35 11.94 -10.33
CA LYS A 48 -0.36 11.86 -11.41
C LYS A 48 0.27 13.23 -11.68
N LYS A 49 1.49 13.29 -12.25
CA LYS A 49 2.18 14.56 -12.55
C LYS A 49 1.43 15.40 -13.62
N ASP A 50 0.79 14.75 -14.59
CA ASP A 50 -0.16 15.32 -15.57
C ASP A 50 -1.53 15.71 -14.96
N GLY A 51 -1.70 15.58 -13.63
CA GLY A 51 -2.82 16.13 -12.85
C GLY A 51 -3.93 15.15 -12.48
N THR A 52 -3.88 13.88 -12.95
CA THR A 52 -4.95 12.89 -12.71
C THR A 52 -5.14 12.62 -11.23
N GLN A 53 -6.31 12.92 -10.67
CA GLN A 53 -6.74 12.36 -9.37
C GLN A 53 -7.29 10.94 -9.58
N GLN A 54 -7.08 10.02 -8.64
CA GLN A 54 -7.59 8.64 -8.80
C GLN A 54 -9.12 8.52 -8.73
N PHE A 55 -9.67 7.35 -9.10
CA PHE A 55 -11.11 7.08 -9.23
C PHE A 55 -11.91 7.37 -7.94
N TYR A 56 -13.02 8.10 -8.07
CA TYR A 56 -13.81 8.69 -6.97
C TYR A 56 -14.86 7.74 -6.34
N HIS A 57 -14.46 6.51 -6.02
CA HIS A 57 -15.33 5.52 -5.36
C HIS A 57 -14.55 4.78 -4.26
N TYR A 58 -15.23 4.24 -3.23
CA TYR A 58 -14.61 3.77 -1.98
C TYR A 58 -13.58 2.62 -2.11
N ALA A 59 -13.56 1.93 -3.24
CA ALA A 59 -12.45 1.06 -3.67
C ALA A 59 -11.08 1.77 -3.66
N SER A 60 -11.05 3.04 -4.06
CA SER A 60 -9.83 3.78 -4.44
C SER A 60 -9.76 5.24 -3.96
N SER A 61 -10.86 5.87 -3.56
CA SER A 61 -10.81 7.12 -2.79
C SER A 61 -10.20 6.87 -1.40
N VAL A 62 -9.53 7.86 -0.81
CA VAL A 62 -8.40 7.57 0.10
C VAL A 62 -8.76 6.75 1.35
N LYS A 63 -7.85 5.84 1.69
CA LYS A 63 -8.04 4.72 2.61
C LYS A 63 -7.37 4.96 3.99
N PRO A 64 -7.82 4.27 5.05
CA PRO A 64 -7.01 4.06 6.24
C PRO A 64 -5.90 3.04 5.98
N ALA A 65 -4.77 3.19 6.66
CA ALA A 65 -3.60 2.31 6.61
C ALA A 65 -2.90 2.24 7.99
N ARG A 66 -1.74 1.57 8.07
CA ARG A 66 -1.02 1.33 9.34
C ARG A 66 0.50 1.38 9.19
N VAL A 67 1.12 2.09 10.13
CA VAL A 67 2.56 2.26 10.31
C VAL A 67 3.11 1.09 11.11
N ILE A 68 3.91 0.24 10.46
CA ILE A 68 4.60 -0.91 11.09
C ILE A 68 6.07 -0.61 11.45
N PHE A 69 6.34 -0.48 12.75
CA PHE A 69 7.68 -0.25 13.29
C PHE A 69 8.53 -1.53 13.17
N THR A 70 9.79 -1.35 12.74
CA THR A 70 10.76 -2.41 12.40
C THR A 70 12.16 -1.88 12.73
N ASP A 71 13.20 -2.63 12.39
CA ASP A 71 14.58 -2.13 12.35
C ASP A 71 14.80 -1.09 11.22
N SER A 72 16.05 -0.85 10.84
CA SER A 72 16.50 0.23 9.95
C SER A 72 15.80 0.31 8.58
N LYS A 73 15.06 -0.74 8.17
CA LYS A 73 14.06 -0.66 7.10
C LYS A 73 12.62 -0.73 7.67
N PRO A 74 11.90 0.41 7.81
CA PRO A 74 10.50 0.42 8.23
C PRO A 74 9.56 -0.03 7.11
N GLU A 75 8.30 -0.30 7.48
CA GLU A 75 7.31 -0.85 6.56
C GLU A 75 5.89 -0.40 6.91
N ILE A 76 4.97 -0.59 5.98
CA ILE A 76 3.56 -0.17 6.11
C ILE A 76 2.62 -1.24 5.59
N GLU A 77 1.37 -1.15 6.03
CA GLU A 77 0.28 -2.07 5.73
C GLU A 77 -0.91 -1.26 5.20
N LEU A 78 -1.15 -1.32 3.89
CA LEU A 78 -2.22 -0.59 3.20
C LEU A 78 -3.34 -1.55 2.78
N GLY A 79 -4.59 -1.12 2.96
CA GLY A 79 -5.80 -1.87 2.56
C GLY A 79 -6.46 -1.30 1.31
N LEU A 80 -6.52 -2.09 0.24
CA LEU A 80 -7.38 -1.84 -0.93
C LEU A 80 -8.77 -2.41 -0.63
N GLN A 81 -9.83 -1.89 -1.26
CA GLN A 81 -11.18 -2.46 -1.15
C GLN A 81 -11.74 -2.66 -2.56
N SER A 82 -12.72 -3.56 -2.70
CA SER A 82 -13.22 -4.07 -3.98
C SER A 82 -12.11 -4.75 -4.80
N GLY A 83 -11.37 -5.68 -4.16
CA GLY A 83 -10.32 -6.49 -4.79
C GLY A 83 -10.80 -7.31 -5.99
N GLN A 84 -12.13 -7.47 -6.13
CA GLN A 84 -12.81 -7.94 -7.35
C GLN A 84 -12.45 -7.17 -8.62
N PHE A 85 -12.03 -5.90 -8.52
CA PHE A 85 -11.75 -5.03 -9.68
C PHE A 85 -10.26 -4.62 -9.81
N TRP A 86 -9.44 -4.76 -8.76
CA TRP A 86 -8.02 -4.38 -8.78
C TRP A 86 -7.15 -5.37 -9.59
N ARG A 87 -6.21 -4.88 -10.40
CA ARG A 87 -5.38 -5.70 -11.31
C ARG A 87 -3.87 -5.46 -11.09
N LYS A 88 -3.30 -4.40 -11.69
CA LYS A 88 -1.86 -4.12 -11.71
C LYS A 88 -1.40 -3.38 -10.44
N PHE A 89 -0.18 -3.62 -9.94
CA PHE A 89 0.40 -2.87 -8.83
C PHE A 89 1.94 -2.99 -8.73
N GLU A 90 2.64 -1.86 -8.54
CA GLU A 90 4.09 -1.72 -8.32
C GLU A 90 4.39 -0.37 -7.64
N VAL A 91 5.46 -0.26 -6.81
CA VAL A 91 5.73 0.94 -5.99
C VAL A 91 7.24 1.27 -5.88
N TYR A 92 7.57 2.56 -5.83
CA TYR A 92 8.92 3.14 -5.67
C TYR A 92 8.94 4.39 -4.76
N GLU A 93 10.12 4.74 -4.24
CA GLU A 93 10.45 6.07 -3.72
C GLU A 93 11.79 6.45 -4.37
N GLY A 94 11.75 7.19 -5.49
CA GLY A 94 12.93 7.46 -6.30
C GLY A 94 13.53 6.18 -6.87
N ASP A 95 14.82 5.96 -6.61
CA ASP A 95 15.60 4.80 -7.04
C ASP A 95 15.34 3.53 -6.18
N LYS A 96 14.77 3.68 -4.98
CA LYS A 96 14.42 2.56 -4.08
C LYS A 96 13.03 2.00 -4.47
N LYS A 97 12.97 0.74 -4.93
CA LYS A 97 11.70 0.01 -5.07
C LYS A 97 11.18 -0.39 -3.68
N LEU A 98 9.88 -0.21 -3.49
CA LEU A 98 9.11 -0.66 -2.34
C LEU A 98 8.44 -1.99 -2.74
N PRO A 99 8.95 -3.16 -2.28
CA PRO A 99 8.49 -4.47 -2.75
C PRO A 99 7.16 -4.83 -2.08
N ILE A 100 6.19 -5.30 -2.84
CA ILE A 100 4.83 -5.63 -2.35
C ILE A 100 4.56 -7.13 -2.14
N LYS A 101 3.85 -7.49 -1.06
CA LYS A 101 3.27 -8.85 -0.85
C LYS A 101 1.98 -8.84 -0.01
N LEU A 102 1.18 -9.92 -0.10
CA LEU A 102 -0.17 -10.02 0.47
C LEU A 102 -0.06 -10.36 1.97
N VAL A 103 -0.66 -9.55 2.86
CA VAL A 103 -0.42 -9.64 4.32
C VAL A 103 -1.66 -9.98 5.16
N SER A 104 -2.87 -9.70 4.67
CA SER A 104 -4.15 -10.04 5.30
C SER A 104 -5.30 -9.78 4.31
N TYR A 105 -6.43 -10.44 4.51
CA TYR A 105 -7.64 -10.38 3.67
C TYR A 105 -8.89 -10.35 4.58
N ASP A 106 -9.89 -9.55 4.23
CA ASP A 106 -11.21 -9.53 4.85
C ASP A 106 -12.25 -9.80 3.74
N THR A 107 -12.50 -11.10 3.49
CA THR A 107 -13.17 -11.58 2.27
C THR A 107 -14.62 -11.13 2.14
N VAL A 108 -15.35 -11.02 3.25
CA VAL A 108 -16.76 -10.58 3.28
C VAL A 108 -16.87 -9.08 2.91
N LYS A 109 -15.93 -8.25 3.35
CA LYS A 109 -15.86 -6.82 2.99
C LYS A 109 -15.15 -6.56 1.66
N ASP A 110 -14.49 -7.56 1.07
CA ASP A 110 -13.63 -7.45 -0.12
C ASP A 110 -12.48 -6.43 0.09
N TYR A 111 -11.97 -6.39 1.33
CA TYR A 111 -10.78 -5.64 1.73
C TYR A 111 -9.53 -6.53 1.59
N ALA A 112 -8.49 -6.03 0.93
CA ALA A 112 -7.28 -6.78 0.59
C ALA A 112 -6.03 -5.97 0.95
N TYR A 113 -5.17 -6.52 1.83
CA TYR A 113 -4.05 -5.77 2.43
C TYR A 113 -2.69 -6.17 1.86
N ILE A 114 -1.90 -5.16 1.49
CA ILE A 114 -0.51 -5.29 1.04
C ILE A 114 0.46 -4.73 2.09
N ARG A 115 1.58 -5.45 2.25
CA ARG A 115 2.76 -5.05 3.01
C ARG A 115 3.82 -4.52 2.03
N PHE A 116 4.60 -3.52 2.45
CA PHE A 116 5.84 -3.11 1.78
C PHE A 116 6.81 -2.34 2.69
N SER A 117 8.10 -2.61 2.54
CA SER A 117 9.21 -1.89 3.18
C SER A 117 9.58 -0.62 2.40
N VAL A 118 9.85 0.48 3.10
CA VAL A 118 10.02 1.83 2.50
C VAL A 118 11.41 2.44 2.76
N SER A 119 11.73 3.53 2.07
CA SER A 119 12.87 4.41 2.43
C SER A 119 12.68 4.98 3.84
N ASN A 120 13.69 4.83 4.69
CA ASN A 120 13.63 5.35 6.07
C ASN A 120 13.50 6.89 6.05
N GLY A 121 12.39 7.42 6.58
CA GLY A 121 12.02 8.85 6.53
C GLY A 121 11.19 9.26 5.31
N THR A 122 10.41 8.33 4.71
CA THR A 122 9.52 8.59 3.55
C THR A 122 8.58 9.76 3.78
N LYS A 123 8.32 10.53 2.70
CA LYS A 123 7.45 11.71 2.66
C LYS A 123 6.36 11.59 1.56
N ALA A 124 6.65 10.90 0.46
CA ALA A 124 5.77 10.73 -0.71
C ALA A 124 6.33 9.66 -1.67
N VAL A 125 5.45 8.87 -2.30
CA VAL A 125 5.85 7.64 -3.03
C VAL A 125 5.17 7.52 -4.40
N LYS A 126 5.85 6.84 -5.34
CA LYS A 126 5.42 6.65 -6.72
C LYS A 126 4.72 5.29 -6.87
N ILE A 127 3.39 5.32 -7.04
CA ILE A 127 2.51 4.16 -7.26
C ILE A 127 2.29 3.99 -8.78
N VAL A 128 2.33 2.76 -9.26
CA VAL A 128 1.89 2.34 -10.61
C VAL A 128 0.79 1.29 -10.42
N SER A 129 -0.38 1.42 -11.06
CA SER A 129 -1.51 0.52 -10.80
C SER A 129 -2.61 0.55 -11.89
N SER A 130 -3.57 -0.38 -11.82
CA SER A 130 -4.70 -0.48 -12.76
C SER A 130 -5.89 -1.23 -12.16
N THR A 131 -7.11 -0.79 -12.51
CA THR A 131 -8.41 -1.40 -12.16
C THR A 131 -9.15 -1.81 -13.42
N HIS A 132 -10.07 -2.77 -13.27
CA HIS A 132 -10.92 -3.30 -14.33
C HIS A 132 -12.36 -3.45 -13.80
N PHE A 133 -13.22 -2.48 -14.14
CA PHE A 133 -14.61 -2.40 -13.70
C PHE A 133 -15.54 -2.23 -14.91
N ASN A 134 -16.51 -3.15 -15.04
CA ASN A 134 -17.13 -3.51 -16.32
C ASN A 134 -16.05 -4.06 -17.28
N ASN A 135 -16.29 -4.04 -18.60
CA ASN A 135 -15.34 -4.51 -19.61
C ASN A 135 -14.07 -3.62 -19.69
N LYS A 136 -14.20 -2.34 -19.34
CA LYS A 136 -13.15 -1.31 -19.36
C LYS A 136 -12.01 -1.57 -18.35
N GLU A 137 -10.81 -1.08 -18.65
CA GLU A 137 -9.64 -1.10 -17.76
C GLU A 137 -8.95 0.27 -17.72
N GLU A 138 -8.66 0.76 -16.53
CA GLU A 138 -8.06 2.07 -16.27
C GLU A 138 -6.67 1.85 -15.64
N LYS A 139 -5.66 2.59 -16.10
CA LYS A 139 -4.25 2.34 -15.79
C LYS A 139 -3.45 3.65 -15.66
N TYR A 140 -2.60 3.73 -14.63
CA TYR A 140 -1.70 4.85 -14.36
C TYR A 140 -0.24 4.42 -14.53
N ASP A 141 0.57 5.22 -15.24
CA ASP A 141 1.97 4.91 -15.54
C ASP A 141 2.96 5.37 -14.45
N TYR A 142 2.56 6.37 -13.64
CA TYR A 142 3.17 6.78 -12.37
C TYR A 142 2.26 7.77 -11.62
N THR A 143 2.15 7.63 -10.31
CA THR A 143 1.12 8.28 -9.49
C THR A 143 1.68 8.60 -8.12
N LEU A 144 1.82 9.89 -7.79
CA LEU A 144 2.40 10.36 -6.53
C LEU A 144 1.37 10.32 -5.40
N MET A 145 1.55 9.39 -4.46
CA MET A 145 0.89 9.44 -3.14
C MET A 145 1.69 10.33 -2.19
N GLU A 146 0.99 11.22 -1.48
CA GLU A 146 1.56 12.15 -0.51
C GLU A 146 0.93 11.97 0.88
N PHE A 147 1.79 12.01 1.89
CA PHE A 147 1.58 11.51 3.25
C PHE A 147 0.63 12.29 4.16
N ALA A 148 0.01 11.58 5.13
CA ALA A 148 -0.56 12.20 6.34
C ALA A 148 0.51 12.45 7.44
N GLN A 149 1.46 11.52 7.60
CA GLN A 149 2.56 11.52 8.59
C GLN A 149 3.78 10.80 7.97
N PRO A 150 5.02 11.01 8.46
CA PRO A 150 6.23 10.38 7.90
C PRO A 150 6.38 8.93 8.36
N ILE A 151 7.15 8.14 7.60
CA ILE A 151 7.45 6.75 7.95
C ILE A 151 8.91 6.63 8.42
N TYR A 152 9.08 6.67 9.74
CA TYR A 152 10.33 6.35 10.46
C TYR A 152 10.22 4.99 11.19
N ASN A 153 11.33 4.42 11.67
CA ASN A 153 11.34 3.07 12.25
C ASN A 153 11.37 3.03 13.78
N SER A 154 11.83 4.10 14.45
CA SER A 154 11.92 4.22 15.91
C SER A 154 13.01 3.28 16.47
N ALA A 155 14.26 3.65 16.19
CA ALA A 155 15.46 2.86 16.42
C ALA A 155 15.99 2.86 17.89
N ASP A 156 15.57 3.81 18.73
CA ASP A 156 16.17 4.12 20.04
C ASP A 156 16.04 2.99 21.09
N LYS A 157 15.16 2.02 20.86
CA LYS A 157 14.99 0.81 21.66
C LYS A 157 16.20 -0.16 21.63
N PHE A 158 17.03 -0.12 20.56
CA PHE A 158 18.11 -1.08 20.33
C PHE A 158 19.33 -0.41 19.68
N LYS A 159 20.31 -0.09 20.52
CA LYS A 159 21.72 0.02 20.11
C LYS A 159 22.38 -1.36 19.98
N THR A 160 21.82 -2.40 20.62
CA THR A 160 22.16 -3.83 20.45
C THR A 160 20.93 -4.70 20.73
N GLU A 161 20.68 -5.70 19.88
CA GLU A 161 19.57 -6.65 19.98
C GLU A 161 20.11 -8.08 19.97
N GLU A 162 19.64 -8.90 20.92
CA GLU A 162 20.04 -10.30 21.09
C GLU A 162 18.80 -11.16 21.42
N ASP A 163 18.69 -12.32 20.77
CA ASP A 163 17.71 -13.43 20.91
C ASP A 163 16.99 -13.70 19.59
N LEU A 16 4.21 -6.53 -10.45
CA LEU A 16 5.53 -7.03 -10.90
C LEU A 16 5.62 -8.56 -10.91
N ASN A 17 5.61 -9.24 -9.76
CA ASN A 17 5.83 -10.69 -9.68
C ASN A 17 4.63 -11.54 -10.15
N GLN A 18 3.42 -10.95 -10.21
CA GLN A 18 2.20 -11.48 -10.83
C GLN A 18 1.06 -10.44 -10.76
N GLU A 19 -0.12 -10.74 -11.33
CA GLU A 19 -1.36 -9.98 -11.08
C GLU A 19 -1.91 -10.24 -9.67
N LEU A 20 -2.31 -9.16 -8.97
CA LEU A 20 -2.97 -9.24 -7.66
C LEU A 20 -4.37 -9.87 -7.78
N ARG A 21 -5.04 -9.72 -8.92
CA ARG A 21 -6.32 -10.39 -9.20
C ARG A 21 -6.17 -11.92 -9.12
N GLU A 22 -5.07 -12.49 -9.61
CA GLU A 22 -4.81 -13.92 -9.52
C GLU A 22 -4.42 -14.28 -8.09
N ALA A 23 -3.73 -13.37 -7.38
CA ALA A 23 -3.30 -13.58 -6.02
C ALA A 23 -4.47 -13.73 -5.02
N ILE A 24 -5.57 -12.99 -5.21
CA ILE A 24 -6.71 -12.99 -4.28
C ILE A 24 -7.62 -14.22 -4.41
N LYS A 25 -7.41 -15.06 -5.42
CA LYS A 25 -8.16 -16.32 -5.57
C LYS A 25 -7.66 -17.44 -4.62
N ASN A 26 -6.45 -17.28 -4.05
CA ASN A 26 -5.78 -18.32 -3.27
C ASN A 26 -6.47 -18.60 -1.90
N PRO A 27 -6.50 -19.86 -1.42
CA PRO A 27 -7.32 -20.25 -0.28
C PRO A 27 -6.80 -19.79 1.09
N ALA A 28 -5.50 -19.89 1.38
CA ALA A 28 -4.99 -19.83 2.76
C ALA A 28 -5.11 -18.46 3.43
N ILE A 29 -4.93 -17.39 2.66
CA ILE A 29 -4.63 -16.03 3.16
C ILE A 29 -5.88 -15.13 3.19
N LYS A 30 -7.06 -15.74 3.16
CA LYS A 30 -8.35 -15.13 2.84
C LYS A 30 -9.34 -15.10 4.05
N ASP A 31 -10.22 -14.10 4.07
CA ASP A 31 -11.39 -13.95 4.96
C ASP A 31 -11.02 -13.70 6.45
N LYS A 32 -9.85 -13.10 6.68
CA LYS A 32 -9.28 -12.84 8.02
C LYS A 32 -8.82 -11.37 8.15
N ASP A 33 -8.68 -10.85 9.38
CA ASP A 33 -7.99 -9.57 9.62
C ASP A 33 -6.47 -9.77 9.70
N HIS A 34 -5.70 -8.69 9.64
CA HIS A 34 -4.43 -8.59 10.33
C HIS A 34 -4.45 -7.40 11.31
N SER A 35 -4.11 -7.60 12.57
CA SER A 35 -3.81 -6.54 13.55
C SER A 35 -2.70 -6.91 14.56
N ALA A 36 -1.98 -5.92 15.09
CA ALA A 36 -0.96 -6.07 16.14
C ALA A 36 -0.67 -4.73 16.88
N PRO A 37 -0.47 -4.73 18.22
CA PRO A 37 -0.10 -3.55 19.00
C PRO A 37 1.34 -3.08 18.75
N ASN A 38 2.14 -3.84 17.98
CA ASN A 38 3.41 -3.42 17.39
C ASN A 38 3.23 -2.31 16.30
N SER A 39 2.04 -1.71 16.17
CA SER A 39 1.67 -0.82 15.07
C SER A 39 0.63 0.25 15.44
N ARG A 40 0.56 1.31 14.62
CA ARG A 40 -0.34 2.47 14.75
C ARG A 40 -0.88 2.92 13.36
N PRO A 41 -2.08 3.53 13.28
CA PRO A 41 -2.74 3.88 12.02
C PRO A 41 -2.16 5.14 11.35
N ILE A 42 -2.35 5.24 10.03
CA ILE A 42 -1.95 6.36 9.16
C ILE A 42 -2.89 6.48 7.92
N ASP A 43 -2.65 7.48 7.06
CA ASP A 43 -3.42 7.88 5.87
C ASP A 43 -2.47 8.50 4.81
N PHE A 44 -3.02 8.97 3.68
CA PHE A 44 -2.29 9.66 2.59
C PHE A 44 -3.18 10.69 1.86
N GLU A 45 -2.63 11.35 0.84
CA GLU A 45 -3.34 12.01 -0.28
C GLU A 45 -2.79 11.48 -1.63
N MET A 46 -3.48 11.71 -2.75
CA MET A 46 -3.17 11.12 -4.07
C MET A 46 -3.52 11.99 -5.27
N LYS A 47 -2.70 11.85 -6.33
CA LYS A 47 -2.96 12.37 -7.68
C LYS A 47 -2.30 11.50 -8.78
N LYS A 48 -2.92 11.28 -9.94
CA LYS A 48 -2.20 10.73 -11.12
C LYS A 48 -1.44 11.85 -11.82
N LYS A 49 -0.24 11.61 -12.38
CA LYS A 49 0.63 12.71 -12.87
C LYS A 49 -0.04 13.64 -13.91
N ASP A 50 -0.92 13.11 -14.76
CA ASP A 50 -1.70 13.90 -15.74
C ASP A 50 -2.89 14.70 -15.13
N GLY A 51 -3.16 14.58 -13.82
CA GLY A 51 -4.13 15.41 -13.09
C GLY A 51 -5.36 14.70 -12.51
N THR A 52 -5.39 13.36 -12.41
CA THR A 52 -6.50 12.64 -11.71
C THR A 52 -6.51 13.04 -10.24
N GLN A 53 -7.65 13.51 -9.75
CA GLN A 53 -7.91 13.79 -8.33
C GLN A 53 -8.46 12.55 -7.63
N GLN A 54 -8.04 12.31 -6.38
CA GLN A 54 -8.63 11.27 -5.55
C GLN A 54 -10.04 11.70 -5.07
N PHE A 55 -11.09 11.17 -5.71
CA PHE A 55 -12.52 11.36 -5.36
C PHE A 55 -13.44 10.50 -6.26
N TYR A 56 -13.30 10.64 -7.58
CA TYR A 56 -14.33 10.24 -8.55
C TYR A 56 -14.55 8.72 -8.62
N HIS A 57 -13.49 7.93 -8.81
CA HIS A 57 -13.58 6.48 -8.56
C HIS A 57 -13.21 6.19 -7.10
N TYR A 58 -14.19 5.93 -6.23
CA TYR A 58 -13.98 6.00 -4.78
C TYR A 58 -13.09 4.88 -4.20
N ALA A 59 -12.96 3.75 -4.89
CA ALA A 59 -11.95 2.74 -4.56
C ALA A 59 -10.49 3.26 -4.70
N SER A 60 -10.29 4.30 -5.51
CA SER A 60 -9.05 5.09 -5.62
C SER A 60 -9.19 6.48 -4.95
N SER A 61 -10.10 6.65 -3.99
CA SER A 61 -10.11 7.75 -3.02
C SER A 61 -9.39 7.32 -1.73
N VAL A 62 -8.97 8.24 -0.86
CA VAL A 62 -8.03 7.97 0.25
C VAL A 62 -8.50 6.89 1.24
N LYS A 63 -7.54 6.13 1.75
CA LYS A 63 -7.71 4.87 2.49
C LYS A 63 -6.99 4.90 3.85
N PRO A 64 -7.42 4.04 4.81
CA PRO A 64 -6.64 3.74 6.00
C PRO A 64 -5.35 2.97 5.65
N ALA A 65 -4.34 3.16 6.50
CA ALA A 65 -3.03 2.50 6.44
C ALA A 65 -2.46 2.32 7.87
N ARG A 66 -1.26 1.76 8.00
CA ARG A 66 -0.65 1.38 9.28
C ARG A 66 0.87 1.36 9.23
N VAL A 67 1.51 1.98 10.23
CA VAL A 67 2.96 1.94 10.46
C VAL A 67 3.28 0.82 11.45
N ILE A 68 4.05 -0.16 10.97
CA ILE A 68 4.68 -1.22 11.78
C ILE A 68 6.14 -0.87 12.09
N PHE A 69 6.39 -0.65 13.38
CA PHE A 69 7.68 -0.20 13.91
C PHE A 69 8.69 -1.35 13.88
N THR A 70 9.77 -1.15 13.13
CA THR A 70 10.71 -2.19 12.67
C THR A 70 12.15 -1.72 12.94
N ASP A 71 13.12 -2.36 12.32
CA ASP A 71 14.53 -1.94 12.25
C ASP A 71 14.70 -0.61 11.47
N SER A 72 15.92 -0.23 11.11
CA SER A 72 16.21 1.02 10.37
C SER A 72 15.53 1.16 8.99
N LYS A 73 14.93 0.09 8.45
CA LYS A 73 13.99 0.16 7.33
C LYS A 73 12.55 -0.18 7.81
N PRO A 74 11.64 0.81 7.95
CA PRO A 74 10.30 0.58 8.51
C PRO A 74 9.36 -0.14 7.53
N GLU A 75 8.30 -0.75 8.07
CA GLU A 75 7.36 -1.60 7.34
C GLU A 75 5.93 -1.05 7.53
N ILE A 76 5.13 -0.97 6.46
CA ILE A 76 3.78 -0.40 6.52
C ILE A 76 2.75 -1.28 5.82
N GLU A 77 1.47 -1.11 6.19
CA GLU A 77 0.31 -1.80 5.64
C GLU A 77 -0.65 -0.80 4.99
N LEU A 78 -1.16 -1.15 3.80
CA LEU A 78 -2.11 -0.38 3.00
C LEU A 78 -3.41 -1.17 2.82
N GLY A 79 -4.56 -0.50 3.01
CA GLY A 79 -5.89 -1.03 2.66
C GLY A 79 -6.26 -0.70 1.21
N LEU A 80 -6.70 -1.70 0.44
CA LEU A 80 -7.05 -1.60 -0.97
C LEU A 80 -8.52 -1.99 -1.16
N GLN A 81 -9.29 -1.11 -1.80
CA GLN A 81 -10.73 -1.25 -1.99
C GLN A 81 -11.04 -1.75 -3.41
N SER A 82 -12.05 -2.60 -3.55
CA SER A 82 -12.48 -3.23 -4.80
C SER A 82 -11.35 -3.95 -5.57
N GLY A 83 -10.58 -4.80 -4.87
CA GLY A 83 -9.55 -5.69 -5.45
C GLY A 83 -10.06 -6.62 -6.55
N GLN A 84 -11.38 -6.77 -6.65
CA GLN A 84 -12.11 -7.33 -7.80
C GLN A 84 -11.77 -6.68 -9.16
N PHE A 85 -11.30 -5.42 -9.19
CA PHE A 85 -11.03 -4.67 -10.43
C PHE A 85 -9.52 -4.43 -10.69
N TRP A 86 -8.68 -4.45 -9.66
CA TRP A 86 -7.23 -4.17 -9.76
C TRP A 86 -6.44 -5.40 -10.25
N ARG A 87 -5.53 -5.21 -11.23
CA ARG A 87 -4.76 -6.30 -11.85
C ARG A 87 -3.25 -6.19 -11.60
N LYS A 88 -2.52 -5.34 -12.32
CA LYS A 88 -1.05 -5.20 -12.15
C LYS A 88 -0.68 -4.08 -11.16
N PHE A 89 0.46 -4.21 -10.47
CA PHE A 89 0.84 -3.35 -9.34
C PHE A 89 2.36 -3.29 -9.07
N GLU A 90 2.85 -2.08 -8.75
CA GLU A 90 4.27 -1.69 -8.59
C GLU A 90 4.37 -0.43 -7.72
N VAL A 91 5.47 -0.28 -6.97
CA VAL A 91 5.73 0.87 -6.07
C VAL A 91 7.22 1.25 -6.02
N TYR A 92 7.54 2.55 -6.19
CA TYR A 92 8.92 3.06 -6.11
C TYR A 92 9.07 4.54 -5.66
N GLU A 93 10.27 4.89 -5.20
CA GLU A 93 10.72 6.24 -4.83
C GLU A 93 12.11 6.48 -5.44
N GLY A 94 12.17 7.03 -6.66
CA GLY A 94 13.42 7.41 -7.31
C GLY A 94 14.38 6.23 -7.51
N ASP A 95 15.53 6.29 -6.83
CA ASP A 95 16.57 5.25 -6.86
C ASP A 95 16.29 4.05 -5.91
N LYS A 96 15.16 4.05 -5.18
CA LYS A 96 14.72 2.95 -4.30
C LYS A 96 13.33 2.44 -4.73
N LYS A 97 13.23 1.23 -5.29
CA LYS A 97 11.95 0.52 -5.52
C LYS A 97 11.56 -0.39 -4.35
N LEU A 98 10.27 -0.40 -3.99
CA LEU A 98 9.76 -1.12 -2.81
C LEU A 98 8.93 -2.35 -3.26
N PRO A 99 9.27 -3.60 -2.88
CA PRO A 99 8.56 -4.80 -3.31
C PRO A 99 7.34 -5.05 -2.42
N ILE A 100 6.19 -5.25 -3.05
CA ILE A 100 4.87 -5.33 -2.39
C ILE A 100 4.30 -6.76 -2.24
N LYS A 101 3.48 -7.01 -1.21
CA LYS A 101 3.01 -8.35 -0.83
C LYS A 101 1.62 -8.31 -0.16
N LEU A 102 0.77 -9.32 -0.32
CA LEU A 102 -0.53 -9.38 0.39
C LEU A 102 -0.36 -9.93 1.82
N VAL A 103 -1.05 -9.31 2.79
CA VAL A 103 -1.10 -9.77 4.19
C VAL A 103 -2.44 -10.42 4.56
N SER A 104 -3.55 -10.02 3.91
CA SER A 104 -4.88 -10.66 3.98
C SER A 104 -5.78 -10.09 2.87
N TYR A 105 -6.97 -10.67 2.68
CA TYR A 105 -8.03 -10.14 1.80
C TYR A 105 -9.42 -10.70 2.14
N ASP A 106 -10.43 -9.83 2.02
CA ASP A 106 -11.78 -10.00 2.56
C ASP A 106 -12.75 -10.27 1.39
N THR A 107 -12.99 -11.55 1.12
CA THR A 107 -13.77 -12.06 -0.03
C THR A 107 -15.25 -11.72 0.02
N VAL A 108 -15.81 -11.48 1.20
CA VAL A 108 -17.17 -10.95 1.36
C VAL A 108 -17.25 -9.51 0.83
N LYS A 109 -16.28 -8.66 1.19
CA LYS A 109 -16.28 -7.22 0.90
C LYS A 109 -15.63 -6.83 -0.44
N ASP A 110 -14.87 -7.72 -1.09
CA ASP A 110 -14.02 -7.46 -2.26
C ASP A 110 -12.81 -6.56 -1.91
N TYR A 111 -12.40 -6.50 -0.65
CA TYR A 111 -11.31 -5.66 -0.11
C TYR A 111 -10.00 -6.46 0.04
N ALA A 112 -8.83 -5.81 0.06
CA ALA A 112 -7.52 -6.45 0.23
C ALA A 112 -6.55 -5.62 1.08
N TYR A 113 -5.52 -6.27 1.64
CA TYR A 113 -4.52 -5.63 2.50
C TYR A 113 -3.09 -5.96 2.03
N ILE A 114 -2.31 -4.94 1.68
CA ILE A 114 -0.93 -5.03 1.15
C ILE A 114 0.06 -4.60 2.25
N ARG A 115 1.29 -5.11 2.24
CA ARG A 115 2.34 -4.82 3.22
C ARG A 115 3.73 -4.80 2.58
N PHE A 116 4.62 -3.90 3.01
CA PHE A 116 5.98 -3.72 2.47
C PHE A 116 6.91 -2.83 3.31
N SER A 117 8.22 -2.97 3.13
CA SER A 117 9.23 -2.13 3.77
C SER A 117 9.68 -0.99 2.85
N VAL A 118 9.78 0.24 3.38
CA VAL A 118 9.89 1.48 2.59
C VAL A 118 11.15 2.30 2.90
N SER A 119 11.43 3.26 2.03
CA SER A 119 12.41 4.34 2.22
C SER A 119 12.21 5.05 3.56
N ASN A 120 13.24 4.99 4.41
CA ASN A 120 13.16 5.53 5.77
C ASN A 120 12.96 7.06 5.76
N GLY A 121 11.85 7.54 6.35
CA GLY A 121 11.53 8.98 6.46
C GLY A 121 11.02 9.63 5.17
N THR A 122 10.55 8.87 4.16
CA THR A 122 9.98 9.40 2.91
C THR A 122 8.76 10.30 3.15
N LYS A 123 8.53 11.24 2.23
CA LYS A 123 7.38 12.16 2.25
C LYS A 123 6.33 11.91 1.14
N ALA A 124 6.67 11.13 0.10
CA ALA A 124 5.82 10.87 -1.06
C ALA A 124 6.42 9.76 -1.96
N VAL A 125 5.58 8.96 -2.60
CA VAL A 125 6.00 7.80 -3.42
C VAL A 125 5.11 7.62 -4.64
N LYS A 126 5.61 6.93 -5.67
CA LYS A 126 4.86 6.61 -6.88
C LYS A 126 4.25 5.21 -6.78
N ILE A 127 2.91 5.14 -6.78
CA ILE A 127 2.11 3.92 -6.85
C ILE A 127 1.75 3.71 -8.32
N VAL A 128 2.10 2.56 -8.90
CA VAL A 128 2.03 2.31 -10.35
C VAL A 128 1.20 1.05 -10.59
N SER A 129 -0.13 1.19 -10.64
CA SER A 129 -1.07 0.06 -10.58
C SER A 129 -2.36 0.30 -11.38
N SER A 130 -2.89 -0.73 -12.04
CA SER A 130 -3.98 -0.62 -13.04
C SER A 130 -5.27 -1.35 -12.63
N THR A 131 -6.43 -0.75 -12.98
CA THR A 131 -7.76 -1.37 -12.89
C THR A 131 -8.34 -1.67 -14.26
N HIS A 132 -8.84 -2.90 -14.45
CA HIS A 132 -9.76 -3.27 -15.54
C HIS A 132 -10.43 -4.63 -15.23
N PHE A 133 -11.74 -4.77 -15.47
CA PHE A 133 -12.46 -6.03 -15.20
C PHE A 133 -13.84 -6.13 -15.88
N ASN A 134 -13.95 -7.03 -16.86
CA ASN A 134 -15.19 -7.33 -17.58
C ASN A 134 -15.76 -6.03 -18.22
N ASN A 135 -17.07 -5.79 -18.12
CA ASN A 135 -17.77 -4.64 -18.70
C ASN A 135 -17.28 -3.25 -18.20
N LYS A 136 -16.48 -3.19 -17.14
CA LYS A 136 -15.83 -1.96 -16.64
C LYS A 136 -14.76 -1.44 -17.62
N GLU A 137 -14.47 -0.15 -17.54
CA GLU A 137 -13.38 0.55 -18.23
C GLU A 137 -11.98 -0.01 -17.88
N GLU A 138 -11.00 0.28 -18.73
CA GLU A 138 -9.57 0.17 -18.42
C GLU A 138 -8.91 1.53 -18.19
N LYS A 139 -7.84 1.55 -17.39
CA LYS A 139 -7.37 2.76 -16.70
C LYS A 139 -5.84 2.87 -16.48
N TYR A 140 -5.39 4.03 -16.01
CA TYR A 140 -4.00 4.50 -15.79
C TYR A 140 -3.14 3.61 -14.88
N ASP A 141 -1.82 3.91 -14.80
CA ASP A 141 -0.97 3.46 -13.69
C ASP A 141 -0.37 4.55 -12.78
N TYR A 142 0.41 5.50 -13.32
CA TYR A 142 1.40 6.32 -12.58
C TYR A 142 0.79 7.35 -11.58
N THR A 143 0.56 6.91 -10.33
CA THR A 143 -0.21 7.64 -9.32
C THR A 143 0.66 8.03 -8.13
N LEU A 144 0.90 9.32 -8.00
CA LEU A 144 1.72 9.94 -6.95
C LEU A 144 0.94 10.06 -5.63
N MET A 145 1.42 9.42 -4.56
CA MET A 145 0.86 9.47 -3.20
C MET A 145 1.75 10.25 -2.23
N GLU A 146 1.14 11.16 -1.46
CA GLU A 146 1.78 12.01 -0.44
C GLU A 146 1.35 11.60 0.98
N PHE A 147 2.26 11.69 1.96
CA PHE A 147 2.06 11.21 3.33
C PHE A 147 1.16 12.08 4.23
N ALA A 148 0.56 11.46 5.26
CA ALA A 148 -0.19 12.15 6.33
C ALA A 148 0.64 12.44 7.59
N GLN A 149 1.70 11.69 7.85
CA GLN A 149 2.73 11.86 8.88
C GLN A 149 4.01 11.19 8.36
N PRO A 150 5.23 11.52 8.86
CA PRO A 150 6.46 10.81 8.55
C PRO A 150 6.36 9.30 8.82
N ILE A 151 7.03 8.50 7.99
CA ILE A 151 7.11 7.06 8.21
C ILE A 151 8.23 6.77 9.23
N TYR A 152 7.81 6.49 10.46
CA TYR A 152 8.68 6.33 11.64
C TYR A 152 9.13 4.87 11.83
N ASN A 153 10.37 4.67 12.29
CA ASN A 153 10.96 3.35 12.50
C ASN A 153 10.88 2.86 13.96
N SER A 154 11.15 3.73 14.94
CA SER A 154 11.40 3.37 16.34
C SER A 154 12.52 2.30 16.46
N ALA A 155 13.60 2.48 15.70
CA ALA A 155 14.55 1.42 15.31
C ALA A 155 15.31 0.73 16.45
N ASP A 156 15.34 1.33 17.65
CA ASP A 156 15.96 0.78 18.85
C ASP A 156 15.23 -0.45 19.42
N LYS A 157 13.90 -0.53 19.24
CA LYS A 157 13.05 -1.48 19.97
C LYS A 157 12.94 -2.87 19.33
N PHE A 158 13.05 -2.97 18.00
CA PHE A 158 13.10 -4.24 17.27
C PHE A 158 14.23 -4.23 16.24
N LYS A 159 15.38 -4.71 16.68
CA LYS A 159 16.61 -4.86 15.87
C LYS A 159 17.37 -6.16 16.19
N THR A 160 17.09 -6.78 17.36
CA THR A 160 17.65 -8.05 17.86
C THR A 160 16.56 -8.86 18.57
N GLU A 161 16.27 -10.07 18.08
CA GLU A 161 15.39 -11.07 18.70
C GLU A 161 16.01 -12.48 18.56
N GLU A 162 15.71 -13.40 19.47
CA GLU A 162 16.46 -14.65 19.68
C GLU A 162 15.54 -15.86 19.96
N ASP A 163 16.06 -17.08 19.76
CA ASP A 163 15.33 -18.37 19.86
C ASP A 163 15.89 -19.32 20.93
N LEU A 16 7.02 -3.38 -12.32
CA LEU A 16 5.96 -4.39 -12.18
C LEU A 16 6.27 -5.37 -11.06
N ASN A 17 5.36 -5.53 -10.09
CA ASN A 17 5.58 -6.34 -8.89
C ASN A 17 4.57 -7.46 -8.69
N GLN A 18 3.30 -7.17 -8.91
CA GLN A 18 2.21 -8.08 -8.59
C GLN A 18 1.15 -8.07 -9.70
N GLU A 19 0.62 -9.24 -10.04
CA GLU A 19 -0.69 -9.41 -10.69
C GLU A 19 -1.73 -9.56 -9.56
N LEU A 20 -2.17 -8.44 -8.98
CA LEU A 20 -2.93 -8.37 -7.72
C LEU A 20 -4.20 -9.23 -7.75
N ARG A 21 -4.94 -9.24 -8.87
CA ARG A 21 -6.13 -10.09 -9.02
C ARG A 21 -5.80 -11.57 -8.84
N GLU A 22 -4.68 -12.03 -9.42
CA GLU A 22 -4.28 -13.44 -9.35
C GLU A 22 -3.72 -13.75 -7.96
N ALA A 23 -3.13 -12.75 -7.31
CA ALA A 23 -2.65 -12.87 -5.95
C ALA A 23 -3.78 -13.01 -4.91
N ILE A 24 -4.90 -12.28 -5.07
CA ILE A 24 -6.05 -12.35 -4.14
C ILE A 24 -6.92 -13.61 -4.31
N LYS A 25 -6.66 -14.42 -5.34
CA LYS A 25 -7.27 -15.74 -5.49
C LYS A 25 -6.60 -16.83 -4.62
N ASN A 26 -5.44 -16.54 -4.02
CA ASN A 26 -4.81 -17.45 -3.04
C ASN A 26 -5.73 -17.67 -1.81
N PRO A 27 -5.83 -18.91 -1.27
CA PRO A 27 -6.71 -19.18 -0.13
C PRO A 27 -6.20 -18.67 1.21
N ALA A 28 -4.87 -18.55 1.40
CA ALA A 28 -4.28 -18.38 2.73
C ALA A 28 -4.49 -16.99 3.35
N ILE A 29 -4.68 -15.95 2.54
CA ILE A 29 -4.87 -14.57 3.02
C ILE A 29 -6.33 -14.20 3.31
N LYS A 30 -7.30 -14.97 2.81
CA LYS A 30 -8.73 -14.68 2.98
C LYS A 30 -9.18 -14.84 4.44
N ASP A 31 -9.91 -13.84 4.96
CA ASP A 31 -10.56 -13.79 6.28
C ASP A 31 -9.58 -13.65 7.48
N LYS A 32 -8.35 -13.18 7.24
CA LYS A 32 -7.30 -13.01 8.25
C LYS A 32 -7.03 -11.54 8.61
N ASP A 33 -6.52 -11.29 9.84
CA ASP A 33 -5.91 -10.04 10.31
C ASP A 33 -4.62 -10.38 11.09
N HIS A 34 -3.72 -9.40 11.25
CA HIS A 34 -2.50 -9.52 12.04
C HIS A 34 -2.29 -8.24 12.88
N SER A 35 -3.17 -8.03 13.86
CA SER A 35 -3.12 -6.87 14.77
C SER A 35 -1.93 -6.92 15.75
N ALA A 36 -1.35 -5.76 16.07
CA ALA A 36 -0.16 -5.62 16.92
C ALA A 36 -0.06 -4.21 17.58
N PRO A 37 0.05 -4.11 18.93
CA PRO A 37 0.38 -2.88 19.66
C PRO A 37 1.74 -2.24 19.30
N ASN A 38 2.58 -2.94 18.53
CA ASN A 38 3.73 -2.38 17.82
C ASN A 38 3.35 -1.42 16.67
N SER A 39 2.09 -0.99 16.53
CA SER A 39 1.61 -0.19 15.40
C SER A 39 0.67 0.97 15.76
N ARG A 40 0.50 1.91 14.82
CA ARG A 40 -0.38 3.08 14.86
C ARG A 40 -0.96 3.41 13.45
N PRO A 41 -2.11 4.13 13.35
CA PRO A 41 -2.73 4.49 12.08
C PRO A 41 -1.91 5.46 11.22
N ILE A 42 -2.18 5.48 9.92
CA ILE A 42 -1.72 6.49 8.94
C ILE A 42 -2.74 6.62 7.79
N ASP A 43 -2.51 7.56 6.86
CA ASP A 43 -3.33 7.92 5.68
C ASP A 43 -2.47 8.78 4.71
N PHE A 44 -3.07 9.25 3.61
CA PHE A 44 -2.37 9.88 2.49
C PHE A 44 -3.25 10.82 1.66
N GLU A 45 -2.69 11.40 0.59
CA GLU A 45 -3.39 12.17 -0.45
C GLU A 45 -2.79 11.80 -1.83
N MET A 46 -3.61 11.50 -2.83
CA MET A 46 -3.13 11.14 -4.18
C MET A 46 -3.31 12.23 -5.24
N LYS A 47 -2.43 12.21 -6.23
CA LYS A 47 -2.49 12.98 -7.49
C LYS A 47 -1.62 12.38 -8.60
N LYS A 48 -2.08 12.37 -9.86
CA LYS A 48 -1.19 12.03 -11.00
C LYS A 48 -0.47 13.30 -11.46
N LYS A 49 0.88 13.27 -11.60
CA LYS A 49 1.70 14.49 -11.74
C LYS A 49 1.32 15.41 -12.92
N ASP A 50 0.62 14.92 -13.95
CA ASP A 50 0.14 15.72 -15.09
C ASP A 50 -1.15 16.53 -14.82
N GLY A 51 -1.77 16.38 -13.62
CA GLY A 51 -2.96 17.12 -13.18
C GLY A 51 -4.22 16.31 -12.84
N THR A 52 -4.13 15.03 -12.44
CA THR A 52 -5.29 14.28 -11.89
C THR A 52 -5.37 14.48 -10.37
N GLN A 53 -6.54 14.82 -9.83
CA GLN A 53 -6.79 14.86 -8.37
C GLN A 53 -7.62 13.65 -7.91
N GLN A 54 -7.45 13.23 -6.66
CA GLN A 54 -8.21 12.11 -6.09
C GLN A 54 -9.71 12.46 -5.94
N PHE A 55 -10.58 11.66 -6.58
CA PHE A 55 -12.02 11.90 -6.68
C PHE A 55 -12.78 10.73 -7.33
N TYR A 56 -12.30 10.25 -8.47
CA TYR A 56 -13.10 9.51 -9.46
C TYR A 56 -13.64 8.16 -9.00
N HIS A 57 -12.90 7.44 -8.16
CA HIS A 57 -13.27 6.14 -7.60
C HIS A 57 -12.80 6.04 -6.14
N TYR A 58 -13.49 5.30 -5.27
CA TYR A 58 -12.99 4.98 -3.92
C TYR A 58 -11.70 4.13 -3.97
N ALA A 59 -11.48 3.43 -5.08
CA ALA A 59 -10.25 2.75 -5.48
C ALA A 59 -9.06 3.70 -5.82
N SER A 60 -9.31 4.99 -5.99
CA SER A 60 -8.29 6.00 -6.33
C SER A 60 -8.38 7.27 -5.47
N SER A 61 -8.70 7.10 -4.18
CA SER A 61 -8.66 8.15 -3.15
C SER A 61 -8.41 7.59 -1.74
N VAL A 62 -8.33 8.47 -0.73
CA VAL A 62 -7.70 8.26 0.59
C VAL A 62 -8.31 7.13 1.43
N LYS A 63 -7.46 6.21 1.89
CA LYS A 63 -7.75 5.08 2.79
C LYS A 63 -6.92 5.15 4.11
N PRO A 64 -7.42 4.59 5.23
CA PRO A 64 -6.61 4.30 6.42
C PRO A 64 -5.56 3.21 6.15
N ALA A 65 -4.52 3.20 6.98
CA ALA A 65 -3.34 2.31 6.88
C ALA A 65 -2.66 2.11 8.26
N ARG A 66 -1.66 1.22 8.35
CA ARG A 66 -0.83 1.01 9.57
C ARG A 66 0.63 1.40 9.35
N VAL A 67 1.23 2.10 10.30
CA VAL A 67 2.69 2.08 10.52
C VAL A 67 3.00 1.05 11.60
N ILE A 68 3.82 0.05 11.27
CA ILE A 68 4.31 -1.00 12.19
C ILE A 68 5.80 -0.87 12.49
N PHE A 69 6.10 -0.62 13.76
CA PHE A 69 7.45 -0.42 14.27
C PHE A 69 8.21 -1.75 14.35
N THR A 70 9.43 -1.71 13.82
CA THR A 70 10.28 -2.85 13.42
C THR A 70 11.74 -2.42 13.69
N ASP A 71 12.72 -3.11 13.10
CA ASP A 71 14.11 -2.66 12.98
C ASP A 71 14.24 -1.31 12.23
N SER A 72 15.45 -0.92 11.83
CA SER A 72 15.77 0.37 11.17
C SER A 72 14.99 0.66 9.87
N LYS A 73 14.32 -0.34 9.30
CA LYS A 73 13.22 -0.12 8.35
C LYS A 73 11.87 -0.52 8.98
N PRO A 74 11.00 0.44 9.39
CA PRO A 74 9.60 0.16 9.71
C PRO A 74 8.88 -0.51 8.53
N GLU A 75 7.84 -1.25 8.88
CA GLU A 75 6.98 -2.01 7.97
C GLU A 75 5.61 -1.36 7.99
N ILE A 76 4.98 -1.17 6.84
CA ILE A 76 3.68 -0.50 6.78
C ILE A 76 2.67 -1.33 5.99
N GLU A 77 1.38 -1.13 6.30
CA GLU A 77 0.26 -1.83 5.68
C GLU A 77 -0.58 -0.83 4.90
N LEU A 78 -0.84 -1.12 3.63
CA LEU A 78 -1.79 -0.37 2.81
C LEU A 78 -2.99 -1.24 2.46
N GLY A 79 -4.19 -0.70 2.67
CA GLY A 79 -5.46 -1.28 2.25
C GLY A 79 -5.94 -0.68 0.93
N LEU A 80 -6.25 -1.53 -0.04
CA LEU A 80 -6.86 -1.19 -1.33
C LEU A 80 -8.30 -1.70 -1.38
N GLN A 81 -9.19 -1.04 -2.11
CA GLN A 81 -10.59 -1.45 -2.31
C GLN A 81 -10.90 -1.63 -3.80
N SER A 82 -11.97 -2.35 -4.11
CA SER A 82 -12.25 -2.94 -5.44
C SER A 82 -11.09 -3.81 -5.99
N GLY A 83 -10.47 -4.65 -5.14
CA GLY A 83 -9.31 -5.48 -5.47
C GLY A 83 -9.59 -6.61 -6.48
N GLN A 84 -10.87 -6.98 -6.64
CA GLN A 84 -11.35 -7.93 -7.65
C GLN A 84 -11.50 -7.26 -9.05
N PHE A 85 -11.46 -5.92 -9.10
CA PHE A 85 -11.57 -5.07 -10.31
C PHE A 85 -10.23 -4.41 -10.68
N TRP A 86 -9.28 -4.37 -9.75
CA TRP A 86 -7.85 -4.18 -10.01
C TRP A 86 -7.24 -5.35 -10.82
N ARG A 87 -6.00 -5.17 -11.29
CA ARG A 87 -5.24 -6.09 -12.16
C ARG A 87 -3.75 -6.04 -11.77
N LYS A 88 -2.85 -5.50 -12.60
CA LYS A 88 -1.41 -5.34 -12.30
C LYS A 88 -1.14 -4.19 -11.30
N PHE A 89 -0.01 -4.21 -10.56
CA PHE A 89 0.31 -3.32 -9.42
C PHE A 89 1.81 -3.27 -9.07
N GLU A 90 2.33 -2.06 -8.74
CA GLU A 90 3.73 -1.72 -8.46
C GLU A 90 3.84 -0.44 -7.60
N VAL A 91 4.89 -0.35 -6.76
CA VAL A 91 5.18 0.76 -5.83
C VAL A 91 6.67 1.13 -5.82
N TYR A 92 6.98 2.43 -5.93
CA TYR A 92 8.33 2.97 -6.21
C TYR A 92 8.59 4.36 -5.62
N GLU A 93 9.84 4.74 -5.37
CA GLU A 93 10.23 6.06 -4.87
C GLU A 93 11.60 6.52 -5.42
N GLY A 94 11.60 7.13 -6.61
CA GLY A 94 12.83 7.50 -7.32
C GLY A 94 13.42 6.26 -7.98
N ASP A 95 14.53 5.75 -7.46
CA ASP A 95 15.09 4.43 -7.78
C ASP A 95 14.87 3.40 -6.66
N LYS A 96 14.42 3.80 -5.45
CA LYS A 96 14.06 2.87 -4.38
C LYS A 96 12.75 2.15 -4.78
N LYS A 97 12.82 0.85 -5.08
CA LYS A 97 11.64 0.02 -5.36
C LYS A 97 11.08 -0.53 -4.04
N LEU A 98 9.76 -0.51 -3.85
CA LEU A 98 9.14 -1.10 -2.66
C LEU A 98 8.46 -2.41 -3.09
N PRO A 99 9.07 -3.59 -2.86
CA PRO A 99 8.48 -4.86 -3.27
C PRO A 99 7.35 -5.19 -2.30
N ILE A 100 6.16 -5.39 -2.88
CA ILE A 100 4.90 -5.58 -2.15
C ILE A 100 4.43 -7.04 -2.16
N LYS A 101 3.68 -7.43 -1.12
CA LYS A 101 3.02 -8.73 -1.01
C LYS A 101 1.75 -8.63 -0.15
N LEU A 102 0.75 -9.49 -0.39
CA LEU A 102 -0.48 -9.57 0.42
C LEU A 102 -0.18 -10.07 1.84
N VAL A 103 -0.96 -9.58 2.81
CA VAL A 103 -1.10 -10.16 4.16
C VAL A 103 -2.53 -10.63 4.47
N SER A 104 -3.54 -9.97 3.88
CA SER A 104 -4.96 -10.29 4.09
C SER A 104 -5.79 -9.94 2.85
N TYR A 105 -6.87 -10.68 2.61
CA TYR A 105 -7.95 -10.30 1.69
C TYR A 105 -9.34 -10.45 2.33
N ASP A 106 -10.29 -9.65 1.88
CA ASP A 106 -11.71 -9.69 2.26
C ASP A 106 -12.56 -9.86 0.99
N THR A 107 -13.00 -11.09 0.74
CA THR A 107 -13.77 -11.45 -0.45
C THR A 107 -15.15 -10.79 -0.50
N VAL A 108 -15.70 -10.38 0.64
CA VAL A 108 -17.03 -9.77 0.76
C VAL A 108 -16.97 -8.28 0.40
N LYS A 109 -15.99 -7.55 0.95
CA LYS A 109 -15.82 -6.11 0.70
C LYS A 109 -15.06 -5.79 -0.61
N ASP A 110 -14.39 -6.78 -1.20
CA ASP A 110 -13.43 -6.64 -2.32
C ASP A 110 -12.19 -5.84 -1.88
N TYR A 111 -11.70 -6.06 -0.65
CA TYR A 111 -10.66 -5.26 -0.01
C TYR A 111 -9.37 -6.07 0.21
N ALA A 112 -8.21 -5.50 -0.13
CA ALA A 112 -6.90 -6.18 -0.12
C ALA A 112 -5.88 -5.43 0.73
N TYR A 113 -5.15 -6.14 1.58
CA TYR A 113 -4.11 -5.57 2.45
C TYR A 113 -2.72 -6.06 2.02
N ILE A 114 -1.82 -5.13 1.67
CA ILE A 114 -0.41 -5.42 1.35
C ILE A 114 0.54 -4.93 2.45
N ARG A 115 1.74 -5.51 2.49
CA ARG A 115 2.87 -5.08 3.32
C ARG A 115 4.11 -4.75 2.48
N PHE A 116 4.97 -3.90 3.05
CA PHE A 116 6.30 -3.51 2.55
C PHE A 116 7.04 -2.71 3.63
N SER A 117 8.36 -2.54 3.51
CA SER A 117 9.19 -1.86 4.54
C SER A 117 10.15 -0.80 3.97
N VAL A 118 10.37 0.29 4.71
CA VAL A 118 11.04 1.52 4.22
C VAL A 118 11.70 2.29 5.37
N SER A 119 12.78 3.02 5.08
CA SER A 119 13.21 4.22 5.81
C SER A 119 14.22 5.00 4.96
N ASN A 120 13.72 5.88 4.08
CA ASN A 120 14.49 6.94 3.41
C ASN A 120 13.91 8.34 3.70
N GLY A 121 13.09 8.46 4.76
CA GLY A 121 12.37 9.70 5.06
C GLY A 121 11.32 10.02 4.00
N THR A 122 10.69 8.99 3.41
CA THR A 122 9.82 9.16 2.23
C THR A 122 8.61 10.05 2.53
N LYS A 123 8.40 11.08 1.71
CA LYS A 123 7.32 12.07 1.83
C LYS A 123 6.25 11.89 0.72
N ALA A 124 6.62 11.30 -0.41
CA ALA A 124 5.74 11.06 -1.56
C ALA A 124 6.27 9.94 -2.48
N VAL A 125 5.38 9.07 -2.96
CA VAL A 125 5.69 7.73 -3.52
C VAL A 125 4.92 7.50 -4.81
N LYS A 126 5.50 6.85 -5.83
CA LYS A 126 4.84 6.62 -7.11
C LYS A 126 4.11 5.26 -7.08
N ILE A 127 2.79 5.30 -7.26
CA ILE A 127 1.93 4.13 -7.46
C ILE A 127 1.75 3.95 -8.97
N VAL A 128 1.79 2.70 -9.42
CA VAL A 128 1.54 2.28 -10.80
C VAL A 128 0.69 1.01 -10.74
N SER A 129 -0.42 0.97 -11.48
CA SER A 129 -1.46 -0.06 -11.33
C SER A 129 -2.43 -0.05 -12.53
N SER A 130 -3.23 -1.11 -12.67
CA SER A 130 -4.19 -1.30 -13.76
C SER A 130 -5.54 -1.80 -13.25
N THR A 131 -6.64 -1.40 -13.90
CA THR A 131 -8.01 -1.54 -13.41
C THR A 131 -9.02 -1.73 -14.54
N HIS A 132 -10.15 -2.34 -14.21
CA HIS A 132 -11.28 -2.53 -15.12
C HIS A 132 -12.59 -2.57 -14.30
N PHE A 133 -13.36 -1.46 -14.32
CA PHE A 133 -14.58 -1.27 -13.55
C PHE A 133 -15.80 -1.51 -14.45
N ASN A 134 -16.41 -2.69 -14.31
CA ASN A 134 -17.24 -3.29 -15.35
C ASN A 134 -16.51 -3.21 -16.73
N ASN A 135 -17.19 -2.87 -17.81
CA ASN A 135 -16.60 -2.81 -19.16
C ASN A 135 -15.82 -1.51 -19.47
N LYS A 136 -15.44 -0.72 -18.45
CA LYS A 136 -14.57 0.46 -18.59
C LYS A 136 -13.15 0.16 -18.05
N GLU A 137 -12.10 0.44 -18.83
CA GLU A 137 -10.73 0.36 -18.33
C GLU A 137 -10.29 1.64 -17.61
N GLU A 138 -9.37 1.51 -16.64
CA GLU A 138 -8.72 2.62 -15.95
C GLU A 138 -7.26 2.26 -15.61
N LYS A 139 -6.40 3.26 -15.49
CA LYS A 139 -4.94 3.12 -15.41
C LYS A 139 -4.33 4.07 -14.36
N TYR A 140 -3.28 3.61 -13.67
CA TYR A 140 -2.39 4.42 -12.83
C TYR A 140 -0.98 4.28 -13.45
N ASP A 141 -0.48 5.36 -14.08
CA ASP A 141 0.69 5.31 -14.96
C ASP A 141 1.95 5.95 -14.34
N TYR A 142 1.73 6.90 -13.42
CA TYR A 142 2.72 7.56 -12.55
C TYR A 142 2.00 8.44 -11.53
N THR A 143 1.34 7.79 -10.57
CA THR A 143 0.35 8.43 -9.70
C THR A 143 0.96 8.57 -8.31
N LEU A 144 1.23 9.82 -7.92
CA LEU A 144 1.94 10.16 -6.69
C LEU A 144 0.98 10.14 -5.50
N MET A 145 1.28 9.27 -4.53
CA MET A 145 0.72 9.34 -3.18
C MET A 145 1.65 10.18 -2.30
N GLU A 146 1.13 11.26 -1.73
CA GLU A 146 1.81 12.13 -0.76
C GLU A 146 1.30 11.81 0.67
N PHE A 147 2.19 11.95 1.65
CA PHE A 147 2.02 11.44 3.00
C PHE A 147 0.98 12.16 3.89
N ALA A 148 0.56 11.48 4.96
CA ALA A 148 0.12 12.14 6.19
C ALA A 148 1.27 12.27 7.23
N GLN A 149 2.21 11.32 7.29
CA GLN A 149 3.32 11.28 8.26
C GLN A 149 4.56 10.64 7.60
N PRO A 150 5.80 10.95 8.04
CA PRO A 150 7.03 10.42 7.43
C PRO A 150 7.32 8.97 7.82
N ILE A 151 7.81 8.19 6.85
CA ILE A 151 8.24 6.80 7.05
C ILE A 151 9.77 6.76 7.27
N TYR A 152 10.17 6.71 8.54
CA TYR A 152 11.57 6.74 8.98
C TYR A 152 11.77 6.21 10.41
N ASN A 153 13.00 5.90 10.80
CA ASN A 153 13.36 5.38 12.13
C ASN A 153 14.34 6.28 12.92
N SER A 154 14.96 7.28 12.26
CA SER A 154 16.01 8.17 12.77
C SER A 154 17.38 7.44 12.89
N ALA A 155 17.76 6.71 11.83
CA ALA A 155 19.13 6.19 11.63
C ALA A 155 20.15 7.30 11.30
N ASP A 156 19.66 8.49 10.93
CA ASP A 156 20.41 9.60 10.33
C ASP A 156 21.41 10.31 11.28
N LYS A 157 21.58 9.84 12.53
CA LYS A 157 22.63 10.30 13.46
C LYS A 157 23.92 9.46 13.41
N PHE A 158 23.85 8.23 12.89
CA PHE A 158 24.92 7.23 12.98
C PHE A 158 25.62 7.05 11.63
N LYS A 159 26.95 7.04 11.61
CA LYS A 159 27.76 6.82 10.40
C LYS A 159 29.16 6.24 10.70
N THR A 160 29.83 6.76 11.74
CA THR A 160 31.06 6.20 12.35
C THR A 160 31.06 6.48 13.85
N GLU A 161 31.37 5.45 14.65
CA GLU A 161 31.51 5.50 16.10
C GLU A 161 32.70 4.61 16.56
N GLU A 162 33.55 5.10 17.47
CA GLU A 162 34.94 4.63 17.55
C GLU A 162 35.50 4.43 18.97
N ASP A 163 36.40 3.46 19.14
CA ASP A 163 37.11 3.07 20.39
C ASP A 163 38.63 3.00 20.18
N LEU A 16 8.06 -6.43 -9.72
CA LEU A 16 6.62 -6.60 -10.04
C LEU A 16 6.16 -8.02 -9.70
N ASN A 17 5.37 -8.19 -8.64
CA ASN A 17 4.90 -9.51 -8.20
C ASN A 17 3.76 -10.07 -9.06
N GLN A 18 2.63 -9.35 -9.19
CA GLN A 18 1.36 -9.87 -9.73
C GLN A 18 0.41 -8.73 -10.20
N GLU A 19 -0.63 -9.10 -10.95
CA GLU A 19 -1.89 -8.33 -10.99
C GLU A 19 -2.67 -8.56 -9.69
N LEU A 20 -3.22 -7.49 -9.09
CA LEU A 20 -3.93 -7.50 -7.82
C LEU A 20 -5.13 -8.48 -7.86
N ARG A 21 -5.90 -8.51 -8.96
CA ARG A 21 -6.89 -9.57 -9.25
C ARG A 21 -6.35 -10.99 -9.03
N GLU A 22 -5.16 -11.32 -9.55
CA GLU A 22 -4.63 -12.68 -9.48
C GLU A 22 -4.03 -12.94 -8.08
N ALA A 23 -3.55 -11.88 -7.42
CA ALA A 23 -3.01 -11.97 -6.07
C ALA A 23 -4.06 -12.35 -5.01
N ILE A 24 -5.32 -11.94 -5.17
CA ILE A 24 -6.40 -12.23 -4.19
C ILE A 24 -6.97 -13.64 -4.29
N LYS A 25 -6.59 -14.42 -5.31
CA LYS A 25 -7.00 -15.83 -5.46
C LYS A 25 -6.24 -16.79 -4.53
N ASN A 26 -5.07 -16.35 -4.01
CA ASN A 26 -4.24 -17.12 -3.08
C ASN A 26 -5.00 -17.53 -1.79
N PRO A 27 -4.75 -18.71 -1.19
CA PRO A 27 -5.43 -19.13 0.04
C PRO A 27 -4.77 -18.64 1.34
N ALA A 28 -3.44 -18.47 1.38
CA ALA A 28 -2.63 -18.32 2.60
C ALA A 28 -2.79 -16.95 3.32
N ILE A 29 -3.57 -16.04 2.74
CA ILE A 29 -3.90 -14.72 3.29
C ILE A 29 -5.37 -14.57 3.68
N LYS A 30 -6.24 -15.53 3.35
CA LYS A 30 -7.69 -15.35 3.45
C LYS A 30 -8.18 -15.24 4.91
N ASP A 31 -8.78 -14.10 5.25
CA ASP A 31 -9.46 -13.73 6.51
C ASP A 31 -8.53 -13.48 7.71
N LYS A 32 -7.23 -13.21 7.47
CA LYS A 32 -6.23 -12.96 8.53
C LYS A 32 -6.22 -11.53 9.11
N ASP A 33 -5.64 -11.36 10.29
CA ASP A 33 -5.41 -10.10 11.00
C ASP A 33 -3.97 -10.00 11.55
N HIS A 34 -3.44 -8.78 11.71
CA HIS A 34 -2.12 -8.51 12.28
C HIS A 34 -2.17 -7.23 13.16
N SER A 35 -2.91 -7.30 14.25
CA SER A 35 -3.07 -6.21 15.23
C SER A 35 -2.11 -6.35 16.43
N ALA A 36 -1.34 -5.30 16.73
CA ALA A 36 -0.33 -5.27 17.82
C ALA A 36 -0.01 -3.85 18.30
N PRO A 37 0.60 -3.69 19.51
CA PRO A 37 1.14 -2.42 19.98
C PRO A 37 2.30 -1.86 19.13
N ASN A 38 3.03 -2.73 18.41
CA ASN A 38 4.15 -2.38 17.51
C ASN A 38 3.74 -1.58 16.25
N SER A 39 2.49 -1.09 16.18
CA SER A 39 2.02 -0.23 15.10
C SER A 39 1.13 0.94 15.56
N ARG A 40 0.96 1.95 14.71
CA ARG A 40 -0.03 3.03 14.83
C ARG A 40 -0.70 3.33 13.47
N PRO A 41 -1.98 3.79 13.45
CA PRO A 41 -2.74 3.97 12.22
C PRO A 41 -2.30 5.22 11.43
N ILE A 42 -2.55 5.21 10.12
CA ILE A 42 -2.17 6.27 9.17
C ILE A 42 -3.12 6.33 7.95
N ASP A 43 -2.86 7.26 7.03
CA ASP A 43 -3.59 7.55 5.79
C ASP A 43 -2.68 8.18 4.70
N PHE A 44 -3.22 8.48 3.51
CA PHE A 44 -2.57 9.04 2.31
C PHE A 44 -3.62 9.42 1.26
N GLU A 45 -3.25 10.21 0.25
CA GLU A 45 -3.98 10.28 -1.03
C GLU A 45 -3.10 9.69 -2.15
N MET A 46 -3.72 9.23 -3.25
CA MET A 46 -2.99 8.80 -4.47
C MET A 46 -3.45 9.58 -5.69
N LYS A 47 -2.52 10.33 -6.29
CA LYS A 47 -2.79 11.23 -7.42
C LYS A 47 -1.56 11.56 -8.29
N LYS A 48 -1.67 11.48 -9.62
CA LYS A 48 -0.59 11.94 -10.52
C LYS A 48 -0.49 13.47 -10.52
N LYS A 49 0.63 14.05 -10.99
CA LYS A 49 0.96 15.44 -10.65
C LYS A 49 -0.09 16.48 -11.11
N ASP A 50 -0.72 16.23 -12.26
CA ASP A 50 -1.83 17.02 -12.86
C ASP A 50 -3.19 16.84 -12.12
N GLY A 51 -3.25 15.95 -11.14
CA GLY A 51 -4.33 15.78 -10.16
C GLY A 51 -5.13 14.48 -10.26
N THR A 52 -4.94 13.66 -11.30
CA THR A 52 -5.71 12.41 -11.54
C THR A 52 -5.65 11.50 -10.33
N GLN A 53 -6.78 11.27 -9.68
CA GLN A 53 -6.90 10.43 -8.50
C GLN A 53 -7.38 9.04 -8.92
N GLN A 54 -6.80 7.97 -8.38
CA GLN A 54 -7.44 6.66 -8.47
C GLN A 54 -8.54 6.64 -7.39
N PHE A 55 -9.75 7.05 -7.77
CA PHE A 55 -10.85 7.34 -6.86
C PHE A 55 -11.37 6.08 -6.15
N TYR A 56 -11.05 4.88 -6.65
CA TYR A 56 -11.24 3.63 -5.93
C TYR A 56 -10.55 3.60 -4.55
N HIS A 57 -9.50 4.39 -4.30
CA HIS A 57 -8.89 4.49 -2.96
C HIS A 57 -9.84 5.12 -1.90
N TYR A 58 -10.84 5.90 -2.32
CA TYR A 58 -12.02 6.23 -1.52
C TYR A 58 -13.21 5.29 -1.72
N ALA A 59 -13.55 4.95 -2.97
CA ALA A 59 -14.93 4.67 -3.39
C ALA A 59 -15.63 3.53 -2.61
N SER A 60 -15.08 2.31 -2.57
CA SER A 60 -15.85 1.17 -2.05
C SER A 60 -15.91 1.07 -0.51
N SER A 61 -15.04 1.77 0.22
CA SER A 61 -14.96 1.78 1.69
C SER A 61 -13.95 2.83 2.17
N VAL A 62 -14.11 3.38 3.39
CA VAL A 62 -13.14 4.30 4.00
C VAL A 62 -11.81 3.59 4.29
N LYS A 63 -10.69 4.24 3.99
CA LYS A 63 -9.39 3.58 3.80
C LYS A 63 -8.55 3.48 5.11
N PRO A 64 -8.14 2.27 5.54
CA PRO A 64 -7.22 2.08 6.65
C PRO A 64 -5.76 1.97 6.17
N ALA A 65 -4.81 2.38 7.03
CA ALA A 65 -3.39 2.04 6.91
C ALA A 65 -2.70 2.02 8.30
N ARG A 66 -1.51 1.44 8.41
CA ARG A 66 -0.70 1.45 9.64
C ARG A 66 0.80 1.44 9.41
N VAL A 67 1.49 2.17 10.28
CA VAL A 67 2.95 2.21 10.38
C VAL A 67 3.39 1.06 11.28
N ILE A 68 4.10 0.10 10.69
CA ILE A 68 4.77 -1.00 11.41
C ILE A 68 6.23 -0.66 11.77
N PHE A 69 6.52 -0.57 13.07
CA PHE A 69 7.85 -0.16 13.53
C PHE A 69 8.88 -1.27 13.26
N THR A 70 9.89 -0.93 12.46
CA THR A 70 10.84 -1.84 11.81
C THR A 70 12.18 -1.10 11.68
N ASP A 71 13.31 -1.81 11.75
CA ASP A 71 14.57 -1.19 12.19
C ASP A 71 15.35 -0.44 11.10
N SER A 72 16.06 -1.15 10.23
CA SER A 72 16.88 -0.50 9.18
C SER A 72 16.02 0.35 8.23
N LYS A 73 14.88 -0.21 7.82
CA LYS A 73 13.79 0.44 7.08
C LYS A 73 12.49 0.35 7.92
N PRO A 74 11.59 1.35 7.92
CA PRO A 74 10.21 1.16 8.35
C PRO A 74 9.43 0.27 7.36
N GLU A 75 8.28 -0.25 7.80
CA GLU A 75 7.37 -1.04 6.99
C GLU A 75 5.93 -0.58 7.24
N ILE A 76 5.05 -0.61 6.24
CA ILE A 76 3.65 -0.21 6.41
C ILE A 76 2.68 -1.20 5.76
N GLU A 77 1.45 -1.23 6.27
CA GLU A 77 0.40 -2.15 5.82
C GLU A 77 -0.88 -1.36 5.50
N LEU A 78 -1.38 -1.49 4.26
CA LEU A 78 -2.45 -0.67 3.68
C LEU A 78 -3.65 -1.54 3.28
N GLY A 79 -4.88 -1.03 3.41
CA GLY A 79 -6.10 -1.70 2.93
C GLY A 79 -6.64 -1.06 1.64
N LEU A 80 -6.81 -1.88 0.60
CA LEU A 80 -7.45 -1.55 -0.68
C LEU A 80 -8.83 -2.20 -0.75
N GLN A 81 -9.80 -1.48 -1.31
CA GLN A 81 -11.22 -1.81 -1.33
C GLN A 81 -11.70 -2.14 -2.76
N SER A 82 -12.63 -3.07 -2.89
CA SER A 82 -13.02 -3.70 -4.17
C SER A 82 -11.85 -4.31 -4.96
N GLY A 83 -11.09 -5.24 -4.37
CA GLY A 83 -9.92 -5.89 -4.97
C GLY A 83 -10.17 -6.60 -6.32
N GLN A 84 -11.41 -6.91 -6.70
CA GLN A 84 -11.76 -7.39 -8.04
C GLN A 84 -11.68 -6.33 -9.15
N PHE A 85 -11.47 -5.05 -8.82
CA PHE A 85 -11.45 -3.93 -9.79
C PHE A 85 -10.03 -3.43 -10.09
N TRP A 86 -9.06 -3.70 -9.21
CA TRP A 86 -7.66 -3.30 -9.34
C TRP A 86 -6.86 -4.38 -10.13
N ARG A 87 -6.07 -3.98 -11.14
CA ARG A 87 -5.23 -4.89 -11.97
C ARG A 87 -3.74 -4.73 -11.65
N LYS A 88 -2.87 -4.44 -12.63
CA LYS A 88 -1.41 -4.37 -12.41
C LYS A 88 -1.01 -3.19 -11.50
N PHE A 89 -0.01 -3.39 -10.63
CA PHE A 89 0.31 -2.49 -9.51
C PHE A 89 1.76 -2.65 -9.04
N GLU A 90 2.44 -1.53 -8.75
CA GLU A 90 3.87 -1.50 -8.37
C GLU A 90 4.23 -0.22 -7.57
N VAL A 91 5.17 -0.32 -6.62
CA VAL A 91 5.58 0.78 -5.71
C VAL A 91 7.09 1.01 -5.70
N TYR A 92 7.50 2.28 -5.87
CA TYR A 92 8.88 2.74 -6.08
C TYR A 92 9.10 4.17 -5.56
N GLU A 93 10.33 4.53 -5.15
CA GLU A 93 10.67 5.89 -4.71
C GLU A 93 12.12 6.26 -5.03
N GLY A 94 12.33 7.27 -5.88
CA GLY A 94 13.64 7.89 -6.16
C GLY A 94 14.57 6.99 -6.95
N ASP A 95 15.50 6.35 -6.24
CA ASP A 95 16.46 5.37 -6.78
C ASP A 95 16.12 3.92 -6.39
N LYS A 96 15.14 3.66 -5.51
CA LYS A 96 14.86 2.34 -4.92
C LYS A 96 13.39 1.88 -4.97
N LYS A 97 13.19 0.56 -4.93
CA LYS A 97 11.89 -0.13 -4.96
C LYS A 97 11.34 -0.41 -3.54
N LEU A 98 10.02 -0.42 -3.37
CA LEU A 98 9.36 -0.76 -2.09
C LEU A 98 8.63 -2.11 -2.30
N PRO A 99 9.15 -3.24 -1.77
CA PRO A 99 8.70 -4.57 -2.17
C PRO A 99 7.34 -4.92 -1.55
N ILE A 100 6.38 -5.29 -2.39
CA ILE A 100 4.98 -5.57 -2.00
C ILE A 100 4.76 -7.04 -1.62
N LYS A 101 4.01 -7.28 -0.53
CA LYS A 101 3.42 -8.57 -0.13
C LYS A 101 1.91 -8.41 0.21
N LEU A 102 1.11 -9.47 0.15
CA LEU A 102 -0.26 -9.51 0.70
C LEU A 102 -0.23 -10.00 2.17
N VAL A 103 -0.86 -9.24 3.08
CA VAL A 103 -0.98 -9.60 4.51
C VAL A 103 -2.36 -10.22 4.84
N SER A 104 -3.42 -9.89 4.08
CA SER A 104 -4.76 -10.47 4.25
C SER A 104 -5.66 -10.23 3.03
N TYR A 105 -6.60 -11.13 2.72
CA TYR A 105 -7.77 -10.87 1.86
C TYR A 105 -9.11 -11.25 2.53
N ASP A 106 -10.12 -10.40 2.43
CA ASP A 106 -11.47 -10.57 3.00
C ASP A 106 -12.49 -10.85 1.90
N THR A 107 -12.77 -12.14 1.67
CA THR A 107 -13.62 -12.63 0.58
C THR A 107 -15.09 -12.21 0.69
N VAL A 108 -15.56 -11.89 1.89
CA VAL A 108 -16.91 -11.33 2.13
C VAL A 108 -17.00 -9.85 1.72
N LYS A 109 -16.02 -9.01 2.08
CA LYS A 109 -16.03 -7.57 1.76
C LYS A 109 -15.39 -7.19 0.40
N ASP A 110 -14.58 -8.08 -0.18
CA ASP A 110 -13.68 -7.85 -1.32
C ASP A 110 -12.52 -6.89 -0.96
N TYR A 111 -12.02 -6.97 0.28
CA TYR A 111 -10.93 -6.14 0.80
C TYR A 111 -9.56 -6.83 0.65
N ALA A 112 -8.57 -6.13 0.09
CA ALA A 112 -7.20 -6.63 -0.07
C ALA A 112 -6.22 -5.81 0.79
N TYR A 113 -5.54 -6.45 1.72
CA TYR A 113 -4.57 -5.81 2.61
C TYR A 113 -3.14 -6.13 2.18
N ILE A 114 -2.39 -5.12 1.76
CA ILE A 114 -1.00 -5.20 1.29
C ILE A 114 -0.01 -4.70 2.36
N ARG A 115 1.27 -5.03 2.17
CA ARG A 115 2.42 -4.67 3.00
C ARG A 115 3.56 -4.21 2.08
N PHE A 116 4.38 -3.24 2.52
CA PHE A 116 5.70 -3.00 1.94
C PHE A 116 6.67 -2.30 2.90
N SER A 117 7.96 -2.65 2.77
CA SER A 117 9.07 -1.92 3.41
C SER A 117 9.30 -0.60 2.65
N VAL A 118 9.36 0.53 3.35
CA VAL A 118 9.42 1.86 2.72
C VAL A 118 10.86 2.35 2.53
N SER A 119 11.02 3.48 1.82
CA SER A 119 12.23 4.29 1.90
C SER A 119 12.25 5.17 3.16
N ASN A 120 13.45 5.37 3.73
CA ASN A 120 13.60 6.06 5.01
C ASN A 120 13.17 7.55 4.93
N GLY A 121 12.30 8.01 5.82
CA GLY A 121 11.85 9.41 5.90
C GLY A 121 10.94 9.83 4.73
N THR A 122 10.27 8.89 4.06
CA THR A 122 9.49 9.15 2.84
C THR A 122 8.17 9.86 3.12
N LYS A 123 7.80 10.74 2.19
CA LYS A 123 6.55 11.52 2.18
C LYS A 123 5.79 11.38 0.85
N ALA A 124 6.47 11.60 -0.28
CA ALA A 124 5.93 11.31 -1.61
C ALA A 124 6.57 10.05 -2.22
N VAL A 125 5.74 9.16 -2.79
CA VAL A 125 6.13 7.84 -3.32
C VAL A 125 5.48 7.62 -4.70
N LYS A 126 6.18 7.01 -5.66
CA LYS A 126 5.68 6.79 -7.02
C LYS A 126 5.04 5.39 -7.16
N ILE A 127 3.72 5.40 -7.32
CA ILE A 127 2.84 4.26 -7.56
C ILE A 127 2.58 4.15 -9.08
N VAL A 128 2.52 2.93 -9.58
CA VAL A 128 1.94 2.60 -10.90
C VAL A 128 0.80 1.62 -10.65
N SER A 129 -0.32 1.77 -11.38
CA SER A 129 -1.59 1.13 -11.06
C SER A 129 -2.47 0.95 -12.31
N SER A 130 -3.58 0.24 -12.20
CA SER A 130 -4.60 0.08 -13.25
C SER A 130 -5.94 -0.40 -12.65
N THR A 131 -7.07 0.04 -13.24
CA THR A 131 -8.45 -0.24 -12.77
C THR A 131 -9.31 -0.74 -13.92
N HIS A 132 -10.32 -1.55 -13.63
CA HIS A 132 -11.34 -2.00 -14.58
C HIS A 132 -12.75 -1.95 -13.93
N PHE A 133 -13.54 -0.95 -14.33
CA PHE A 133 -14.87 -0.64 -13.80
C PHE A 133 -15.89 -0.52 -14.95
N ASN A 134 -16.87 -1.43 -14.96
CA ASN A 134 -17.87 -1.58 -16.04
C ASN A 134 -17.14 -2.02 -17.35
N ASN A 135 -17.49 -1.46 -18.52
CA ASN A 135 -16.81 -1.78 -19.79
C ASN A 135 -15.46 -1.03 -19.96
N LYS A 136 -15.23 0.03 -19.19
CA LYS A 136 -14.03 0.87 -19.24
C LYS A 136 -12.76 0.16 -18.73
N GLU A 137 -11.60 0.54 -19.28
CA GLU A 137 -10.27 0.32 -18.70
C GLU A 137 -9.62 1.66 -18.32
N GLU A 138 -8.74 1.64 -17.31
CA GLU A 138 -8.11 2.82 -16.72
C GLU A 138 -6.67 2.49 -16.33
N LYS A 139 -5.69 3.23 -16.86
CA LYS A 139 -4.26 2.99 -16.69
C LYS A 139 -3.48 4.23 -16.22
N TYR A 140 -2.39 4.00 -15.50
CA TYR A 140 -1.46 5.04 -15.04
C TYR A 140 -0.02 4.79 -15.53
N ASP A 141 0.67 5.84 -15.96
CA ASP A 141 2.12 5.84 -16.29
C ASP A 141 2.98 6.31 -15.11
N TYR A 142 2.42 7.19 -14.26
CA TYR A 142 2.94 7.67 -12.99
C TYR A 142 1.79 8.14 -12.08
N THR A 143 1.91 7.93 -10.76
CA THR A 143 0.91 8.33 -9.75
C THR A 143 1.66 8.54 -8.44
N LEU A 144 1.43 9.64 -7.72
CA LEU A 144 2.10 9.89 -6.44
C LEU A 144 1.16 9.51 -5.29
N MET A 145 1.60 8.65 -4.38
CA MET A 145 1.04 8.59 -3.03
C MET A 145 1.68 9.71 -2.22
N GLU A 146 0.84 10.52 -1.58
CA GLU A 146 1.25 11.72 -0.84
C GLU A 146 0.65 11.65 0.57
N PHE A 147 1.54 11.86 1.54
CA PHE A 147 1.42 11.54 2.96
C PHE A 147 0.29 12.23 3.73
N ALA A 148 -0.27 11.53 4.72
CA ALA A 148 -0.91 12.18 5.87
C ALA A 148 0.15 12.70 6.87
N GLN A 149 1.09 11.82 7.26
CA GLN A 149 2.29 12.09 8.06
C GLN A 149 3.46 11.27 7.46
N PRO A 150 4.74 11.64 7.68
CA PRO A 150 5.89 10.90 7.17
C PRO A 150 6.03 9.53 7.86
N ILE A 151 6.60 8.57 7.13
CA ILE A 151 6.67 7.18 7.59
C ILE A 151 7.87 6.99 8.54
N TYR A 152 7.58 6.99 9.84
CA TYR A 152 8.58 7.07 10.92
C TYR A 152 8.87 5.74 11.63
N ASN A 153 10.04 5.65 12.26
CA ASN A 153 10.56 4.46 12.93
C ASN A 153 10.96 4.72 14.40
N SER A 154 10.83 5.98 14.86
CA SER A 154 11.16 6.45 16.21
C SER A 154 12.69 6.55 16.41
N ALA A 155 13.32 7.33 15.52
CA ALA A 155 14.76 7.55 15.42
C ALA A 155 15.43 8.09 16.71
N ASP A 156 14.65 8.66 17.62
CA ASP A 156 15.06 9.03 18.97
C ASP A 156 15.61 7.84 19.77
N LYS A 157 14.92 6.69 19.72
CA LYS A 157 15.27 5.47 20.45
C LYS A 157 15.85 4.34 19.59
N PHE A 158 15.69 4.37 18.26
CA PHE A 158 16.20 3.35 17.35
C PHE A 158 16.96 3.96 16.16
N LYS A 159 18.30 3.81 16.15
CA LYS A 159 19.15 4.22 15.02
C LYS A 159 20.41 3.34 14.88
N THR A 160 21.18 3.14 15.97
CA THR A 160 22.39 2.32 15.99
C THR A 160 22.42 1.52 17.28
N GLU A 161 22.63 0.21 17.15
CA GLU A 161 22.58 -0.76 18.24
C GLU A 161 23.72 -1.79 18.09
N GLU A 162 24.21 -2.29 19.23
CA GLU A 162 25.27 -3.30 19.35
C GLU A 162 24.91 -4.34 20.45
N ASP A 163 25.74 -5.37 20.69
CA ASP A 163 25.40 -6.56 21.49
C ASP A 163 26.53 -7.05 22.41
N LEU A 16 6.64 -8.25 -11.52
CA LEU A 16 5.51 -8.34 -10.58
C LEU A 16 5.19 -9.80 -10.24
N ASN A 17 5.40 -10.19 -8.99
CA ASN A 17 5.37 -11.57 -8.52
C ASN A 17 3.96 -12.12 -8.18
N GLN A 18 2.91 -11.28 -8.12
CA GLN A 18 1.51 -11.71 -8.01
C GLN A 18 0.55 -10.64 -8.56
N GLU A 19 -0.56 -11.05 -9.19
CA GLU A 19 -1.67 -10.15 -9.51
C GLU A 19 -2.81 -10.26 -8.47
N LEU A 20 -3.41 -9.12 -8.14
CA LEU A 20 -4.30 -8.92 -6.98
C LEU A 20 -5.51 -9.88 -6.99
N ARG A 21 -6.16 -10.07 -8.14
CA ARG A 21 -7.20 -11.10 -8.34
C ARG A 21 -6.78 -12.49 -7.84
N GLU A 22 -5.57 -12.94 -8.19
CA GLU A 22 -5.05 -14.27 -7.82
C GLU A 22 -4.53 -14.26 -6.39
N ALA A 23 -4.06 -13.10 -5.93
CA ALA A 23 -3.52 -12.93 -4.59
C ALA A 23 -4.60 -13.16 -3.50
N ILE A 24 -5.86 -12.83 -3.79
CA ILE A 24 -7.01 -13.10 -2.87
C ILE A 24 -7.53 -14.55 -2.97
N LYS A 25 -6.99 -15.33 -3.92
CA LYS A 25 -7.28 -16.76 -4.11
C LYS A 25 -6.17 -17.68 -3.56
N ASN A 26 -5.23 -17.14 -2.77
CA ASN A 26 -4.40 -17.91 -1.84
C ASN A 26 -5.22 -18.42 -0.63
N PRO A 27 -4.75 -19.44 0.13
CA PRO A 27 -5.44 -19.94 1.32
C PRO A 27 -5.06 -19.20 2.62
N ALA A 28 -3.76 -19.05 2.93
CA ALA A 28 -3.27 -18.74 4.28
C ALA A 28 -3.40 -17.27 4.74
N ILE A 29 -4.09 -16.42 3.96
CA ILE A 29 -4.32 -15.00 4.26
C ILE A 29 -5.74 -14.70 4.77
N LYS A 30 -6.67 -15.66 4.68
CA LYS A 30 -8.09 -15.44 4.94
C LYS A 30 -8.43 -15.26 6.43
N ASP A 31 -9.24 -14.25 6.72
CA ASP A 31 -9.79 -13.84 8.02
C ASP A 31 -8.72 -13.33 9.01
N LYS A 32 -7.55 -12.89 8.52
CA LYS A 32 -6.43 -12.40 9.35
C LYS A 32 -6.51 -10.89 9.63
N ASP A 33 -5.90 -10.44 10.74
CA ASP A 33 -5.78 -9.04 11.15
C ASP A 33 -4.49 -8.83 11.97
N HIS A 34 -3.85 -7.66 11.82
CA HIS A 34 -2.57 -7.36 12.46
C HIS A 34 -2.48 -5.88 12.89
N SER A 35 -3.26 -5.52 13.91
CA SER A 35 -3.12 -4.27 14.67
C SER A 35 -2.68 -4.56 16.11
N ALA A 36 -1.67 -3.83 16.61
CA ALA A 36 -1.02 -4.06 17.90
C ALA A 36 -0.30 -2.80 18.42
N PRO A 37 0.17 -2.78 19.69
CA PRO A 37 1.11 -1.77 20.21
C PRO A 37 2.41 -1.64 19.39
N ASN A 38 2.81 -2.67 18.62
CA ASN A 38 3.96 -2.62 17.71
C ASN A 38 3.72 -1.75 16.45
N SER A 39 2.62 -1.00 16.36
CA SER A 39 2.27 -0.24 15.17
C SER A 39 1.37 0.98 15.45
N ARG A 40 1.36 1.99 14.55
CA ARG A 40 0.58 3.25 14.66
C ARG A 40 -0.18 3.57 13.35
N PRO A 41 -1.45 4.05 13.39
CA PRO A 41 -2.27 4.26 12.20
C PRO A 41 -1.86 5.49 11.39
N ILE A 42 -2.19 5.52 10.09
CA ILE A 42 -1.86 6.62 9.15
C ILE A 42 -2.84 6.71 7.96
N ASP A 43 -2.72 7.74 7.11
CA ASP A 43 -3.51 8.04 5.90
C ASP A 43 -2.61 8.65 4.79
N PHE A 44 -3.17 9.04 3.63
CA PHE A 44 -2.46 9.60 2.45
C PHE A 44 -3.40 10.34 1.48
N GLU A 45 -2.91 10.87 0.34
CA GLU A 45 -3.69 11.36 -0.81
C GLU A 45 -2.96 11.01 -2.13
N MET A 46 -3.69 10.83 -3.25
CA MET A 46 -3.10 10.40 -4.55
C MET A 46 -3.52 11.25 -5.76
N LYS A 47 -2.56 11.51 -6.65
CA LYS A 47 -2.72 12.33 -7.88
C LYS A 47 -1.55 12.16 -8.87
N LYS A 48 -1.65 12.58 -10.14
CA LYS A 48 -0.48 12.65 -11.06
C LYS A 48 -0.18 14.03 -11.66
N LYS A 49 0.99 14.16 -12.31
CA LYS A 49 1.52 15.42 -12.88
C LYS A 49 0.54 16.16 -13.82
N ASP A 50 -0.23 15.38 -14.58
CA ASP A 50 -1.29 15.79 -15.51
C ASP A 50 -2.50 16.46 -14.81
N GLY A 51 -2.52 16.50 -13.48
CA GLY A 51 -3.61 17.03 -12.65
C GLY A 51 -4.54 15.94 -12.12
N THR A 52 -4.48 14.72 -12.67
CA THR A 52 -5.38 13.57 -12.37
C THR A 52 -5.49 13.34 -10.88
N GLN A 53 -6.73 13.30 -10.37
CA GLN A 53 -7.06 12.88 -9.02
C GLN A 53 -7.38 11.38 -9.03
N GLN A 54 -7.15 10.68 -7.92
CA GLN A 54 -7.71 9.34 -7.73
C GLN A 54 -9.25 9.35 -7.69
N PHE A 55 -9.88 8.22 -7.98
CA PHE A 55 -11.33 8.04 -7.85
C PHE A 55 -11.77 8.01 -6.38
N TYR A 56 -12.97 8.51 -6.09
CA TYR A 56 -13.51 8.62 -4.73
C TYR A 56 -14.37 7.41 -4.31
N HIS A 57 -14.71 6.53 -5.25
CA HIS A 57 -15.28 5.21 -4.98
C HIS A 57 -14.31 4.34 -4.13
N TYR A 58 -14.83 3.69 -3.09
CA TYR A 58 -14.03 3.24 -1.94
C TYR A 58 -12.99 2.14 -2.25
N ALA A 59 -13.15 1.37 -3.33
CA ALA A 59 -12.14 0.46 -3.89
C ALA A 59 -10.86 1.17 -4.41
N SER A 60 -10.91 2.48 -4.68
CA SER A 60 -9.79 3.23 -5.27
C SER A 60 -9.45 4.55 -4.56
N SER A 61 -10.18 4.93 -3.51
CA SER A 61 -9.98 6.20 -2.79
C SER A 61 -8.90 6.15 -1.70
N VAL A 62 -8.79 7.22 -0.91
CA VAL A 62 -7.92 7.32 0.27
C VAL A 62 -8.35 6.30 1.33
N LYS A 63 -7.37 5.60 1.91
CA LYS A 63 -7.59 4.51 2.86
C LYS A 63 -6.91 4.77 4.22
N PRO A 64 -7.41 4.19 5.32
CA PRO A 64 -6.63 4.01 6.54
C PRO A 64 -5.52 2.96 6.32
N ALA A 65 -4.41 3.13 7.02
CA ALA A 65 -3.20 2.30 6.94
C ALA A 65 -2.48 2.19 8.30
N ARG A 66 -1.45 1.34 8.41
CA ARG A 66 -0.79 0.99 9.68
C ARG A 66 0.73 0.84 9.51
N VAL A 67 1.47 1.69 10.23
CA VAL A 67 2.95 1.70 10.24
C VAL A 67 3.44 0.74 11.32
N ILE A 68 4.09 -0.33 10.88
CA ILE A 68 4.65 -1.43 11.71
C ILE A 68 6.14 -1.20 12.06
N PHE A 69 6.45 -1.17 13.36
CA PHE A 69 7.78 -0.90 13.86
C PHE A 69 8.71 -2.12 13.70
N THR A 70 9.80 -1.87 12.96
CA THR A 70 10.71 -2.84 12.34
C THR A 70 12.16 -2.36 12.56
N ASP A 71 13.14 -2.88 11.83
CA ASP A 71 14.52 -2.35 11.76
C ASP A 71 14.61 -1.03 10.96
N SER A 72 15.81 -0.67 10.49
CA SER A 72 16.13 0.59 9.80
C SER A 72 15.32 0.86 8.53
N LYS A 73 14.62 -0.15 8.00
CA LYS A 73 13.55 0.00 6.99
C LYS A 73 12.18 -0.35 7.62
N PRO A 74 11.31 0.64 7.91
CA PRO A 74 9.97 0.40 8.42
C PRO A 74 9.10 -0.42 7.45
N GLU A 75 8.02 -1.01 7.99
CA GLU A 75 7.02 -1.75 7.22
C GLU A 75 5.66 -1.05 7.32
N ILE A 76 4.90 -1.03 6.23
CA ILE A 76 3.61 -0.34 6.18
C ILE A 76 2.52 -1.23 5.56
N GLU A 77 1.35 -1.31 6.19
CA GLU A 77 0.20 -2.11 5.71
C GLU A 77 -0.95 -1.20 5.23
N LEU A 78 -1.39 -1.39 3.99
CA LEU A 78 -2.52 -0.68 3.36
C LEU A 78 -3.66 -1.67 3.02
N GLY A 79 -4.92 -1.24 3.19
CA GLY A 79 -6.13 -2.03 2.91
C GLY A 79 -6.95 -1.49 1.75
N LEU A 80 -7.12 -2.31 0.71
CA LEU A 80 -8.02 -2.08 -0.43
C LEU A 80 -9.31 -2.91 -0.24
N GLN A 81 -10.32 -2.68 -1.07
CA GLN A 81 -11.56 -3.46 -1.08
C GLN A 81 -12.01 -3.74 -2.51
N SER A 82 -12.82 -4.79 -2.69
CA SER A 82 -13.17 -5.39 -3.99
C SER A 82 -11.95 -5.79 -4.83
N GLY A 83 -11.11 -6.66 -4.25
CA GLY A 83 -9.86 -7.14 -4.86
C GLY A 83 -10.02 -7.91 -6.17
N GLN A 84 -11.24 -8.36 -6.50
CA GLN A 84 -11.56 -8.98 -7.78
C GLN A 84 -11.59 -7.99 -8.96
N PHE A 85 -11.62 -6.67 -8.69
CA PHE A 85 -11.51 -5.61 -9.70
C PHE A 85 -10.07 -5.12 -9.89
N TRP A 86 -9.22 -5.26 -8.87
CA TRP A 86 -7.79 -4.93 -8.95
C TRP A 86 -6.98 -5.98 -9.73
N ARG A 87 -6.00 -5.54 -10.56
CA ARG A 87 -5.00 -6.45 -11.16
C ARG A 87 -3.58 -6.19 -10.64
N LYS A 88 -3.08 -4.95 -10.64
CA LYS A 88 -1.69 -4.68 -10.23
C LYS A 88 -1.43 -3.26 -9.67
N PHE A 89 -0.31 -3.14 -8.96
CA PHE A 89 0.13 -2.00 -8.16
C PHE A 89 1.65 -2.14 -7.98
N GLU A 90 2.41 -1.06 -8.13
CA GLU A 90 3.88 -1.05 -8.09
C GLU A 90 4.36 0.30 -7.54
N VAL A 91 5.30 0.27 -6.58
CA VAL A 91 5.77 1.42 -5.79
C VAL A 91 7.30 1.60 -5.91
N TYR A 92 7.77 2.85 -5.99
CA TYR A 92 9.17 3.22 -6.20
C TYR A 92 9.54 4.55 -5.52
N GLU A 93 10.73 4.64 -4.93
CA GLU A 93 11.29 5.90 -4.42
C GLU A 93 12.82 5.86 -4.42
N GLY A 94 13.43 7.00 -4.78
CA GLY A 94 14.88 7.14 -4.82
C GLY A 94 15.50 6.32 -5.94
N ASP A 95 16.24 5.28 -5.55
CA ASP A 95 16.83 4.28 -6.46
C ASP A 95 16.21 2.88 -6.28
N LYS A 96 15.21 2.73 -5.40
CA LYS A 96 14.67 1.43 -4.97
C LYS A 96 13.16 1.26 -5.22
N LYS A 97 12.75 0.00 -5.38
CA LYS A 97 11.34 -0.39 -5.30
C LYS A 97 10.96 -0.58 -3.82
N LEU A 98 9.71 -0.26 -3.45
CA LEU A 98 9.16 -0.60 -2.14
C LEU A 98 8.37 -1.91 -2.35
N PRO A 99 8.88 -3.08 -1.90
CA PRO A 99 8.43 -4.36 -2.42
C PRO A 99 7.13 -4.79 -1.74
N ILE A 100 6.10 -5.08 -2.54
CA ILE A 100 4.77 -5.47 -2.05
C ILE A 100 4.57 -6.99 -1.92
N LYS A 101 3.68 -7.37 -1.00
CA LYS A 101 3.04 -8.68 -0.89
C LYS A 101 1.65 -8.53 -0.27
N LEU A 102 0.70 -9.42 -0.62
CA LEU A 102 -0.64 -9.48 -0.05
C LEU A 102 -0.61 -10.38 1.20
N VAL A 103 -1.06 -9.86 2.34
CA VAL A 103 -0.83 -10.49 3.67
C VAL A 103 -2.12 -10.94 4.38
N SER A 104 -3.25 -10.29 4.09
CA SER A 104 -4.55 -10.65 4.68
C SER A 104 -5.69 -10.40 3.68
N TYR A 105 -6.73 -11.25 3.70
CA TYR A 105 -8.01 -11.05 3.01
C TYR A 105 -9.19 -11.31 3.95
N ASP A 106 -10.31 -10.60 3.74
CA ASP A 106 -11.55 -10.78 4.50
C ASP A 106 -12.74 -10.83 3.55
N THR A 107 -13.23 -12.06 3.30
CA THR A 107 -14.37 -12.35 2.45
C THR A 107 -15.68 -11.70 2.89
N VAL A 108 -15.82 -11.34 4.18
CA VAL A 108 -17.05 -10.73 4.73
C VAL A 108 -17.07 -9.24 4.44
N LYS A 109 -15.94 -8.56 4.67
CA LYS A 109 -15.77 -7.11 4.43
C LYS A 109 -15.47 -6.78 2.95
N ASP A 110 -15.09 -7.79 2.15
CA ASP A 110 -14.64 -7.67 0.75
C ASP A 110 -13.27 -6.97 0.66
N TYR A 111 -12.47 -7.05 1.74
CA TYR A 111 -11.24 -6.29 1.97
C TYR A 111 -9.96 -7.13 1.72
N ALA A 112 -8.90 -6.49 1.22
CA ALA A 112 -7.61 -7.11 0.88
C ALA A 112 -6.45 -6.21 1.30
N TYR A 113 -5.51 -6.74 2.09
CA TYR A 113 -4.45 -5.95 2.73
C TYR A 113 -3.05 -6.33 2.19
N ILE A 114 -2.32 -5.33 1.69
CA ILE A 114 -0.92 -5.44 1.25
C ILE A 114 0.02 -4.88 2.34
N ARG A 115 1.29 -5.32 2.37
CA ARG A 115 2.35 -4.77 3.22
C ARG A 115 3.61 -4.47 2.40
N PHE A 116 4.32 -3.36 2.67
CA PHE A 116 5.63 -3.11 2.03
C PHE A 116 6.68 -2.42 2.91
N SER A 117 7.96 -2.66 2.59
CA SER A 117 9.12 -2.05 3.24
C SER A 117 9.38 -0.65 2.66
N VAL A 118 9.39 0.42 3.48
CA VAL A 118 9.37 1.80 2.96
C VAL A 118 10.77 2.35 2.65
N SER A 119 10.84 3.54 2.03
CA SER A 119 12.10 4.29 1.88
C SER A 119 12.48 5.00 3.18
N ASN A 120 13.78 5.03 3.51
CA ASN A 120 14.27 5.86 4.62
C ASN A 120 13.95 7.35 4.35
N GLY A 121 13.09 7.95 5.19
CA GLY A 121 12.69 9.36 5.07
C GLY A 121 11.55 9.57 4.07
N THR A 122 10.60 8.62 3.96
CA THR A 122 9.47 8.67 3.01
C THR A 122 8.62 9.91 3.27
N LYS A 123 8.50 10.79 2.27
CA LYS A 123 7.63 11.99 2.29
C LYS A 123 6.62 12.05 1.13
N ALA A 124 6.94 11.39 0.01
CA ALA A 124 6.13 11.29 -1.22
C ALA A 124 6.70 10.19 -2.13
N VAL A 125 5.84 9.38 -2.77
CA VAL A 125 6.28 8.17 -3.51
C VAL A 125 5.62 8.03 -4.89
N LYS A 126 6.28 7.30 -5.79
CA LYS A 126 5.78 7.00 -7.14
C LYS A 126 5.00 5.68 -7.13
N ILE A 127 3.77 5.72 -7.66
CA ILE A 127 2.81 4.62 -7.82
C ILE A 127 2.52 4.41 -9.31
N VAL A 128 2.32 3.16 -9.73
CA VAL A 128 1.87 2.74 -11.07
C VAL A 128 0.97 1.49 -10.92
N SER A 129 -0.22 1.47 -11.53
CA SER A 129 -1.29 0.53 -11.17
C SER A 129 -2.23 0.15 -12.34
N SER A 130 -3.09 -0.87 -12.18
CA SER A 130 -4.06 -1.32 -13.19
C SER A 130 -5.21 -2.17 -12.61
N THR A 131 -6.39 -2.09 -13.24
CA THR A 131 -7.66 -2.70 -12.83
C THR A 131 -8.39 -3.33 -14.01
N HIS A 132 -9.38 -4.18 -13.72
CA HIS A 132 -10.28 -4.81 -14.69
C HIS A 132 -11.63 -5.11 -14.02
N PHE A 133 -12.69 -4.44 -14.48
CA PHE A 133 -14.03 -4.52 -13.89
C PHE A 133 -15.10 -4.36 -14.97
N ASN A 134 -16.09 -5.26 -14.96
CA ASN A 134 -16.93 -5.57 -16.13
C ASN A 134 -16.01 -5.93 -17.33
N ASN A 135 -16.35 -5.56 -18.56
CA ASN A 135 -15.60 -5.93 -19.75
C ASN A 135 -14.29 -5.14 -19.94
N LYS A 136 -14.15 -3.94 -19.37
CA LYS A 136 -12.98 -3.07 -19.61
C LYS A 136 -11.84 -3.23 -18.57
N GLU A 137 -10.63 -2.84 -18.96
CA GLU A 137 -9.49 -2.54 -18.09
C GLU A 137 -9.25 -1.03 -17.96
N GLU A 138 -8.67 -0.59 -16.84
CA GLU A 138 -8.41 0.81 -16.56
C GLU A 138 -7.08 0.94 -15.78
N LYS A 139 -6.17 1.77 -16.27
CA LYS A 139 -4.72 1.63 -16.06
C LYS A 139 -4.00 2.99 -15.90
N TYR A 140 -2.84 3.00 -15.25
CA TYR A 140 -2.02 4.20 -14.98
C TYR A 140 -0.61 4.14 -15.58
N ASP A 141 -0.10 5.30 -16.01
CA ASP A 141 1.25 5.53 -16.55
C ASP A 141 2.25 6.04 -15.50
N TYR A 142 1.82 6.99 -14.66
CA TYR A 142 2.52 7.56 -13.51
C TYR A 142 1.53 8.20 -12.53
N THR A 143 1.84 8.15 -11.23
CA THR A 143 1.00 8.61 -10.10
C THR A 143 1.86 8.87 -8.86
N LEU A 144 1.59 9.94 -8.13
CA LEU A 144 2.23 10.27 -6.86
C LEU A 144 1.26 9.99 -5.69
N MET A 145 1.76 9.42 -4.59
CA MET A 145 1.09 9.48 -3.28
C MET A 145 1.80 10.48 -2.37
N GLU A 146 1.00 11.35 -1.75
CA GLU A 146 1.36 12.34 -0.75
C GLU A 146 1.01 11.83 0.66
N PHE A 147 1.91 12.06 1.61
CA PHE A 147 1.81 11.59 3.00
C PHE A 147 0.79 12.32 3.90
N ALA A 148 0.32 11.63 4.96
CA ALA A 148 -0.23 12.29 6.15
C ALA A 148 0.86 12.67 7.19
N GLN A 149 1.86 11.81 7.36
CA GLN A 149 3.07 11.99 8.19
C GLN A 149 4.22 11.19 7.54
N PRO A 150 5.51 11.48 7.82
CA PRO A 150 6.64 10.75 7.24
C PRO A 150 6.83 9.37 7.87
N ILE A 151 7.42 8.46 7.08
CA ILE A 151 7.71 7.08 7.49
C ILE A 151 9.24 6.89 7.52
N TYR A 152 9.81 6.61 8.71
CA TYR A 152 11.25 6.59 9.00
C TYR A 152 11.56 6.00 10.39
N ASN A 153 12.71 5.35 10.58
CA ASN A 153 13.12 4.71 11.85
C ASN A 153 14.19 5.51 12.62
N SER A 154 15.09 6.23 11.94
CA SER A 154 16.20 6.97 12.53
C SER A 154 17.11 6.06 13.39
N ALA A 155 17.55 4.95 12.81
CA ALA A 155 18.33 3.90 13.48
C ALA A 155 19.70 4.34 14.00
N ASP A 156 20.21 5.47 13.54
CA ASP A 156 21.53 6.02 13.86
C ASP A 156 21.58 6.82 15.17
N LYS A 157 20.43 7.25 15.72
CA LYS A 157 20.35 8.24 16.80
C LYS A 157 21.03 7.83 18.13
N PHE A 158 21.07 6.53 18.45
CA PHE A 158 21.53 5.98 19.72
C PHE A 158 21.84 4.47 19.59
N LYS A 159 23.12 4.15 19.41
CA LYS A 159 23.67 2.78 19.30
C LYS A 159 25.19 2.74 19.53
N THR A 160 25.92 3.70 18.93
CA THR A 160 27.37 3.92 19.09
C THR A 160 27.68 5.39 18.82
N GLU A 161 28.24 6.09 19.79
CA GLU A 161 28.68 7.48 19.70
C GLU A 161 30.12 7.58 20.22
N GLU A 162 31.05 8.04 19.37
CA GLU A 162 32.47 8.21 19.69
C GLU A 162 32.76 9.58 20.35
N ASP A 163 33.32 9.57 21.56
CA ASP A 163 33.53 10.76 22.40
C ASP A 163 34.70 10.59 23.40
N LEU A 16 3.99 -11.03 -8.14
CA LEU A 16 4.95 -11.77 -7.29
C LEU A 16 4.29 -12.98 -6.64
N ASN A 17 3.34 -12.80 -5.71
CA ASN A 17 2.68 -13.91 -4.98
C ASN A 17 1.49 -14.50 -5.77
N GLN A 18 0.62 -13.65 -6.32
CA GLN A 18 -0.56 -13.94 -7.14
C GLN A 18 -1.03 -12.65 -7.80
N GLU A 19 -1.83 -12.72 -8.87
CA GLU A 19 -2.55 -11.56 -9.38
C GLU A 19 -3.63 -11.16 -8.36
N LEU A 20 -3.67 -9.90 -7.95
CA LEU A 20 -4.43 -9.44 -6.78
C LEU A 20 -5.92 -9.80 -6.90
N ARG A 21 -6.50 -9.62 -8.10
CA ARG A 21 -7.84 -10.04 -8.49
C ARG A 21 -8.13 -11.50 -8.13
N GLU A 22 -7.21 -12.42 -8.43
CA GLU A 22 -7.43 -13.86 -8.30
C GLU A 22 -7.24 -14.29 -6.84
N ALA A 23 -6.35 -13.61 -6.11
CA ALA A 23 -6.07 -13.93 -4.72
C ALA A 23 -7.28 -13.82 -3.77
N ILE A 24 -8.31 -13.03 -4.11
CA ILE A 24 -9.46 -12.78 -3.21
C ILE A 24 -10.34 -14.01 -2.96
N LYS A 25 -10.19 -15.06 -3.77
CA LYS A 25 -10.91 -16.33 -3.64
C LYS A 25 -10.09 -17.41 -2.90
N ASN A 26 -8.76 -17.32 -2.89
CA ASN A 26 -7.88 -18.37 -2.36
C ASN A 26 -8.01 -18.52 -0.82
N PRO A 27 -8.29 -19.74 -0.29
CA PRO A 27 -8.43 -19.99 1.14
C PRO A 27 -7.24 -19.56 2.02
N ALA A 28 -5.99 -19.67 1.54
CA ALA A 28 -4.79 -19.59 2.37
C ALA A 28 -4.50 -18.20 2.97
N ILE A 29 -5.02 -17.14 2.34
CA ILE A 29 -4.96 -15.74 2.81
C ILE A 29 -6.31 -15.20 3.31
N LYS A 30 -7.38 -15.98 3.22
CA LYS A 30 -8.73 -15.46 3.51
C LYS A 30 -9.05 -15.41 5.01
N ASP A 31 -9.44 -14.21 5.47
CA ASP A 31 -10.11 -13.89 6.74
C ASP A 31 -9.17 -13.87 7.95
N LYS A 32 -8.20 -12.95 7.97
CA LYS A 32 -7.38 -12.60 9.16
C LYS A 32 -7.24 -11.07 9.34
N ASP A 33 -7.30 -10.61 10.59
CA ASP A 33 -7.09 -9.21 11.02
C ASP A 33 -5.60 -8.83 11.24
N HIS A 34 -5.32 -7.53 11.33
CA HIS A 34 -4.04 -6.98 11.82
C HIS A 34 -4.14 -5.52 12.31
N SER A 35 -4.10 -5.33 13.63
CA SER A 35 -3.58 -4.15 14.32
C SER A 35 -2.66 -4.64 15.46
N ALA A 36 -1.70 -3.83 15.92
CA ALA A 36 -0.76 -4.21 16.97
C ALA A 36 -0.38 -3.03 17.89
N PRO A 37 0.21 -3.30 19.09
CA PRO A 37 0.92 -2.29 19.87
C PRO A 37 2.27 -1.91 19.23
N ASN A 38 2.78 -2.75 18.33
CA ASN A 38 3.96 -2.55 17.47
C ASN A 38 3.67 -1.61 16.27
N SER A 39 2.52 -0.94 16.23
CA SER A 39 2.09 -0.10 15.10
C SER A 39 1.16 1.07 15.49
N ARG A 40 0.97 1.99 14.54
CA ARG A 40 0.09 3.17 14.65
C ARG A 40 -0.64 3.44 13.31
N PRO A 41 -1.91 3.88 13.30
CA PRO A 41 -2.64 4.24 12.07
C PRO A 41 -2.12 5.54 11.43
N ILE A 42 -2.29 5.65 10.11
CA ILE A 42 -1.87 6.80 9.28
C ILE A 42 -2.78 6.95 8.05
N ASP A 43 -2.65 8.06 7.31
CA ASP A 43 -3.37 8.33 6.05
C ASP A 43 -2.50 9.05 5.00
N PHE A 44 -2.99 9.17 3.76
CA PHE A 44 -2.35 9.88 2.64
C PHE A 44 -3.31 10.10 1.44
N GLU A 45 -3.00 11.11 0.62
CA GLU A 45 -3.71 11.41 -0.64
C GLU A 45 -2.88 10.92 -1.85
N MET A 46 -3.50 10.88 -3.03
CA MET A 46 -2.88 10.43 -4.29
C MET A 46 -3.32 11.26 -5.50
N LYS A 47 -2.42 11.44 -6.45
CA LYS A 47 -2.67 12.09 -7.75
C LYS A 47 -1.69 11.68 -8.86
N LYS A 48 -2.06 11.78 -10.13
CA LYS A 48 -1.18 11.49 -11.29
C LYS A 48 -0.52 12.76 -11.83
N LYS A 49 0.59 12.62 -12.59
CA LYS A 49 1.20 13.74 -13.34
C LYS A 49 0.23 14.41 -14.36
N ASP A 50 -0.83 13.69 -14.72
CA ASP A 50 -1.90 14.08 -15.64
C ASP A 50 -3.11 14.78 -14.95
N GLY A 51 -3.02 15.04 -13.64
CA GLY A 51 -4.04 15.77 -12.88
C GLY A 51 -5.13 14.88 -12.26
N THR A 52 -5.19 13.58 -12.58
CA THR A 52 -6.04 12.58 -11.91
C THR A 52 -5.85 12.69 -10.41
N GLN A 53 -6.92 12.80 -9.64
CA GLN A 53 -6.82 13.06 -8.20
C GLN A 53 -7.81 12.18 -7.42
N GLN A 54 -7.42 11.81 -6.21
CA GLN A 54 -8.29 11.11 -5.26
C GLN A 54 -9.51 11.98 -4.91
N PHE A 55 -10.72 11.39 -4.83
CA PHE A 55 -11.93 12.14 -4.50
C PHE A 55 -13.03 11.26 -3.88
N TYR A 56 -13.56 10.27 -4.61
CA TYR A 56 -14.70 9.43 -4.18
C TYR A 56 -14.55 7.93 -4.47
N HIS A 57 -14.07 7.55 -5.66
CA HIS A 57 -13.96 6.16 -6.10
C HIS A 57 -13.12 5.32 -5.12
N TYR A 58 -13.73 4.32 -4.46
CA TYR A 58 -13.24 3.76 -3.18
C TYR A 58 -11.75 3.42 -3.18
N ALA A 59 -11.29 2.60 -4.13
CA ALA A 59 -9.89 2.16 -4.21
C ALA A 59 -8.89 3.31 -4.40
N SER A 60 -9.23 4.34 -5.18
CA SER A 60 -8.32 5.44 -5.52
C SER A 60 -8.52 6.70 -4.68
N SER A 61 -9.61 6.79 -3.90
CA SER A 61 -9.85 7.84 -2.91
C SER A 61 -8.87 7.76 -1.70
N VAL A 62 -8.86 8.77 -0.81
CA VAL A 62 -7.85 8.95 0.26
C VAL A 62 -7.72 7.69 1.15
N LYS A 63 -6.47 7.25 1.35
CA LYS A 63 -6.13 5.91 1.80
C LYS A 63 -5.74 5.86 3.29
N PRO A 64 -6.36 4.99 4.12
CA PRO A 64 -5.90 4.68 5.47
C PRO A 64 -4.86 3.54 5.44
N ALA A 65 -3.93 3.52 6.40
CA ALA A 65 -2.89 2.47 6.57
C ALA A 65 -2.43 2.36 8.05
N ARG A 66 -1.53 1.40 8.34
CA ARG A 66 -0.82 1.34 9.64
C ARG A 66 0.69 1.22 9.44
N VAL A 67 1.42 2.04 10.20
CA VAL A 67 2.88 2.12 10.24
C VAL A 67 3.39 1.11 11.26
N ILE A 68 4.12 0.12 10.75
CA ILE A 68 4.89 -0.85 11.54
C ILE A 68 6.32 -0.33 11.80
N PHE A 69 6.80 -0.50 13.03
CA PHE A 69 8.12 -0.04 13.49
C PHE A 69 9.20 -1.12 13.29
N THR A 70 10.38 -0.75 12.74
CA THR A 70 11.32 -1.71 12.12
C THR A 70 12.80 -1.33 12.31
N ASP A 71 13.67 -2.05 11.59
CA ASP A 71 15.02 -1.63 11.19
C ASP A 71 14.98 -0.45 10.18
N SER A 72 16.12 -0.11 9.58
CA SER A 72 16.36 1.14 8.82
C SER A 72 15.45 1.36 7.59
N LYS A 73 14.69 0.36 7.15
CA LYS A 73 13.58 0.54 6.21
C LYS A 73 12.21 0.33 6.90
N PRO A 74 11.33 1.37 7.01
CA PRO A 74 9.97 1.25 7.57
C PRO A 74 9.15 0.17 6.87
N GLU A 75 8.10 -0.34 7.52
CA GLU A 75 7.09 -1.19 6.87
C GLU A 75 5.70 -0.61 7.16
N ILE A 76 4.84 -0.53 6.14
CA ILE A 76 3.43 -0.17 6.36
C ILE A 76 2.51 -1.20 5.69
N GLU A 77 1.31 -1.36 6.22
CA GLU A 77 0.28 -2.27 5.71
C GLU A 77 -1.01 -1.52 5.40
N LEU A 78 -1.56 -1.79 4.22
CA LEU A 78 -2.57 -0.99 3.52
C LEU A 78 -3.74 -1.89 3.11
N GLY A 79 -4.96 -1.48 3.49
CA GLY A 79 -6.21 -2.05 3.03
C GLY A 79 -6.58 -1.47 1.66
N LEU A 80 -6.76 -2.34 0.66
CA LEU A 80 -7.18 -1.98 -0.70
C LEU A 80 -8.63 -2.42 -0.93
N GLN A 81 -9.44 -1.47 -1.39
CA GLN A 81 -10.86 -1.61 -1.71
C GLN A 81 -11.00 -2.04 -3.17
N SER A 82 -12.15 -2.60 -3.54
CA SER A 82 -12.46 -3.05 -4.91
C SER A 82 -11.38 -4.01 -5.47
N GLY A 83 -10.86 -4.93 -4.63
CA GLY A 83 -9.88 -5.96 -5.02
C GLY A 83 -10.42 -6.96 -6.03
N GLN A 84 -11.75 -6.99 -6.18
CA GLN A 84 -12.54 -7.63 -7.23
C GLN A 84 -12.09 -7.23 -8.66
N PHE A 85 -11.46 -6.06 -8.82
CA PHE A 85 -11.19 -5.41 -10.10
C PHE A 85 -9.72 -4.97 -10.31
N TRP A 86 -8.88 -5.00 -9.28
CA TRP A 86 -7.47 -4.59 -9.34
C TRP A 86 -6.56 -5.80 -9.61
N ARG A 87 -5.72 -5.75 -10.65
CA ARG A 87 -4.83 -6.86 -11.05
C ARG A 87 -3.39 -6.67 -10.55
N LYS A 88 -2.77 -5.52 -10.82
CA LYS A 88 -1.32 -5.29 -10.67
C LYS A 88 -1.02 -4.06 -9.79
N PHE A 89 0.10 -4.09 -9.04
CA PHE A 89 0.54 -3.02 -8.13
C PHE A 89 2.07 -3.02 -7.98
N GLU A 90 2.72 -1.88 -8.23
CA GLU A 90 4.17 -1.66 -8.12
C GLU A 90 4.45 -0.25 -7.55
N VAL A 91 5.45 -0.13 -6.67
CA VAL A 91 5.81 1.09 -5.92
C VAL A 91 7.32 1.36 -5.93
N TYR A 92 7.69 2.63 -6.09
CA TYR A 92 9.06 3.11 -6.30
C TYR A 92 9.28 4.53 -5.70
N GLU A 93 10.50 4.85 -5.26
CA GLU A 93 10.84 6.14 -4.67
C GLU A 93 12.32 6.50 -4.94
N GLY A 94 12.60 7.33 -5.95
CA GLY A 94 13.93 7.94 -6.16
C GLY A 94 14.94 6.97 -6.79
N ASP A 95 15.80 6.39 -5.95
CA ASP A 95 16.74 5.31 -6.29
C ASP A 95 16.34 3.96 -5.62
N LYS A 96 15.12 3.88 -5.08
CA LYS A 96 14.66 2.77 -4.24
C LYS A 96 13.37 2.13 -4.79
N LYS A 97 13.38 0.83 -5.09
CA LYS A 97 12.15 0.06 -5.36
C LYS A 97 11.54 -0.44 -4.03
N LEU A 98 10.21 -0.33 -3.87
CA LEU A 98 9.52 -0.67 -2.61
C LEU A 98 8.74 -1.98 -2.85
N PRO A 99 9.21 -3.15 -2.37
CA PRO A 99 8.67 -4.45 -2.75
C PRO A 99 7.39 -4.76 -1.97
N ILE A 100 6.34 -5.19 -2.68
CA ILE A 100 5.02 -5.48 -2.07
C ILE A 100 4.86 -6.98 -1.82
N LYS A 101 4.20 -7.35 -0.71
CA LYS A 101 3.69 -8.70 -0.44
C LYS A 101 2.16 -8.68 -0.28
N LEU A 102 1.48 -9.73 -0.74
CA LEU A 102 0.03 -9.92 -0.62
C LEU A 102 -0.28 -10.63 0.71
N VAL A 103 -1.05 -10.00 1.61
CA VAL A 103 -1.06 -10.37 3.04
C VAL A 103 -2.33 -11.14 3.46
N SER A 104 -3.52 -10.67 3.10
CA SER A 104 -4.79 -11.16 3.65
C SER A 104 -5.97 -10.66 2.79
N TYR A 105 -7.13 -11.34 2.86
CA TYR A 105 -8.41 -10.82 2.33
C TYR A 105 -9.56 -10.98 3.33
N ASP A 106 -10.24 -9.90 3.68
CA ASP A 106 -11.44 -9.88 4.54
C ASP A 106 -12.65 -10.17 3.65
N THR A 107 -13.10 -11.43 3.67
CA THR A 107 -14.18 -11.94 2.83
C THR A 107 -15.57 -11.47 3.29
N VAL A 108 -15.71 -11.06 4.54
CA VAL A 108 -16.98 -10.55 5.10
C VAL A 108 -17.19 -9.07 4.78
N LYS A 109 -16.14 -8.24 4.79
CA LYS A 109 -16.22 -6.81 4.43
C LYS A 109 -15.83 -6.52 2.96
N ASP A 110 -15.21 -7.48 2.28
CA ASP A 110 -14.85 -7.50 0.87
C ASP A 110 -13.71 -6.51 0.54
N TYR A 111 -12.54 -6.69 1.17
CA TYR A 111 -11.30 -5.91 0.90
C TYR A 111 -9.99 -6.69 1.14
N ALA A 112 -8.90 -6.25 0.50
CA ALA A 112 -7.59 -6.91 0.51
C ALA A 112 -6.57 -6.17 1.40
N TYR A 113 -5.55 -6.87 1.88
CA TYR A 113 -4.40 -6.32 2.61
C TYR A 113 -3.09 -6.53 1.81
N ILE A 114 -2.31 -5.46 1.59
CA ILE A 114 -0.94 -5.51 1.04
C ILE A 114 0.03 -4.73 1.94
N ARG A 115 1.32 -5.07 1.91
CA ARG A 115 2.37 -4.37 2.68
C ARG A 115 3.64 -4.18 1.86
N PHE A 116 4.43 -3.15 2.16
CA PHE A 116 5.74 -2.94 1.55
C PHE A 116 6.76 -2.28 2.48
N SER A 117 8.05 -2.54 2.20
CA SER A 117 9.18 -1.93 2.90
C SER A 117 9.56 -0.60 2.22
N VAL A 118 9.60 0.51 2.98
CA VAL A 118 9.64 1.90 2.48
C VAL A 118 11.08 2.46 2.47
N SER A 119 11.31 3.62 1.84
CA SER A 119 12.47 4.48 2.10
C SER A 119 12.20 5.32 3.36
N ASN A 120 13.22 5.57 4.18
CA ASN A 120 12.99 6.07 5.54
C ASN A 120 12.73 7.59 5.65
N GLY A 121 11.76 7.97 6.49
CA GLY A 121 11.38 9.36 6.80
C GLY A 121 10.64 10.05 5.66
N THR A 122 9.93 9.28 4.82
CA THR A 122 9.52 9.71 3.47
C THR A 122 8.28 10.59 3.47
N LYS A 123 8.29 11.56 2.55
CA LYS A 123 7.27 12.59 2.30
C LYS A 123 6.27 12.19 1.21
N ALA A 124 6.73 11.43 0.21
CA ALA A 124 6.01 11.10 -1.02
C ALA A 124 6.53 9.79 -1.65
N VAL A 125 5.65 9.00 -2.27
CA VAL A 125 6.01 7.75 -3.01
C VAL A 125 5.26 7.61 -4.33
N LYS A 126 5.80 6.88 -5.32
CA LYS A 126 5.22 6.71 -6.66
C LYS A 126 4.61 5.30 -6.87
N ILE A 127 3.30 5.27 -7.16
CA ILE A 127 2.44 4.10 -7.40
C ILE A 127 2.19 3.93 -8.91
N VAL A 128 2.27 2.69 -9.40
CA VAL A 128 1.91 2.26 -10.76
C VAL A 128 1.09 0.96 -10.63
N SER A 129 -0.09 0.90 -11.26
CA SER A 129 -1.09 -0.16 -11.03
C SER A 129 -2.04 -0.35 -12.23
N SER A 130 -2.68 -1.52 -12.34
CA SER A 130 -3.57 -1.88 -13.46
C SER A 130 -4.89 -2.52 -12.99
N THR A 131 -6.02 -2.13 -13.60
CA THR A 131 -7.38 -2.47 -13.14
C THR A 131 -8.34 -2.69 -14.30
N HIS A 132 -9.38 -3.49 -14.07
CA HIS A 132 -10.42 -3.82 -15.06
C HIS A 132 -11.76 -4.10 -14.36
N PHE A 133 -12.82 -3.40 -14.77
CA PHE A 133 -14.18 -3.52 -14.22
C PHE A 133 -15.22 -3.26 -15.32
N ASN A 134 -16.33 -3.99 -15.30
CA ASN A 134 -17.32 -3.95 -16.38
C ASN A 134 -16.63 -4.15 -17.77
N ASN A 135 -17.00 -3.39 -18.80
CA ASN A 135 -16.37 -3.40 -20.13
C ASN A 135 -15.15 -2.44 -20.23
N LYS A 136 -14.55 -2.02 -19.11
CA LYS A 136 -13.52 -0.97 -19.04
C LYS A 136 -12.18 -1.47 -18.44
N GLU A 137 -11.07 -1.10 -19.05
CA GLU A 137 -9.70 -1.20 -18.52
C GLU A 137 -9.19 0.20 -18.12
N GLU A 138 -8.50 0.30 -16.98
CA GLU A 138 -8.04 1.55 -16.37
C GLU A 138 -6.69 1.28 -15.70
N LYS A 139 -5.64 1.95 -16.16
CA LYS A 139 -4.24 1.67 -15.81
C LYS A 139 -3.46 2.98 -15.59
N TYR A 140 -2.65 3.02 -14.54
CA TYR A 140 -2.01 4.26 -14.06
C TYR A 140 -0.53 4.33 -14.50
N ASP A 141 -0.13 5.37 -15.23
CA ASP A 141 1.22 5.50 -15.79
C ASP A 141 2.29 5.88 -14.74
N TYR A 142 1.91 6.66 -13.71
CA TYR A 142 2.80 7.30 -12.71
C TYR A 142 2.04 8.17 -11.68
N THR A 143 1.78 7.63 -10.48
CA THR A 143 0.85 8.23 -9.50
C THR A 143 1.60 8.57 -8.20
N LEU A 144 1.69 9.85 -7.85
CA LEU A 144 2.34 10.33 -6.65
C LEU A 144 1.37 10.35 -5.45
N MET A 145 1.75 9.71 -4.35
CA MET A 145 1.18 9.87 -3.01
C MET A 145 1.76 11.09 -2.29
N GLU A 146 0.92 11.75 -1.49
CA GLU A 146 1.31 12.82 -0.56
C GLU A 146 0.86 12.47 0.88
N PHE A 147 1.82 12.43 1.81
CA PHE A 147 1.68 11.94 3.18
C PHE A 147 0.77 12.77 4.12
N ALA A 148 0.20 12.13 5.15
CA ALA A 148 -0.40 12.84 6.28
C ALA A 148 0.66 13.20 7.35
N GLN A 149 1.42 12.21 7.81
CA GLN A 149 2.53 12.29 8.78
C GLN A 149 3.78 11.62 8.17
N PRO A 150 5.01 11.87 8.66
CA PRO A 150 6.24 11.24 8.17
C PRO A 150 6.20 9.71 8.19
N ILE A 151 6.53 9.05 7.07
CA ILE A 151 6.59 7.59 6.97
C ILE A 151 7.95 7.10 7.47
N TYR A 152 7.98 6.48 8.66
CA TYR A 152 9.17 6.42 9.52
C TYR A 152 9.16 5.17 10.42
N ASN A 153 10.35 4.65 10.77
CA ASN A 153 10.56 3.32 11.35
C ASN A 153 10.69 3.34 12.88
N SER A 154 10.93 4.53 13.45
CA SER A 154 11.42 4.75 14.81
C SER A 154 12.91 4.40 14.93
N ALA A 155 13.76 5.24 14.33
CA ALA A 155 15.22 5.29 14.49
C ALA A 155 15.68 5.64 15.93
N ASP A 156 14.74 6.05 16.79
CA ASP A 156 14.92 6.59 18.15
C ASP A 156 15.78 5.73 19.10
N LYS A 157 15.99 4.44 18.79
CA LYS A 157 16.89 3.54 19.52
C LYS A 157 18.20 3.32 18.75
N PHE A 158 18.13 3.06 17.44
CA PHE A 158 19.24 2.79 16.55
C PHE A 158 19.03 3.51 15.21
N LYS A 159 19.91 4.48 14.91
CA LYS A 159 19.95 5.13 13.60
C LYS A 159 20.32 4.12 12.49
N THR A 160 21.31 3.25 12.77
CA THR A 160 21.64 2.03 12.02
C THR A 160 22.09 0.95 13.02
N GLU A 161 21.38 -0.17 13.09
CA GLU A 161 21.68 -1.22 14.08
C GLU A 161 22.72 -2.20 13.51
N GLU A 162 23.99 -1.82 13.68
CA GLU A 162 25.15 -2.64 13.37
C GLU A 162 25.65 -3.37 14.62
N ASP A 163 25.60 -4.71 14.59
CA ASP A 163 26.01 -5.64 15.65
C ASP A 163 26.29 -7.02 15.05
N LEU A 16 6.61 -6.98 -13.58
CA LEU A 16 5.41 -7.49 -12.87
C LEU A 16 5.80 -8.44 -11.75
N ASN A 17 5.48 -8.11 -10.49
CA ASN A 17 5.64 -9.03 -9.35
C ASN A 17 4.41 -9.95 -9.20
N GLN A 18 3.21 -9.34 -9.20
CA GLN A 18 1.91 -10.00 -9.11
C GLN A 18 0.76 -9.01 -9.41
N GLU A 19 -0.47 -9.53 -9.54
CA GLU A 19 -1.68 -8.73 -9.77
C GLU A 19 -2.70 -8.89 -8.63
N LEU A 20 -3.35 -7.77 -8.29
CA LEU A 20 -4.28 -7.57 -7.18
C LEU A 20 -5.53 -8.46 -7.35
N ARG A 21 -6.15 -8.47 -8.52
CA ARG A 21 -7.31 -9.33 -8.85
C ARG A 21 -7.05 -10.83 -8.64
N GLU A 22 -5.83 -11.33 -8.83
CA GLU A 22 -5.50 -12.75 -8.63
C GLU A 22 -5.28 -13.06 -7.16
N ALA A 23 -4.92 -12.06 -6.36
CA ALA A 23 -4.66 -12.24 -4.93
C ALA A 23 -5.94 -12.56 -4.13
N ILE A 24 -7.13 -12.18 -4.63
CA ILE A 24 -8.38 -12.23 -3.86
C ILE A 24 -8.90 -13.65 -3.59
N LYS A 25 -8.39 -14.66 -4.32
CA LYS A 25 -8.87 -16.05 -4.28
C LYS A 25 -7.89 -17.02 -3.57
N ASN A 26 -6.77 -16.53 -3.04
CA ASN A 26 -5.69 -17.33 -2.46
C ASN A 26 -6.01 -17.78 -1.00
N PRO A 27 -6.06 -19.10 -0.68
CA PRO A 27 -6.39 -19.61 0.66
C PRO A 27 -5.42 -19.19 1.77
N ALA A 28 -4.17 -18.84 1.45
CA ALA A 28 -3.21 -18.34 2.45
C ALA A 28 -3.64 -17.02 3.12
N ILE A 29 -4.52 -16.22 2.49
CA ILE A 29 -4.92 -14.88 3.00
C ILE A 29 -6.43 -14.58 2.96
N LYS A 30 -7.27 -15.42 2.36
CA LYS A 30 -8.72 -15.13 2.20
C LYS A 30 -9.55 -15.34 3.49
N ASP A 31 -10.46 -14.38 3.76
CA ASP A 31 -11.44 -14.30 4.86
C ASP A 31 -10.76 -13.98 6.22
N LYS A 32 -9.96 -12.91 6.26
CA LYS A 32 -9.04 -12.56 7.36
C LYS A 32 -8.93 -11.03 7.58
N ASP A 33 -8.43 -10.62 8.74
CA ASP A 33 -7.97 -9.24 9.03
C ASP A 33 -6.44 -9.20 9.21
N HIS A 34 -5.83 -8.01 9.30
CA HIS A 34 -4.43 -7.88 9.67
C HIS A 34 -4.13 -6.55 10.39
N SER A 35 -4.16 -6.56 11.71
CA SER A 35 -3.65 -5.49 12.57
C SER A 35 -2.82 -6.08 13.73
N ALA A 36 -1.97 -5.28 14.39
CA ALA A 36 -1.00 -5.75 15.38
C ALA A 36 -0.59 -4.66 16.39
N PRO A 37 -0.19 -5.02 17.63
CA PRO A 37 0.30 -4.07 18.62
C PRO A 37 1.62 -3.39 18.20
N ASN A 38 2.39 -4.00 17.29
CA ASN A 38 3.58 -3.45 16.64
C ASN A 38 3.27 -2.41 15.53
N SER A 39 2.02 -1.92 15.42
CA SER A 39 1.59 -0.96 14.40
C SER A 39 1.08 0.38 14.99
N ARG A 40 1.04 1.44 14.17
CA ARG A 40 0.35 2.70 14.43
C ARG A 40 -0.38 3.16 13.15
N PRO A 41 -1.62 3.66 13.20
CA PRO A 41 -2.44 3.89 12.01
C PRO A 41 -2.09 5.21 11.32
N ILE A 42 -2.29 5.29 10.01
CA ILE A 42 -1.93 6.45 9.17
C ILE A 42 -2.85 6.54 7.93
N ASP A 43 -2.71 7.61 7.14
CA ASP A 43 -3.41 7.79 5.86
C ASP A 43 -2.64 8.72 4.90
N PHE A 44 -3.16 8.89 3.67
CA PHE A 44 -2.55 9.66 2.58
C PHE A 44 -3.52 9.93 1.41
N GLU A 45 -3.15 10.87 0.54
CA GLU A 45 -3.95 11.37 -0.59
C GLU A 45 -3.36 10.94 -1.94
N MET A 46 -4.24 10.65 -2.92
CA MET A 46 -3.87 10.32 -4.30
C MET A 46 -4.02 11.50 -5.28
N LYS A 47 -3.05 11.57 -6.20
CA LYS A 47 -2.92 12.60 -7.23
C LYS A 47 -1.97 12.17 -8.37
N LYS A 48 -1.73 13.02 -9.38
CA LYS A 48 -0.59 12.88 -10.31
C LYS A 48 0.29 14.13 -10.25
N LYS A 49 1.59 14.00 -10.56
CA LYS A 49 2.51 15.13 -10.80
C LYS A 49 1.89 16.24 -11.67
N ASP A 50 1.24 15.89 -12.80
CA ASP A 50 0.63 16.85 -13.72
C ASP A 50 -0.77 17.36 -13.28
N GLY A 51 -1.31 16.92 -12.13
CA GLY A 51 -2.48 17.52 -11.49
C GLY A 51 -3.76 16.67 -11.42
N THR A 52 -3.74 15.36 -11.71
CA THR A 52 -4.86 14.45 -11.35
C THR A 52 -5.14 14.56 -9.85
N GLN A 53 -6.39 14.40 -9.43
CA GLN A 53 -6.76 14.24 -8.03
C GLN A 53 -8.01 13.37 -7.95
N GLN A 54 -7.84 12.13 -7.50
CA GLN A 54 -8.89 11.12 -7.43
C GLN A 54 -9.85 11.40 -6.27
N PHE A 55 -11.12 11.73 -6.58
CA PHE A 55 -12.20 11.96 -5.61
C PHE A 55 -13.30 10.90 -5.80
N TYR A 56 -13.35 9.95 -4.87
CA TYR A 56 -14.18 8.72 -4.88
C TYR A 56 -14.08 7.97 -3.53
N HIS A 57 -14.56 6.73 -3.46
CA HIS A 57 -14.14 5.75 -2.45
C HIS A 57 -12.65 5.35 -2.59
N TYR A 58 -12.14 4.57 -1.63
CA TYR A 58 -10.71 4.33 -1.43
C TYR A 58 -10.01 3.51 -2.54
N ALA A 59 -10.75 2.94 -3.50
CA ALA A 59 -10.19 2.28 -4.67
C ALA A 59 -9.25 3.22 -5.45
N SER A 60 -9.75 4.36 -5.91
CA SER A 60 -8.94 5.37 -6.60
C SER A 60 -8.50 6.51 -5.67
N SER A 61 -9.33 6.91 -4.70
CA SER A 61 -9.12 8.09 -3.87
C SER A 61 -8.21 7.85 -2.64
N VAL A 62 -8.40 8.63 -1.56
CA VAL A 62 -7.58 8.61 -0.33
C VAL A 62 -7.60 7.22 0.32
N LYS A 63 -6.50 6.79 0.95
CA LYS A 63 -6.33 5.39 1.39
C LYS A 63 -5.88 5.23 2.85
N PRO A 64 -6.43 4.27 3.61
CA PRO A 64 -6.00 3.93 4.95
C PRO A 64 -4.76 3.03 4.92
N ALA A 65 -3.92 3.15 5.96
CA ALA A 65 -2.75 2.30 6.17
C ALA A 65 -2.32 2.28 7.64
N ARG A 66 -1.19 1.61 7.93
CA ARG A 66 -0.54 1.60 9.24
C ARG A 66 0.95 1.36 9.15
N VAL A 67 1.69 2.08 10.00
CA VAL A 67 3.15 2.00 10.16
C VAL A 67 3.45 0.88 11.15
N ILE A 68 3.99 -0.22 10.63
CA ILE A 68 4.63 -1.29 11.42
C ILE A 68 6.05 -0.83 11.83
N PHE A 69 6.17 -0.38 13.08
CA PHE A 69 7.39 0.22 13.60
C PHE A 69 8.46 -0.85 13.92
N THR A 70 9.68 -0.56 13.45
CA THR A 70 10.64 -1.57 12.98
C THR A 70 12.09 -1.10 13.16
N ASP A 71 13.01 -1.87 12.59
CA ASP A 71 14.38 -1.52 12.26
C ASP A 71 14.51 -0.31 11.30
N SER A 72 15.74 0.10 10.99
CA SER A 72 16.13 1.30 10.21
C SER A 72 15.50 1.44 8.82
N LYS A 73 14.86 0.39 8.29
CA LYS A 73 13.96 0.45 7.14
C LYS A 73 12.50 0.20 7.62
N PRO A 74 11.62 1.23 7.65
CA PRO A 74 10.23 1.12 8.07
C PRO A 74 9.43 0.07 7.29
N GLU A 75 8.39 -0.51 7.91
CA GLU A 75 7.44 -1.42 7.25
C GLU A 75 6.03 -0.83 7.38
N ILE A 76 5.23 -0.85 6.32
CA ILE A 76 3.84 -0.39 6.39
C ILE A 76 2.88 -1.37 5.70
N GLU A 77 1.61 -1.31 6.10
CA GLU A 77 0.54 -2.15 5.55
C GLU A 77 -0.65 -1.27 5.13
N LEU A 78 -1.15 -1.49 3.90
CA LEU A 78 -2.16 -0.65 3.23
C LEU A 78 -3.44 -1.44 2.96
N GLY A 79 -4.60 -0.79 3.18
CA GLY A 79 -5.92 -1.31 2.85
C GLY A 79 -6.50 -0.68 1.58
N LEU A 80 -6.95 -1.52 0.64
CA LEU A 80 -7.54 -1.13 -0.64
C LEU A 80 -8.96 -1.71 -0.81
N GLN A 81 -9.85 -0.96 -1.46
CA GLN A 81 -11.23 -1.35 -1.79
C GLN A 81 -11.36 -1.54 -3.31
N SER A 82 -12.38 -2.29 -3.75
CA SER A 82 -12.58 -2.74 -5.15
C SER A 82 -11.40 -3.56 -5.70
N GLY A 83 -10.92 -4.51 -4.89
CA GLY A 83 -9.88 -5.48 -5.27
C GLY A 83 -10.32 -6.45 -6.37
N GLN A 84 -11.62 -6.58 -6.63
CA GLN A 84 -12.14 -7.30 -7.79
C GLN A 84 -11.92 -6.57 -9.14
N PHE A 85 -11.60 -5.27 -9.16
CA PHE A 85 -11.39 -4.50 -10.40
C PHE A 85 -9.90 -4.18 -10.66
N TRP A 86 -9.10 -4.03 -9.60
CA TRP A 86 -7.69 -3.66 -9.70
C TRP A 86 -6.79 -4.82 -10.18
N ARG A 87 -5.84 -4.53 -11.08
CA ARG A 87 -4.95 -5.51 -11.71
C ARG A 87 -3.48 -5.26 -11.32
N LYS A 88 -2.69 -4.54 -12.14
CA LYS A 88 -1.26 -4.31 -11.87
C LYS A 88 -1.04 -3.42 -10.63
N PHE A 89 0.05 -3.63 -9.90
CA PHE A 89 0.49 -2.76 -8.81
C PHE A 89 2.02 -2.85 -8.58
N GLU A 90 2.68 -1.71 -8.37
CA GLU A 90 4.13 -1.60 -8.14
C GLU A 90 4.44 -0.27 -7.41
N VAL A 91 5.40 -0.27 -6.48
CA VAL A 91 5.74 0.87 -5.59
C VAL A 91 7.24 1.22 -5.67
N TYR A 92 7.55 2.53 -5.77
CA TYR A 92 8.90 3.08 -5.98
C TYR A 92 9.06 4.48 -5.34
N GLU A 93 10.25 4.82 -4.85
CA GLU A 93 10.54 6.11 -4.20
C GLU A 93 12.00 6.54 -4.45
N GLY A 94 12.21 7.63 -5.19
CA GLY A 94 13.54 8.18 -5.45
C GLY A 94 14.35 7.29 -6.40
N ASP A 95 15.26 6.50 -5.84
CA ASP A 95 16.06 5.48 -6.52
C ASP A 95 15.83 4.06 -5.94
N LYS A 96 14.84 3.89 -5.04
CA LYS A 96 14.58 2.68 -4.24
C LYS A 96 13.24 2.00 -4.63
N LYS A 97 13.26 0.69 -4.86
CA LYS A 97 12.04 -0.12 -5.10
C LYS A 97 11.47 -0.73 -3.81
N LEU A 98 10.16 -0.61 -3.59
CA LEU A 98 9.50 -1.01 -2.34
C LEU A 98 8.73 -2.34 -2.57
N PRO A 99 9.14 -3.48 -1.98
CA PRO A 99 8.66 -4.80 -2.38
C PRO A 99 7.31 -5.16 -1.73
N ILE A 100 6.32 -5.55 -2.54
CA ILE A 100 4.96 -5.89 -2.07
C ILE A 100 4.75 -7.36 -1.67
N LYS A 101 4.08 -7.57 -0.53
CA LYS A 101 3.53 -8.84 -0.01
C LYS A 101 2.02 -8.72 0.26
N LEU A 102 1.31 -9.85 0.33
CA LEU A 102 -0.10 -9.92 0.76
C LEU A 102 -0.17 -10.19 2.27
N VAL A 103 -1.20 -9.70 2.98
CA VAL A 103 -1.41 -10.07 4.40
C VAL A 103 -2.79 -10.66 4.74
N SER A 104 -3.87 -10.12 4.16
CA SER A 104 -5.26 -10.54 4.39
C SER A 104 -6.20 -10.00 3.30
N TYR A 105 -7.22 -10.75 2.93
CA TYR A 105 -8.14 -10.42 1.82
C TYR A 105 -9.58 -10.80 2.15
N ASP A 106 -10.56 -10.00 1.69
CA ASP A 106 -11.98 -10.22 1.95
C ASP A 106 -12.79 -9.97 0.67
N THR A 107 -12.95 -11.05 -0.11
CA THR A 107 -13.50 -11.03 -1.48
C THR A 107 -14.99 -10.66 -1.51
N VAL A 108 -15.76 -10.98 -0.47
CA VAL A 108 -17.18 -10.62 -0.34
C VAL A 108 -17.36 -9.16 0.14
N LYS A 109 -16.39 -8.56 0.84
CA LYS A 109 -16.36 -7.10 1.07
C LYS A 109 -15.84 -6.32 -0.15
N ASP A 110 -15.13 -7.00 -1.07
CA ASP A 110 -14.40 -6.41 -2.21
C ASP A 110 -13.19 -5.58 -1.72
N TYR A 111 -12.41 -6.17 -0.80
CA TYR A 111 -11.36 -5.48 -0.03
C TYR A 111 -10.06 -6.30 0.14
N ALA A 112 -8.93 -5.61 0.27
CA ALA A 112 -7.58 -6.18 0.16
C ALA A 112 -6.57 -5.50 1.11
N TYR A 113 -5.69 -6.27 1.77
CA TYR A 113 -4.56 -5.76 2.55
C TYR A 113 -3.18 -6.27 2.05
N ILE A 114 -2.26 -5.33 1.81
CA ILE A 114 -0.87 -5.57 1.37
C ILE A 114 0.15 -4.99 2.35
N ARG A 115 1.39 -5.48 2.30
CA ARG A 115 2.55 -5.06 3.10
C ARG A 115 3.70 -4.63 2.18
N PHE A 116 4.54 -3.69 2.61
CA PHE A 116 5.83 -3.37 1.98
C PHE A 116 6.78 -2.64 2.95
N SER A 117 8.09 -2.76 2.73
CA SER A 117 9.07 -1.92 3.40
C SER A 117 9.23 -0.58 2.67
N VAL A 118 9.53 0.51 3.39
CA VAL A 118 9.58 1.88 2.86
C VAL A 118 11.00 2.44 3.03
N SER A 119 11.41 3.31 2.12
CA SER A 119 12.61 4.14 2.27
C SER A 119 12.46 5.07 3.49
N ASN A 120 13.49 5.17 4.32
CA ASN A 120 13.36 5.82 5.64
C ASN A 120 13.15 7.35 5.53
N GLY A 121 12.14 7.90 6.21
CA GLY A 121 11.86 9.35 6.30
C GLY A 121 10.94 9.89 5.20
N THR A 122 10.28 9.01 4.45
CA THR A 122 9.50 9.29 3.23
C THR A 122 8.22 10.09 3.50
N LYS A 123 7.90 11.00 2.58
CA LYS A 123 6.67 11.81 2.57
C LYS A 123 5.88 11.75 1.23
N ALA A 124 6.52 11.40 0.11
CA ALA A 124 5.88 11.30 -1.22
C ALA A 124 6.33 10.03 -1.96
N VAL A 125 5.41 9.31 -2.62
CA VAL A 125 5.67 7.97 -3.20
C VAL A 125 5.07 7.84 -4.62
N LYS A 126 5.80 7.20 -5.55
CA LYS A 126 5.31 6.90 -6.90
C LYS A 126 4.74 5.47 -7.00
N ILE A 127 3.45 5.41 -7.33
CA ILE A 127 2.66 4.20 -7.60
C ILE A 127 2.55 4.01 -9.12
N VAL A 128 2.51 2.76 -9.56
CA VAL A 128 2.14 2.34 -10.93
C VAL A 128 1.06 1.27 -10.81
N SER A 129 -0.03 1.36 -11.59
CA SER A 129 -1.16 0.42 -11.48
C SER A 129 -1.95 0.25 -12.79
N SER A 130 -2.91 -0.68 -12.79
CA SER A 130 -3.89 -0.85 -13.86
C SER A 130 -5.19 -1.49 -13.33
N THR A 131 -6.27 -1.40 -14.10
CA THR A 131 -7.64 -1.64 -13.64
C THR A 131 -8.48 -2.25 -14.75
N HIS A 132 -9.57 -2.91 -14.39
CA HIS A 132 -10.56 -3.48 -15.30
C HIS A 132 -11.92 -3.62 -14.60
N PHE A 133 -12.85 -2.69 -14.86
CA PHE A 133 -14.25 -2.76 -14.42
C PHE A 133 -15.19 -2.87 -15.63
N ASN A 134 -16.09 -3.86 -15.59
CA ASN A 134 -16.88 -4.31 -16.74
C ASN A 134 -15.96 -4.65 -17.92
N ASN A 135 -16.26 -4.24 -19.17
CA ASN A 135 -15.47 -4.59 -20.36
C ASN A 135 -14.15 -3.77 -20.48
N LYS A 136 -14.13 -2.50 -20.09
CA LYS A 136 -12.98 -1.59 -20.24
C LYS A 136 -11.78 -1.98 -19.35
N GLU A 137 -10.55 -1.69 -19.80
CA GLU A 137 -9.35 -1.67 -18.97
C GLU A 137 -8.63 -0.31 -19.05
N GLU A 138 -7.89 0.04 -18.00
CA GLU A 138 -7.33 1.37 -17.73
C GLU A 138 -5.95 1.24 -17.08
N LYS A 139 -5.02 2.16 -17.38
CA LYS A 139 -3.58 1.99 -17.17
C LYS A 139 -2.85 3.30 -16.83
N TYR A 140 -1.91 3.25 -15.87
CA TYR A 140 -1.11 4.40 -15.41
C TYR A 140 0.40 4.14 -15.48
N ASP A 141 1.21 5.17 -15.77
CA ASP A 141 2.68 5.09 -15.87
C ASP A 141 3.41 5.82 -14.72
N TYR A 142 2.70 6.63 -13.92
CA TYR A 142 3.18 7.33 -12.72
C TYR A 142 2.04 8.04 -11.97
N THR A 143 1.67 7.57 -10.77
CA THR A 143 0.65 8.22 -9.91
C THR A 143 1.24 8.47 -8.53
N LEU A 144 1.03 9.67 -8.00
CA LEU A 144 1.68 10.19 -6.81
C LEU A 144 0.76 10.06 -5.57
N MET A 145 1.26 9.38 -4.54
CA MET A 145 0.65 9.39 -3.19
C MET A 145 1.41 10.35 -2.27
N GLU A 146 0.68 11.21 -1.56
CA GLU A 146 1.20 12.28 -0.68
C GLU A 146 0.67 12.12 0.75
N PHE A 147 1.56 12.31 1.74
CA PHE A 147 1.35 12.01 3.16
C PHE A 147 0.24 12.79 3.88
N ALA A 148 -0.38 12.14 4.87
CA ALA A 148 -0.94 12.84 6.04
C ALA A 148 0.16 13.13 7.08
N GLN A 149 0.85 12.08 7.54
CA GLN A 149 2.08 12.11 8.35
C GLN A 149 3.18 11.31 7.61
N PRO A 150 4.48 11.62 7.83
CA PRO A 150 5.58 10.93 7.15
C PRO A 150 5.84 9.53 7.72
N ILE A 151 6.61 8.73 6.98
CA ILE A 151 6.90 7.31 7.29
C ILE A 151 8.32 7.17 7.86
N TYR A 152 8.43 6.59 9.05
CA TYR A 152 9.66 6.50 9.84
C TYR A 152 9.60 5.33 10.84
N ASN A 153 10.76 4.88 11.38
CA ASN A 153 10.82 3.72 12.30
C ASN A 153 11.02 4.12 13.77
N SER A 154 11.43 5.37 14.07
CA SER A 154 11.47 5.94 15.43
C SER A 154 12.56 5.28 16.28
N ALA A 155 13.80 5.40 15.80
CA ALA A 155 15.01 4.88 16.46
C ALA A 155 15.30 5.52 17.83
N ASP A 156 14.72 6.68 18.14
CA ASP A 156 14.76 7.34 19.45
C ASP A 156 14.34 6.40 20.60
N LYS A 157 13.39 5.49 20.35
CA LYS A 157 12.90 4.52 21.34
C LYS A 157 13.81 3.30 21.55
N PHE A 158 14.89 3.13 20.78
CA PHE A 158 15.88 2.06 21.03
C PHE A 158 16.90 2.53 22.08
N LYS A 159 16.95 1.84 23.22
CA LYS A 159 17.83 2.21 24.35
C LYS A 159 18.16 1.03 25.30
N THR A 160 17.16 0.21 25.64
CA THR A 160 17.33 -1.04 26.42
C THR A 160 16.72 -2.19 25.62
N GLU A 161 17.51 -3.22 25.29
CA GLU A 161 17.08 -4.41 24.56
C GLU A 161 17.78 -5.66 25.11
N GLU A 162 17.07 -6.78 25.17
CA GLU A 162 17.58 -8.01 25.80
C GLU A 162 18.48 -8.87 24.89
N ASP A 163 19.17 -9.82 25.50
CA ASP A 163 20.04 -10.85 24.89
C ASP A 163 20.34 -11.97 25.88
N LEU A 16 7.13 -9.99 -12.78
CA LEU A 16 6.13 -9.32 -11.93
C LEU A 16 6.05 -10.00 -10.56
N ASN A 17 5.96 -9.21 -9.47
CA ASN A 17 5.87 -9.75 -8.11
C ASN A 17 4.53 -10.44 -7.84
N GLN A 18 3.42 -9.83 -8.27
CA GLN A 18 2.07 -10.43 -8.32
C GLN A 18 1.05 -9.58 -9.08
N GLU A 19 0.00 -10.25 -9.56
CA GLU A 19 -1.31 -9.66 -9.83
C GLU A 19 -2.17 -9.95 -8.60
N LEU A 20 -2.47 -8.94 -7.76
CA LEU A 20 -3.04 -9.18 -6.43
C LEU A 20 -4.44 -9.82 -6.47
N ARG A 21 -5.13 -9.68 -7.62
CA ARG A 21 -6.34 -10.43 -7.97
C ARG A 21 -6.15 -11.96 -7.86
N GLU A 22 -5.02 -12.52 -8.31
CA GLU A 22 -4.73 -13.96 -8.15
C GLU A 22 -4.38 -14.24 -6.68
N ALA A 23 -3.69 -13.30 -6.03
CA ALA A 23 -3.22 -13.47 -4.68
C ALA A 23 -4.37 -13.57 -3.65
N ILE A 24 -5.53 -12.95 -3.88
CA ILE A 24 -6.65 -12.97 -2.91
C ILE A 24 -7.37 -14.33 -2.83
N LYS A 25 -7.23 -15.20 -3.83
CA LYS A 25 -7.91 -16.51 -3.90
C LYS A 25 -7.30 -17.57 -2.95
N ASN A 26 -6.08 -17.33 -2.45
CA ASN A 26 -5.36 -18.16 -1.49
C ASN A 26 -6.11 -18.29 -0.13
N PRO A 27 -5.75 -19.28 0.73
CA PRO A 27 -6.39 -19.46 2.03
C PRO A 27 -5.83 -18.54 3.13
N ALA A 28 -4.51 -18.35 3.22
CA ALA A 28 -3.85 -17.84 4.43
C ALA A 28 -4.19 -16.39 4.82
N ILE A 29 -4.54 -15.54 3.85
CA ILE A 29 -4.77 -14.10 4.05
C ILE A 29 -6.18 -13.73 4.54
N LYS A 30 -7.16 -14.63 4.47
CA LYS A 30 -8.56 -14.27 4.77
C LYS A 30 -8.79 -13.91 6.25
N ASP A 31 -9.43 -12.75 6.48
CA ASP A 31 -9.87 -12.22 7.79
C ASP A 31 -8.74 -11.92 8.80
N LYS A 32 -7.53 -11.56 8.33
CA LYS A 32 -6.35 -11.27 9.16
C LYS A 32 -6.08 -9.76 9.40
N ASP A 33 -5.33 -9.41 10.45
CA ASP A 33 -4.74 -8.08 10.67
C ASP A 33 -3.41 -8.13 11.44
N HIS A 34 -2.65 -7.03 11.43
CA HIS A 34 -1.55 -6.78 12.37
C HIS A 34 -1.79 -5.46 13.13
N SER A 35 -2.86 -5.40 13.93
CA SER A 35 -3.07 -4.37 14.95
C SER A 35 -2.48 -4.84 16.29
N ALA A 36 -1.44 -4.15 16.77
CA ALA A 36 -0.57 -4.60 17.87
C ALA A 36 0.17 -3.40 18.50
N PRO A 37 0.83 -3.57 19.67
CA PRO A 37 1.79 -2.59 20.19
C PRO A 37 3.01 -2.36 19.28
N ASN A 38 3.17 -3.18 18.24
CA ASN A 38 4.18 -3.05 17.19
C ASN A 38 3.67 -2.28 15.95
N SER A 39 2.44 -1.77 15.97
CA SER A 39 1.87 -1.00 14.86
C SER A 39 1.03 0.19 15.31
N ARG A 40 1.11 1.29 14.54
CA ARG A 40 0.37 2.54 14.77
C ARG A 40 -0.25 3.02 13.44
N PRO A 41 -1.44 3.66 13.48
CA PRO A 41 -2.16 4.09 12.28
C PRO A 41 -1.51 5.32 11.63
N ILE A 42 -1.91 5.61 10.39
CA ILE A 42 -1.51 6.79 9.60
C ILE A 42 -2.62 7.14 8.58
N ASP A 43 -2.47 8.26 7.86
CA ASP A 43 -3.31 8.68 6.73
C ASP A 43 -2.43 9.22 5.57
N PHE A 44 -3.00 9.26 4.35
CA PHE A 44 -2.36 9.80 3.14
C PHE A 44 -3.39 10.14 2.04
N GLU A 45 -2.90 10.72 0.93
CA GLU A 45 -3.69 11.27 -0.18
C GLU A 45 -3.07 10.86 -1.53
N MET A 46 -3.80 11.01 -2.65
CA MET A 46 -3.34 10.56 -3.98
C MET A 46 -3.63 11.56 -5.10
N LYS A 47 -2.69 11.66 -6.05
CA LYS A 47 -2.70 12.62 -7.16
C LYS A 47 -1.67 12.30 -8.25
N LYS A 48 -1.79 12.83 -9.48
CA LYS A 48 -0.79 12.64 -10.54
C LYS A 48 -0.02 13.94 -10.88
N LYS A 49 1.13 13.80 -11.56
CA LYS A 49 1.97 14.91 -12.03
C LYS A 49 1.21 15.91 -12.94
N ASP A 50 0.20 15.44 -13.69
CA ASP A 50 -0.72 16.26 -14.51
C ASP A 50 -1.64 17.20 -13.70
N GLY A 51 -1.79 16.96 -12.39
CA GLY A 51 -2.80 17.61 -11.54
C GLY A 51 -4.03 16.75 -11.24
N THR A 52 -4.05 15.48 -11.66
CA THR A 52 -5.11 14.51 -11.34
C THR A 52 -5.26 14.41 -9.83
N GLN A 53 -6.47 14.44 -9.31
CA GLN A 53 -6.71 14.25 -7.89
C GLN A 53 -8.00 13.44 -7.73
N GLN A 54 -7.91 12.26 -7.12
CA GLN A 54 -8.91 11.21 -7.37
C GLN A 54 -10.27 11.50 -6.70
N PHE A 55 -11.27 11.92 -7.50
CA PHE A 55 -12.64 12.14 -7.04
C PHE A 55 -13.47 10.84 -6.93
N TYR A 56 -12.92 9.72 -7.39
CA TYR A 56 -13.48 8.38 -7.22
C TYR A 56 -13.52 7.93 -5.73
N HIS A 57 -13.95 6.70 -5.47
CA HIS A 57 -14.06 6.13 -4.13
C HIS A 57 -12.70 5.77 -3.49
N TYR A 58 -12.72 5.41 -2.20
CA TYR A 58 -11.53 5.10 -1.37
C TYR A 58 -10.59 4.03 -1.97
N ALA A 59 -11.06 3.21 -2.91
CA ALA A 59 -10.21 2.38 -3.77
C ALA A 59 -9.00 3.17 -4.31
N SER A 60 -9.22 4.32 -4.95
CA SER A 60 -8.16 5.17 -5.50
C SER A 60 -8.04 6.54 -4.81
N SER A 61 -9.03 6.98 -4.03
CA SER A 61 -8.98 8.23 -3.24
C SER A 61 -8.33 8.07 -1.84
N VAL A 62 -8.53 9.04 -0.94
CA VAL A 62 -7.84 9.21 0.34
C VAL A 62 -8.06 8.02 1.29
N LYS A 63 -6.97 7.54 1.89
CA LYS A 63 -6.95 6.29 2.67
C LYS A 63 -6.21 6.42 4.02
N PRO A 64 -6.66 5.68 5.05
CA PRO A 64 -5.85 5.36 6.21
C PRO A 64 -4.91 4.18 5.89
N ALA A 65 -3.88 4.00 6.72
CA ALA A 65 -2.99 2.83 6.72
C ALA A 65 -2.39 2.60 8.12
N ARG A 66 -1.43 1.67 8.26
CA ARG A 66 -0.65 1.46 9.50
C ARG A 66 0.82 1.24 9.24
N VAL A 67 1.65 1.84 10.09
CA VAL A 67 3.09 1.65 10.12
C VAL A 67 3.38 0.52 11.10
N ILE A 68 3.90 -0.59 10.59
CA ILE A 68 4.48 -1.67 11.44
C ILE A 68 5.95 -1.31 11.71
N PHE A 69 6.23 -0.70 12.88
CA PHE A 69 7.41 0.17 13.02
C PHE A 69 8.63 -0.55 13.63
N THR A 70 9.68 -0.68 12.81
CA THR A 70 10.90 -1.47 13.03
C THR A 70 12.12 -0.57 13.25
N ASP A 71 13.31 -1.15 13.10
CA ASP A 71 14.58 -0.49 12.83
C ASP A 71 14.57 0.39 11.54
N SER A 72 15.71 0.93 11.14
CA SER A 72 15.84 1.91 10.02
C SER A 72 15.38 1.40 8.63
N LYS A 73 15.07 0.11 8.48
CA LYS A 73 14.13 -0.37 7.46
C LYS A 73 12.78 -0.77 8.13
N PRO A 74 11.74 0.10 8.08
CA PRO A 74 10.42 -0.19 8.64
C PRO A 74 9.40 -0.59 7.55
N GLU A 75 8.20 -1.00 7.99
CA GLU A 75 7.13 -1.52 7.13
C GLU A 75 5.78 -0.82 7.34
N ILE A 76 4.91 -0.88 6.34
CA ILE A 76 3.53 -0.39 6.43
C ILE A 76 2.54 -1.38 5.80
N GLU A 77 1.26 -1.30 6.16
CA GLU A 77 0.17 -2.08 5.58
C GLU A 77 -1.00 -1.18 5.15
N LEU A 78 -1.41 -1.33 3.88
CA LEU A 78 -2.33 -0.44 3.16
C LEU A 78 -3.51 -1.26 2.62
N GLY A 79 -4.73 -0.92 3.05
CA GLY A 79 -5.98 -1.55 2.61
C GLY A 79 -6.56 -0.87 1.36
N LEU A 80 -6.79 -1.65 0.30
CA LEU A 80 -7.51 -1.25 -0.91
C LEU A 80 -8.96 -1.75 -0.87
N GLN A 81 -9.86 -0.92 -1.40
CA GLN A 81 -11.27 -1.26 -1.67
C GLN A 81 -11.39 -1.76 -3.12
N SER A 82 -12.42 -2.57 -3.39
CA SER A 82 -12.69 -3.25 -4.67
C SER A 82 -11.51 -4.13 -5.12
N GLY A 83 -11.02 -4.97 -4.19
CA GLY A 83 -9.82 -5.79 -4.32
C GLY A 83 -9.95 -6.97 -5.29
N GLN A 84 -11.16 -7.42 -5.65
CA GLN A 84 -11.30 -8.42 -6.73
C GLN A 84 -10.97 -7.86 -8.12
N PHE A 85 -10.83 -6.53 -8.26
CA PHE A 85 -10.61 -5.87 -9.55
C PHE A 85 -9.24 -5.18 -9.66
N TRP A 86 -8.50 -4.99 -8.57
CA TRP A 86 -7.11 -4.51 -8.59
C TRP A 86 -6.17 -5.63 -9.10
N ARG A 87 -5.55 -5.40 -10.27
CA ARG A 87 -4.71 -6.37 -10.99
C ARG A 87 -3.22 -6.18 -10.63
N LYS A 88 -2.34 -5.85 -11.58
CA LYS A 88 -0.90 -5.62 -11.32
C LYS A 88 -0.63 -4.30 -10.57
N PHE A 89 0.44 -4.26 -9.78
CA PHE A 89 0.75 -3.16 -8.85
C PHE A 89 2.25 -3.16 -8.50
N GLU A 90 2.91 -1.99 -8.57
CA GLU A 90 4.30 -1.78 -8.15
C GLU A 90 4.50 -0.36 -7.55
N VAL A 91 5.49 -0.23 -6.64
CA VAL A 91 5.76 0.95 -5.80
C VAL A 91 7.26 1.33 -5.82
N TYR A 92 7.57 2.64 -5.92
CA TYR A 92 8.93 3.15 -6.19
C TYR A 92 9.19 4.56 -5.60
N GLU A 93 10.43 4.86 -5.20
CA GLU A 93 10.80 6.16 -4.62
C GLU A 93 12.25 6.56 -4.96
N GLY A 94 12.45 7.21 -6.10
CA GLY A 94 13.73 7.84 -6.48
C GLY A 94 14.81 6.84 -6.85
N ASP A 95 15.78 6.65 -5.96
CA ASP A 95 16.92 5.75 -6.14
C ASP A 95 16.56 4.26 -5.91
N LYS A 96 15.45 4.00 -5.22
CA LYS A 96 15.08 2.70 -4.68
C LYS A 96 13.62 2.28 -4.98
N LYS A 97 13.41 0.97 -4.98
CA LYS A 97 12.12 0.31 -5.25
C LYS A 97 11.55 -0.33 -3.98
N LEU A 98 10.22 -0.32 -3.80
CA LEU A 98 9.57 -0.78 -2.57
C LEU A 98 8.84 -2.11 -2.87
N PRO A 99 9.26 -3.26 -2.28
CA PRO A 99 8.71 -4.56 -2.63
C PRO A 99 7.38 -4.81 -1.90
N ILE A 100 6.34 -5.14 -2.66
CA ILE A 100 4.99 -5.42 -2.16
C ILE A 100 4.70 -6.92 -2.03
N LYS A 101 3.67 -7.25 -1.24
CA LYS A 101 3.01 -8.55 -1.14
C LYS A 101 1.61 -8.42 -0.51
N LEU A 102 0.71 -9.38 -0.72
CA LEU A 102 -0.60 -9.39 -0.05
C LEU A 102 -0.42 -9.89 1.40
N VAL A 103 -1.11 -9.26 2.36
CA VAL A 103 -1.06 -9.64 3.78
C VAL A 103 -2.42 -9.96 4.40
N SER A 104 -3.52 -9.46 3.84
CA SER A 104 -4.89 -9.79 4.29
C SER A 104 -5.92 -9.57 3.19
N TYR A 105 -7.02 -10.33 3.23
CA TYR A 105 -8.23 -10.12 2.42
C TYR A 105 -9.49 -10.24 3.30
N ASP A 106 -10.55 -9.50 2.97
CA ASP A 106 -11.90 -9.71 3.52
C ASP A 106 -12.89 -9.96 2.39
N THR A 107 -13.33 -11.22 2.29
CA THR A 107 -14.24 -11.72 1.25
C THR A 107 -15.67 -11.16 1.35
N VAL A 108 -16.06 -10.56 2.47
CA VAL A 108 -17.37 -9.91 2.62
C VAL A 108 -17.30 -8.48 2.08
N LYS A 109 -16.30 -7.70 2.55
CA LYS A 109 -16.13 -6.29 2.17
C LYS A 109 -15.49 -6.10 0.78
N ASP A 110 -14.82 -7.13 0.26
CA ASP A 110 -13.91 -7.11 -0.90
C ASP A 110 -12.67 -6.20 -0.65
N TYR A 111 -12.21 -6.12 0.59
CA TYR A 111 -11.03 -5.32 1.00
C TYR A 111 -9.75 -6.15 0.89
N ALA A 112 -8.67 -5.61 0.31
CA ALA A 112 -7.39 -6.29 0.15
C ALA A 112 -6.23 -5.46 0.70
N TYR A 113 -5.49 -5.99 1.68
CA TYR A 113 -4.34 -5.31 2.31
C TYR A 113 -3.00 -5.78 1.71
N ILE A 114 -2.19 -4.83 1.25
CA ILE A 114 -0.78 -5.06 0.86
C ILE A 114 0.18 -4.60 1.97
N ARG A 115 1.26 -5.37 2.16
CA ARG A 115 2.42 -5.08 3.00
C ARG A 115 3.58 -4.60 2.11
N PHE A 116 4.38 -3.65 2.61
CA PHE A 116 5.68 -3.29 2.02
C PHE A 116 6.61 -2.57 3.01
N SER A 117 7.91 -2.65 2.76
CA SER A 117 8.92 -1.86 3.48
C SER A 117 9.13 -0.49 2.81
N VAL A 118 9.35 0.55 3.62
CA VAL A 118 9.36 1.95 3.18
C VAL A 118 10.72 2.63 3.40
N SER A 119 10.98 3.66 2.60
CA SER A 119 12.24 4.42 2.59
C SER A 119 12.32 5.51 3.68
N ASN A 120 13.53 6.01 3.93
CA ASN A 120 13.82 6.87 5.10
C ASN A 120 13.12 8.25 5.04
N GLY A 121 12.30 8.60 6.06
CA GLY A 121 11.78 9.97 6.27
C GLY A 121 10.78 10.42 5.21
N THR A 122 10.01 9.48 4.63
CA THR A 122 9.36 9.64 3.32
C THR A 122 8.09 10.47 3.40
N LYS A 123 7.87 11.32 2.39
CA LYS A 123 6.76 12.28 2.32
C LYS A 123 5.86 12.07 1.08
N ALA A 124 6.36 11.41 0.03
CA ALA A 124 5.61 11.11 -1.20
C ALA A 124 6.28 10.00 -2.03
N VAL A 125 5.48 9.15 -2.67
CA VAL A 125 5.91 7.86 -3.30
C VAL A 125 5.17 7.62 -4.62
N LYS A 126 5.81 6.98 -5.62
CA LYS A 126 5.22 6.71 -6.94
C LYS A 126 4.59 5.29 -7.02
N ILE A 127 3.28 5.26 -7.28
CA ILE A 127 2.48 4.08 -7.61
C ILE A 127 2.35 3.95 -9.14
N VAL A 128 2.26 2.72 -9.62
CA VAL A 128 2.06 2.28 -11.02
C VAL A 128 1.21 0.99 -10.93
N SER A 129 0.10 0.88 -11.66
CA SER A 129 -0.87 -0.21 -11.48
C SER A 129 -1.96 -0.28 -12.58
N SER A 130 -2.76 -1.35 -12.61
CA SER A 130 -4.00 -1.46 -13.37
C SER A 130 -5.13 -2.08 -12.54
N THR A 131 -6.39 -1.70 -12.85
CA THR A 131 -7.60 -2.40 -12.46
C THR A 131 -8.25 -3.01 -13.70
N HIS A 132 -8.95 -4.12 -13.54
CA HIS A 132 -9.93 -4.58 -14.51
C HIS A 132 -11.25 -4.79 -13.75
N PHE A 133 -12.16 -3.81 -13.84
CA PHE A 133 -13.38 -3.72 -13.04
C PHE A 133 -14.58 -4.19 -13.88
N ASN A 134 -15.13 -5.37 -13.59
CA ASN A 134 -16.16 -5.98 -14.45
C ASN A 134 -15.63 -6.04 -15.91
N ASN A 135 -16.42 -5.65 -16.93
CA ASN A 135 -16.02 -5.63 -18.34
C ASN A 135 -15.25 -4.35 -18.79
N LYS A 136 -14.78 -3.53 -17.84
CA LYS A 136 -13.93 -2.34 -18.01
C LYS A 136 -12.45 -2.61 -17.62
N GLU A 137 -11.52 -1.79 -18.10
CA GLU A 137 -10.07 -1.87 -17.84
C GLU A 137 -9.48 -0.46 -17.65
N GLU A 138 -8.57 -0.26 -16.69
CA GLU A 138 -7.94 1.04 -16.41
C GLU A 138 -6.50 0.87 -15.93
N LYS A 139 -5.58 1.77 -16.34
CA LYS A 139 -4.14 1.61 -16.10
C LYS A 139 -3.40 2.95 -15.92
N TYR A 140 -2.45 2.98 -14.98
CA TYR A 140 -1.67 4.16 -14.58
C TYR A 140 -0.17 3.91 -14.81
N ASP A 141 0.47 4.73 -15.64
CA ASP A 141 1.92 4.69 -15.93
C ASP A 141 2.81 5.35 -14.86
N TYR A 142 2.18 6.12 -13.97
CA TYR A 142 2.71 6.79 -12.77
C TYR A 142 1.57 7.57 -12.07
N THR A 143 1.52 7.54 -10.73
CA THR A 143 0.65 8.37 -9.87
C THR A 143 1.32 8.49 -8.50
N LEU A 144 1.25 9.66 -7.87
CA LEU A 144 1.84 9.94 -6.56
C LEU A 144 0.85 9.62 -5.43
N MET A 145 1.32 8.95 -4.38
CA MET A 145 0.73 9.08 -3.03
C MET A 145 1.55 10.08 -2.20
N GLU A 146 0.85 10.97 -1.49
CA GLU A 146 1.41 12.10 -0.72
C GLU A 146 0.89 12.03 0.72
N PHE A 147 1.76 12.27 1.69
CA PHE A 147 1.50 11.97 3.11
C PHE A 147 0.49 12.88 3.83
N ALA A 148 0.03 12.42 5.00
CA ALA A 148 -0.49 13.28 6.06
C ALA A 148 0.61 13.59 7.11
N GLN A 149 1.23 12.54 7.66
CA GLN A 149 2.33 12.55 8.64
C GLN A 149 3.55 11.79 8.05
N PRO A 150 4.80 12.01 8.53
CA PRO A 150 6.00 11.35 8.01
C PRO A 150 5.91 9.83 8.00
N ILE A 151 6.33 9.22 6.89
CA ILE A 151 6.39 7.76 6.76
C ILE A 151 7.82 7.30 7.10
N TYR A 152 8.01 6.93 8.37
CA TYR A 152 9.24 6.41 8.98
C TYR A 152 8.97 5.82 10.38
N ASN A 153 10.00 5.38 11.12
CA ASN A 153 9.82 4.54 12.32
C ASN A 153 9.58 5.33 13.62
N SER A 154 10.16 6.54 13.78
CA SER A 154 10.04 7.36 15.00
C SER A 154 10.47 6.57 16.26
N ALA A 155 11.62 5.91 16.15
CA ALA A 155 12.17 4.91 17.08
C ALA A 155 12.51 5.45 18.49
N ASP A 156 12.54 6.77 18.65
CA ASP A 156 13.08 7.54 19.77
C ASP A 156 12.55 7.14 21.17
N LYS A 157 11.30 6.64 21.28
CA LYS A 157 10.63 6.41 22.56
C LYS A 157 11.23 5.28 23.43
N PHE A 158 11.81 4.25 22.79
CA PHE A 158 12.41 3.10 23.46
C PHE A 158 13.62 2.62 22.65
N LYS A 159 14.81 2.67 23.26
CA LYS A 159 16.06 2.18 22.67
C LYS A 159 16.06 0.65 22.54
N THR A 160 15.78 -0.03 23.65
CA THR A 160 15.50 -1.47 23.81
C THR A 160 14.99 -1.72 25.22
N GLU A 161 14.01 -2.60 25.40
CA GLU A 161 13.21 -2.69 26.63
C GLU A 161 12.94 -4.15 27.05
N GLU A 162 12.78 -4.35 28.36
CA GLU A 162 12.48 -5.62 29.02
C GLU A 162 11.12 -5.56 29.75
N ASP A 163 10.52 -6.71 30.05
CA ASP A 163 9.16 -6.84 30.60
C ASP A 163 8.90 -8.19 31.27
N LEU A 16 4.98 -7.96 -9.93
CA LEU A 16 5.27 -8.67 -8.67
C LEU A 16 5.66 -10.10 -9.02
N ASN A 17 5.23 -11.12 -8.25
CA ASN A 17 5.29 -12.52 -8.65
C ASN A 17 3.97 -12.99 -9.30
N GLN A 18 2.84 -12.38 -8.92
CA GLN A 18 1.50 -12.67 -9.43
C GLN A 18 0.61 -11.42 -9.31
N GLU A 19 -0.51 -11.41 -10.03
CA GLU A 19 -1.48 -10.32 -10.05
C GLU A 19 -2.47 -10.43 -8.88
N LEU A 20 -2.97 -9.29 -8.39
CA LEU A 20 -3.84 -9.19 -7.20
C LEU A 20 -5.03 -10.15 -7.28
N ARG A 21 -5.66 -10.28 -8.45
CA ARG A 21 -6.79 -11.18 -8.67
C ARG A 21 -6.46 -12.66 -8.34
N GLU A 22 -5.22 -13.09 -8.58
CA GLU A 22 -4.80 -14.46 -8.29
C GLU A 22 -4.61 -14.62 -6.78
N ALA A 23 -4.12 -13.58 -6.12
CA ALA A 23 -3.81 -13.57 -4.70
C ALA A 23 -5.05 -13.58 -3.79
N ILE A 24 -6.21 -13.10 -4.27
CA ILE A 24 -7.47 -13.10 -3.50
C ILE A 24 -8.19 -14.45 -3.50
N LYS A 25 -7.78 -15.38 -4.36
CA LYS A 25 -8.35 -16.73 -4.49
C LYS A 25 -7.63 -17.79 -3.65
N ASN A 26 -6.55 -17.43 -2.95
CA ASN A 26 -5.89 -18.24 -1.92
C ASN A 26 -6.87 -18.62 -0.77
N PRO A 27 -6.61 -19.71 -0.01
CA PRO A 27 -7.60 -20.25 0.94
C PRO A 27 -7.66 -19.54 2.31
N ALA A 28 -6.54 -19.36 3.01
CA ALA A 28 -6.53 -19.12 4.45
C ALA A 28 -6.70 -17.65 4.87
N ILE A 29 -6.45 -16.76 3.92
CA ILE A 29 -6.29 -15.31 4.09
C ILE A 29 -7.61 -14.52 4.15
N LYS A 30 -8.74 -15.23 4.10
CA LYS A 30 -10.10 -14.67 4.14
C LYS A 30 -10.68 -14.47 5.56
N ASP A 31 -11.59 -13.50 5.71
CA ASP A 31 -12.33 -13.10 6.94
C ASP A 31 -11.45 -12.31 7.95
N LYS A 32 -10.61 -11.39 7.45
CA LYS A 32 -9.54 -10.75 8.23
C LYS A 32 -9.68 -9.22 8.41
N ASP A 33 -8.98 -8.67 9.40
CA ASP A 33 -8.69 -7.24 9.61
C ASP A 33 -7.22 -7.07 10.03
N HIS A 34 -6.64 -5.87 9.90
CA HIS A 34 -5.28 -5.60 10.36
C HIS A 34 -5.21 -4.45 11.37
N SER A 35 -4.93 -4.78 12.63
CA SER A 35 -4.19 -3.91 13.56
C SER A 35 -3.18 -4.68 14.44
N ALA A 36 -2.23 -3.97 15.07
CA ALA A 36 -1.23 -4.50 16.00
C ALA A 36 -0.68 -3.40 16.94
N PRO A 37 -0.38 -3.70 18.23
CA PRO A 37 0.17 -2.73 19.18
C PRO A 37 1.59 -2.26 18.84
N ASN A 38 2.27 -2.94 17.92
CA ASN A 38 3.57 -2.61 17.32
C ASN A 38 3.54 -1.38 16.39
N SER A 39 2.48 -0.56 16.39
CA SER A 39 2.23 0.40 15.30
C SER A 39 1.48 1.70 15.69
N ARG A 40 1.40 2.64 14.72
CA ARG A 40 0.47 3.79 14.68
C ARG A 40 -0.34 3.76 13.37
N PRO A 41 -1.64 4.16 13.35
CA PRO A 41 -2.43 4.27 12.13
C PRO A 41 -2.06 5.50 11.28
N ILE A 42 -2.28 5.45 9.96
CA ILE A 42 -1.96 6.54 9.02
C ILE A 42 -2.85 6.55 7.77
N ASP A 43 -2.71 7.56 6.90
CA ASP A 43 -3.36 7.73 5.59
C ASP A 43 -2.51 8.59 4.64
N PHE A 44 -3.01 8.81 3.43
CA PHE A 44 -2.37 9.58 2.35
C PHE A 44 -3.43 10.29 1.50
N GLU A 45 -3.00 11.09 0.51
CA GLU A 45 -3.83 11.44 -0.64
C GLU A 45 -3.03 11.42 -1.97
N MET A 46 -3.72 11.24 -3.09
CA MET A 46 -3.13 10.89 -4.40
C MET A 46 -3.41 11.91 -5.53
N LYS A 47 -2.50 11.96 -6.51
CA LYS A 47 -2.55 12.84 -7.69
C LYS A 47 -1.55 12.45 -8.80
N LYS A 48 -1.68 13.01 -10.01
CA LYS A 48 -0.63 12.98 -11.04
C LYS A 48 -0.18 14.41 -11.42
N LYS A 49 1.02 14.56 -11.99
CA LYS A 49 1.57 15.80 -12.54
C LYS A 49 0.59 16.55 -13.47
N ASP A 50 -0.13 15.83 -14.33
CA ASP A 50 -1.18 16.34 -15.24
C ASP A 50 -2.47 16.88 -14.54
N GLY A 51 -2.52 16.97 -13.20
CA GLY A 51 -3.68 17.49 -12.47
C GLY A 51 -4.69 16.43 -12.06
N THR A 52 -4.42 15.15 -12.37
CA THR A 52 -5.22 13.99 -11.94
C THR A 52 -5.37 14.00 -10.42
N GLN A 53 -6.54 13.58 -9.94
CA GLN A 53 -6.78 13.27 -8.54
C GLN A 53 -7.43 11.88 -8.49
N GLN A 54 -6.77 10.92 -7.86
CA GLN A 54 -7.37 9.61 -7.56
C GLN A 54 -8.06 9.75 -6.19
N PHE A 55 -9.39 9.61 -6.19
CA PHE A 55 -10.22 9.77 -4.99
C PHE A 55 -11.65 9.23 -5.20
N TYR A 56 -12.33 9.66 -6.27
CA TYR A 56 -13.78 9.40 -6.41
C TYR A 56 -14.12 8.02 -7.01
N HIS A 57 -13.33 7.50 -7.93
CA HIS A 57 -13.55 6.16 -8.48
C HIS A 57 -13.15 5.08 -7.47
N TYR A 58 -14.06 4.18 -7.10
CA TYR A 58 -13.96 3.37 -5.86
C TYR A 58 -12.61 2.67 -5.63
N ALA A 59 -12.08 1.92 -6.60
CA ALA A 59 -10.77 1.26 -6.49
C ALA A 59 -9.58 2.24 -6.31
N SER A 60 -9.73 3.47 -6.78
CA SER A 60 -8.77 4.58 -6.61
C SER A 60 -9.12 5.52 -5.42
N SER A 61 -10.05 5.13 -4.55
CA SER A 61 -10.31 5.80 -3.27
C SER A 61 -9.11 5.71 -2.29
N VAL A 62 -9.08 6.53 -1.23
CA VAL A 62 -8.00 6.56 -0.23
C VAL A 62 -7.87 5.23 0.53
N LYS A 63 -6.62 4.83 0.81
CA LYS A 63 -6.26 3.63 1.56
C LYS A 63 -5.83 3.98 3.01
N PRO A 64 -6.55 3.51 4.06
CA PRO A 64 -6.10 3.66 5.45
C PRO A 64 -5.04 2.60 5.78
N ALA A 65 -4.12 2.93 6.69
CA ALA A 65 -2.85 2.21 6.85
C ALA A 65 -2.35 2.14 8.31
N ARG A 66 -1.24 1.41 8.52
CA ARG A 66 -0.62 1.06 9.81
C ARG A 66 0.91 1.02 9.67
N VAL A 67 1.62 1.88 10.40
CA VAL A 67 3.10 1.94 10.39
C VAL A 67 3.64 1.03 11.50
N ILE A 68 4.13 -0.15 11.12
CA ILE A 68 4.77 -1.16 11.98
C ILE A 68 6.25 -0.81 12.27
N PHE A 69 6.59 -0.68 13.55
CA PHE A 69 7.92 -0.26 13.97
C PHE A 69 8.95 -1.39 13.78
N THR A 70 10.11 -1.03 13.21
CA THR A 70 11.15 -1.91 12.63
C THR A 70 12.50 -1.22 12.84
N ASP A 71 13.55 -1.55 12.09
CA ASP A 71 14.74 -0.69 11.95
C ASP A 71 14.39 0.68 11.33
N SER A 72 15.39 1.53 11.14
CA SER A 72 15.33 2.80 10.40
C SER A 72 14.67 2.73 9.01
N LYS A 73 14.51 1.55 8.41
CA LYS A 73 13.54 1.32 7.34
C LYS A 73 12.28 0.64 7.93
N PRO A 74 11.17 1.38 8.16
CA PRO A 74 9.94 0.82 8.72
C PRO A 74 9.17 0.00 7.69
N GLU A 75 8.16 -0.72 8.17
CA GLU A 75 7.29 -1.57 7.36
C GLU A 75 5.83 -1.13 7.58
N ILE A 76 5.06 -0.97 6.50
CA ILE A 76 3.73 -0.37 6.55
C ILE A 76 2.70 -1.32 5.95
N GLU A 77 1.58 -1.55 6.66
CA GLU A 77 0.42 -2.30 6.17
C GLU A 77 -0.65 -1.32 5.69
N LEU A 78 -1.35 -1.66 4.60
CA LEU A 78 -2.44 -0.84 4.04
C LEU A 78 -3.63 -1.72 3.65
N GLY A 79 -4.85 -1.19 3.83
CA GLY A 79 -6.10 -1.77 3.32
C GLY A 79 -6.57 -1.03 2.06
N LEU A 80 -7.03 -1.78 1.05
CA LEU A 80 -7.56 -1.25 -0.21
C LEU A 80 -8.87 -1.93 -0.61
N GLN A 81 -9.66 -1.20 -1.39
CA GLN A 81 -11.03 -1.50 -1.76
C GLN A 81 -11.16 -1.85 -3.25
N SER A 82 -12.25 -2.51 -3.63
CA SER A 82 -12.50 -3.02 -5.00
C SER A 82 -11.35 -3.91 -5.55
N GLY A 83 -10.87 -4.86 -4.73
CA GLY A 83 -9.72 -5.71 -5.05
C GLY A 83 -9.90 -6.64 -6.27
N GLN A 84 -11.14 -6.90 -6.70
CA GLN A 84 -11.44 -7.64 -7.93
C GLN A 84 -11.35 -6.79 -9.22
N PHE A 85 -11.22 -5.46 -9.14
CA PHE A 85 -11.10 -4.58 -10.31
C PHE A 85 -9.63 -4.27 -10.66
N TRP A 86 -8.74 -4.13 -9.67
CA TRP A 86 -7.29 -4.01 -9.86
C TRP A 86 -6.66 -5.33 -10.38
N ARG A 87 -5.37 -5.29 -10.77
CA ARG A 87 -4.65 -6.40 -11.42
C ARG A 87 -3.13 -6.35 -11.14
N LYS A 88 -2.33 -5.59 -11.91
CA LYS A 88 -0.88 -5.43 -11.68
C LYS A 88 -0.57 -4.10 -10.95
N PHE A 89 0.52 -4.05 -10.16
CA PHE A 89 0.77 -2.98 -9.17
C PHE A 89 2.28 -2.92 -8.80
N GLU A 90 2.90 -1.73 -8.80
CA GLU A 90 4.33 -1.54 -8.53
C GLU A 90 4.68 -0.12 -8.05
N VAL A 91 5.68 0.01 -7.16
CA VAL A 91 6.04 1.28 -6.50
C VAL A 91 7.55 1.49 -6.30
N TYR A 92 8.00 2.73 -6.44
CA TYR A 92 9.35 3.20 -6.10
C TYR A 92 9.35 4.63 -5.50
N GLU A 93 10.44 5.00 -4.81
CA GLU A 93 10.62 6.26 -4.09
C GLU A 93 12.01 6.81 -4.38
N GLY A 94 12.11 8.02 -4.95
CA GLY A 94 13.40 8.61 -5.32
C GLY A 94 14.05 7.86 -6.48
N ASP A 95 15.06 7.04 -6.18
CA ASP A 95 15.63 6.04 -7.09
C ASP A 95 15.64 4.59 -6.52
N LYS A 96 14.78 4.32 -5.53
CA LYS A 96 14.72 3.05 -4.76
C LYS A 96 13.38 2.32 -4.97
N LYS A 97 13.37 1.12 -5.57
CA LYS A 97 12.16 0.30 -5.71
C LYS A 97 11.71 -0.29 -4.37
N LEU A 98 10.40 -0.30 -4.11
CA LEU A 98 9.84 -0.74 -2.83
C LEU A 98 8.96 -2.00 -3.02
N PRO A 99 9.18 -3.10 -2.27
CA PRO A 99 8.52 -4.38 -2.51
C PRO A 99 7.13 -4.45 -1.87
N ILE A 100 6.12 -4.82 -2.67
CA ILE A 100 4.75 -5.08 -2.19
C ILE A 100 4.52 -6.56 -1.87
N LYS A 101 3.98 -6.85 -0.69
CA LYS A 101 3.47 -8.16 -0.27
C LYS A 101 1.93 -8.14 -0.21
N LEU A 102 1.25 -9.22 -0.62
CA LEU A 102 -0.22 -9.35 -0.67
C LEU A 102 -0.66 -10.33 0.43
N VAL A 103 -1.50 -9.88 1.38
CA VAL A 103 -1.47 -10.43 2.76
C VAL A 103 -2.79 -11.05 3.25
N SER A 104 -3.93 -10.35 3.09
CA SER A 104 -5.24 -10.77 3.64
C SER A 104 -6.40 -10.25 2.77
N TYR A 105 -7.61 -10.75 2.99
CA TYR A 105 -8.80 -10.45 2.18
C TYR A 105 -10.14 -10.58 2.94
N ASP A 106 -11.14 -9.83 2.48
CA ASP A 106 -12.56 -10.02 2.78
C ASP A 106 -13.34 -10.01 1.47
N THR A 107 -13.88 -11.17 1.10
CA THR A 107 -14.71 -11.40 -0.10
C THR A 107 -16.05 -10.67 -0.09
N VAL A 108 -16.54 -10.29 1.09
CA VAL A 108 -17.87 -9.69 1.29
C VAL A 108 -17.82 -8.18 1.04
N LYS A 109 -16.81 -7.47 1.56
CA LYS A 109 -16.53 -6.09 1.18
C LYS A 109 -15.75 -5.93 -0.15
N ASP A 110 -15.12 -6.99 -0.65
CA ASP A 110 -14.08 -6.97 -1.69
C ASP A 110 -12.86 -6.11 -1.28
N TYR A 111 -12.41 -6.29 -0.04
CA TYR A 111 -11.36 -5.49 0.62
C TYR A 111 -10.10 -6.32 0.83
N ALA A 112 -8.93 -5.82 0.41
CA ALA A 112 -7.66 -6.55 0.43
C ALA A 112 -6.59 -5.81 1.23
N TYR A 113 -5.69 -6.55 1.87
CA TYR A 113 -4.56 -5.99 2.63
C TYR A 113 -3.21 -6.27 1.96
N ILE A 114 -2.36 -5.25 1.94
CA ILE A 114 -0.96 -5.28 1.48
C ILE A 114 -0.02 -4.88 2.61
N ARG A 115 1.27 -5.21 2.47
CA ARG A 115 2.33 -4.83 3.40
C ARG A 115 3.61 -4.48 2.63
N PHE A 116 4.32 -3.45 3.06
CA PHE A 116 5.25 -2.72 2.19
C PHE A 116 6.50 -2.24 2.96
N SER A 117 7.70 -2.45 2.41
CA SER A 117 8.97 -2.02 3.05
C SER A 117 9.42 -0.67 2.48
N VAL A 118 9.27 0.43 3.25
CA VAL A 118 9.50 1.80 2.74
C VAL A 118 10.93 2.29 2.96
N SER A 119 11.37 3.21 2.10
CA SER A 119 12.58 3.99 2.29
C SER A 119 12.55 4.89 3.53
N ASN A 120 13.73 5.21 4.03
CA ASN A 120 13.89 5.89 5.33
C ASN A 120 13.49 7.38 5.28
N GLY A 121 12.30 7.72 5.82
CA GLY A 121 11.78 9.10 5.90
C GLY A 121 10.86 9.47 4.74
N THR A 122 10.07 8.51 4.25
CA THR A 122 9.29 8.62 3.01
C THR A 122 8.15 9.63 3.14
N LYS A 123 8.10 10.56 2.19
CA LYS A 123 7.19 11.71 2.12
C LYS A 123 6.18 11.52 0.97
N ALA A 124 6.61 10.97 -0.16
CA ALA A 124 5.79 10.79 -1.36
C ALA A 124 6.32 9.63 -2.23
N VAL A 125 5.44 8.81 -2.80
CA VAL A 125 5.80 7.58 -3.55
C VAL A 125 5.15 7.53 -4.93
N LYS A 126 5.88 6.96 -5.91
CA LYS A 126 5.46 6.89 -7.32
C LYS A 126 4.77 5.54 -7.62
N ILE A 127 3.45 5.56 -7.76
CA ILE A 127 2.58 4.38 -7.97
C ILE A 127 2.32 4.16 -9.46
N VAL A 128 2.34 2.89 -9.89
CA VAL A 128 1.66 2.42 -11.11
C VAL A 128 0.76 1.24 -10.75
N SER A 129 -0.50 1.29 -11.20
CA SER A 129 -1.51 0.24 -11.04
C SER A 129 -2.35 0.11 -12.32
N SER A 130 -2.80 -1.11 -12.65
CA SER A 130 -3.80 -1.36 -13.69
C SER A 130 -5.14 -1.85 -13.12
N THR A 131 -6.23 -1.25 -13.62
CA THR A 131 -7.63 -1.59 -13.33
C THR A 131 -8.31 -2.11 -14.60
N HIS A 132 -9.31 -2.98 -14.47
CA HIS A 132 -10.17 -3.39 -15.59
C HIS A 132 -11.58 -3.77 -15.11
N PHE A 133 -12.59 -3.03 -15.56
CA PHE A 133 -14.02 -3.24 -15.25
C PHE A 133 -14.89 -2.95 -16.48
N ASN A 134 -16.02 -3.65 -16.59
CA ASN A 134 -16.73 -3.82 -17.87
C ASN A 134 -15.74 -4.39 -18.93
N ASN A 135 -15.73 -3.93 -20.18
CA ASN A 135 -14.77 -4.41 -21.19
C ASN A 135 -13.58 -3.46 -21.45
N LYS A 136 -13.31 -2.49 -20.56
CA LYS A 136 -12.23 -1.50 -20.72
C LYS A 136 -11.13 -1.64 -19.65
N GLU A 137 -9.88 -1.34 -20.03
CA GLU A 137 -8.68 -1.36 -19.21
C GLU A 137 -8.24 0.08 -18.84
N GLU A 138 -7.64 0.29 -17.68
CA GLU A 138 -7.11 1.56 -17.18
C GLU A 138 -5.71 1.31 -16.59
N LYS A 139 -4.73 2.17 -16.85
CA LYS A 139 -3.40 2.05 -16.26
C LYS A 139 -2.70 3.40 -16.05
N TYR A 140 -2.16 3.58 -14.85
CA TYR A 140 -1.39 4.75 -14.43
C TYR A 140 -0.07 4.85 -15.22
N ASP A 141 0.46 6.07 -15.37
CA ASP A 141 1.81 6.29 -15.90
C ASP A 141 2.79 6.70 -14.79
N TYR A 142 2.34 7.58 -13.88
CA TYR A 142 3.20 8.22 -12.87
C TYR A 142 2.36 8.86 -11.76
N THR A 143 1.67 8.07 -10.93
CA THR A 143 0.69 8.60 -9.96
C THR A 143 1.37 8.74 -8.61
N LEU A 144 1.50 9.97 -8.12
CA LEU A 144 2.08 10.26 -6.81
C LEU A 144 1.05 10.06 -5.70
N MET A 145 1.36 9.20 -4.72
CA MET A 145 0.72 9.19 -3.40
C MET A 145 1.59 9.95 -2.40
N GLU A 146 0.99 10.85 -1.63
CA GLU A 146 1.68 11.81 -0.77
C GLU A 146 1.06 11.82 0.64
N PHE A 147 1.91 12.08 1.64
CA PHE A 147 1.70 11.77 3.06
C PHE A 147 0.52 12.45 3.79
N ALA A 148 0.06 11.82 4.87
CA ALA A 148 -0.52 12.54 6.02
C ALA A 148 0.59 13.05 6.97
N GLN A 149 1.54 12.18 7.34
CA GLN A 149 2.80 12.48 8.04
C GLN A 149 3.89 11.52 7.51
N PRO A 150 5.20 11.88 7.49
CA PRO A 150 6.22 11.08 6.82
C PRO A 150 6.54 9.78 7.55
N ILE A 151 6.83 8.73 6.79
CA ILE A 151 7.01 7.36 7.31
C ILE A 151 8.48 7.15 7.69
N TYR A 152 8.73 7.09 9.00
CA TYR A 152 10.05 7.10 9.66
C TYR A 152 9.92 6.36 11.00
N ASN A 153 10.95 5.62 11.45
CA ASN A 153 10.82 4.74 12.61
C ASN A 153 11.12 5.46 13.93
N SER A 154 12.19 6.26 13.93
CA SER A 154 12.75 6.99 15.09
C SER A 154 13.46 6.03 16.06
N ALA A 155 14.53 5.39 15.55
CA ALA A 155 15.56 4.74 16.38
C ALA A 155 16.39 5.74 17.22
N ASP A 156 16.28 7.02 16.86
CA ASP A 156 17.05 8.20 17.25
C ASP A 156 17.30 8.38 18.76
N LYS A 157 16.44 7.87 19.65
CA LYS A 157 16.59 8.06 21.11
C LYS A 157 17.44 6.97 21.79
N PHE A 158 17.58 5.76 21.20
CA PHE A 158 18.34 4.63 21.74
C PHE A 158 18.44 3.48 20.70
N LYS A 159 19.67 3.20 20.26
CA LYS A 159 20.01 2.17 19.24
C LYS A 159 21.38 1.52 19.52
N THR A 160 22.34 2.31 20.00
CA THR A 160 23.73 1.93 20.25
C THR A 160 24.24 2.73 21.44
N GLU A 161 24.69 2.05 22.49
CA GLU A 161 25.39 2.71 23.59
C GLU A 161 26.55 1.85 24.12
N GLU A 162 27.69 2.48 24.39
CA GLU A 162 28.97 1.84 24.72
C GLU A 162 29.51 2.31 26.09
N ASP A 163 30.55 1.63 26.58
CA ASP A 163 31.43 2.13 27.65
C ASP A 163 32.50 3.10 27.12
N LEU A 16 8.13 -8.70 -10.52
CA LEU A 16 7.13 -8.35 -9.48
C LEU A 16 6.61 -9.61 -8.80
N ASN A 17 6.27 -9.57 -7.51
CA ASN A 17 5.87 -10.75 -6.74
C ASN A 17 4.52 -11.34 -7.22
N GLN A 18 3.48 -10.51 -7.37
CA GLN A 18 2.12 -10.99 -7.67
C GLN A 18 1.19 -9.91 -8.23
N GLU A 19 0.17 -10.34 -8.99
CA GLU A 19 -0.90 -9.53 -9.55
C GLU A 19 -2.12 -9.61 -8.61
N LEU A 20 -2.64 -8.47 -8.15
CA LEU A 20 -3.69 -8.36 -7.12
C LEU A 20 -4.87 -9.31 -7.36
N ARG A 21 -5.40 -9.38 -8.59
CA ARG A 21 -6.47 -10.33 -8.97
C ARG A 21 -6.07 -11.80 -8.73
N GLU A 22 -4.85 -12.21 -9.12
CA GLU A 22 -4.37 -13.59 -8.90
C GLU A 22 -4.19 -13.83 -7.40
N ALA A 23 -3.73 -12.80 -6.68
CA ALA A 23 -3.37 -12.89 -5.28
C ALA A 23 -4.59 -13.14 -4.37
N ILE A 24 -5.77 -12.58 -4.68
CA ILE A 24 -6.95 -12.76 -3.80
C ILE A 24 -7.57 -14.16 -3.88
N LYS A 25 -7.15 -14.99 -4.85
CA LYS A 25 -7.55 -16.41 -4.97
C LYS A 25 -6.48 -17.39 -4.41
N ASN A 26 -5.39 -16.88 -3.84
CA ASN A 26 -4.46 -17.66 -3.01
C ASN A 26 -5.08 -17.92 -1.61
N PRO A 27 -5.07 -19.15 -1.06
CA PRO A 27 -5.79 -19.48 0.17
C PRO A 27 -5.15 -19.00 1.48
N ALA A 28 -3.82 -18.86 1.56
CA ALA A 28 -3.08 -18.73 2.83
C ALA A 28 -3.21 -17.36 3.54
N ILE A 29 -4.06 -16.47 3.04
CA ILE A 29 -4.27 -15.09 3.51
C ILE A 29 -5.75 -14.70 3.67
N LYS A 30 -6.71 -15.59 3.35
CA LYS A 30 -8.13 -15.23 3.31
C LYS A 30 -8.84 -15.39 4.68
N ASP A 31 -9.87 -14.55 4.92
CA ASP A 31 -10.73 -14.48 6.12
C ASP A 31 -9.95 -13.98 7.35
N LYS A 32 -9.10 -12.96 7.15
CA LYS A 32 -8.29 -12.32 8.19
C LYS A 32 -8.30 -10.79 8.06
N ASP A 33 -8.56 -10.08 9.17
CA ASP A 33 -8.56 -8.60 9.23
C ASP A 33 -7.13 -8.04 9.43
N HIS A 34 -6.97 -6.75 9.74
CA HIS A 34 -5.68 -6.15 10.12
C HIS A 34 -5.80 -4.91 11.04
N SER A 35 -5.68 -5.14 12.34
CA SER A 35 -5.24 -4.13 13.32
C SER A 35 -4.48 -4.78 14.49
N ALA A 36 -3.53 -4.06 15.12
CA ALA A 36 -2.70 -4.57 16.22
C ALA A 36 -2.16 -3.43 17.11
N PRO A 37 -1.88 -3.69 18.41
CA PRO A 37 -1.22 -2.71 19.28
C PRO A 37 0.27 -2.52 18.93
N ASN A 38 0.83 -3.38 18.06
CA ASN A 38 2.23 -3.37 17.60
C ASN A 38 2.52 -2.29 16.51
N SER A 39 1.58 -1.38 16.26
CA SER A 39 1.57 -0.52 15.07
C SER A 39 0.50 0.60 15.16
N ARG A 40 0.79 1.76 14.55
CA ARG A 40 -0.05 2.98 14.58
C ARG A 40 -0.74 3.22 13.21
N PRO A 41 -2.05 3.52 13.14
CA PRO A 41 -2.74 3.92 11.90
C PRO A 41 -2.09 5.10 11.17
N ILE A 42 -2.34 5.19 9.86
CA ILE A 42 -1.95 6.35 9.02
C ILE A 42 -2.90 6.54 7.82
N ASP A 43 -2.73 7.63 7.07
CA ASP A 43 -3.49 8.03 5.87
C ASP A 43 -2.56 8.66 4.80
N PHE A 44 -3.12 8.98 3.63
CA PHE A 44 -2.41 9.54 2.46
C PHE A 44 -3.36 10.12 1.39
N GLU A 45 -2.81 10.88 0.45
CA GLU A 45 -3.43 11.42 -0.77
C GLU A 45 -2.81 10.74 -2.02
N MET A 46 -3.45 10.75 -3.21
CA MET A 46 -2.94 10.09 -4.43
C MET A 46 -3.52 10.63 -5.75
N LYS A 47 -2.66 11.21 -6.59
CA LYS A 47 -3.07 11.86 -7.86
C LYS A 47 -1.88 12.15 -8.82
N LYS A 48 -2.13 12.65 -10.04
CA LYS A 48 -1.07 13.17 -10.93
C LYS A 48 -1.31 14.62 -11.43
N LYS A 49 -0.33 15.19 -12.15
CA LYS A 49 -0.36 16.60 -12.56
C LYS A 49 -1.52 17.01 -13.49
N ASP A 50 -2.05 16.06 -14.27
CA ASP A 50 -3.28 16.15 -15.08
C ASP A 50 -4.58 16.09 -14.23
N GLY A 51 -4.47 16.25 -12.90
CA GLY A 51 -5.59 16.31 -11.95
C GLY A 51 -6.12 14.93 -11.53
N THR A 52 -5.65 13.86 -12.18
CA THR A 52 -6.26 12.52 -12.13
C THR A 52 -6.21 11.93 -10.73
N GLN A 53 -7.38 11.62 -10.18
CA GLN A 53 -7.53 10.70 -9.05
C GLN A 53 -7.26 9.27 -9.55
N GLN A 54 -6.45 8.49 -8.82
CA GLN A 54 -6.36 7.05 -9.10
C GLN A 54 -7.59 6.36 -8.50
N PHE A 55 -8.22 5.40 -9.21
CA PHE A 55 -9.41 4.69 -8.68
C PHE A 55 -9.15 3.94 -7.37
N TYR A 56 -7.87 3.64 -7.06
CA TYR A 56 -7.42 3.12 -5.77
C TYR A 56 -7.58 4.12 -4.59
N HIS A 57 -7.83 5.41 -4.85
CA HIS A 57 -8.16 6.44 -3.85
C HIS A 57 -9.62 6.29 -3.35
N TYR A 58 -10.18 7.28 -2.64
CA TYR A 58 -11.54 7.22 -2.06
C TYR A 58 -12.72 7.29 -3.06
N ALA A 59 -12.49 6.86 -4.31
CA ALA A 59 -13.47 6.82 -5.40
C ALA A 59 -14.67 5.92 -5.08
N SER A 60 -14.42 4.73 -4.53
CA SER A 60 -15.46 3.89 -3.89
C SER A 60 -15.60 4.19 -2.39
N SER A 61 -14.50 4.21 -1.63
CA SER A 61 -14.40 4.45 -0.18
C SER A 61 -12.93 4.57 0.28
N VAL A 62 -12.69 5.19 1.44
CA VAL A 62 -11.36 5.48 2.02
C VAL A 62 -10.62 4.24 2.54
N LYS A 63 -9.28 4.29 2.52
CA LYS A 63 -8.40 3.20 2.96
C LYS A 63 -8.01 3.34 4.44
N PRO A 64 -7.90 2.23 5.20
CA PRO A 64 -7.02 2.17 6.34
C PRO A 64 -5.57 1.98 5.86
N ALA A 65 -4.61 2.50 6.61
CA ALA A 65 -3.19 2.17 6.49
C ALA A 65 -2.53 2.17 7.88
N ARG A 66 -1.29 1.69 7.98
CA ARG A 66 -0.64 1.46 9.28
C ARG A 66 0.88 1.49 9.23
N VAL A 67 1.48 2.27 10.12
CA VAL A 67 2.92 2.32 10.40
C VAL A 67 3.28 1.20 11.37
N ILE A 68 4.02 0.22 10.88
CA ILE A 68 4.51 -0.92 11.68
C ILE A 68 5.85 -0.62 12.37
N PHE A 69 5.95 -1.04 13.63
CA PHE A 69 7.17 -0.94 14.43
C PHE A 69 8.06 -2.16 14.14
N THR A 70 9.14 -1.96 13.36
CA THR A 70 10.13 -3.01 13.01
C THR A 70 11.55 -2.46 13.07
N ASP A 71 12.51 -3.27 12.61
CA ASP A 71 13.94 -3.16 12.87
C ASP A 71 14.67 -2.20 11.91
N SER A 72 15.83 -2.57 11.38
CA SER A 72 16.62 -1.71 10.49
C SER A 72 15.82 -1.23 9.27
N LYS A 73 14.85 -2.03 8.80
CA LYS A 73 13.82 -1.60 7.86
C LYS A 73 12.43 -1.67 8.54
N PRO A 74 11.80 -0.52 8.89
CA PRO A 74 10.39 -0.50 9.31
C PRO A 74 9.47 -0.80 8.11
N GLU A 75 8.19 -1.02 8.38
CA GLU A 75 7.22 -1.44 7.36
C GLU A 75 5.92 -0.68 7.46
N ILE A 76 5.13 -0.68 6.40
CA ILE A 76 3.73 -0.25 6.46
C ILE A 76 2.78 -1.25 5.82
N GLU A 77 1.54 -1.26 6.29
CA GLU A 77 0.41 -2.03 5.75
C GLU A 77 -0.61 -1.06 5.14
N LEU A 78 -1.12 -1.35 3.94
CA LEU A 78 -2.22 -0.61 3.29
C LEU A 78 -3.40 -1.55 3.00
N GLY A 79 -4.63 -1.08 3.28
CA GLY A 79 -5.87 -1.78 2.89
C GLY A 79 -6.42 -1.22 1.58
N LEU A 80 -6.29 -1.99 0.51
CA LEU A 80 -6.92 -1.78 -0.80
C LEU A 80 -8.30 -2.48 -0.81
N GLN A 81 -9.11 -2.29 -1.84
CA GLN A 81 -10.49 -2.82 -1.89
C GLN A 81 -10.78 -3.48 -3.24
N SER A 82 -11.93 -4.16 -3.36
CA SER A 82 -12.55 -4.57 -4.63
C SER A 82 -11.58 -5.24 -5.64
N GLY A 83 -10.74 -6.16 -5.14
CA GLY A 83 -9.66 -6.80 -5.90
C GLY A 83 -10.12 -7.63 -7.09
N GLN A 84 -11.41 -7.98 -7.16
CA GLN A 84 -12.07 -8.50 -8.37
C GLN A 84 -11.88 -7.60 -9.61
N PHE A 85 -11.82 -6.27 -9.42
CA PHE A 85 -11.73 -5.26 -10.47
C PHE A 85 -10.38 -4.51 -10.43
N TRP A 86 -9.83 -4.27 -9.24
CA TRP A 86 -8.54 -3.60 -9.03
C TRP A 86 -7.39 -4.60 -9.26
N ARG A 87 -6.91 -4.70 -10.51
CA ARG A 87 -6.11 -5.84 -11.02
C ARG A 87 -4.65 -5.87 -10.56
N LYS A 88 -3.93 -4.75 -10.53
CA LYS A 88 -2.45 -4.76 -10.41
C LYS A 88 -1.88 -3.45 -9.83
N PHE A 89 -0.75 -3.53 -9.12
CA PHE A 89 -0.14 -2.43 -8.36
C PHE A 89 1.38 -2.63 -8.23
N GLU A 90 2.18 -1.55 -8.30
CA GLU A 90 3.64 -1.55 -8.20
C GLU A 90 4.17 -0.17 -7.74
N VAL A 91 5.24 -0.18 -6.92
CA VAL A 91 5.61 0.91 -6.01
C VAL A 91 7.11 1.27 -6.07
N TYR A 92 7.42 2.57 -6.00
CA TYR A 92 8.77 3.15 -6.11
C TYR A 92 8.90 4.45 -5.27
N GLU A 93 10.10 4.75 -4.77
CA GLU A 93 10.37 5.93 -3.94
C GLU A 93 11.77 6.47 -4.26
N GLY A 94 11.86 7.53 -5.08
CA GLY A 94 13.13 8.11 -5.53
C GLY A 94 13.87 7.12 -6.44
N ASP A 95 15.03 6.66 -5.98
CA ASP A 95 15.89 5.63 -6.58
C ASP A 95 15.62 4.20 -6.04
N LYS A 96 14.70 4.04 -5.08
CA LYS A 96 14.41 2.79 -4.35
C LYS A 96 13.06 2.15 -4.78
N LYS A 97 13.07 0.94 -5.34
CA LYS A 97 11.85 0.13 -5.52
C LYS A 97 11.36 -0.46 -4.18
N LEU A 98 10.04 -0.54 -3.95
CA LEU A 98 9.46 -1.14 -2.74
C LEU A 98 8.63 -2.39 -3.13
N PRO A 99 9.13 -3.62 -2.90
CA PRO A 99 8.43 -4.83 -3.29
C PRO A 99 7.27 -5.12 -2.33
N ILE A 100 6.09 -5.38 -2.89
CA ILE A 100 4.84 -5.62 -2.13
C ILE A 100 4.48 -7.11 -2.02
N LYS A 101 3.73 -7.45 -0.97
CA LYS A 101 3.14 -8.77 -0.76
C LYS A 101 1.69 -8.65 -0.22
N LEU A 102 0.78 -9.56 -0.57
CA LEU A 102 -0.54 -9.64 0.04
C LEU A 102 -0.41 -10.28 1.44
N VAL A 103 -1.02 -9.65 2.46
CA VAL A 103 -0.90 -10.06 3.87
C VAL A 103 -2.23 -10.46 4.50
N SER A 104 -3.38 -9.99 3.99
CA SER A 104 -4.68 -10.65 4.17
C SER A 104 -5.70 -10.24 3.10
N TYR A 105 -6.78 -11.03 2.97
CA TYR A 105 -8.00 -10.66 2.24
C TYR A 105 -9.25 -11.06 3.04
N ASP A 106 -10.25 -10.20 3.12
CA ASP A 106 -11.56 -10.54 3.66
C ASP A 106 -12.64 -10.12 2.65
N THR A 107 -13.25 -11.11 2.00
CA THR A 107 -14.31 -10.88 1.00
C THR A 107 -15.59 -10.31 1.63
N VAL A 108 -15.80 -10.52 2.93
CA VAL A 108 -16.98 -10.00 3.67
C VAL A 108 -16.89 -8.48 3.78
N LYS A 109 -15.70 -7.95 4.08
CA LYS A 109 -15.43 -6.51 4.06
C LYS A 109 -15.05 -5.96 2.67
N ASP A 110 -14.64 -6.82 1.72
CA ASP A 110 -14.15 -6.48 0.38
C ASP A 110 -12.80 -5.72 0.41
N TYR A 111 -12.03 -5.88 1.49
CA TYR A 111 -10.70 -5.28 1.65
C TYR A 111 -9.57 -6.32 1.46
N ALA A 112 -8.55 -5.92 0.69
CA ALA A 112 -7.33 -6.66 0.36
C ALA A 112 -6.12 -5.90 0.93
N TYR A 113 -5.44 -6.47 1.92
CA TYR A 113 -4.38 -5.82 2.69
C TYR A 113 -2.99 -6.22 2.17
N ILE A 114 -2.18 -5.23 1.78
CA ILE A 114 -0.78 -5.40 1.34
C ILE A 114 0.20 -4.85 2.39
N ARG A 115 1.44 -5.34 2.36
CA ARG A 115 2.53 -5.00 3.28
C ARG A 115 3.84 -4.85 2.51
N PHE A 116 4.70 -3.91 2.92
CA PHE A 116 6.05 -3.72 2.38
C PHE A 116 7.00 -3.00 3.35
N SER A 117 8.29 -3.30 3.26
CA SER A 117 9.33 -2.66 4.06
C SER A 117 9.79 -1.35 3.39
N VAL A 118 9.82 -0.23 4.11
CA VAL A 118 9.84 1.12 3.51
C VAL A 118 11.24 1.73 3.34
N SER A 119 11.32 2.70 2.44
CA SER A 119 12.40 3.70 2.39
C SER A 119 12.27 4.64 3.59
N ASN A 120 13.38 4.90 4.30
CA ASN A 120 13.33 5.64 5.57
C ASN A 120 12.98 7.13 5.38
N GLY A 121 12.11 7.70 6.23
CA GLY A 121 11.77 9.12 6.21
C GLY A 121 10.83 9.52 5.07
N THR A 122 10.13 8.55 4.45
CA THR A 122 9.34 8.75 3.22
C THR A 122 8.21 9.76 3.41
N LYS A 123 8.09 10.67 2.45
CA LYS A 123 7.07 11.73 2.39
C LYS A 123 6.10 11.60 1.20
N ALA A 124 6.59 11.06 0.07
CA ALA A 124 5.86 10.93 -1.18
C ALA A 124 6.35 9.73 -1.99
N VAL A 125 5.46 9.08 -2.74
CA VAL A 125 5.69 7.75 -3.33
C VAL A 125 5.14 7.72 -4.76
N LYS A 126 5.90 7.12 -5.70
CA LYS A 126 5.51 6.98 -7.10
C LYS A 126 4.81 5.62 -7.32
N ILE A 127 3.54 5.68 -7.70
CA ILE A 127 2.62 4.53 -7.80
C ILE A 127 2.23 4.31 -9.27
N VAL A 128 2.15 3.05 -9.66
CA VAL A 128 1.62 2.59 -10.94
C VAL A 128 0.68 1.42 -10.66
N SER A 129 -0.41 1.32 -11.42
CA SER A 129 -1.48 0.34 -11.17
C SER A 129 -2.37 0.13 -12.40
N SER A 130 -3.35 -0.77 -12.30
CA SER A 130 -4.27 -1.11 -13.40
C SER A 130 -5.58 -1.71 -12.88
N THR A 131 -6.69 -1.38 -13.56
CA THR A 131 -8.03 -1.85 -13.22
C THR A 131 -8.79 -2.29 -14.46
N HIS A 132 -9.84 -3.06 -14.25
CA HIS A 132 -10.85 -3.36 -15.26
C HIS A 132 -12.22 -2.87 -14.75
N PHE A 133 -13.09 -2.44 -15.67
CA PHE A 133 -14.52 -2.21 -15.43
C PHE A 133 -15.28 -2.23 -16.75
N ASN A 134 -16.43 -2.90 -16.78
CA ASN A 134 -17.27 -3.02 -17.97
C ASN A 134 -16.43 -3.59 -19.15
N ASN A 135 -16.55 -3.05 -20.36
CA ASN A 135 -15.84 -3.53 -21.55
C ASN A 135 -14.40 -2.98 -21.71
N LYS A 136 -13.82 -2.34 -20.68
CA LYS A 136 -12.54 -1.60 -20.76
C LYS A 136 -11.44 -2.19 -19.84
N GLU A 137 -10.18 -1.85 -20.11
CA GLU A 137 -9.06 -1.94 -19.16
C GLU A 137 -8.36 -0.58 -18.99
N GLU A 138 -7.65 -0.37 -17.88
CA GLU A 138 -7.05 0.90 -17.48
C GLU A 138 -5.61 0.67 -16.98
N LYS A 139 -4.67 1.55 -17.36
CA LYS A 139 -3.29 1.57 -16.89
C LYS A 139 -2.87 3.01 -16.54
N TYR A 140 -2.26 3.22 -15.37
CA TYR A 140 -1.74 4.53 -14.97
C TYR A 140 -0.30 4.73 -15.46
N ASP A 141 -0.02 5.91 -16.02
CA ASP A 141 1.27 6.32 -16.59
C ASP A 141 2.14 6.99 -15.50
N TYR A 142 1.61 8.04 -14.86
CA TYR A 142 2.16 8.67 -13.64
C TYR A 142 1.11 8.73 -12.53
N THR A 143 1.54 8.52 -11.26
CA THR A 143 0.74 8.78 -10.05
C THR A 143 1.64 9.00 -8.83
N LEU A 144 1.47 10.14 -8.16
CA LEU A 144 2.25 10.57 -6.99
C LEU A 144 1.35 10.61 -5.74
N MET A 145 1.59 9.69 -4.80
CA MET A 145 0.93 9.63 -3.49
C MET A 145 1.74 10.37 -2.42
N GLU A 146 1.05 11.03 -1.50
CA GLU A 146 1.64 11.92 -0.48
C GLU A 146 1.09 11.62 0.92
N PHE A 147 1.95 11.75 1.92
CA PHE A 147 1.72 11.35 3.31
C PHE A 147 0.72 12.20 4.13
N ALA A 148 0.27 11.62 5.26
CA ALA A 148 -0.40 12.35 6.35
C ALA A 148 0.57 12.84 7.46
N GLN A 149 1.66 12.09 7.71
CA GLN A 149 2.81 12.39 8.58
C GLN A 149 4.01 11.56 8.07
N PRO A 150 5.28 11.90 8.40
CA PRO A 150 6.49 11.17 8.02
C PRO A 150 6.45 9.68 8.35
N ILE A 151 6.86 8.84 7.39
CA ILE A 151 6.99 7.40 7.59
C ILE A 151 8.43 7.09 8.02
N TYR A 152 8.65 6.94 9.33
CA TYR A 152 9.96 6.71 9.96
C TYR A 152 9.86 6.12 11.38
N ASN A 153 10.89 5.39 11.83
CA ASN A 153 10.96 4.75 13.15
C ASN A 153 11.78 5.54 14.18
N SER A 154 12.70 6.41 13.74
CA SER A 154 13.61 7.21 14.58
C SER A 154 14.60 6.33 15.39
N ALA A 155 15.12 5.28 14.74
CA ALA A 155 16.23 4.44 15.23
C ALA A 155 17.59 5.14 15.10
N ASP A 156 17.70 6.09 14.16
CA ASP A 156 18.92 6.88 13.88
C ASP A 156 19.38 7.72 15.08
N LYS A 157 18.46 8.12 15.97
CA LYS A 157 18.76 8.97 17.13
C LYS A 157 19.55 8.23 18.21
N PHE A 158 19.38 6.91 18.31
CA PHE A 158 20.12 5.96 19.14
C PHE A 158 19.55 4.54 18.99
N LYS A 159 20.45 3.56 18.97
CA LYS A 159 20.16 2.13 19.14
C LYS A 159 21.35 1.42 19.80
N THR A 160 22.57 1.64 19.28
CA THR A 160 23.90 1.37 19.90
C THR A 160 24.93 2.37 19.37
N GLU A 161 26.00 2.65 20.13
CA GLU A 161 27.08 3.54 19.69
C GLU A 161 28.47 3.04 20.14
N GLU A 162 29.51 3.24 19.30
CA GLU A 162 30.92 2.95 19.62
C GLU A 162 31.66 4.20 20.14
N ASP A 163 32.46 4.02 21.19
CA ASP A 163 33.58 4.89 21.61
C ASP A 163 34.95 4.25 21.36
N LEU A 16 3.36 -8.75 -10.75
CA LEU A 16 3.24 -9.64 -9.56
C LEU A 16 3.10 -11.10 -10.02
N ASN A 17 3.26 -12.08 -9.13
CA ASN A 17 3.20 -13.51 -9.51
C ASN A 17 1.78 -13.91 -9.96
N GLN A 18 0.77 -13.28 -9.36
CA GLN A 18 -0.59 -13.14 -9.87
C GLN A 18 -1.11 -11.77 -9.43
N GLU A 19 -1.92 -11.11 -10.26
CA GLU A 19 -2.31 -9.70 -10.11
C GLU A 19 -3.40 -9.51 -9.05
N LEU A 20 -3.65 -8.27 -8.60
CA LEU A 20 -4.36 -7.95 -7.36
C LEU A 20 -5.77 -8.59 -7.28
N ARG A 21 -6.56 -8.52 -8.36
CA ARG A 21 -7.86 -9.24 -8.46
C ARG A 21 -7.72 -10.75 -8.22
N GLU A 22 -6.68 -11.37 -8.79
CA GLU A 22 -6.42 -12.81 -8.76
C GLU A 22 -5.93 -13.18 -7.35
N ALA A 23 -5.08 -12.32 -6.78
CA ALA A 23 -4.44 -12.51 -5.49
C ALA A 23 -5.45 -12.59 -4.32
N ILE A 24 -6.59 -11.90 -4.42
CA ILE A 24 -7.65 -11.91 -3.37
C ILE A 24 -8.60 -13.12 -3.47
N LYS A 25 -8.50 -13.94 -4.53
CA LYS A 25 -9.26 -15.18 -4.64
C LYS A 25 -8.73 -16.30 -3.72
N ASN A 26 -7.48 -16.22 -3.29
CA ASN A 26 -6.81 -17.19 -2.42
C ASN A 26 -7.50 -17.30 -1.04
N PRO A 27 -7.83 -18.51 -0.54
CA PRO A 27 -8.34 -18.72 0.81
C PRO A 27 -7.45 -18.17 1.94
N ALA A 28 -6.12 -18.36 1.86
CA ALA A 28 -5.21 -18.21 3.00
C ALA A 28 -5.06 -16.79 3.62
N ILE A 29 -5.63 -15.77 2.99
CA ILE A 29 -5.62 -14.37 3.50
C ILE A 29 -6.97 -13.91 4.08
N LYS A 30 -8.05 -14.68 3.93
CA LYS A 30 -9.41 -14.26 4.33
C LYS A 30 -9.66 -14.30 5.85
N ASP A 31 -10.48 -13.35 6.32
CA ASP A 31 -11.02 -13.15 7.69
C ASP A 31 -9.98 -12.58 8.69
N LYS A 32 -8.87 -11.99 8.21
CA LYS A 32 -7.80 -11.43 9.03
C LYS A 32 -8.07 -10.01 9.56
N ASP A 33 -7.37 -9.61 10.64
CA ASP A 33 -7.44 -8.26 11.24
C ASP A 33 -6.12 -7.81 11.92
N HIS A 34 -6.02 -6.53 12.28
CA HIS A 34 -4.80 -5.88 12.78
C HIS A 34 -5.11 -4.98 14.01
N SER A 35 -5.38 -5.57 15.17
CA SER A 35 -5.22 -4.90 16.47
C SER A 35 -3.89 -5.31 17.11
N ALA A 36 -2.96 -4.36 17.28
CA ALA A 36 -1.64 -4.59 17.87
C ALA A 36 -1.05 -3.28 18.46
N PRO A 37 -0.45 -3.29 19.66
CA PRO A 37 0.14 -2.09 20.27
C PRO A 37 1.42 -1.64 19.55
N ASN A 38 2.07 -2.54 18.79
CA ASN A 38 3.25 -2.29 17.95
C ASN A 38 2.97 -1.39 16.72
N SER A 39 1.77 -0.81 16.58
CA SER A 39 1.24 -0.27 15.33
C SER A 39 0.26 0.90 15.52
N ARG A 40 0.26 1.86 14.58
CA ARG A 40 -0.71 2.97 14.47
C ARG A 40 -1.28 3.08 13.04
N PRO A 41 -2.50 3.63 12.83
CA PRO A 41 -3.07 3.84 11.51
C PRO A 41 -2.51 5.10 10.81
N ILE A 42 -2.61 5.16 9.48
CA ILE A 42 -2.22 6.32 8.65
C ILE A 42 -3.05 6.40 7.34
N ASP A 43 -2.87 7.48 6.56
CA ASP A 43 -3.52 7.74 5.27
C ASP A 43 -2.70 8.74 4.40
N PHE A 44 -3.20 9.05 3.20
CA PHE A 44 -2.54 9.87 2.16
C PHE A 44 -3.52 10.21 1.01
N GLU A 45 -3.12 11.06 0.07
CA GLU A 45 -3.88 11.39 -1.16
C GLU A 45 -3.03 10.98 -2.37
N MET A 46 -3.63 10.72 -3.55
CA MET A 46 -2.88 10.50 -4.79
C MET A 46 -3.41 11.30 -5.97
N LYS A 47 -2.53 11.62 -6.92
CA LYS A 47 -2.80 12.33 -8.16
C LYS A 47 -2.10 11.70 -9.38
N LYS A 48 -2.62 11.96 -10.58
CA LYS A 48 -1.85 11.85 -11.84
C LYS A 48 -1.73 13.23 -12.52
N LYS A 49 -0.70 13.46 -13.35
CA LYS A 49 -0.41 14.74 -14.02
C LYS A 49 -1.66 15.46 -14.59
N ASP A 50 -2.48 14.74 -15.35
CA ASP A 50 -3.70 15.25 -16.02
C ASP A 50 -4.90 15.49 -15.09
N GLY A 51 -4.75 15.32 -13.76
CA GLY A 51 -5.81 15.62 -12.78
C GLY A 51 -6.61 14.41 -12.29
N THR A 52 -6.15 13.18 -12.53
CA THR A 52 -6.80 11.96 -12.01
C THR A 52 -6.79 11.98 -10.49
N GLN A 53 -7.97 12.02 -9.86
CA GLN A 53 -8.08 12.10 -8.41
C GLN A 53 -8.31 10.73 -7.76
N GLN A 54 -7.58 10.53 -6.67
CA GLN A 54 -7.78 9.43 -5.73
C GLN A 54 -8.04 10.10 -4.36
N PHE A 55 -9.32 10.33 -4.03
CA PHE A 55 -9.72 11.22 -2.94
C PHE A 55 -11.20 11.09 -2.55
N TYR A 56 -12.10 11.02 -3.54
CA TYR A 56 -13.56 10.99 -3.31
C TYR A 56 -14.35 10.08 -4.28
N HIS A 57 -13.84 9.83 -5.49
CA HIS A 57 -14.49 8.95 -6.48
C HIS A 57 -14.32 7.45 -6.14
N TYR A 58 -15.41 6.70 -5.93
CA TYR A 58 -15.39 5.34 -5.32
C TYR A 58 -14.36 4.36 -5.92
N ALA A 59 -14.24 4.29 -7.25
CA ALA A 59 -13.27 3.43 -7.94
C ALA A 59 -11.80 3.75 -7.62
N SER A 60 -11.46 5.02 -7.35
CA SER A 60 -10.09 5.50 -7.19
C SER A 60 -9.75 5.97 -5.76
N SER A 61 -10.74 6.08 -4.85
CA SER A 61 -10.63 6.75 -3.55
C SER A 61 -9.64 6.16 -2.51
N VAL A 62 -9.58 6.76 -1.32
CA VAL A 62 -8.46 6.73 -0.36
C VAL A 62 -8.15 5.32 0.17
N LYS A 63 -6.85 5.05 0.32
CA LYS A 63 -6.31 3.77 0.82
C LYS A 63 -5.96 3.91 2.32
N PRO A 64 -6.66 3.20 3.24
CA PRO A 64 -6.30 3.18 4.66
C PRO A 64 -5.02 2.38 4.86
N ALA A 65 -4.26 2.67 5.92
CA ALA A 65 -2.95 2.05 6.17
C ALA A 65 -2.58 1.96 7.66
N ARG A 66 -1.46 1.28 7.93
CA ARG A 66 -0.96 0.81 9.23
C ARG A 66 0.56 0.85 9.25
N VAL A 67 1.13 1.57 10.23
CA VAL A 67 2.58 1.72 10.44
C VAL A 67 2.99 0.88 11.66
N ILE A 68 3.77 -0.16 11.39
CA ILE A 68 4.42 -1.07 12.36
C ILE A 68 5.84 -0.58 12.72
N PHE A 69 6.06 -0.28 13.99
CA PHE A 69 7.33 0.25 14.50
C PHE A 69 8.41 -0.85 14.54
N THR A 70 9.56 -0.55 13.94
CA THR A 70 10.59 -1.52 13.51
C THR A 70 11.99 -0.90 13.74
N ASP A 71 13.03 -1.48 13.17
CA ASP A 71 14.43 -1.04 13.28
C ASP A 71 14.76 0.15 12.37
N SER A 72 15.94 0.18 11.73
CA SER A 72 16.44 1.34 10.99
C SER A 72 15.56 1.75 9.79
N LYS A 73 14.72 0.84 9.29
CA LYS A 73 13.58 1.18 8.41
C LYS A 73 12.23 0.75 9.06
N PRO A 74 11.21 1.62 9.13
CA PRO A 74 9.86 1.22 9.56
C PRO A 74 9.15 0.35 8.50
N GLU A 75 8.09 -0.35 8.94
CA GLU A 75 7.37 -1.36 8.16
C GLU A 75 5.87 -1.04 8.15
N ILE A 76 5.21 -1.13 6.99
CA ILE A 76 3.82 -0.66 6.83
C ILE A 76 2.95 -1.66 6.08
N GLU A 77 1.65 -1.54 6.27
CA GLU A 77 0.60 -2.37 5.69
C GLU A 77 -0.49 -1.44 5.13
N LEU A 78 -0.98 -1.71 3.92
CA LEU A 78 -1.76 -0.78 3.10
C LEU A 78 -2.96 -1.48 2.47
N GLY A 79 -4.16 -0.96 2.73
CA GLY A 79 -5.45 -1.49 2.29
C GLY A 79 -5.92 -0.87 0.97
N LEU A 80 -6.18 -1.71 -0.03
CA LEU A 80 -6.68 -1.33 -1.35
C LEU A 80 -8.21 -1.15 -1.35
N GLN A 81 -8.64 0.01 -1.84
CA GLN A 81 -10.02 0.33 -2.18
C GLN A 81 -10.32 -0.21 -3.59
N SER A 82 -11.49 -0.83 -3.78
CA SER A 82 -11.96 -1.39 -5.05
C SER A 82 -11.03 -2.45 -5.70
N GLY A 83 -10.49 -3.37 -4.90
CA GLY A 83 -9.55 -4.43 -5.31
C GLY A 83 -10.14 -5.55 -6.19
N GLN A 84 -11.47 -5.74 -6.17
CA GLN A 84 -12.20 -6.56 -7.15
C GLN A 84 -12.10 -5.99 -8.60
N PHE A 85 -11.62 -4.76 -8.78
CA PHE A 85 -11.54 -4.07 -10.08
C PHE A 85 -10.13 -3.54 -10.40
N TRP A 86 -9.31 -3.21 -9.39
CA TRP A 86 -7.89 -2.86 -9.55
C TRP A 86 -7.05 -4.11 -9.86
N ARG A 87 -6.30 -4.11 -10.97
CA ARG A 87 -5.51 -5.28 -11.42
C ARG A 87 -4.01 -5.14 -11.10
N LYS A 88 -3.29 -4.20 -11.73
CA LYS A 88 -1.87 -3.97 -11.42
C LYS A 88 -1.70 -3.14 -10.13
N PHE A 89 -0.65 -3.39 -9.34
CA PHE A 89 -0.20 -2.48 -8.28
C PHE A 89 1.32 -2.61 -8.07
N GLU A 90 2.07 -1.49 -8.11
CA GLU A 90 3.54 -1.48 -8.05
C GLU A 90 4.09 -0.13 -7.55
N VAL A 91 5.23 -0.16 -6.84
CA VAL A 91 5.62 0.91 -5.89
C VAL A 91 7.11 1.32 -5.98
N TYR A 92 7.39 2.64 -6.09
CA TYR A 92 8.74 3.20 -6.28
C TYR A 92 8.91 4.63 -5.70
N GLU A 93 9.85 4.83 -4.78
CA GLU A 93 10.16 6.11 -4.10
C GLU A 93 11.56 6.60 -4.52
N GLY A 94 11.63 7.49 -5.51
CA GLY A 94 12.88 8.01 -6.06
C GLY A 94 13.66 6.94 -6.82
N ASP A 95 14.67 6.39 -6.16
CA ASP A 95 15.49 5.25 -6.61
C ASP A 95 15.08 3.92 -5.95
N LYS A 96 14.33 3.96 -4.83
CA LYS A 96 14.01 2.80 -4.00
C LYS A 96 12.65 2.18 -4.38
N LYS A 97 12.63 0.95 -4.92
CA LYS A 97 11.39 0.17 -5.03
C LYS A 97 10.98 -0.40 -3.67
N LEU A 98 9.68 -0.56 -3.42
CA LEU A 98 9.19 -1.41 -2.33
C LEU A 98 8.64 -2.70 -2.95
N PRO A 99 9.28 -3.88 -2.78
CA PRO A 99 8.72 -5.12 -3.31
C PRO A 99 7.55 -5.55 -2.44
N ILE A 100 6.36 -5.65 -3.03
CA ILE A 100 5.13 -5.90 -2.24
C ILE A 100 4.76 -7.38 -2.12
N LYS A 101 4.12 -7.74 -1.01
CA LYS A 101 3.41 -9.01 -0.80
C LYS A 101 1.99 -8.74 -0.23
N LEU A 102 0.99 -9.55 -0.57
CA LEU A 102 -0.34 -9.54 0.05
C LEU A 102 -0.27 -10.19 1.44
N VAL A 103 -1.03 -9.66 2.40
CA VAL A 103 -1.11 -10.17 3.78
C VAL A 103 -2.53 -10.54 4.24
N SER A 104 -3.58 -9.82 3.82
CA SER A 104 -4.95 -9.98 4.37
C SER A 104 -6.04 -9.61 3.36
N TYR A 105 -7.24 -10.18 3.51
CA TYR A 105 -8.47 -9.79 2.82
C TYR A 105 -9.69 -9.93 3.75
N ASP A 106 -10.57 -8.94 3.76
CA ASP A 106 -11.87 -9.00 4.44
C ASP A 106 -12.98 -8.71 3.44
N THR A 107 -13.75 -9.76 3.10
CA THR A 107 -14.86 -9.70 2.14
C THR A 107 -16.09 -8.96 2.66
N VAL A 108 -16.19 -8.69 3.98
CA VAL A 108 -17.31 -7.98 4.61
C VAL A 108 -17.04 -6.47 4.63
N LYS A 109 -15.85 -6.05 5.11
CA LYS A 109 -15.43 -4.63 5.05
C LYS A 109 -15.00 -4.19 3.63
N ASP A 110 -14.77 -5.16 2.73
CA ASP A 110 -14.68 -5.03 1.27
C ASP A 110 -13.30 -4.49 0.82
N TYR A 111 -12.23 -4.93 1.49
CA TYR A 111 -10.86 -4.41 1.34
C TYR A 111 -9.73 -5.44 1.61
N ALA A 112 -8.58 -5.26 0.94
CA ALA A 112 -7.46 -6.20 0.91
C ALA A 112 -6.11 -5.50 1.12
N TYR A 113 -5.16 -6.12 1.84
CA TYR A 113 -3.94 -5.47 2.31
C TYR A 113 -2.64 -6.07 1.73
N ILE A 114 -1.71 -5.19 1.34
CA ILE A 114 -0.28 -5.52 1.12
C ILE A 114 0.57 -5.09 2.34
N ARG A 115 1.84 -5.53 2.45
CA ARG A 115 2.77 -5.14 3.53
C ARG A 115 4.24 -5.21 3.06
N PHE A 116 5.09 -4.26 3.49
CA PHE A 116 6.56 -4.21 3.31
C PHE A 116 7.26 -3.08 4.12
N SER A 117 8.59 -2.97 4.10
CA SER A 117 9.32 -1.82 4.67
C SER A 117 9.34 -0.60 3.73
N VAL A 118 9.42 0.63 4.26
CA VAL A 118 9.51 1.87 3.44
C VAL A 118 10.96 2.34 3.23
N SER A 119 11.12 3.26 2.27
CA SER A 119 12.23 4.23 2.26
C SER A 119 12.08 5.16 3.48
N ASN A 120 13.04 5.14 4.42
CA ASN A 120 12.90 5.90 5.68
C ASN A 120 12.84 7.41 5.41
N GLY A 121 11.89 8.10 6.05
CA GLY A 121 11.65 9.54 5.84
C GLY A 121 10.73 9.81 4.64
N THR A 122 9.84 8.88 4.29
CA THR A 122 8.90 9.01 3.16
C THR A 122 7.90 10.13 3.41
N LYS A 123 7.89 11.10 2.50
CA LYS A 123 6.92 12.20 2.35
C LYS A 123 5.93 11.92 1.20
N ALA A 124 6.42 11.31 0.11
CA ALA A 124 5.65 11.11 -1.13
C ALA A 124 6.27 10.01 -1.99
N VAL A 125 5.43 9.33 -2.79
CA VAL A 125 5.81 8.07 -3.51
C VAL A 125 5.16 8.00 -4.91
N LYS A 126 5.83 7.36 -5.88
CA LYS A 126 5.25 7.04 -7.19
C LYS A 126 4.67 5.60 -7.22
N ILE A 127 3.38 5.51 -7.49
CA ILE A 127 2.58 4.29 -7.63
C ILE A 127 2.22 4.09 -9.11
N VAL A 128 2.16 2.86 -9.58
CA VAL A 128 1.54 2.49 -10.87
C VAL A 128 0.48 1.40 -10.65
N SER A 129 -0.55 1.42 -11.49
CA SER A 129 -1.73 0.54 -11.35
C SER A 129 -2.59 0.49 -12.63
N SER A 130 -3.67 -0.29 -12.59
CA SER A 130 -4.68 -0.41 -13.64
C SER A 130 -6.03 -0.80 -13.03
N THR A 131 -7.13 -0.58 -13.76
CA THR A 131 -8.50 -0.72 -13.25
C THR A 131 -9.43 -1.15 -14.38
N HIS A 132 -10.28 -2.14 -14.13
CA HIS A 132 -11.14 -2.72 -15.15
C HIS A 132 -12.60 -2.88 -14.64
N PHE A 133 -13.49 -1.97 -15.05
CA PHE A 133 -14.94 -2.07 -14.82
C PHE A 133 -15.63 -2.58 -16.09
N ASN A 134 -16.31 -3.74 -16.01
CA ASN A 134 -16.84 -4.44 -17.18
C ASN A 134 -15.70 -4.68 -18.21
N ASN A 135 -15.92 -4.44 -19.51
CA ASN A 135 -14.87 -4.52 -20.54
C ASN A 135 -14.00 -3.25 -20.64
N LYS A 136 -14.34 -2.15 -19.96
CA LYS A 136 -13.53 -0.92 -19.96
C LYS A 136 -12.18 -1.13 -19.27
N GLU A 137 -11.09 -0.69 -19.89
CA GLU A 137 -9.74 -0.73 -19.35
C GLU A 137 -9.20 0.69 -19.08
N GLU A 138 -8.64 0.88 -17.89
CA GLU A 138 -7.96 2.10 -17.42
C GLU A 138 -6.58 1.74 -16.87
N LYS A 139 -5.57 2.56 -17.16
CA LYS A 139 -4.18 2.26 -16.81
C LYS A 139 -3.35 3.52 -16.51
N TYR A 140 -2.72 3.54 -15.34
CA TYR A 140 -1.87 4.64 -14.89
C TYR A 140 -0.46 4.51 -15.47
N ASP A 141 0.01 5.56 -16.15
CA ASP A 141 1.42 5.70 -16.55
C ASP A 141 2.31 5.93 -15.31
N TYR A 142 1.76 6.66 -14.33
CA TYR A 142 2.33 7.05 -13.04
C TYR A 142 1.24 7.66 -12.14
N THR A 143 1.44 7.64 -10.82
CA THR A 143 0.53 8.22 -9.82
C THR A 143 1.36 8.68 -8.64
N LEU A 144 1.38 9.98 -8.36
CA LEU A 144 2.15 10.56 -7.25
C LEU A 144 1.23 10.68 -6.03
N MET A 145 1.59 10.02 -4.93
CA MET A 145 0.89 10.11 -3.65
C MET A 145 1.66 10.94 -2.61
N GLU A 146 0.92 11.72 -1.80
CA GLU A 146 1.44 12.66 -0.80
C GLU A 146 0.79 12.42 0.57
N PHE A 147 1.62 12.47 1.62
CA PHE A 147 1.34 12.05 3.00
C PHE A 147 0.21 12.74 3.81
N ALA A 148 -0.25 12.06 4.87
CA ALA A 148 -0.89 12.67 6.05
C ALA A 148 0.15 13.08 7.12
N GLN A 149 1.09 12.19 7.44
CA GLN A 149 2.28 12.41 8.27
C GLN A 149 3.42 11.54 7.68
N PRO A 150 4.70 11.93 7.81
CA PRO A 150 5.83 11.22 7.20
C PRO A 150 6.08 9.86 7.82
N ILE A 151 6.58 8.92 7.02
CA ILE A 151 6.88 7.56 7.46
C ILE A 151 8.37 7.45 7.81
N TYR A 152 8.69 7.44 9.10
CA TYR A 152 10.06 7.42 9.64
C TYR A 152 10.09 6.83 11.06
N ASN A 153 11.22 6.21 11.44
CA ASN A 153 11.44 5.62 12.76
C ASN A 153 12.53 6.36 13.56
N SER A 154 12.95 7.54 13.09
CA SER A 154 13.85 8.47 13.80
C SER A 154 15.29 7.91 13.85
N ALA A 155 15.77 7.45 12.69
CA ALA A 155 17.05 6.78 12.49
C ALA A 155 18.27 7.73 12.47
N ASP A 156 18.05 9.04 12.32
CA ASP A 156 19.01 10.10 11.95
C ASP A 156 20.22 10.26 12.90
N LYS A 157 20.24 9.55 14.03
CA LYS A 157 21.43 9.39 14.89
C LYS A 157 22.57 8.62 14.19
N PHE A 158 22.22 7.75 13.25
CA PHE A 158 23.11 6.95 12.39
C PHE A 158 22.43 6.74 11.04
N LYS A 159 22.71 7.59 10.05
CA LYS A 159 22.13 7.48 8.70
C LYS A 159 22.78 6.34 7.90
N THR A 160 24.09 6.12 8.12
CA THR A 160 24.88 4.92 7.72
C THR A 160 26.03 4.72 8.70
N GLU A 161 26.16 3.51 9.26
CA GLU A 161 27.34 3.08 10.03
C GLU A 161 27.67 1.59 9.81
N GLU A 162 28.96 1.24 9.83
CA GLU A 162 29.48 -0.12 9.64
C GLU A 162 29.55 -0.91 10.96
N ASP A 163 29.69 -2.23 10.88
CA ASP A 163 29.77 -3.18 12.01
C ASP A 163 31.05 -3.07 12.86
N LEU A 16 5.73 -9.75 -7.92
CA LEU A 16 4.32 -10.21 -7.96
C LEU A 16 4.25 -11.64 -8.51
N ASN A 17 4.07 -12.63 -7.64
CA ASN A 17 4.09 -14.06 -7.98
C ASN A 17 2.76 -14.61 -8.52
N GLN A 18 1.65 -13.88 -8.33
CA GLN A 18 0.36 -14.12 -8.95
C GLN A 18 -0.38 -12.79 -9.03
N GLU A 19 -1.23 -12.59 -10.04
CA GLU A 19 -2.10 -11.41 -10.11
C GLU A 19 -3.08 -11.46 -8.92
N LEU A 20 -3.13 -10.40 -8.11
CA LEU A 20 -3.83 -10.41 -6.81
C LEU A 20 -5.32 -10.78 -6.92
N ARG A 21 -5.95 -10.43 -8.05
CA ARG A 21 -7.28 -10.88 -8.47
C ARG A 21 -7.48 -12.41 -8.34
N GLU A 22 -6.48 -13.22 -8.73
CA GLU A 22 -6.55 -14.68 -8.73
C GLU A 22 -6.46 -15.20 -7.29
N ALA A 23 -5.68 -14.50 -6.45
CA ALA A 23 -5.40 -14.89 -5.08
C ALA A 23 -6.62 -14.81 -4.16
N ILE A 24 -7.51 -13.82 -4.37
CA ILE A 24 -8.60 -13.50 -3.41
C ILE A 24 -9.72 -14.54 -3.35
N LYS A 25 -9.70 -15.53 -4.24
CA LYS A 25 -10.61 -16.67 -4.23
C LYS A 25 -10.26 -17.71 -3.14
N ASN A 26 -8.97 -17.89 -2.81
CA ASN A 26 -8.51 -18.95 -1.90
C ASN A 26 -9.08 -18.79 -0.47
N PRO A 27 -9.63 -19.86 0.16
CA PRO A 27 -10.38 -19.75 1.42
C PRO A 27 -9.52 -19.51 2.67
N ALA A 28 -8.24 -19.90 2.69
CA ALA A 28 -7.45 -19.94 3.93
C ALA A 28 -7.17 -18.55 4.52
N ILE A 29 -6.89 -17.57 3.66
CA ILE A 29 -6.51 -16.20 3.99
C ILE A 29 -7.65 -15.18 3.74
N LYS A 30 -8.78 -15.67 3.23
CA LYS A 30 -10.07 -15.00 3.13
C LYS A 30 -10.78 -14.88 4.50
N ASP A 31 -11.68 -13.91 4.64
CA ASP A 31 -12.61 -13.67 5.75
C ASP A 31 -11.87 -13.14 7.01
N LYS A 32 -10.72 -12.47 6.82
CA LYS A 32 -9.75 -12.20 7.89
C LYS A 32 -9.17 -10.77 7.84
N ASP A 33 -9.33 -10.01 8.92
CA ASP A 33 -8.73 -8.68 9.13
C ASP A 33 -7.19 -8.74 9.17
N HIS A 34 -6.53 -7.58 9.10
CA HIS A 34 -5.18 -7.45 9.66
C HIS A 34 -4.94 -6.05 10.27
N SER A 35 -4.55 -6.00 11.54
CA SER A 35 -3.83 -4.86 12.14
C SER A 35 -2.79 -5.26 13.20
N ALA A 36 -1.56 -4.75 13.09
CA ALA A 36 -0.51 -4.92 14.11
C ALA A 36 -0.57 -3.84 15.22
N PRO A 37 -0.53 -4.20 16.52
CA PRO A 37 -0.42 -3.24 17.62
C PRO A 37 0.99 -2.63 17.74
N ASN A 38 2.00 -3.30 17.16
CA ASN A 38 3.36 -2.82 16.93
C ASN A 38 3.43 -1.61 15.96
N SER A 39 2.32 -0.94 15.64
CA SER A 39 2.21 -0.02 14.50
C SER A 39 1.15 1.07 14.69
N ARG A 40 1.41 2.26 14.13
CA ARG A 40 0.56 3.45 14.23
C ARG A 40 -0.19 3.72 12.91
N PRO A 41 -1.51 4.02 12.92
CA PRO A 41 -2.30 4.25 11.71
C PRO A 41 -1.97 5.59 11.03
N ILE A 42 -2.24 5.69 9.72
CA ILE A 42 -2.07 6.90 8.91
C ILE A 42 -3.04 6.92 7.70
N ASP A 43 -3.09 8.03 6.96
CA ASP A 43 -3.87 8.26 5.72
C ASP A 43 -2.96 8.82 4.59
N PHE A 44 -3.51 9.02 3.39
CA PHE A 44 -2.83 9.61 2.22
C PHE A 44 -3.82 10.20 1.20
N GLU A 45 -3.30 10.86 0.15
CA GLU A 45 -4.04 11.24 -1.08
C GLU A 45 -3.14 11.18 -2.32
N MET A 46 -3.74 11.04 -3.51
CA MET A 46 -3.04 10.76 -4.78
C MET A 46 -3.47 11.66 -5.95
N LYS A 47 -2.57 11.82 -6.93
CA LYS A 47 -2.81 12.49 -8.21
C LYS A 47 -1.79 12.12 -9.29
N LYS A 48 -2.04 12.43 -10.57
CA LYS A 48 -0.97 12.54 -11.59
C LYS A 48 -1.00 13.84 -12.41
N LYS A 49 0.11 14.16 -13.08
CA LYS A 49 0.43 15.50 -13.62
C LYS A 49 -0.54 16.08 -14.68
N ASP A 50 -1.31 15.23 -15.35
CA ASP A 50 -2.35 15.68 -16.31
C ASP A 50 -3.62 16.22 -15.63
N GLY A 51 -3.74 16.11 -14.30
CA GLY A 51 -4.94 16.46 -13.54
C GLY A 51 -5.76 15.24 -13.07
N THR A 52 -5.24 14.01 -13.20
CA THR A 52 -5.82 12.83 -12.52
C THR A 52 -5.76 13.08 -11.02
N GLN A 53 -6.88 12.94 -10.30
CA GLN A 53 -6.98 13.28 -8.88
C GLN A 53 -7.94 12.30 -8.16
N GLN A 54 -7.51 11.78 -7.01
CA GLN A 54 -8.25 10.72 -6.30
C GLN A 54 -9.54 11.24 -5.65
N PHE A 55 -10.65 10.56 -5.98
CA PHE A 55 -11.92 10.59 -5.25
C PHE A 55 -12.31 9.16 -4.85
N TYR A 56 -13.03 9.00 -3.73
CA TYR A 56 -13.43 7.71 -3.16
C TYR A 56 -14.69 7.10 -3.81
N HIS A 57 -14.68 6.97 -5.14
CA HIS A 57 -15.62 6.10 -5.85
C HIS A 57 -15.29 4.61 -5.56
N TYR A 58 -16.27 3.69 -5.62
CA TYR A 58 -16.12 2.31 -5.11
C TYR A 58 -14.79 1.61 -5.48
N ALA A 59 -14.43 1.57 -6.77
CA ALA A 59 -13.20 0.96 -7.27
C ALA A 59 -11.89 1.58 -6.74
N SER A 60 -11.94 2.74 -6.09
CA SER A 60 -10.83 3.36 -5.39
C SER A 60 -11.27 4.00 -4.05
N SER A 61 -12.20 3.34 -3.35
CA SER A 61 -12.73 3.85 -2.07
C SER A 61 -11.70 3.74 -0.92
N VAL A 62 -12.05 4.21 0.29
CA VAL A 62 -11.04 4.63 1.29
C VAL A 62 -10.09 3.52 1.75
N LYS A 63 -8.84 3.91 2.01
CA LYS A 63 -7.72 3.03 2.33
C LYS A 63 -7.17 3.26 3.75
N PRO A 64 -7.20 2.24 4.63
CA PRO A 64 -6.32 2.18 5.80
C PRO A 64 -4.85 2.17 5.40
N ALA A 65 -4.00 2.73 6.24
CA ALA A 65 -2.54 2.60 6.19
C ALA A 65 -1.95 2.62 7.61
N ARG A 66 -0.71 2.12 7.78
CA ARG A 66 -0.10 1.88 9.10
C ARG A 66 1.42 1.79 9.08
N VAL A 67 2.08 2.57 9.93
CA VAL A 67 3.54 2.65 10.06
C VAL A 67 4.03 1.52 10.97
N ILE A 68 4.69 0.51 10.39
CA ILE A 68 5.22 -0.67 11.11
C ILE A 68 6.66 -0.48 11.59
N PHE A 69 6.80 -0.49 12.91
CA PHE A 69 8.03 -0.23 13.63
C PHE A 69 8.93 -1.48 13.67
N THR A 70 10.01 -1.44 12.90
CA THR A 70 10.86 -2.58 12.54
C THR A 70 12.34 -2.20 12.77
N ASP A 71 13.29 -3.01 12.29
CA ASP A 71 14.73 -2.77 12.38
C ASP A 71 15.21 -1.65 11.40
N SER A 72 16.43 -1.73 10.88
CA SER A 72 16.99 -0.69 10.00
C SER A 72 16.23 -0.53 8.66
N LYS A 73 15.39 -1.52 8.29
CA LYS A 73 14.43 -1.48 7.18
C LYS A 73 12.97 -1.50 7.69
N PRO A 74 12.24 -0.36 7.67
CA PRO A 74 10.84 -0.28 8.12
C PRO A 74 9.84 -0.81 7.08
N GLU A 75 8.57 -0.97 7.48
CA GLU A 75 7.48 -1.44 6.60
C GLU A 75 6.19 -0.64 6.83
N ILE A 76 5.24 -0.76 5.91
CA ILE A 76 3.83 -0.41 6.18
C ILE A 76 2.88 -1.54 5.77
N GLU A 77 1.69 -1.55 6.38
CA GLU A 77 0.54 -2.34 5.94
C GLU A 77 -0.59 -1.40 5.49
N LEU A 78 -1.28 -1.76 4.42
CA LEU A 78 -2.25 -0.92 3.71
C LEU A 78 -3.46 -1.75 3.27
N GLY A 79 -4.68 -1.25 3.52
CA GLY A 79 -5.93 -1.90 3.13
C GLY A 79 -6.50 -1.32 1.82
N LEU A 80 -6.74 -2.19 0.84
CA LEU A 80 -7.46 -1.88 -0.40
C LEU A 80 -8.88 -2.47 -0.37
N GLN A 81 -9.75 -2.00 -1.26
CA GLN A 81 -11.09 -2.54 -1.42
C GLN A 81 -11.57 -2.45 -2.88
N SER A 82 -12.66 -3.13 -3.21
CA SER A 82 -13.03 -3.56 -4.57
C SER A 82 -11.91 -4.36 -5.25
N GLY A 83 -11.31 -5.31 -4.50
CA GLY A 83 -10.15 -6.10 -4.93
C GLY A 83 -10.38 -6.95 -6.18
N GLN A 84 -11.63 -7.16 -6.58
CA GLN A 84 -12.00 -7.82 -7.84
C GLN A 84 -11.64 -7.00 -9.10
N PHE A 85 -11.34 -5.70 -8.97
CA PHE A 85 -10.93 -4.83 -10.08
C PHE A 85 -9.41 -4.72 -10.20
N TRP A 86 -8.67 -4.80 -9.09
CA TRP A 86 -7.21 -4.60 -9.06
C TRP A 86 -6.43 -5.85 -9.51
N ARG A 87 -5.45 -5.67 -10.42
CA ARG A 87 -4.72 -6.78 -11.07
C ARG A 87 -3.20 -6.80 -10.79
N LYS A 88 -2.54 -5.64 -10.80
CA LYS A 88 -1.06 -5.52 -10.68
C LYS A 88 -0.63 -4.13 -10.15
N PHE A 89 0.54 -4.06 -9.51
CA PHE A 89 1.08 -2.83 -8.92
C PHE A 89 2.62 -2.80 -8.82
N GLU A 90 3.19 -1.60 -8.89
CA GLU A 90 4.58 -1.27 -8.55
C GLU A 90 4.62 0.04 -7.74
N VAL A 91 5.49 0.11 -6.72
CA VAL A 91 5.73 1.33 -5.93
C VAL A 91 7.23 1.58 -5.72
N TYR A 92 7.63 2.86 -5.76
CA TYR A 92 9.01 3.35 -5.61
C TYR A 92 9.10 4.63 -4.76
N GLU A 93 10.28 4.92 -4.23
CA GLU A 93 10.63 6.17 -3.57
C GLU A 93 12.10 6.52 -3.83
N GLY A 94 12.35 7.49 -4.71
CA GLY A 94 13.69 7.83 -5.19
C GLY A 94 14.23 6.70 -6.04
N ASP A 95 15.31 6.06 -5.59
CA ASP A 95 15.86 4.83 -6.19
C ASP A 95 15.31 3.55 -5.51
N LYS A 96 14.75 3.67 -4.30
CA LYS A 96 14.31 2.55 -3.46
C LYS A 96 12.98 1.97 -3.95
N LYS A 97 12.96 0.71 -4.37
CA LYS A 97 11.71 -0.01 -4.69
C LYS A 97 11.02 -0.56 -3.42
N LEU A 98 9.69 -0.44 -3.36
CA LEU A 98 8.86 -0.94 -2.25
C LEU A 98 8.14 -2.24 -2.69
N PRO A 99 8.58 -3.44 -2.28
CA PRO A 99 8.07 -4.71 -2.80
C PRO A 99 6.77 -5.13 -2.09
N ILE A 100 5.71 -5.40 -2.85
CA ILE A 100 4.36 -5.66 -2.28
C ILE A 100 3.98 -7.15 -2.28
N LYS A 101 3.35 -7.61 -1.19
CA LYS A 101 2.63 -8.90 -1.08
C LYS A 101 1.32 -8.71 -0.27
N LEU A 102 0.29 -9.53 -0.52
CA LEU A 102 -0.93 -9.63 0.32
C LEU A 102 -0.61 -10.18 1.72
N VAL A 103 -1.48 -9.94 2.71
CA VAL A 103 -1.43 -10.59 4.04
C VAL A 103 -2.73 -11.35 4.39
N SER A 104 -3.90 -10.83 4.01
CA SER A 104 -5.22 -11.46 4.13
C SER A 104 -6.23 -10.68 3.28
N TYR A 105 -7.45 -11.19 3.16
CA TYR A 105 -8.52 -10.61 2.35
C TYR A 105 -9.90 -10.94 2.93
N ASP A 106 -10.94 -10.24 2.47
CA ASP A 106 -12.33 -10.49 2.85
C ASP A 106 -13.19 -10.18 1.62
N THR A 107 -13.28 -11.19 0.76
CA THR A 107 -13.74 -11.11 -0.64
C THR A 107 -15.26 -10.93 -0.75
N VAL A 108 -16.03 -11.29 0.27
CA VAL A 108 -17.45 -10.92 0.37
C VAL A 108 -17.61 -9.42 0.67
N LYS A 109 -16.81 -8.89 1.60
CA LYS A 109 -16.79 -7.44 1.93
C LYS A 109 -15.98 -6.58 0.94
N ASP A 110 -15.35 -7.20 -0.06
CA ASP A 110 -14.56 -6.63 -1.16
C ASP A 110 -13.18 -6.10 -0.74
N TYR A 111 -12.66 -6.48 0.44
CA TYR A 111 -11.41 -5.98 1.01
C TYR A 111 -10.19 -6.89 0.71
N ALA A 112 -9.00 -6.28 0.61
CA ALA A 112 -7.73 -6.96 0.42
C ALA A 112 -6.59 -6.19 1.10
N TYR A 113 -5.84 -6.83 1.99
CA TYR A 113 -4.81 -6.21 2.82
C TYR A 113 -3.40 -6.57 2.31
N ILE A 114 -2.53 -5.58 2.12
CA ILE A 114 -1.15 -5.70 1.61
C ILE A 114 -0.11 -5.15 2.60
N ARG A 115 1.15 -5.54 2.40
CA ARG A 115 2.32 -5.05 3.14
C ARG A 115 3.48 -4.75 2.17
N PHE A 116 4.40 -3.87 2.58
CA PHE A 116 5.64 -3.59 1.85
C PHE A 116 6.71 -2.87 2.70
N SER A 117 7.99 -3.16 2.44
CA SER A 117 9.15 -2.58 3.12
C SER A 117 9.60 -1.25 2.45
N VAL A 118 9.80 -0.18 3.24
CA VAL A 118 9.83 1.23 2.78
C VAL A 118 11.15 1.95 3.08
N SER A 119 11.34 3.13 2.49
CA SER A 119 12.38 4.08 2.88
C SER A 119 12.02 4.83 4.17
N ASN A 120 12.98 4.92 5.10
CA ASN A 120 12.76 5.53 6.43
C ASN A 120 12.50 7.05 6.31
N GLY A 121 11.29 7.49 6.72
CA GLY A 121 10.94 8.90 6.95
C GLY A 121 10.35 9.65 5.76
N THR A 122 10.01 8.97 4.65
CA THR A 122 9.43 9.63 3.46
C THR A 122 8.00 10.11 3.72
N LYS A 123 7.58 11.22 3.10
CA LYS A 123 6.21 11.72 3.12
C LYS A 123 5.50 11.49 1.76
N ALA A 124 6.19 11.72 0.64
CA ALA A 124 5.71 11.44 -0.72
C ALA A 124 6.30 10.15 -1.31
N VAL A 125 5.55 9.46 -2.17
CA VAL A 125 5.96 8.21 -2.87
C VAL A 125 5.37 8.12 -4.29
N LYS A 126 6.01 7.37 -5.18
CA LYS A 126 5.61 7.19 -6.58
C LYS A 126 4.90 5.83 -6.80
N ILE A 127 3.62 5.86 -7.20
CA ILE A 127 2.73 4.71 -7.36
C ILE A 127 2.51 4.40 -8.86
N VAL A 128 2.47 3.11 -9.21
CA VAL A 128 1.99 2.59 -10.50
C VAL A 128 1.03 1.42 -10.25
N SER A 129 0.01 1.22 -11.09
CA SER A 129 -0.99 0.15 -10.94
C SER A 129 -1.75 -0.16 -12.24
N SER A 130 -2.42 -1.31 -12.28
CA SER A 130 -3.26 -1.79 -13.39
C SER A 130 -4.56 -2.43 -12.86
N THR A 131 -5.70 -2.07 -13.47
CA THR A 131 -7.06 -2.43 -13.03
C THR A 131 -7.92 -2.84 -14.22
N HIS A 132 -8.92 -3.69 -13.99
CA HIS A 132 -9.82 -4.23 -15.01
C HIS A 132 -11.29 -3.87 -14.71
N PHE A 133 -11.90 -3.07 -15.59
CA PHE A 133 -13.33 -2.74 -15.59
C PHE A 133 -14.01 -3.58 -16.68
N ASN A 134 -14.50 -4.75 -16.28
CA ASN A 134 -14.74 -5.88 -17.20
C ASN A 134 -13.42 -6.24 -17.92
N ASN A 135 -13.40 -6.50 -19.23
CA ASN A 135 -12.17 -6.84 -19.96
C ASN A 135 -11.24 -5.62 -20.22
N LYS A 136 -11.76 -4.39 -20.17
CA LYS A 136 -10.98 -3.16 -20.43
C LYS A 136 -9.93 -2.91 -19.33
N GLU A 137 -8.68 -2.67 -19.75
CA GLU A 137 -7.61 -2.21 -18.86
C GLU A 137 -7.76 -0.71 -18.59
N GLU A 138 -7.66 -0.32 -17.31
CA GLU A 138 -7.34 1.04 -16.90
C GLU A 138 -6.06 0.96 -16.07
N LYS A 139 -5.01 1.65 -16.50
CA LYS A 139 -3.64 1.46 -16.00
C LYS A 139 -2.81 2.75 -16.02
N TYR A 140 -1.94 2.92 -15.02
CA TYR A 140 -1.17 4.15 -14.81
C TYR A 140 0.22 4.08 -15.48
N ASP A 141 0.69 5.21 -16.01
CA ASP A 141 2.09 5.46 -16.40
C ASP A 141 2.85 6.25 -15.32
N TYR A 142 2.14 7.08 -14.55
CA TYR A 142 2.65 7.83 -13.39
C TYR A 142 1.52 8.12 -12.39
N THR A 143 1.84 8.11 -11.10
CA THR A 143 0.96 8.56 -10.00
C THR A 143 1.81 8.95 -8.79
N LEU A 144 1.57 10.14 -8.25
CA LEU A 144 2.20 10.68 -7.05
C LEU A 144 1.23 10.57 -5.87
N MET A 145 1.68 9.99 -4.74
CA MET A 145 0.94 9.94 -3.47
C MET A 145 1.69 10.69 -2.36
N GLU A 146 0.93 11.38 -1.50
CA GLU A 146 1.41 12.01 -0.28
C GLU A 146 0.69 11.39 0.93
N PHE A 147 1.46 10.89 1.90
CA PHE A 147 0.94 10.48 3.21
C PHE A 147 0.63 11.70 4.09
N ALA A 148 -0.27 11.51 5.05
CA ALA A 148 -0.75 12.56 5.96
C ALA A 148 0.31 13.03 7.00
N GLN A 149 1.44 12.33 7.08
CA GLN A 149 2.62 12.58 7.90
C GLN A 149 3.75 11.68 7.36
N PRO A 150 5.02 11.87 7.78
CA PRO A 150 6.14 11.00 7.45
C PRO A 150 5.94 9.54 7.89
N ILE A 151 6.40 8.60 7.06
CA ILE A 151 6.48 7.16 7.38
C ILE A 151 7.82 6.90 8.09
N TYR A 152 7.89 7.26 9.37
CA TYR A 152 9.14 7.34 10.14
C TYR A 152 9.24 6.28 11.25
N ASN A 153 10.42 5.65 11.36
CA ASN A 153 10.74 4.59 12.32
C ASN A 153 11.96 4.90 13.23
N SER A 154 12.81 5.86 12.85
CA SER A 154 14.07 6.21 13.56
C SER A 154 15.19 5.17 13.31
N ALA A 155 15.43 4.85 12.04
CA ALA A 155 16.42 3.87 11.58
C ALA A 155 17.88 4.35 11.51
N ASP A 156 18.17 5.65 11.31
CA ASP A 156 19.50 6.16 10.91
C ASP A 156 20.66 5.80 11.87
N LYS A 157 20.37 5.68 13.17
CA LYS A 157 21.40 5.54 14.22
C LYS A 157 22.32 4.30 14.13
N PHE A 158 21.94 3.27 13.35
CA PHE A 158 22.60 1.95 13.37
C PHE A 158 22.26 1.08 12.15
N LYS A 159 23.26 0.35 11.65
CA LYS A 159 23.15 -0.79 10.74
C LYS A 159 24.21 -1.89 10.98
N THR A 160 25.45 -1.53 11.36
CA THR A 160 26.53 -2.47 11.73
C THR A 160 27.53 -1.80 12.69
N GLU A 161 27.64 -2.33 13.92
CA GLU A 161 28.50 -1.83 15.00
C GLU A 161 29.02 -2.99 15.86
N GLU A 162 30.02 -2.75 16.73
CA GLU A 162 30.58 -3.77 17.63
C GLU A 162 30.80 -3.30 19.08
N ASP A 163 30.83 -4.27 20.01
CA ASP A 163 30.90 -4.10 21.48
C ASP A 163 32.24 -4.56 22.08
#